data_6R2C
#
_entry.id   6R2C
#
_cell.length_a   81.390
_cell.length_b   83.960
_cell.length_c   160.680
_cell.angle_alpha   99.54
_cell.angle_beta   98.78
_cell.angle_gamma   100.89
#
_symmetry.space_group_name_H-M   'P 1'
#
loop_
_entity.id
_entity.type
_entity.pdbx_description
1 polymer 'Multifunctional 2-oxoglutarate metabolism enzyme'
2 non-polymer 'THIAMINE DIPHOSPHATE'
3 non-polymer 'MAGNESIUM ION'
4 non-polymer 'CALCIUM ION'
5 non-polymer '4-[ethoxy(oxidanyl)phosphoryl]-4-oxidanylidene-butanoic acid'
6 water water
#
_entity_poly.entity_id   1
_entity_poly.type   'polypeptide(L)'
_entity_poly.pdbx_seq_one_letter_code
;GDSIEDKNARVIELIAAYRNRGHLMADIDPLRLDNTRFRSHPDLDVNSHGLTLWDLDREFKVDGFAGVQRKKLRDILSVL
RDAYCRHVGVEYTHILEPEQQRWIQERVETKHDKPTVAEQKYILSKLNAAEAFETFLQTKYVGQKRFSLEGAETVIPMMD
AVIDQCAEHGLDEVVIAMPHRGRLNVLANIVGKPYSQIFSEFEGNLNPSQAHGSGDVKYHLGATGTYIQMFGDNDIEVSL
TANPSHLEAVDPVLEGLVRAKQDLLDTGEEGSDNRFSVVPLMLHGDAAFAGQGVVAETLNLALLRGYRTGGTIHIVVNNQ
IGFTTAPTDSRSSEYCTDVAKMIGAPIFHVNGDDPEACAWVARLAVDFRQAFKKDVVIDMLCYRRRGHNEGDDPSMTQPY
MYDVIDTKRGSRKAYTEALIGRGDISMKEAEDALRDYQGQLERVFNEVRELEKHEIEPSESVEADQQIPSKLATAVDKAM
LQRIGDAHLALPEGFTVHPRVRPVLEKRREMAYEGRIDWAFAELLALGSLIAEGKLVRLSGQDTQRGTFTQRHAVIVDRK
TGEEFTPLQLLATNPDGTPTGGKFLVYNSALSEFAAVGFEYGYSVGNPDAMVLWEAQFGDFVNGAQSIIDEFISSGEAKW
GQLSDVVLLLPHGHEGQGPDHTSGRIERFLQLWAEGSMTIAMPSTPANYFHLLRRHGKDGIQRPLIVFTPKSMLRNKAAV
SDIRDFTESKFRSVLEEPMYTDGEGDRNKVTRLLLTSGKIYYELAARKAKENREDVAIVRIEQLAPLPRRRLAETLDRYP
NVKEKFWVQEEPANQGAWPSFGLTLPEILPDHFTGLKRISRRAMSAPSSGSSKVHAVEQQEILDTAFG
;
_entity_poly.pdbx_strand_id   A,B,C,D
#
# COMPACT_ATOMS: atom_id res chain seq x y z
N LYS A 7 -60.47 42.80 48.05
CA LYS A 7 -60.36 43.31 46.69
C LYS A 7 -58.91 43.24 46.18
N ASN A 8 -57.93 43.57 47.05
CA ASN A 8 -56.51 43.56 46.73
C ASN A 8 -56.01 42.12 46.54
N ALA A 9 -56.57 41.17 47.32
CA ALA A 9 -56.23 39.74 47.27
C ALA A 9 -56.71 39.10 45.97
N ARG A 10 -57.86 39.57 45.43
CA ARG A 10 -58.45 39.08 44.18
C ARG A 10 -57.59 39.49 42.97
N VAL A 11 -56.94 40.66 43.05
CA VAL A 11 -56.06 41.22 42.01
C VAL A 11 -54.79 40.35 41.91
N ILE A 12 -54.15 40.02 43.07
CA ILE A 12 -52.94 39.20 43.17
C ILE A 12 -53.22 37.80 42.58
N GLU A 13 -54.42 37.24 42.86
CA GLU A 13 -54.87 35.94 42.37
C GLU A 13 -55.14 35.99 40.87
N LEU A 14 -55.58 37.16 40.36
CA LEU A 14 -55.85 37.37 38.93
C LEU A 14 -54.53 37.48 38.14
N ILE A 15 -53.52 38.17 38.70
CA ILE A 15 -52.18 38.33 38.11
C ILE A 15 -51.54 36.95 37.97
N ALA A 16 -51.59 36.13 39.04
CA ALA A 16 -51.04 34.77 39.08
C ALA A 16 -51.74 33.88 38.05
N ALA A 17 -53.08 34.00 37.91
CA ALA A 17 -53.90 33.23 36.95
C ALA A 17 -53.48 33.49 35.50
N TYR A 18 -53.18 34.76 35.14
CA TYR A 18 -52.74 35.12 33.78
C TYR A 18 -51.33 34.57 33.51
N ARG A 19 -50.42 34.69 34.49
CA ARG A 19 -49.04 34.22 34.40
C ARG A 19 -48.99 32.69 34.28
N ASN A 20 -49.82 31.97 35.09
CA ASN A 20 -49.88 30.50 35.13
C ASN A 20 -50.67 29.86 34.02
N ARG A 21 -51.90 30.37 33.74
CA ARG A 21 -52.80 29.71 32.80
C ARG A 21 -53.28 30.57 31.62
N GLY A 22 -52.74 31.79 31.46
CA GLY A 22 -53.11 32.69 30.35
C GLY A 22 -52.89 32.09 28.97
N HIS A 23 -51.85 31.23 28.84
CA HIS A 23 -51.48 30.52 27.61
C HIS A 23 -52.62 29.61 27.09
N LEU A 24 -53.52 29.14 27.98
CA LEU A 24 -54.66 28.30 27.60
C LEU A 24 -55.75 29.11 26.87
N MET A 25 -55.71 30.47 27.00
CA MET A 25 -56.67 31.40 26.39
C MET A 25 -56.07 32.20 25.22
N ALA A 26 -54.76 32.11 24.99
CA ALA A 26 -54.07 32.82 23.91
C ALA A 26 -54.53 32.35 22.52
N ASP A 27 -54.61 33.29 21.56
CA ASP A 27 -55.01 33.03 20.17
C ASP A 27 -53.77 32.54 19.36
N ILE A 28 -53.37 31.28 19.60
CA ILE A 28 -52.18 30.63 19.03
C ILE A 28 -52.46 29.76 17.80
N ASP A 29 -53.69 29.26 17.62
CA ASP A 29 -54.01 28.37 16.49
C ASP A 29 -54.49 29.18 15.28
N PRO A 30 -53.70 29.24 14.17
CA PRO A 30 -54.16 29.99 12.97
C PRO A 30 -55.39 29.38 12.28
N LEU A 31 -55.72 28.11 12.60
CA LEU A 31 -56.90 27.41 12.06
C LEU A 31 -58.15 27.60 12.94
N ARG A 32 -57.95 27.93 14.25
CA ARG A 32 -59.00 28.11 15.28
C ARG A 32 -59.97 26.90 15.27
N LEU A 33 -59.41 25.67 15.24
CA LEU A 33 -60.17 24.43 15.17
C LEU A 33 -61.10 24.24 16.37
N ASP A 34 -60.54 24.37 17.59
CA ASP A 34 -61.27 24.24 18.85
C ASP A 34 -62.12 25.49 19.09
N ASN A 35 -63.44 25.35 18.96
CA ASN A 35 -64.40 26.45 19.12
C ASN A 35 -64.67 26.77 20.60
N THR A 36 -64.33 25.85 21.53
CA THR A 36 -64.55 26.01 22.97
C THR A 36 -63.33 26.66 23.69
N ARG A 37 -62.21 26.87 22.96
CA ARG A 37 -60.96 27.46 23.47
C ARG A 37 -61.17 28.79 24.22
N PHE A 38 -61.91 29.73 23.61
CA PHE A 38 -62.15 31.05 24.19
C PHE A 38 -63.51 31.08 24.92
N ARG A 39 -64.55 30.43 24.34
CA ARG A 39 -65.91 30.35 24.88
C ARG A 39 -65.96 29.67 26.26
N SER A 40 -65.11 28.65 26.49
CA SER A 40 -65.04 27.92 27.76
C SER A 40 -63.61 27.96 28.32
N THR A 52 -64.85 43.43 39.77
CA THR A 52 -66.00 44.15 39.23
C THR A 52 -65.57 45.27 38.26
N LEU A 53 -66.52 45.76 37.44
CA LEU A 53 -66.31 46.81 36.44
C LEU A 53 -65.90 48.16 37.07
N TRP A 54 -66.41 48.46 38.29
CA TRP A 54 -66.09 49.70 39.00
C TRP A 54 -64.67 49.70 39.57
N ASP A 55 -64.09 48.51 39.82
CA ASP A 55 -62.74 48.35 40.37
C ASP A 55 -61.62 48.63 39.35
N LEU A 56 -61.95 48.66 38.05
CA LEU A 56 -61.01 48.89 36.93
C LEU A 56 -60.27 50.24 37.02
N ASP A 57 -60.94 51.29 37.53
CA ASP A 57 -60.36 52.63 37.65
C ASP A 57 -59.62 52.83 38.99
N ARG A 58 -59.72 51.85 39.91
CA ARG A 58 -59.06 51.90 41.23
C ARG A 58 -57.61 51.44 41.13
N GLU A 59 -56.70 52.16 41.80
CA GLU A 59 -55.27 51.88 41.84
C GLU A 59 -54.93 50.83 42.90
N PHE A 60 -54.02 49.90 42.55
CA PHE A 60 -53.55 48.82 43.42
C PHE A 60 -52.02 48.75 43.47
N LYS A 61 -51.47 48.34 44.62
CA LYS A 61 -50.03 48.22 44.86
C LYS A 61 -49.42 47.05 44.09
N GLN A 69 -44.85 49.71 43.46
CA GLN A 69 -45.43 50.45 42.35
C GLN A 69 -46.96 50.43 42.42
N ARG A 70 -47.58 51.53 41.98
CA ARG A 70 -49.04 51.72 41.98
C ARG A 70 -49.58 51.85 40.57
N LYS A 71 -50.56 51.01 40.22
CA LYS A 71 -51.20 50.99 38.90
C LYS A 71 -52.69 50.66 38.98
N LYS A 72 -53.50 51.20 38.04
CA LYS A 72 -54.94 50.96 37.95
C LYS A 72 -55.20 49.53 37.44
N LEU A 73 -56.26 48.86 37.94
CA LEU A 73 -56.64 47.49 37.56
C LEU A 73 -56.78 47.33 36.03
N ARG A 74 -57.36 48.34 35.34
CA ARG A 74 -57.53 48.33 33.88
C ARG A 74 -56.15 48.23 33.17
N ASP A 75 -55.11 48.90 33.72
CA ASP A 75 -53.74 48.90 33.20
C ASP A 75 -53.05 47.59 33.53
N ILE A 76 -53.31 47.02 34.72
CA ILE A 76 -52.76 45.72 35.13
C ILE A 76 -53.30 44.65 34.17
N LEU A 77 -54.63 44.65 33.93
CA LEU A 77 -55.31 43.67 33.07
C LEU A 77 -54.93 43.81 31.60
N SER A 78 -54.76 45.04 31.07
CA SER A 78 -54.38 45.25 29.67
C SER A 78 -52.97 44.70 29.38
N VAL A 79 -52.01 44.92 30.31
CA VAL A 79 -50.64 44.42 30.20
C VAL A 79 -50.65 42.88 30.21
N LEU A 80 -51.47 42.27 31.11
CA LEU A 80 -51.61 40.81 31.26
C LEU A 80 -52.21 40.15 30.00
N ARG A 81 -53.28 40.74 29.42
CA ARG A 81 -53.94 40.20 28.22
C ARG A 81 -53.01 40.28 26.99
N ASP A 82 -52.30 41.41 26.82
CA ASP A 82 -51.38 41.62 25.68
C ASP A 82 -50.17 40.69 25.78
N ALA A 83 -49.67 40.46 26.99
CA ALA A 83 -48.50 39.61 27.24
C ALA A 83 -48.80 38.11 27.18
N TYR A 84 -49.97 37.69 27.70
CA TYR A 84 -50.28 36.27 27.85
C TYR A 84 -51.46 35.73 27.04
N CYS A 85 -52.34 36.58 26.50
CA CYS A 85 -53.54 36.11 25.80
C CYS A 85 -53.70 36.69 24.39
N ARG A 86 -52.58 37.03 23.71
CA ARG A 86 -52.62 37.51 22.33
C ARG A 86 -52.15 36.37 21.40
N HIS A 87 -51.09 36.55 20.61
CA HIS A 87 -50.63 35.50 19.70
C HIS A 87 -49.48 34.65 20.27
N VAL A 88 -49.09 34.91 21.54
CA VAL A 88 -48.02 34.19 22.23
C VAL A 88 -48.52 33.62 23.57
N GLY A 89 -48.45 32.30 23.70
CA GLY A 89 -48.77 31.57 24.92
C GLY A 89 -47.48 31.27 25.65
N VAL A 90 -47.27 31.89 26.83
CA VAL A 90 -46.04 31.75 27.60
C VAL A 90 -46.22 30.78 28.78
N GLU A 91 -45.34 29.76 28.87
CA GLU A 91 -45.29 28.79 29.97
C GLU A 91 -43.94 28.92 30.66
N TYR A 92 -43.92 29.48 31.87
CA TYR A 92 -42.66 29.72 32.58
C TYR A 92 -42.77 29.58 34.11
N THR A 93 -43.98 29.54 34.68
CA THR A 93 -44.13 29.49 36.14
C THR A 93 -43.78 28.11 36.73
N HIS A 94 -43.49 27.12 35.87
CA HIS A 94 -43.06 25.79 36.27
C HIS A 94 -41.56 25.82 36.61
N ILE A 95 -40.82 26.86 36.13
CA ILE A 95 -39.38 27.03 36.33
C ILE A 95 -39.10 27.27 37.84
N LEU A 96 -38.24 26.42 38.44
CA LEU A 96 -37.93 26.51 39.86
C LEU A 96 -37.01 27.69 40.22
N GLU A 97 -36.23 28.22 39.26
CA GLU A 97 -35.32 29.35 39.48
C GLU A 97 -36.14 30.66 39.48
N PRO A 98 -36.24 31.39 40.63
CA PRO A 98 -37.04 32.64 40.64
C PRO A 98 -36.50 33.74 39.74
N GLU A 99 -35.16 33.82 39.59
CA GLU A 99 -34.48 34.83 38.74
C GLU A 99 -34.84 34.65 37.25
N GLN A 100 -35.11 33.41 36.81
CA GLN A 100 -35.48 33.09 35.43
C GLN A 100 -36.94 33.50 35.19
N GLN A 101 -37.82 33.23 36.17
CA GLN A 101 -39.23 33.63 36.12
C GLN A 101 -39.33 35.15 36.06
N ARG A 102 -38.50 35.88 36.86
CA ARG A 102 -38.44 37.35 36.89
C ARG A 102 -37.96 37.93 35.56
N TRP A 103 -36.91 37.32 34.95
CA TRP A 103 -36.33 37.74 33.67
C TRP A 103 -37.38 37.73 32.56
N ILE A 104 -38.17 36.64 32.46
CA ILE A 104 -39.22 36.45 31.46
C ILE A 104 -40.34 37.47 31.71
N GLN A 105 -40.84 37.52 32.96
CA GLN A 105 -41.87 38.44 33.45
C GLN A 105 -41.61 39.88 33.01
N GLU A 106 -40.40 40.39 33.29
CA GLU A 106 -39.96 41.76 32.97
C GLU A 106 -39.93 42.07 31.47
N ARG A 107 -39.60 41.08 30.62
CA ARG A 107 -39.52 41.27 29.17
C ARG A 107 -40.85 41.06 28.45
N VAL A 108 -41.76 40.30 29.06
CA VAL A 108 -43.07 39.94 28.50
C VAL A 108 -44.15 40.97 28.97
N GLU A 109 -44.09 41.43 30.24
CA GLU A 109 -45.06 42.34 30.83
C GLU A 109 -44.68 43.83 30.66
N THR A 110 -44.46 44.25 29.41
CA THR A 110 -44.11 45.63 29.05
C THR A 110 -44.78 46.06 27.74
N LYS A 111 -44.91 47.38 27.52
CA LYS A 111 -45.45 47.93 26.29
C LYS A 111 -44.32 47.88 25.26
N HIS A 112 -44.33 46.83 24.42
CA HIS A 112 -43.31 46.55 23.42
C HIS A 112 -43.30 47.59 22.30
N ASP A 113 -42.08 47.98 21.88
CA ASP A 113 -41.88 48.93 20.78
C ASP A 113 -42.19 48.25 19.46
N LYS A 114 -43.02 48.90 18.62
CA LYS A 114 -43.42 48.38 17.31
C LYS A 114 -42.20 48.29 16.38
N PRO A 115 -42.07 47.23 15.55
CA PRO A 115 -40.90 47.15 14.66
C PRO A 115 -40.94 48.23 13.57
N THR A 116 -39.76 48.66 13.09
CA THR A 116 -39.66 49.66 12.03
C THR A 116 -40.12 49.05 10.70
N VAL A 117 -40.59 49.90 9.77
CA VAL A 117 -41.07 49.52 8.44
C VAL A 117 -40.00 48.65 7.73
N ALA A 118 -38.71 49.01 7.87
CA ALA A 118 -37.57 48.28 7.29
C ALA A 118 -37.48 46.84 7.84
N GLU A 119 -37.77 46.65 9.14
CA GLU A 119 -37.75 45.33 9.79
C GLU A 119 -38.95 44.49 9.33
N GLN A 120 -40.13 45.13 9.19
CA GLN A 120 -41.38 44.51 8.73
C GLN A 120 -41.24 44.07 7.26
N LYS A 121 -40.65 44.93 6.41
CA LYS A 121 -40.40 44.65 4.99
C LYS A 121 -39.38 43.52 4.85
N TYR A 122 -38.39 43.46 5.78
CA TYR A 122 -37.39 42.41 5.82
C TYR A 122 -38.06 41.06 6.14
N ILE A 123 -38.99 41.02 7.12
CA ILE A 123 -39.73 39.81 7.50
C ILE A 123 -40.58 39.35 6.29
N LEU A 124 -41.29 40.29 5.63
CA LEU A 124 -42.11 40.02 4.46
C LEU A 124 -41.24 39.48 3.30
N SER A 125 -40.00 39.99 3.13
CA SER A 125 -39.06 39.53 2.10
C SER A 125 -38.65 38.06 2.34
N LYS A 126 -38.46 37.67 3.62
CA LYS A 126 -38.11 36.31 4.00
C LYS A 126 -39.27 35.37 3.69
N LEU A 127 -40.51 35.83 3.97
CA LEU A 127 -41.76 35.12 3.64
C LEU A 127 -41.94 35.02 2.14
N ASN A 128 -41.50 36.06 1.39
CA ASN A 128 -41.56 36.12 -0.07
C ASN A 128 -40.63 35.05 -0.64
N ALA A 129 -39.39 34.99 -0.16
CA ALA A 129 -38.38 34.02 -0.56
C ALA A 129 -38.80 32.59 -0.21
N ALA A 130 -39.44 32.40 0.97
CA ALA A 130 -39.93 31.12 1.48
C ALA A 130 -41.06 30.58 0.62
N GLU A 131 -42.11 31.38 0.37
CA GLU A 131 -43.23 30.96 -0.47
C GLU A 131 -42.80 30.85 -1.95
N ALA A 132 -41.88 31.73 -2.42
CA ALA A 132 -41.36 31.63 -3.80
C ALA A 132 -40.63 30.30 -4.02
N PHE A 133 -39.92 29.82 -2.98
CA PHE A 133 -39.22 28.54 -3.02
C PHE A 133 -40.21 27.37 -3.16
N GLU A 134 -41.23 27.33 -2.27
CA GLU A 134 -42.28 26.30 -2.20
C GLU A 134 -43.11 26.19 -3.49
N THR A 135 -43.45 27.33 -4.12
CA THR A 135 -44.22 27.38 -5.37
C THR A 135 -43.40 26.77 -6.53
N PHE A 136 -42.07 26.99 -6.53
CA PHE A 136 -41.13 26.45 -7.51
C PHE A 136 -40.96 24.92 -7.31
N LEU A 137 -40.58 24.48 -6.08
CA LEU A 137 -40.33 23.06 -5.76
C LEU A 137 -41.47 22.14 -6.24
N GLN A 138 -42.73 22.53 -5.98
CA GLN A 138 -43.92 21.76 -6.38
C GLN A 138 -44.19 21.81 -7.89
N THR A 139 -44.01 22.98 -8.53
CA THR A 139 -44.28 23.16 -9.96
C THR A 139 -43.20 22.54 -10.86
N LYS A 140 -41.90 22.78 -10.55
CA LYS A 140 -40.76 22.31 -11.33
C LYS A 140 -40.52 20.80 -11.22
N TYR A 141 -40.53 20.23 -10.00
CA TYR A 141 -40.23 18.80 -9.84
C TYR A 141 -41.45 17.95 -9.45
N VAL A 142 -41.30 16.62 -9.63
CA VAL A 142 -42.30 15.61 -9.30
C VAL A 142 -41.90 14.94 -7.99
N GLY A 143 -42.89 14.55 -7.20
CA GLY A 143 -42.68 13.90 -5.91
C GLY A 143 -42.05 14.75 -4.84
N GLN A 144 -42.41 16.05 -4.76
CA GLN A 144 -41.87 16.97 -3.74
C GLN A 144 -42.92 17.34 -2.65
N LYS A 145 -44.16 16.81 -2.76
CA LYS A 145 -45.27 17.07 -1.83
C LYS A 145 -44.91 16.78 -0.37
N ARG A 146 -44.16 15.69 -0.09
CA ARG A 146 -43.80 15.31 1.28
C ARG A 146 -42.82 16.30 1.95
N PHE A 147 -42.14 17.13 1.18
CA PHE A 147 -41.18 18.08 1.74
C PHE A 147 -41.75 19.49 1.88
N SER A 148 -43.01 19.71 1.43
CA SER A 148 -43.71 21.00 1.44
C SER A 148 -43.74 21.67 2.81
N LEU A 149 -43.35 22.95 2.84
CA LEU A 149 -43.39 23.83 4.01
C LEU A 149 -44.60 24.79 3.90
N GLU A 150 -45.47 24.58 2.89
CA GLU A 150 -46.68 25.38 2.70
C GLU A 150 -47.58 25.28 3.93
N GLY A 151 -47.91 26.44 4.49
CA GLY A 151 -48.66 26.57 5.73
C GLY A 151 -47.77 26.78 6.95
N ALA A 152 -46.44 26.56 6.77
CA ALA A 152 -45.45 26.68 7.85
C ALA A 152 -44.23 27.58 7.46
N GLU A 153 -44.33 28.39 6.37
CA GLU A 153 -43.26 29.28 5.87
C GLU A 153 -42.73 30.27 6.92
N THR A 154 -43.52 30.58 7.96
CA THR A 154 -43.14 31.53 9.02
C THR A 154 -41.94 31.01 9.82
N VAL A 155 -41.56 29.72 9.66
CA VAL A 155 -40.38 29.15 10.32
C VAL A 155 -39.10 29.76 9.71
N ILE A 156 -39.14 30.24 8.43
CA ILE A 156 -37.96 30.84 7.80
C ILE A 156 -37.66 32.21 8.46
N PRO A 157 -38.57 33.24 8.53
CA PRO A 157 -38.20 34.46 9.27
C PRO A 157 -37.89 34.20 10.75
N MET A 158 -38.48 33.13 11.35
CA MET A 158 -38.23 32.76 12.75
C MET A 158 -36.78 32.28 12.94
N MET A 159 -36.32 31.34 12.07
CA MET A 159 -34.94 30.81 12.10
C MET A 159 -33.96 31.93 11.80
N ASP A 160 -34.33 32.82 10.86
CA ASP A 160 -33.52 33.98 10.47
C ASP A 160 -33.29 34.88 11.69
N ALA A 161 -34.36 35.12 12.48
CA ALA A 161 -34.30 35.94 13.69
C ALA A 161 -33.44 35.27 14.77
N VAL A 162 -33.48 33.92 14.88
CA VAL A 162 -32.65 33.17 15.84
C VAL A 162 -31.17 33.43 15.52
N ILE A 163 -30.78 33.20 14.25
CA ILE A 163 -29.40 33.31 13.77
C ILE A 163 -28.91 34.76 13.82
N ASP A 164 -29.77 35.73 13.42
CA ASP A 164 -29.43 37.15 13.49
C ASP A 164 -29.16 37.58 14.94
N GLN A 165 -29.98 37.08 15.91
CA GLN A 165 -29.81 37.39 17.33
C GLN A 165 -28.53 36.74 17.88
N CYS A 166 -28.16 35.55 17.37
CA CYS A 166 -26.90 34.89 17.77
C CYS A 166 -25.71 35.71 17.27
N ALA A 167 -25.82 36.29 16.04
CA ALA A 167 -24.79 37.14 15.46
C ALA A 167 -24.68 38.46 16.24
N GLU A 168 -25.82 38.96 16.77
CA GLU A 168 -25.88 40.18 17.59
C GLU A 168 -25.13 39.98 18.92
N HIS A 169 -25.14 38.73 19.45
CA HIS A 169 -24.43 38.35 20.68
C HIS A 169 -22.93 38.06 20.41
N GLY A 170 -22.52 38.19 19.14
CA GLY A 170 -21.15 37.96 18.71
C GLY A 170 -20.71 36.52 18.78
N LEU A 171 -21.66 35.59 18.62
CA LEU A 171 -21.39 34.15 18.71
C LEU A 171 -20.74 33.65 17.41
N ASP A 172 -20.11 32.47 17.47
CA ASP A 172 -19.31 31.94 16.37
C ASP A 172 -20.07 31.10 15.34
N GLU A 173 -21.01 30.25 15.79
CA GLU A 173 -21.72 29.37 14.87
C GLU A 173 -23.06 28.91 15.41
N VAL A 174 -24.00 28.65 14.49
CA VAL A 174 -25.30 28.05 14.74
C VAL A 174 -25.29 26.71 13.98
N VAL A 175 -25.50 25.59 14.69
CA VAL A 175 -25.55 24.29 14.04
C VAL A 175 -26.99 23.83 14.11
N ILE A 176 -27.58 23.53 12.94
CA ILE A 176 -28.97 23.11 12.78
C ILE A 176 -29.08 21.59 12.58
N ALA A 177 -30.10 21.02 13.22
CA ALA A 177 -30.60 19.67 13.01
C ALA A 177 -32.09 19.79 12.73
N MET A 178 -32.57 19.03 11.74
CA MET A 178 -33.98 19.09 11.38
C MET A 178 -34.45 17.85 10.61
N PRO A 179 -35.77 17.56 10.58
CA PRO A 179 -36.26 16.51 9.68
C PRO A 179 -36.33 17.09 8.24
N HIS A 180 -36.86 16.35 7.26
CA HIS A 180 -36.79 16.82 5.87
C HIS A 180 -37.80 17.93 5.47
N ARG A 181 -38.83 18.26 6.30
CA ARG A 181 -39.81 19.29 5.91
C ARG A 181 -39.20 20.70 5.82
N GLY A 182 -39.19 21.24 4.61
CA GLY A 182 -38.66 22.55 4.26
C GLY A 182 -37.15 22.65 4.26
N ARG A 183 -36.44 21.49 4.19
CA ARG A 183 -34.98 21.41 4.28
C ARG A 183 -34.25 22.16 3.16
N LEU A 184 -34.68 22.04 1.89
CA LEU A 184 -34.03 22.76 0.78
C LEU A 184 -34.30 24.27 0.88
N ASN A 185 -35.45 24.65 1.48
CA ASN A 185 -35.83 26.05 1.74
C ASN A 185 -34.91 26.64 2.80
N VAL A 186 -34.55 25.81 3.81
CA VAL A 186 -33.63 26.19 4.88
C VAL A 186 -32.25 26.37 4.24
N LEU A 187 -31.82 25.41 3.39
CA LEU A 187 -30.54 25.52 2.67
C LEU A 187 -30.43 26.82 1.89
N ALA A 188 -31.51 27.21 1.19
CA ALA A 188 -31.52 28.42 0.35
C ALA A 188 -31.65 29.71 1.13
N ASN A 189 -32.59 29.79 2.08
CA ASN A 189 -32.87 31.07 2.75
C ASN A 189 -32.31 31.22 4.17
N ILE A 190 -31.64 30.19 4.72
CA ILE A 190 -31.05 30.26 6.06
C ILE A 190 -29.55 30.02 5.95
N VAL A 191 -29.14 28.87 5.38
CA VAL A 191 -27.73 28.49 5.21
C VAL A 191 -27.09 29.36 4.12
N GLY A 192 -27.89 29.77 3.13
CA GLY A 192 -27.44 30.64 2.05
C GLY A 192 -26.76 29.91 0.91
N LYS A 193 -27.08 28.61 0.71
CA LYS A 193 -26.52 27.82 -0.38
C LYS A 193 -27.10 28.29 -1.72
N PRO A 194 -26.25 28.46 -2.78
CA PRO A 194 -26.82 28.87 -4.08
C PRO A 194 -27.67 27.75 -4.69
N TYR A 195 -28.65 28.11 -5.53
CA TYR A 195 -29.55 27.15 -6.17
C TYR A 195 -28.79 26.17 -7.07
N SER A 196 -27.65 26.61 -7.67
CA SER A 196 -26.80 25.76 -8.51
C SER A 196 -26.23 24.58 -7.71
N GLN A 197 -25.88 24.80 -6.43
CA GLN A 197 -25.36 23.76 -5.56
C GLN A 197 -26.48 22.86 -4.99
N ILE A 198 -27.65 23.45 -4.70
CA ILE A 198 -28.79 22.73 -4.11
C ILE A 198 -29.38 21.72 -5.11
N PHE A 199 -29.78 22.21 -6.28
CA PHE A 199 -30.45 21.44 -7.32
C PHE A 199 -29.48 20.81 -8.33
N SER A 200 -28.16 20.81 -8.02
CA SER A 200 -27.11 20.18 -8.84
C SER A 200 -27.41 18.70 -8.99
N GLU A 201 -27.60 18.23 -10.26
CA GLU A 201 -27.93 16.84 -10.66
C GLU A 201 -29.00 16.22 -9.71
N PHE A 202 -30.10 16.98 -9.52
CA PHE A 202 -31.26 16.69 -8.66
C PHE A 202 -31.98 15.42 -9.09
N ASP A 216 -32.69 13.84 -3.74
CA ASP A 216 -33.22 12.72 -2.98
C ASP A 216 -32.38 12.53 -1.69
N VAL A 217 -31.05 12.28 -1.85
CA VAL A 217 -30.09 12.17 -0.75
C VAL A 217 -29.83 13.58 -0.20
N LYS A 218 -30.14 14.63 -1.02
CA LYS A 218 -30.00 16.06 -0.70
C LYS A 218 -30.77 16.43 0.58
N TYR A 219 -31.89 15.74 0.86
CA TYR A 219 -32.68 15.94 2.07
C TYR A 219 -32.07 15.29 3.34
N HIS A 220 -30.86 14.73 3.24
CA HIS A 220 -30.22 14.07 4.39
C HIS A 220 -28.75 14.46 4.53
N LEU A 221 -28.22 15.29 3.60
CA LEU A 221 -26.81 15.70 3.60
C LEU A 221 -26.52 16.88 4.53
N GLY A 222 -25.27 16.97 4.97
CA GLY A 222 -24.80 18.09 5.77
C GLY A 222 -24.46 19.27 4.87
N ALA A 223 -24.40 20.48 5.45
CA ALA A 223 -24.08 21.71 4.71
C ALA A 223 -23.46 22.74 5.63
N THR A 224 -22.74 23.70 5.05
CA THR A 224 -22.08 24.79 5.78
C THR A 224 -22.17 26.06 4.96
N GLY A 225 -22.34 27.18 5.65
CA GLY A 225 -22.43 28.50 5.04
C GLY A 225 -22.14 29.61 6.02
N THR A 226 -22.32 30.86 5.57
CA THR A 226 -22.07 32.05 6.36
C THR A 226 -23.31 32.96 6.30
N TYR A 227 -23.80 33.36 7.48
CA TYR A 227 -24.91 34.29 7.59
C TYR A 227 -24.35 35.69 7.82
N ILE A 228 -24.78 36.66 7.00
CA ILE A 228 -24.37 38.05 7.10
C ILE A 228 -25.60 38.85 7.54
N GLN A 229 -25.47 39.59 8.66
CA GLN A 229 -26.56 40.41 9.20
C GLN A 229 -27.00 41.47 8.20
N MET A 230 -28.32 41.65 8.06
CA MET A 230 -28.92 42.62 7.15
C MET A 230 -28.75 44.05 7.70
N PHE A 231 -29.07 44.26 9.00
CA PHE A 231 -29.02 45.57 9.66
C PHE A 231 -27.83 45.70 10.63
N GLY A 232 -27.12 44.61 10.89
CA GLY A 232 -25.95 44.61 11.75
C GLY A 232 -24.65 44.52 10.99
N ASP A 233 -23.52 44.58 11.72
CA ASP A 233 -22.17 44.51 11.13
C ASP A 233 -21.45 43.18 11.45
N ASN A 234 -22.18 42.21 12.02
CA ASN A 234 -21.59 40.92 12.34
C ASN A 234 -22.01 39.83 11.35
N ASP A 235 -21.21 38.77 11.31
CA ASP A 235 -21.48 37.57 10.52
C ASP A 235 -21.32 36.38 11.46
N ILE A 236 -21.91 35.25 11.09
CA ILE A 236 -21.88 34.04 11.89
C ILE A 236 -21.92 32.81 10.97
N GLU A 237 -21.21 31.75 11.36
CA GLU A 237 -21.22 30.52 10.57
C GLU A 237 -22.53 29.79 10.84
N VAL A 238 -23.10 29.17 9.80
CA VAL A 238 -24.34 28.41 9.89
C VAL A 238 -24.10 27.05 9.24
N SER A 239 -24.35 25.97 9.97
CA SER A 239 -24.18 24.65 9.40
C SER A 239 -25.42 23.81 9.68
N LEU A 240 -25.59 22.78 8.87
CA LEU A 240 -26.68 21.81 8.93
C LEU A 240 -26.06 20.43 9.01
N THR A 241 -26.46 19.64 10.00
CA THR A 241 -25.89 18.31 10.16
C THR A 241 -26.69 17.29 9.33
N ALA A 242 -26.00 16.22 8.89
CA ALA A 242 -26.62 15.14 8.13
C ALA A 242 -27.49 14.29 9.06
N ASN A 243 -28.53 13.61 8.52
CA ASN A 243 -29.41 12.81 9.37
C ASN A 243 -30.15 11.71 8.60
N PRO A 244 -30.62 10.64 9.28
CA PRO A 244 -31.43 9.64 8.56
C PRO A 244 -32.91 10.06 8.54
N SER A 245 -33.78 9.19 8.02
CA SER A 245 -35.21 9.45 8.01
C SER A 245 -35.82 9.29 9.43
N HIS A 246 -35.14 8.54 10.33
CA HIS A 246 -35.54 8.29 11.72
C HIS A 246 -35.64 9.62 12.46
N LEU A 247 -36.89 10.08 12.66
CA LEU A 247 -37.21 11.36 13.28
C LEU A 247 -36.67 11.42 14.70
N GLU A 248 -36.01 12.54 15.05
CA GLU A 248 -35.44 12.87 16.36
C GLU A 248 -34.12 12.11 16.68
N ALA A 249 -33.72 11.11 15.88
CA ALA A 249 -32.50 10.32 16.13
C ALA A 249 -31.21 11.19 16.09
N VAL A 250 -31.24 12.28 15.30
CA VAL A 250 -30.13 13.23 15.14
C VAL A 250 -29.98 14.16 16.38
N ASP A 251 -31.01 14.27 17.23
CA ASP A 251 -31.02 15.18 18.39
C ASP A 251 -29.75 15.06 19.29
N PRO A 252 -29.36 13.87 19.81
CA PRO A 252 -28.12 13.80 20.61
C PRO A 252 -26.85 13.93 19.77
N VAL A 253 -26.92 13.62 18.44
CA VAL A 253 -25.80 13.75 17.50
C VAL A 253 -25.44 15.22 17.37
N LEU A 254 -26.48 16.09 17.24
CA LEU A 254 -26.32 17.54 17.15
C LEU A 254 -25.64 18.07 18.42
N GLU A 255 -26.08 17.62 19.59
CA GLU A 255 -25.52 18.06 20.88
C GLU A 255 -24.02 17.74 20.98
N GLY A 256 -23.62 16.51 20.63
CA GLY A 256 -22.22 16.10 20.67
C GLY A 256 -21.35 16.89 19.70
N LEU A 257 -21.89 17.11 18.50
CA LEU A 257 -21.24 17.87 17.43
C LEU A 257 -20.94 19.29 17.90
N VAL A 258 -21.94 19.97 18.50
CA VAL A 258 -21.80 21.32 19.02
C VAL A 258 -20.81 21.31 20.19
N ARG A 259 -20.97 20.38 21.15
CA ARG A 259 -20.04 20.25 22.31
C ARG A 259 -18.59 20.10 21.84
N ALA A 260 -18.33 19.31 20.78
CA ALA A 260 -16.99 19.13 20.20
C ALA A 260 -16.43 20.45 19.64
N LYS A 261 -17.29 21.25 18.98
CA LYS A 261 -16.94 22.54 18.40
C LYS A 261 -16.66 23.56 19.50
N GLN A 262 -17.46 23.51 20.59
CA GLN A 262 -17.29 24.40 21.75
C GLN A 262 -15.95 24.12 22.47
N ASP A 263 -15.57 22.83 22.64
CA ASP A 263 -14.30 22.46 23.28
C ASP A 263 -13.11 22.92 22.43
N LEU A 264 -13.24 22.84 21.08
CA LEU A 264 -12.21 23.29 20.15
C LEU A 264 -11.98 24.81 20.23
N LEU A 265 -13.09 25.58 20.38
CA LEU A 265 -13.06 27.05 20.44
C LEU A 265 -12.73 27.60 21.83
N ASP A 266 -12.48 26.70 22.82
CA ASP A 266 -12.16 27.04 24.21
C ASP A 266 -13.29 27.92 24.82
N THR A 267 -14.55 27.53 24.50
CA THR A 267 -15.76 28.19 24.98
C THR A 267 -16.65 27.16 25.69
N GLY A 268 -17.39 27.62 26.68
CA GLY A 268 -18.29 26.79 27.46
C GLY A 268 -17.68 26.12 28.68
N GLU A 269 -18.16 24.90 28.98
CA GLU A 269 -17.80 24.07 30.14
C GLU A 269 -16.29 23.71 30.16
N GLU A 270 -15.71 23.30 29.03
CA GLU A 270 -14.29 22.94 28.93
C GLU A 270 -13.47 24.08 28.26
N GLY A 271 -13.87 25.32 28.51
CA GLY A 271 -13.21 26.51 27.96
C GLY A 271 -13.02 27.64 28.94
N SER A 272 -12.13 28.59 28.59
CA SER A 272 -11.78 29.77 29.38
C SER A 272 -12.99 30.71 29.61
N ASP A 273 -13.83 30.88 28.58
CA ASP A 273 -15.03 31.71 28.66
C ASP A 273 -16.28 30.82 28.72
N ASN A 274 -17.35 31.30 29.36
CA ASN A 274 -18.61 30.56 29.47
C ASN A 274 -19.67 31.16 28.52
N ARG A 275 -19.26 31.51 27.29
CA ARG A 275 -20.17 32.08 26.29
C ARG A 275 -20.90 31.00 25.52
N PHE A 276 -20.37 29.73 25.47
CA PHE A 276 -20.94 28.60 24.69
C PHE A 276 -21.30 29.14 23.30
N SER A 277 -20.28 29.72 22.61
CA SER A 277 -20.40 30.46 21.35
C SER A 277 -20.88 29.63 20.13
N VAL A 278 -21.11 28.31 20.29
CA VAL A 278 -21.68 27.47 19.22
C VAL A 278 -23.08 27.11 19.72
N VAL A 279 -24.12 27.46 18.93
CA VAL A 279 -25.51 27.28 19.35
C VAL A 279 -26.22 26.15 18.60
N PRO A 280 -26.78 25.16 19.32
CA PRO A 280 -27.59 24.14 18.64
C PRO A 280 -29.00 24.70 18.39
N LEU A 281 -29.45 24.62 17.12
CA LEU A 281 -30.80 25.01 16.71
C LEU A 281 -31.46 23.74 16.21
N MET A 282 -32.35 23.17 17.03
CA MET A 282 -32.96 21.87 16.76
C MET A 282 -34.42 22.02 16.34
N LEU A 283 -34.74 21.56 15.12
CA LEU A 283 -36.10 21.61 14.58
C LEU A 283 -36.79 20.27 14.76
N HIS A 284 -38.11 20.30 14.97
CA HIS A 284 -38.92 19.11 15.20
C HIS A 284 -40.29 19.21 14.58
N GLY A 285 -40.95 18.05 14.45
CA GLY A 285 -42.35 17.93 14.07
C GLY A 285 -43.10 17.69 15.38
N ASP A 286 -44.41 17.99 15.44
CA ASP A 286 -45.19 17.87 16.67
C ASP A 286 -45.43 16.43 17.10
N ALA A 287 -45.70 15.50 16.16
CA ALA A 287 -45.96 14.11 16.56
C ALA A 287 -44.69 13.42 17.04
N ALA A 288 -43.55 13.65 16.37
CA ALA A 288 -42.25 13.06 16.70
C ALA A 288 -41.67 13.59 18.03
N PHE A 289 -41.86 14.89 18.33
CA PHE A 289 -41.35 15.50 19.56
C PHE A 289 -41.98 14.86 20.80
N ALA A 290 -43.28 14.50 20.71
CA ALA A 290 -44.02 13.91 21.83
C ALA A 290 -43.82 12.37 21.96
N GLY A 291 -43.66 11.66 20.85
CA GLY A 291 -43.58 10.21 20.86
C GLY A 291 -42.22 9.54 20.95
N GLN A 292 -41.14 10.22 20.52
CA GLN A 292 -39.80 9.61 20.52
C GLN A 292 -39.05 9.84 21.84
N GLY A 293 -38.66 8.75 22.47
CA GLY A 293 -37.95 8.74 23.75
C GLY A 293 -36.61 9.46 23.76
N VAL A 294 -35.91 9.45 22.60
CA VAL A 294 -34.60 10.11 22.47
C VAL A 294 -34.69 11.63 22.74
N VAL A 295 -35.89 12.23 22.60
CA VAL A 295 -36.13 13.65 22.90
C VAL A 295 -35.87 13.87 24.41
N ALA A 296 -36.53 13.08 25.29
CA ALA A 296 -36.36 13.15 26.75
C ALA A 296 -34.91 12.86 27.17
N GLU A 297 -34.28 11.84 26.53
CA GLU A 297 -32.89 11.46 26.81
C GLU A 297 -31.93 12.58 26.48
N THR A 298 -32.20 13.34 25.39
CA THR A 298 -31.36 14.44 24.92
C THR A 298 -31.58 15.68 25.80
N LEU A 299 -32.85 15.98 26.18
CA LEU A 299 -33.16 17.07 27.11
C LEU A 299 -32.46 16.82 28.46
N ASN A 300 -32.36 15.55 28.88
CA ASN A 300 -31.73 15.13 30.14
C ASN A 300 -30.20 15.45 30.17
N LEU A 301 -29.58 15.66 29.00
CA LEU A 301 -28.16 15.98 28.90
C LEU A 301 -27.87 17.48 29.02
N ALA A 302 -28.91 18.33 28.87
CA ALA A 302 -28.83 19.80 28.76
C ALA A 302 -27.99 20.52 29.82
N LEU A 303 -27.92 20.01 31.06
CA LEU A 303 -27.16 20.73 32.11
C LEU A 303 -26.03 19.87 32.70
N LEU A 304 -25.80 18.66 32.15
CA LEU A 304 -24.75 17.74 32.62
C LEU A 304 -23.37 18.28 32.24
N ARG A 305 -22.39 18.22 33.16
CA ARG A 305 -21.02 18.72 32.92
C ARG A 305 -20.35 18.06 31.69
N GLY A 306 -20.59 16.78 31.45
CA GLY A 306 -20.02 16.10 30.30
C GLY A 306 -20.76 16.25 28.99
N TYR A 307 -21.98 16.84 29.03
CA TYR A 307 -22.82 16.89 27.82
C TYR A 307 -23.46 18.25 27.50
N ARG A 308 -23.50 19.21 28.44
CA ARG A 308 -24.14 20.53 28.23
C ARG A 308 -23.52 21.31 27.06
N THR A 309 -24.37 22.04 26.33
CA THR A 309 -23.97 22.88 25.20
C THR A 309 -24.41 24.35 25.41
N GLY A 310 -24.70 24.70 26.67
CA GLY A 310 -25.16 26.04 27.06
C GLY A 310 -26.57 26.39 26.68
N GLY A 311 -27.40 25.38 26.40
CA GLY A 311 -28.78 25.54 26.01
C GLY A 311 -29.03 25.46 24.52
N THR A 312 -30.04 24.67 24.13
CA THR A 312 -30.48 24.45 22.76
C THR A 312 -31.73 25.28 22.48
N ILE A 313 -31.81 25.87 21.28
CA ILE A 313 -32.99 26.57 20.82
C ILE A 313 -33.82 25.54 20.06
N HIS A 314 -34.99 25.18 20.60
CA HIS A 314 -35.85 24.21 19.95
C HIS A 314 -36.98 24.91 19.19
N ILE A 315 -37.24 24.48 17.96
CA ILE A 315 -38.35 24.98 17.17
C ILE A 315 -39.18 23.80 16.76
N VAL A 316 -40.44 23.75 17.20
CA VAL A 316 -41.35 22.69 16.78
C VAL A 316 -42.25 23.27 15.70
N VAL A 317 -42.20 22.66 14.50
CA VAL A 317 -43.09 23.01 13.40
C VAL A 317 -44.37 22.24 13.71
N ASN A 318 -45.26 22.85 14.50
CA ASN A 318 -46.46 22.20 14.99
C ASN A 318 -47.63 22.44 14.04
N ASN A 319 -47.78 21.56 13.04
CA ASN A 319 -48.86 21.66 12.05
C ASN A 319 -50.10 20.88 12.51
N GLN A 320 -50.12 20.48 13.80
CA GLN A 320 -51.24 19.85 14.51
C GLN A 320 -51.72 18.55 13.82
N ILE A 321 -50.78 17.84 13.20
CA ILE A 321 -51.01 16.58 12.47
C ILE A 321 -49.69 15.81 12.35
N GLY A 322 -49.80 14.49 12.26
CA GLY A 322 -48.69 13.57 12.05
C GLY A 322 -49.14 12.56 11.02
N PHE A 323 -48.90 12.86 9.72
CA PHE A 323 -49.32 12.09 8.54
C PHE A 323 -50.87 12.11 8.51
N THR A 324 -51.56 11.06 9.00
CA THR A 324 -53.04 11.05 9.04
C THR A 324 -53.54 11.16 10.49
N THR A 325 -52.61 11.10 11.47
CA THR A 325 -52.90 11.03 12.89
C THR A 325 -53.11 12.41 13.54
N ALA A 326 -54.24 12.51 14.28
CA ALA A 326 -54.65 13.68 15.03
C ALA A 326 -53.84 13.75 16.34
N PRO A 327 -53.56 14.96 16.89
CA PRO A 327 -52.79 15.06 18.15
C PRO A 327 -53.34 14.23 19.32
N THR A 328 -54.67 14.00 19.40
CA THR A 328 -55.28 13.22 20.49
C THR A 328 -54.81 11.76 20.49
N ASP A 329 -54.33 11.24 19.36
CA ASP A 329 -53.79 9.88 19.26
C ASP A 329 -52.24 9.88 19.29
N SER A 330 -51.62 11.06 19.37
CA SER A 330 -50.15 11.21 19.35
C SER A 330 -49.53 11.55 20.71
N ARG A 331 -50.31 12.16 21.62
CA ARG A 331 -49.81 12.58 22.92
C ARG A 331 -50.90 12.60 23.98
N SER A 332 -50.51 12.43 25.24
CA SER A 332 -51.38 12.40 26.41
C SER A 332 -51.30 13.71 27.21
N SER A 333 -50.87 14.80 26.55
CA SER A 333 -50.74 16.11 27.19
C SER A 333 -51.31 17.20 26.30
N GLU A 334 -51.54 18.39 26.89
CA GLU A 334 -52.10 19.57 26.22
C GLU A 334 -51.21 20.03 25.05
N TYR A 335 -49.89 20.10 25.26
CA TYR A 335 -48.98 20.56 24.21
C TYR A 335 -47.97 19.49 23.81
N CYS A 336 -47.51 19.53 22.54
CA CYS A 336 -46.51 18.57 22.02
C CYS A 336 -45.14 18.77 22.69
N THR A 337 -44.93 19.95 23.29
CA THR A 337 -43.69 20.40 23.93
C THR A 337 -43.63 20.16 25.43
N ASP A 338 -44.66 19.53 26.04
CA ASP A 338 -44.75 19.30 27.48
C ASP A 338 -43.58 18.48 28.08
N VAL A 339 -42.90 17.65 27.26
CA VAL A 339 -41.71 16.89 27.67
C VAL A 339 -40.59 17.85 28.15
N ALA A 340 -40.46 19.04 27.54
CA ALA A 340 -39.43 20.04 27.87
C ALA A 340 -39.54 20.61 29.30
N LYS A 341 -40.70 20.40 29.98
CA LYS A 341 -40.92 20.79 31.37
C LYS A 341 -40.04 19.94 32.32
N MET A 342 -39.57 18.79 31.82
CA MET A 342 -38.66 17.83 32.46
C MET A 342 -37.40 18.54 32.99
N ILE A 343 -36.89 19.56 32.27
CA ILE A 343 -35.67 20.30 32.63
C ILE A 343 -35.97 21.77 32.96
N GLY A 344 -37.25 22.09 33.16
CA GLY A 344 -37.71 23.43 33.49
C GLY A 344 -37.39 24.46 32.41
N ALA A 345 -37.53 24.06 31.14
CA ALA A 345 -37.27 24.98 30.01
C ALA A 345 -38.46 25.91 29.81
N PRO A 346 -38.27 27.22 29.49
CA PRO A 346 -39.45 28.06 29.18
C PRO A 346 -40.03 27.63 27.83
N ILE A 347 -41.37 27.65 27.69
CA ILE A 347 -42.01 27.25 26.44
C ILE A 347 -42.85 28.40 25.90
N PHE A 348 -42.70 28.70 24.59
CA PHE A 348 -43.44 29.75 23.93
C PHE A 348 -44.26 29.18 22.79
N HIS A 349 -45.59 29.23 22.92
CA HIS A 349 -46.51 28.77 21.87
C HIS A 349 -46.84 29.99 21.03
N VAL A 350 -46.51 29.96 19.73
CA VAL A 350 -46.71 31.16 18.94
C VAL A 350 -47.52 30.86 17.66
N ASN A 351 -48.40 31.82 17.33
CA ASN A 351 -49.24 31.78 16.14
C ASN A 351 -48.40 31.96 14.87
N GLY A 352 -48.31 30.90 14.08
CA GLY A 352 -47.58 30.85 12.81
C GLY A 352 -48.05 31.83 11.75
N ASP A 353 -49.26 32.41 11.92
CA ASP A 353 -49.78 33.41 10.98
C ASP A 353 -49.33 34.82 11.36
N ASP A 354 -48.65 34.99 12.53
CA ASP A 354 -48.11 36.27 12.99
C ASP A 354 -46.58 36.18 12.94
N PRO A 355 -45.94 36.55 11.81
CA PRO A 355 -44.47 36.40 11.72
C PRO A 355 -43.68 37.42 12.57
N GLU A 356 -44.33 38.51 13.02
CA GLU A 356 -43.71 39.49 13.92
C GLU A 356 -43.55 38.90 15.31
N ALA A 357 -44.60 38.23 15.83
CA ALA A 357 -44.59 37.57 17.13
C ALA A 357 -43.59 36.41 17.11
N CYS A 358 -43.54 35.66 15.99
CA CYS A 358 -42.63 34.53 15.78
C CYS A 358 -41.17 34.99 15.81
N ALA A 359 -40.84 36.12 15.14
CA ALA A 359 -39.49 36.69 15.11
C ALA A 359 -39.09 37.24 16.49
N TRP A 360 -40.03 37.91 17.20
CA TRP A 360 -39.83 38.47 18.54
C TRP A 360 -39.53 37.36 19.56
N VAL A 361 -40.29 36.25 19.49
CA VAL A 361 -40.14 35.08 20.38
C VAL A 361 -38.77 34.41 20.13
N ALA A 362 -38.35 34.35 18.86
CA ALA A 362 -37.06 33.77 18.45
C ALA A 362 -35.88 34.53 19.08
N ARG A 363 -35.96 35.89 19.09
CA ARG A 363 -34.92 36.76 19.65
C ARG A 363 -34.90 36.68 21.18
N LEU A 364 -36.09 36.60 21.81
CA LEU A 364 -36.23 36.44 23.27
C LEU A 364 -35.64 35.10 23.71
N ALA A 365 -35.85 34.02 22.90
CA ALA A 365 -35.33 32.68 23.16
C ALA A 365 -33.80 32.68 23.19
N VAL A 366 -33.16 33.37 22.22
CA VAL A 366 -31.70 33.46 22.14
C VAL A 366 -31.16 34.23 23.36
N ASP A 367 -31.86 35.32 23.78
CA ASP A 367 -31.47 36.13 24.94
C ASP A 367 -31.57 35.31 26.23
N PHE A 368 -32.65 34.49 26.39
CA PHE A 368 -32.81 33.63 27.56
C PHE A 368 -31.69 32.58 27.62
N ARG A 369 -31.37 31.95 26.46
CA ARG A 369 -30.31 30.95 26.34
C ARG A 369 -28.98 31.56 26.73
N GLN A 370 -28.69 32.78 26.26
CA GLN A 370 -27.44 33.48 26.57
C GLN A 370 -27.34 33.86 28.05
N ALA A 371 -28.48 34.22 28.67
CA ALA A 371 -28.52 34.63 30.07
C ALA A 371 -28.41 33.46 31.05
N PHE A 372 -29.08 32.33 30.77
CA PHE A 372 -29.12 31.24 31.75
C PHE A 372 -28.50 29.92 31.28
N LYS A 373 -27.98 29.84 30.03
CA LYS A 373 -27.31 28.64 29.48
C LYS A 373 -28.22 27.40 29.59
N LYS A 374 -29.50 27.59 29.27
CA LYS A 374 -30.51 26.53 29.35
C LYS A 374 -31.38 26.53 28.09
N ASP A 375 -32.02 25.39 27.80
CA ASP A 375 -32.90 25.18 26.65
C ASP A 375 -34.11 26.08 26.68
N VAL A 376 -34.56 26.50 25.47
CA VAL A 376 -35.76 27.31 25.23
C VAL A 376 -36.55 26.60 24.13
N VAL A 377 -37.86 26.45 24.31
CA VAL A 377 -38.68 25.74 23.33
C VAL A 377 -39.70 26.70 22.70
N ILE A 378 -39.70 26.75 21.36
CA ILE A 378 -40.65 27.53 20.58
C ILE A 378 -41.59 26.54 19.87
N ASP A 379 -42.89 26.60 20.21
CA ASP A 379 -43.95 25.79 19.62
C ASP A 379 -44.66 26.64 18.56
N MET A 380 -44.29 26.48 17.27
CA MET A 380 -44.91 27.27 16.20
C MET A 380 -46.17 26.57 15.70
N LEU A 381 -47.33 27.09 16.06
CA LEU A 381 -48.59 26.52 15.60
C LEU A 381 -48.86 26.97 14.19
N CYS A 382 -48.99 26.01 13.30
CA CYS A 382 -49.19 26.25 11.90
C CYS A 382 -50.10 25.15 11.32
N TYR A 383 -49.99 24.90 10.02
CA TYR A 383 -50.78 23.86 9.36
C TYR A 383 -49.97 23.30 8.19
N ARG A 384 -50.43 22.17 7.67
CA ARG A 384 -49.85 21.49 6.54
C ARG A 384 -50.87 21.70 5.41
N ARG A 385 -50.55 22.60 4.47
CA ARG A 385 -51.46 22.97 3.37
C ARG A 385 -51.92 21.78 2.52
N ARG A 386 -50.96 20.96 2.09
CA ARG A 386 -51.23 19.84 1.20
C ARG A 386 -51.28 18.53 1.97
N GLY A 387 -51.50 17.43 1.26
CA GLY A 387 -51.47 16.10 1.85
C GLY A 387 -50.06 15.80 2.34
N HIS A 388 -49.91 14.71 3.10
CA HIS A 388 -48.60 14.30 3.63
C HIS A 388 -47.67 13.89 2.47
N ASN A 389 -48.22 13.25 1.43
CA ASN A 389 -47.47 12.79 0.24
C ASN A 389 -48.41 12.66 -0.96
N GLU A 390 -47.85 12.34 -2.15
CA GLU A 390 -48.52 12.22 -3.45
C GLU A 390 -49.85 11.43 -3.44
N GLY A 391 -49.91 10.33 -2.71
CA GLY A 391 -51.12 9.50 -2.67
C GLY A 391 -52.06 9.81 -1.52
N ASP A 392 -51.99 11.05 -0.97
CA ASP A 392 -52.81 11.45 0.15
C ASP A 392 -53.77 12.59 -0.18
N ASP A 393 -55.06 12.34 0.05
CA ASP A 393 -56.12 13.32 0.06
C ASP A 393 -56.43 13.46 1.56
N PRO A 394 -55.89 14.51 2.23
CA PRO A 394 -56.00 14.58 3.70
C PRO A 394 -57.42 14.74 4.26
N SER A 395 -58.42 15.07 3.41
CA SER A 395 -59.83 15.15 3.84
C SER A 395 -60.44 13.73 4.06
N MET A 396 -59.73 12.65 3.62
CA MET A 396 -60.19 11.27 3.85
C MET A 396 -60.17 10.93 5.35
N THR A 397 -59.09 11.35 6.04
CA THR A 397 -58.87 11.03 7.45
C THR A 397 -59.11 12.23 8.38
N GLN A 398 -58.92 13.47 7.89
CA GLN A 398 -59.16 14.67 8.70
C GLN A 398 -60.04 15.67 7.90
N PRO A 399 -61.32 15.32 7.61
CA PRO A 399 -62.17 16.22 6.80
C PRO A 399 -62.41 17.61 7.39
N TYR A 400 -62.56 17.74 8.72
CA TYR A 400 -62.84 19.04 9.36
C TYR A 400 -61.66 19.99 9.21
N MET A 401 -60.44 19.52 9.53
CA MET A 401 -59.21 20.30 9.44
C MET A 401 -58.96 20.81 8.00
N TYR A 402 -59.12 19.93 7.01
CA TYR A 402 -58.79 20.30 5.65
C TYR A 402 -59.89 21.09 4.97
N ASP A 403 -61.12 21.13 5.51
CA ASP A 403 -62.13 22.02 4.99
C ASP A 403 -61.79 23.46 5.48
N VAL A 404 -61.14 23.58 6.67
CA VAL A 404 -60.69 24.86 7.23
C VAL A 404 -59.38 25.29 6.53
N ILE A 405 -58.45 24.34 6.24
CA ILE A 405 -57.17 24.61 5.57
C ILE A 405 -57.44 25.11 4.13
N ASP A 406 -58.47 24.56 3.46
CA ASP A 406 -58.87 24.97 2.11
C ASP A 406 -59.31 26.45 2.02
N THR A 407 -59.67 27.09 3.16
CA THR A 407 -60.06 28.50 3.19
C THR A 407 -58.86 29.41 3.56
N LYS A 408 -57.72 28.81 3.96
CA LYS A 408 -56.49 29.54 4.34
C LYS A 408 -55.75 30.03 3.10
N ARG A 409 -55.04 31.19 3.21
CA ARG A 409 -54.34 31.82 2.09
C ARG A 409 -52.79 31.92 2.25
N GLY A 410 -52.24 31.43 3.36
CA GLY A 410 -50.80 31.49 3.60
C GLY A 410 -50.35 32.73 4.37
N SER A 411 -49.22 32.63 5.08
CA SER A 411 -48.67 33.68 5.92
C SER A 411 -48.23 34.94 5.16
N ARG A 412 -47.60 34.78 3.97
CA ARG A 412 -47.13 35.90 3.13
C ARG A 412 -48.29 36.83 2.74
N LYS A 413 -49.41 36.27 2.20
CA LYS A 413 -50.58 37.05 1.79
C LYS A 413 -51.29 37.68 3.01
N ALA A 414 -51.38 36.94 4.12
CA ALA A 414 -52.02 37.40 5.37
C ALA A 414 -51.26 38.59 5.94
N TYR A 415 -49.93 38.44 6.13
CA TYR A 415 -49.04 39.46 6.68
C TYR A 415 -49.02 40.73 5.81
N THR A 416 -49.13 40.60 4.46
CA THR A 416 -49.18 41.75 3.54
C THR A 416 -50.48 42.53 3.80
N GLU A 417 -51.60 41.80 4.01
CA GLU A 417 -52.93 42.36 4.29
C GLU A 417 -52.97 43.01 5.68
N ALA A 418 -52.29 42.41 6.67
CA ALA A 418 -52.23 42.93 8.03
C ALA A 418 -51.47 44.26 8.09
N LEU A 419 -50.33 44.36 7.35
CA LEU A 419 -49.50 45.58 7.27
C LEU A 419 -50.27 46.72 6.57
N ILE A 420 -51.18 46.39 5.63
CA ILE A 420 -52.00 47.36 4.90
C ILE A 420 -53.09 47.93 5.82
N GLY A 421 -53.80 47.06 6.54
CA GLY A 421 -54.86 47.40 7.49
C GLY A 421 -54.37 48.25 8.65
N ARG A 422 -53.20 47.90 9.20
CA ARG A 422 -52.53 48.62 10.30
C ARG A 422 -52.01 49.99 9.85
N GLY A 423 -51.79 50.16 8.54
CA GLY A 423 -51.28 51.38 7.94
C GLY A 423 -49.77 51.46 7.93
N ASP A 424 -49.10 50.31 8.18
CA ASP A 424 -47.64 50.19 8.22
C ASP A 424 -47.01 50.31 6.83
N ILE A 425 -47.68 49.80 5.79
CA ILE A 425 -47.20 49.89 4.41
C ILE A 425 -48.35 50.41 3.53
N SER A 426 -48.01 51.11 2.45
CA SER A 426 -48.97 51.66 1.49
C SER A 426 -49.32 50.60 0.43
N MET A 427 -50.16 50.97 -0.56
CA MET A 427 -50.53 50.06 -1.65
C MET A 427 -49.33 49.84 -2.57
N LYS A 428 -48.51 50.90 -2.79
CA LYS A 428 -47.30 50.85 -3.63
C LYS A 428 -46.26 49.90 -3.01
N GLU A 429 -46.11 49.94 -1.66
CA GLU A 429 -45.20 49.06 -0.92
C GLU A 429 -45.71 47.62 -0.96
N ALA A 430 -47.04 47.43 -0.88
CA ALA A 430 -47.69 46.11 -0.97
C ALA A 430 -47.52 45.52 -2.37
N GLU A 431 -47.59 46.36 -3.41
CA GLU A 431 -47.40 45.95 -4.81
C GLU A 431 -45.93 45.63 -5.08
N ASP A 432 -44.99 46.42 -4.49
CA ASP A 432 -43.55 46.19 -4.61
C ASP A 432 -43.14 44.88 -3.93
N ALA A 433 -43.90 44.45 -2.89
CA ALA A 433 -43.69 43.20 -2.17
C ALA A 433 -44.10 42.02 -3.04
N LEU A 434 -45.22 42.16 -3.80
CA LEU A 434 -45.70 41.16 -4.76
C LEU A 434 -44.71 41.06 -5.92
N ARG A 435 -44.07 42.20 -6.26
CA ARG A 435 -43.04 42.29 -7.30
C ARG A 435 -41.75 41.64 -6.79
N ASP A 436 -41.49 41.72 -5.47
CA ASP A 436 -40.33 41.07 -4.84
C ASP A 436 -40.53 39.55 -4.91
N TYR A 437 -41.73 39.07 -4.53
CA TYR A 437 -42.17 37.68 -4.57
C TYR A 437 -42.01 37.09 -5.98
N GLN A 438 -42.56 37.80 -7.00
CA GLN A 438 -42.54 37.40 -8.41
C GLN A 438 -41.11 37.32 -8.94
N GLY A 439 -40.24 38.24 -8.49
CA GLY A 439 -38.83 38.28 -8.83
C GLY A 439 -38.05 37.13 -8.23
N GLN A 440 -38.39 36.74 -6.98
CA GLN A 440 -37.75 35.61 -6.30
C GLN A 440 -38.17 34.30 -6.97
N LEU A 441 -39.43 34.20 -7.40
CA LEU A 441 -39.97 33.04 -8.11
C LEU A 441 -39.28 32.89 -9.47
N GLU A 442 -39.07 34.01 -10.20
CA GLU A 442 -38.42 34.05 -11.50
C GLU A 442 -36.94 33.66 -11.40
N ARG A 443 -36.21 34.20 -10.41
CA ARG A 443 -34.78 33.95 -10.19
C ARG A 443 -34.48 32.45 -9.96
N VAL A 444 -35.28 31.74 -9.15
CA VAL A 444 -35.04 30.32 -8.89
C VAL A 444 -35.31 29.50 -10.18
N PHE A 445 -36.40 29.81 -10.92
CA PHE A 445 -36.70 29.12 -12.18
C PHE A 445 -35.59 29.35 -13.22
N ASN A 446 -35.02 30.58 -13.30
CA ASN A 446 -33.95 30.95 -14.24
C ASN A 446 -32.59 30.33 -13.88
N GLU A 447 -32.18 30.40 -12.58
CA GLU A 447 -30.89 29.86 -12.11
C GLU A 447 -30.82 28.34 -12.24
N VAL A 448 -31.96 27.66 -12.05
CA VAL A 448 -32.07 26.20 -12.17
C VAL A 448 -32.11 25.83 -13.68
N ARG A 449 -32.66 26.74 -14.52
CA ARG A 449 -32.69 26.57 -15.99
C ARG A 449 -31.27 26.65 -16.55
N GLU A 450 -30.47 27.64 -16.09
CA GLU A 450 -29.06 27.84 -16.47
C GLU A 450 -28.19 26.65 -16.02
N LEU A 451 -28.52 26.07 -14.84
CA LEU A 451 -27.84 24.90 -14.26
C LEU A 451 -28.10 23.64 -15.11
N GLU A 452 -29.33 23.48 -15.62
CA GLU A 452 -29.75 22.33 -16.45
C GLU A 452 -29.10 22.36 -17.85
N LYS A 453 -28.71 23.56 -18.33
CA LYS A 453 -28.06 23.75 -19.62
C LYS A 453 -26.62 23.22 -19.58
N HIS A 454 -25.87 23.56 -18.49
CA HIS A 454 -24.48 23.14 -18.27
C HIS A 454 -24.39 21.64 -17.99
N LEU A 472 2.29 3.60 9.92
CA LEU A 472 2.73 4.42 11.04
C LEU A 472 2.98 3.55 12.29
N ALA A 473 4.09 3.82 13.01
CA ALA A 473 4.50 3.10 14.21
C ALA A 473 3.70 3.54 15.45
N THR A 474 3.26 2.55 16.25
CA THR A 474 2.48 2.81 17.47
C THR A 474 3.30 2.51 18.74
N ALA A 475 4.52 1.97 18.59
CA ALA A 475 5.39 1.67 19.75
C ALA A 475 5.85 2.97 20.43
N VAL A 476 5.95 2.94 21.76
CA VAL A 476 6.38 4.10 22.57
C VAL A 476 7.69 3.73 23.29
N ASP A 477 8.41 4.72 23.82
CA ASP A 477 9.63 4.47 24.56
C ASP A 477 9.29 4.04 25.99
N LYS A 478 10.20 3.31 26.67
CA LYS A 478 10.02 2.84 28.05
C LYS A 478 9.78 4.01 29.02
N ALA A 479 10.42 5.17 28.77
CA ALA A 479 10.28 6.39 29.56
C ALA A 479 8.84 6.91 29.52
N MET A 480 8.12 6.66 28.41
CA MET A 480 6.71 7.04 28.22
C MET A 480 5.82 6.22 29.17
N LEU A 481 6.05 4.90 29.24
CA LEU A 481 5.32 3.99 30.13
C LEU A 481 5.54 4.38 31.57
N GLN A 482 6.83 4.64 31.93
CA GLN A 482 7.27 5.04 33.26
C GLN A 482 6.60 6.36 33.71
N ARG A 483 6.49 7.35 32.78
CA ARG A 483 5.87 8.64 33.03
C ARG A 483 4.38 8.49 33.39
N ILE A 484 3.66 7.61 32.65
CA ILE A 484 2.23 7.32 32.87
C ILE A 484 2.07 6.59 34.23
N GLY A 485 3.02 5.71 34.54
CA GLY A 485 3.06 4.99 35.81
C GLY A 485 3.27 5.93 36.98
N ASP A 486 4.27 6.84 36.86
CA ASP A 486 4.63 7.85 37.87
C ASP A 486 3.49 8.83 38.13
N ALA A 487 2.71 9.18 37.08
CA ALA A 487 1.56 10.09 37.13
C ALA A 487 0.50 9.64 38.14
N HIS A 488 0.34 8.31 38.31
CA HIS A 488 -0.61 7.70 39.24
C HIS A 488 -0.23 7.94 40.72
N LEU A 489 1.07 8.23 40.99
CA LEU A 489 1.55 8.52 42.34
C LEU A 489 1.89 10.00 42.53
N ALA A 490 1.82 10.82 41.45
CA ALA A 490 2.10 12.26 41.49
C ALA A 490 0.83 13.01 41.96
N LEU A 491 0.38 12.68 43.18
CA LEU A 491 -0.83 13.19 43.81
C LEU A 491 -0.71 14.66 44.24
N PRO A 492 -1.81 15.45 44.16
CA PRO A 492 -1.75 16.85 44.63
C PRO A 492 -1.49 16.93 46.14
N GLU A 493 -1.00 18.08 46.63
CA GLU A 493 -0.68 18.29 48.05
C GLU A 493 -1.93 18.14 48.94
N GLY A 494 -1.79 17.33 49.99
CA GLY A 494 -2.86 17.08 50.95
C GLY A 494 -3.97 16.15 50.49
N PHE A 495 -3.81 15.53 49.30
CA PHE A 495 -4.80 14.60 48.76
C PHE A 495 -4.80 13.28 49.54
N THR A 496 -6.00 12.79 49.92
CA THR A 496 -6.16 11.53 50.65
C THR A 496 -6.72 10.49 49.67
N VAL A 497 -5.91 9.47 49.33
CA VAL A 497 -6.33 8.39 48.44
C VAL A 497 -7.11 7.36 49.26
N HIS A 498 -8.18 6.79 48.67
CA HIS A 498 -8.96 5.73 49.32
C HIS A 498 -8.05 4.51 49.56
N PRO A 499 -8.09 3.88 50.76
CA PRO A 499 -7.17 2.74 51.03
C PRO A 499 -7.17 1.59 50.02
N ARG A 500 -8.28 1.40 49.27
CA ARG A 500 -8.42 0.34 48.26
C ARG A 500 -7.98 0.80 46.86
N VAL A 501 -7.79 2.11 46.68
CA VAL A 501 -7.35 2.69 45.39
C VAL A 501 -5.81 2.77 45.36
N ARG A 502 -5.18 3.14 46.51
CA ARG A 502 -3.73 3.28 46.69
C ARG A 502 -2.94 2.07 46.11
N PRO A 503 -3.30 0.76 46.37
CA PRO A 503 -2.50 -0.33 45.78
C PRO A 503 -2.57 -0.37 44.25
N VAL A 504 -3.68 0.09 43.64
CA VAL A 504 -3.84 0.14 42.18
C VAL A 504 -2.81 1.12 41.60
N LEU A 505 -2.68 2.31 42.21
CA LEU A 505 -1.73 3.35 41.79
C LEU A 505 -0.27 2.88 41.92
N GLU A 506 0.04 2.16 43.03
CA GLU A 506 1.37 1.62 43.30
C GLU A 506 1.71 0.50 42.31
N LYS A 507 0.72 -0.37 41.99
CA LYS A 507 0.86 -1.49 41.06
C LYS A 507 1.10 -0.97 39.64
N ARG A 508 0.52 0.19 39.30
CA ARG A 508 0.67 0.80 37.97
C ARG A 508 2.09 1.32 37.78
N ARG A 509 2.70 1.90 38.84
CA ARG A 509 4.10 2.34 38.80
C ARG A 509 4.98 1.09 38.65
N GLU A 510 4.66 0.00 39.39
CA GLU A 510 5.38 -1.27 39.36
C GLU A 510 5.34 -1.87 37.95
N MET A 511 4.14 -1.95 37.33
CA MET A 511 3.94 -2.50 35.99
C MET A 511 4.70 -1.70 34.93
N ALA A 512 4.70 -0.35 35.04
CA ALA A 512 5.36 0.56 34.10
C ALA A 512 6.88 0.37 34.03
N TYR A 513 7.50 -0.04 35.15
CA TYR A 513 8.95 -0.25 35.26
C TYR A 513 9.38 -1.71 35.18
N GLU A 514 8.51 -2.65 35.61
CA GLU A 514 8.89 -4.07 35.69
C GLU A 514 8.13 -5.00 34.71
N GLY A 515 6.99 -4.56 34.19
CA GLY A 515 6.22 -5.39 33.25
C GLY A 515 4.98 -6.00 33.87
N ARG A 516 4.49 -7.12 33.27
CA ARG A 516 3.25 -7.82 33.67
C ARG A 516 2.06 -6.82 33.66
N ILE A 517 2.01 -5.97 32.61
CA ILE A 517 0.99 -4.93 32.44
C ILE A 517 -0.36 -5.59 32.14
N ASP A 518 -1.38 -5.26 32.97
CA ASP A 518 -2.73 -5.79 32.83
C ASP A 518 -3.52 -4.95 31.80
N TRP A 519 -4.70 -5.44 31.38
CA TRP A 519 -5.58 -4.81 30.38
C TRP A 519 -5.90 -3.35 30.72
N ALA A 520 -6.36 -3.11 31.95
CA ALA A 520 -6.81 -1.80 32.42
C ALA A 520 -5.71 -0.75 32.32
N PHE A 521 -4.47 -1.10 32.72
CA PHE A 521 -3.34 -0.17 32.65
C PHE A 521 -2.92 0.07 31.21
N ALA A 522 -2.93 -0.99 30.36
CA ALA A 522 -2.58 -0.90 28.93
C ALA A 522 -3.47 0.11 28.22
N GLU A 523 -4.76 0.17 28.58
CA GLU A 523 -5.72 1.12 28.02
C GLU A 523 -5.29 2.55 28.35
N LEU A 524 -4.93 2.79 29.62
CA LEU A 524 -4.50 4.11 30.10
C LEU A 524 -3.13 4.48 29.57
N LEU A 525 -2.27 3.48 29.27
CA LEU A 525 -0.97 3.72 28.65
C LEU A 525 -1.18 4.24 27.23
N ALA A 526 -2.16 3.67 26.49
CA ALA A 526 -2.51 4.07 25.12
C ALA A 526 -3.06 5.49 25.08
N LEU A 527 -4.05 5.78 25.95
CA LEU A 527 -4.71 7.08 26.02
C LEU A 527 -3.75 8.14 26.56
N GLY A 528 -2.98 7.81 27.59
CA GLY A 528 -1.98 8.69 28.18
C GLY A 528 -0.89 9.13 27.21
N SER A 529 -0.39 8.18 26.40
CA SER A 529 0.65 8.47 25.39
C SER A 529 0.10 9.37 24.27
N LEU A 530 -1.19 9.18 23.89
CA LEU A 530 -1.84 10.01 22.86
C LEU A 530 -1.98 11.46 23.37
N ILE A 531 -2.34 11.65 24.66
CA ILE A 531 -2.46 12.97 25.31
C ILE A 531 -1.07 13.64 25.32
N ALA A 532 0.00 12.87 25.61
CA ALA A 532 1.40 13.34 25.64
C ALA A 532 1.86 13.78 24.24
N GLU A 533 1.29 13.18 23.18
CA GLU A 533 1.58 13.50 21.78
C GLU A 533 0.72 14.69 21.27
N GLY A 534 -0.18 15.19 22.11
CA GLY A 534 -1.03 16.34 21.80
C GLY A 534 -2.46 16.06 21.39
N LYS A 535 -2.94 14.81 21.56
CA LYS A 535 -4.30 14.45 21.17
C LYS A 535 -5.32 14.68 22.28
N LEU A 536 -6.51 15.17 21.89
CA LEU A 536 -7.65 15.32 22.80
C LEU A 536 -8.29 13.95 22.91
N VAL A 537 -8.46 13.46 24.16
CA VAL A 537 -9.06 12.16 24.40
C VAL A 537 -10.35 12.36 25.22
N ARG A 538 -11.49 11.97 24.66
CA ARG A 538 -12.78 11.99 25.33
C ARG A 538 -13.23 10.55 25.57
N LEU A 539 -13.44 10.18 26.83
CA LEU A 539 -13.87 8.84 27.25
C LEU A 539 -15.07 8.96 28.20
N SER A 540 -16.15 8.26 27.89
CA SER A 540 -17.36 8.32 28.71
C SER A 540 -18.17 7.04 28.62
N GLY A 541 -19.12 6.92 29.52
CA GLY A 541 -20.01 5.78 29.61
C GLY A 541 -20.47 5.61 31.04
N GLN A 542 -21.30 4.60 31.30
CA GLN A 542 -21.83 4.38 32.63
C GLN A 542 -20.74 3.90 33.59
N ASP A 543 -20.49 4.72 34.64
CA ASP A 543 -19.51 4.50 35.70
C ASP A 543 -18.07 4.32 35.17
N THR A 544 -17.77 4.94 34.01
CA THR A 544 -16.51 4.83 33.26
C THR A 544 -15.32 5.46 34.01
N GLN A 545 -15.54 6.47 34.88
CA GLN A 545 -14.43 7.09 35.63
C GLN A 545 -13.72 6.03 36.48
N ARG A 546 -14.49 5.22 37.22
CA ARG A 546 -13.93 4.16 38.05
C ARG A 546 -13.79 2.85 37.27
N GLY A 547 -14.77 2.59 36.39
CA GLY A 547 -14.86 1.36 35.62
C GLY A 547 -15.87 0.45 36.29
N THR A 548 -16.75 -0.19 35.49
CA THR A 548 -17.79 -1.13 35.94
C THR A 548 -17.19 -2.25 36.80
N PHE A 549 -16.00 -2.76 36.42
CA PHE A 549 -15.34 -3.88 37.11
C PHE A 549 -14.23 -3.39 38.04
N THR A 550 -14.38 -2.13 38.54
CA THR A 550 -13.47 -1.41 39.49
C THR A 550 -12.01 -1.49 38.98
N GLN A 551 -11.82 -1.45 37.65
CA GLN A 551 -10.50 -1.63 37.07
C GLN A 551 -9.84 -0.36 36.50
N ARG A 552 -10.62 0.68 36.14
CA ARG A 552 -10.01 1.82 35.47
C ARG A 552 -9.37 2.85 36.41
N HIS A 553 -10.16 3.46 37.32
CA HIS A 553 -9.71 4.52 38.24
C HIS A 553 -9.03 5.66 37.45
N ALA A 554 -9.70 6.12 36.36
CA ALA A 554 -9.25 7.22 35.49
C ALA A 554 -9.33 8.53 36.26
N VAL A 555 -10.27 8.59 37.21
CA VAL A 555 -10.51 9.67 38.15
C VAL A 555 -10.51 9.03 39.53
N ILE A 556 -9.75 9.59 40.48
CA ILE A 556 -9.73 9.09 41.85
C ILE A 556 -10.30 10.21 42.73
N VAL A 557 -11.04 9.83 43.77
CA VAL A 557 -11.78 10.76 44.62
C VAL A 557 -11.13 10.84 46.01
N ASP A 558 -10.89 12.09 46.48
CA ASP A 558 -10.30 12.35 47.81
C ASP A 558 -11.25 11.79 48.88
N ARG A 559 -10.70 10.92 49.76
CA ARG A 559 -11.44 10.22 50.81
C ARG A 559 -12.10 11.20 51.80
N LYS A 560 -11.48 12.38 52.05
CA LYS A 560 -11.97 13.36 53.01
C LYS A 560 -12.75 14.54 52.36
N THR A 561 -12.38 15.00 51.15
CA THR A 561 -13.02 16.17 50.55
C THR A 561 -13.91 15.88 49.33
N GLY A 562 -13.70 14.75 48.67
CA GLY A 562 -14.46 14.39 47.48
C GLY A 562 -13.90 15.03 46.23
N GLU A 563 -12.75 15.74 46.34
CA GLU A 563 -12.07 16.38 45.22
C GLU A 563 -11.58 15.33 44.26
N GLU A 564 -11.79 15.55 42.97
CA GLU A 564 -11.40 14.60 41.93
C GLU A 564 -9.98 14.88 41.43
N PHE A 565 -9.23 13.80 41.16
CA PHE A 565 -7.88 13.85 40.61
C PHE A 565 -7.82 12.91 39.41
N THR A 566 -7.30 13.43 38.28
CA THR A 566 -7.20 12.70 37.03
C THR A 566 -5.72 12.52 36.70
N PRO A 567 -5.12 11.36 37.04
CA PRO A 567 -3.68 11.15 36.78
C PRO A 567 -3.23 11.38 35.33
N LEU A 568 -4.01 10.93 34.32
CA LEU A 568 -3.64 11.08 32.90
C LEU A 568 -3.59 12.55 32.42
N GLN A 569 -4.25 13.49 33.14
CA GLN A 569 -4.25 14.92 32.79
C GLN A 569 -2.85 15.55 32.96
N LEU A 570 -1.96 14.93 33.78
CA LEU A 570 -0.60 15.40 33.99
C LEU A 570 0.25 15.26 32.72
N LEU A 571 -0.18 14.38 31.80
CA LEU A 571 0.52 14.12 30.53
C LEU A 571 0.19 15.18 29.47
N ALA A 572 -0.75 16.10 29.78
CA ALA A 572 -1.11 17.22 28.90
C ALA A 572 -0.04 18.33 28.99
N THR A 573 0.91 18.17 29.94
CA THR A 573 2.04 19.07 30.18
C THR A 573 3.34 18.30 29.96
N ASN A 574 4.23 18.85 29.12
CA ASN A 574 5.55 18.27 28.81
C ASN A 574 6.48 18.36 30.03
N PRO A 575 7.57 17.54 30.13
CA PRO A 575 8.48 17.65 31.30
C PRO A 575 9.09 19.05 31.49
N ASP A 576 9.19 19.85 30.41
CA ASP A 576 9.72 21.21 30.45
C ASP A 576 8.67 22.24 30.95
N GLY A 577 7.42 21.80 31.13
CA GLY A 577 6.33 22.63 31.63
C GLY A 577 5.38 23.20 30.60
N THR A 578 5.71 23.09 29.30
CA THR A 578 4.88 23.61 28.21
C THR A 578 3.70 22.65 27.92
N PRO A 579 2.53 23.13 27.45
CA PRO A 579 1.43 22.21 27.14
C PRO A 579 1.70 21.38 25.88
N THR A 580 1.18 20.14 25.85
CA THR A 580 1.33 19.24 24.69
C THR A 580 0.28 19.55 23.62
N GLY A 581 -0.82 20.16 24.04
CA GLY A 581 -1.97 20.46 23.20
C GLY A 581 -3.08 19.44 23.45
N GLY A 582 -2.73 18.36 24.15
CA GLY A 582 -3.64 17.28 24.50
C GLY A 582 -4.44 17.55 25.75
N LYS A 583 -5.47 16.71 25.99
CA LYS A 583 -6.36 16.82 27.15
C LYS A 583 -7.12 15.51 27.35
N PHE A 584 -7.47 15.22 28.62
CA PHE A 584 -8.24 14.04 28.95
C PHE A 584 -9.60 14.47 29.51
N LEU A 585 -10.68 14.10 28.81
CA LEU A 585 -12.05 14.44 29.19
C LEU A 585 -12.80 13.14 29.45
N VAL A 586 -12.87 12.76 30.73
CA VAL A 586 -13.50 11.52 31.11
C VAL A 586 -14.72 11.80 32.01
N TYR A 587 -15.86 11.23 31.62
CA TYR A 587 -17.09 11.47 32.34
C TYR A 587 -17.87 10.21 32.59
N ASN A 588 -18.68 10.25 33.65
CA ASN A 588 -19.68 9.25 33.93
C ASN A 588 -20.89 9.71 33.13
N SER A 589 -21.49 8.84 32.35
CA SER A 589 -22.64 9.22 31.56
C SER A 589 -23.94 9.08 32.37
N ALA A 590 -25.02 9.61 31.81
CA ALA A 590 -26.37 9.43 32.33
C ALA A 590 -26.75 7.97 32.02
N LEU A 591 -27.80 7.44 32.63
CA LEU A 591 -28.22 6.06 32.37
C LEU A 591 -29.01 6.03 31.04
N SER A 592 -28.25 6.24 29.95
CA SER A 592 -28.76 6.28 28.58
CA SER A 592 -28.77 6.27 28.59
C SER A 592 -27.79 5.56 27.65
N GLU A 593 -28.33 4.95 26.59
CA GLU A 593 -27.52 4.30 25.57
C GLU A 593 -27.70 5.08 24.26
N PHE A 594 -28.96 5.26 23.83
CA PHE A 594 -29.34 5.95 22.59
C PHE A 594 -28.73 7.37 22.55
N ALA A 595 -29.05 8.25 23.52
CA ALA A 595 -28.52 9.62 23.52
C ALA A 595 -27.02 9.68 23.75
N ALA A 596 -26.46 8.83 24.65
CA ALA A 596 -25.02 8.84 24.93
C ALA A 596 -24.19 8.39 23.70
N VAL A 597 -24.60 7.31 23.00
CA VAL A 597 -23.90 6.80 21.80
C VAL A 597 -24.05 7.86 20.68
N GLY A 598 -25.24 8.44 20.55
CA GLY A 598 -25.52 9.50 19.59
C GLY A 598 -24.60 10.70 19.78
N PHE A 599 -24.45 11.11 21.05
CA PHE A 599 -23.58 12.23 21.46
C PHE A 599 -22.12 11.99 21.10
N GLU A 600 -21.61 10.79 21.42
CA GLU A 600 -20.21 10.43 21.15
C GLU A 600 -19.94 10.34 19.66
N TYR A 601 -20.90 9.79 18.88
CA TYR A 601 -20.78 9.76 17.43
C TYR A 601 -20.68 11.21 16.91
N GLY A 602 -21.59 12.07 17.39
CA GLY A 602 -21.66 13.48 17.01
C GLY A 602 -20.40 14.25 17.38
N TYR A 603 -19.84 13.93 18.56
CA TYR A 603 -18.59 14.54 19.06
C TYR A 603 -17.41 14.22 18.08
N SER A 604 -17.28 12.97 17.61
CA SER A 604 -16.20 12.61 16.67
C SER A 604 -16.37 13.31 15.29
N VAL A 605 -17.63 13.62 14.88
CA VAL A 605 -17.90 14.35 13.63
C VAL A 605 -17.46 15.82 13.82
N GLY A 606 -17.81 16.41 14.97
CA GLY A 606 -17.48 17.78 15.33
C GLY A 606 -15.99 18.06 15.47
N ASN A 607 -15.21 17.06 15.92
CA ASN A 607 -13.77 17.14 16.05
C ASN A 607 -13.13 15.84 15.54
N PRO A 608 -12.76 15.78 14.23
CA PRO A 608 -12.13 14.55 13.68
C PRO A 608 -10.76 14.23 14.28
N ASP A 609 -10.09 15.21 14.90
CA ASP A 609 -8.76 15.03 15.48
C ASP A 609 -8.83 14.47 16.91
N ALA A 610 -10.04 14.39 17.48
CA ALA A 610 -10.25 13.87 18.84
C ALA A 610 -10.31 12.33 18.85
N MET A 611 -9.86 11.74 19.97
CA MET A 611 -9.96 10.31 20.25
C MET A 611 -11.24 10.18 21.09
N VAL A 612 -12.33 9.65 20.51
CA VAL A 612 -13.63 9.55 21.20
C VAL A 612 -13.99 8.10 21.47
N LEU A 613 -14.17 7.75 22.75
CA LEU A 613 -14.53 6.39 23.15
C LEU A 613 -15.78 6.38 24.02
N TRP A 614 -16.74 5.54 23.66
CA TRP A 614 -17.95 5.33 24.47
C TRP A 614 -17.90 3.92 25.00
N GLU A 615 -18.19 3.77 26.28
CA GLU A 615 -18.13 2.46 26.89
C GLU A 615 -19.50 2.01 27.42
N ALA A 616 -19.96 0.84 26.93
CA ALA A 616 -21.19 0.20 27.42
C ALA A 616 -20.89 -0.42 28.79
N GLN A 617 -21.89 -0.44 29.72
CA GLN A 617 -21.70 -1.08 31.04
C GLN A 617 -21.34 -2.57 30.80
N PHE A 618 -22.12 -3.16 29.90
CA PHE A 618 -22.00 -4.49 29.33
C PHE A 618 -22.42 -4.32 27.88
N GLY A 619 -21.78 -5.02 26.96
CA GLY A 619 -22.12 -4.93 25.53
C GLY A 619 -23.58 -5.23 25.23
N ASP A 620 -24.22 -6.01 26.10
CA ASP A 620 -25.62 -6.44 26.02
C ASP A 620 -26.63 -5.28 26.01
N PHE A 621 -26.22 -4.09 26.52
CA PHE A 621 -27.11 -2.94 26.63
C PHE A 621 -26.96 -1.97 25.44
N VAL A 622 -25.99 -2.20 24.54
CA VAL A 622 -25.78 -1.32 23.37
C VAL A 622 -26.97 -1.43 22.36
N ASN A 623 -27.81 -2.48 22.43
CA ASN A 623 -28.98 -2.59 21.54
C ASN A 623 -30.03 -1.46 21.82
N GLY A 624 -29.89 -0.76 22.95
CA GLY A 624 -30.71 0.41 23.29
C GLY A 624 -30.35 1.59 22.40
N ALA A 625 -29.16 1.50 21.75
CA ALA A 625 -28.63 2.52 20.82
C ALA A 625 -28.60 2.00 19.37
N GLN A 626 -29.41 0.96 19.06
CA GLN A 626 -29.43 0.34 17.73
C GLN A 626 -29.68 1.34 16.59
N SER A 627 -30.59 2.32 16.78
CA SER A 627 -30.86 3.34 15.76
C SER A 627 -29.58 4.13 15.42
N ILE A 628 -28.75 4.49 16.42
CA ILE A 628 -27.51 5.23 16.17
C ILE A 628 -26.50 4.34 15.43
N ILE A 629 -26.34 3.07 15.88
CA ILE A 629 -25.43 2.12 15.24
C ILE A 629 -25.83 1.91 13.77
N ASP A 630 -27.11 1.58 13.50
CA ASP A 630 -27.62 1.33 12.15
C ASP A 630 -27.63 2.55 11.23
N GLU A 631 -28.10 3.70 11.76
CA GLU A 631 -28.33 4.87 10.93
C GLU A 631 -27.18 5.86 10.83
N PHE A 632 -26.27 5.87 11.81
CA PHE A 632 -25.17 6.83 11.78
C PHE A 632 -23.80 6.17 11.70
N ILE A 633 -23.42 5.38 12.73
CA ILE A 633 -22.09 4.79 12.87
C ILE A 633 -21.70 3.89 11.68
N SER A 634 -22.48 2.83 11.43
CA SER A 634 -22.18 1.84 10.40
C SER A 634 -22.37 2.32 8.95
N SER A 635 -23.22 3.34 8.74
CA SER A 635 -23.64 3.72 7.39
C SER A 635 -23.47 5.18 6.95
N GLY A 636 -23.22 6.11 7.88
CA GLY A 636 -23.07 7.53 7.59
C GLY A 636 -22.09 7.90 6.48
N GLU A 637 -20.94 7.22 6.40
CA GLU A 637 -19.92 7.46 5.39
C GLU A 637 -20.43 7.18 3.96
N ALA A 638 -21.01 6.00 3.71
CA ALA A 638 -21.52 5.61 2.40
C ALA A 638 -22.74 6.41 1.99
N LYS A 639 -23.63 6.73 2.95
CA LYS A 639 -24.86 7.46 2.64
C LYS A 639 -24.63 8.96 2.44
N TRP A 640 -23.83 9.60 3.30
CA TRP A 640 -23.70 11.07 3.23
C TRP A 640 -22.27 11.60 3.10
N GLY A 641 -21.27 10.72 3.02
CA GLY A 641 -19.87 11.14 2.98
C GLY A 641 -19.44 11.73 4.32
N GLN A 642 -20.19 11.44 5.40
CA GLN A 642 -19.93 11.94 6.76
C GLN A 642 -19.09 10.92 7.48
N LEU A 643 -17.92 11.33 7.97
CA LEU A 643 -16.94 10.45 8.59
C LEU A 643 -16.94 10.58 10.11
N SER A 644 -16.70 9.45 10.79
CA SER A 644 -16.63 9.34 12.25
C SER A 644 -15.51 8.39 12.65
N ASP A 645 -14.76 8.76 13.69
CA ASP A 645 -13.70 7.91 14.24
C ASP A 645 -14.10 7.42 15.64
N VAL A 646 -15.41 7.39 15.96
CA VAL A 646 -15.92 6.99 17.27
C VAL A 646 -15.53 5.52 17.60
N VAL A 647 -15.19 5.27 18.87
CA VAL A 647 -14.85 3.96 19.40
C VAL A 647 -15.98 3.49 20.32
N LEU A 648 -16.46 2.26 20.13
CA LEU A 648 -17.43 1.65 21.04
C LEU A 648 -16.75 0.51 21.76
N LEU A 649 -16.68 0.60 23.10
CA LEU A 649 -16.08 -0.41 23.97
C LEU A 649 -17.23 -1.25 24.55
N LEU A 650 -17.28 -2.54 24.18
CA LEU A 650 -18.38 -3.42 24.57
C LEU A 650 -17.92 -4.62 25.41
N PRO A 651 -18.05 -4.57 26.77
CA PRO A 651 -17.66 -5.73 27.60
C PRO A 651 -18.45 -6.96 27.19
N HIS A 652 -17.72 -8.01 26.83
CA HIS A 652 -18.24 -9.24 26.24
C HIS A 652 -17.51 -10.47 26.78
N GLY A 653 -18.25 -11.57 26.92
CA GLY A 653 -17.68 -12.84 27.38
C GLY A 653 -18.65 -13.75 28.12
N HIS A 654 -18.58 -15.07 27.83
CA HIS A 654 -19.43 -16.08 28.49
C HIS A 654 -18.80 -16.44 29.83
N GLU A 655 -19.45 -16.01 30.92
CA GLU A 655 -18.95 -16.21 32.29
C GLU A 655 -20.03 -16.74 33.25
N GLY A 656 -21.21 -17.07 32.71
CA GLY A 656 -22.33 -17.59 33.51
C GLY A 656 -23.17 -16.54 34.21
N GLN A 657 -23.11 -15.28 33.74
CA GLN A 657 -23.87 -14.18 34.36
C GLN A 657 -25.20 -13.87 33.61
N GLY A 658 -25.65 -14.78 32.76
CA GLY A 658 -26.94 -14.64 32.09
C GLY A 658 -26.95 -13.97 30.74
N PRO A 659 -28.11 -13.99 30.05
CA PRO A 659 -28.20 -13.44 28.67
C PRO A 659 -28.06 -11.92 28.50
N ASP A 660 -28.01 -11.14 29.60
CA ASP A 660 -27.85 -9.69 29.52
C ASP A 660 -26.55 -9.23 30.12
N HIS A 661 -25.66 -10.17 30.44
CA HIS A 661 -24.32 -9.90 30.96
C HIS A 661 -23.33 -10.85 30.28
N THR A 662 -23.56 -11.15 28.98
CA THR A 662 -22.70 -12.07 28.27
C THR A 662 -22.24 -11.57 26.88
N SER A 663 -23.14 -10.95 26.08
CA SER A 663 -22.77 -10.67 24.70
C SER A 663 -23.02 -9.23 24.22
N GLY A 664 -22.07 -8.74 23.43
CA GLY A 664 -22.16 -7.44 22.76
C GLY A 664 -22.67 -7.63 21.33
N ARG A 665 -23.12 -8.86 21.01
CA ARG A 665 -23.67 -9.32 19.73
C ARG A 665 -22.69 -9.05 18.57
N ILE A 666 -21.54 -9.76 18.61
CA ILE A 666 -20.48 -9.70 17.57
C ILE A 666 -21.11 -9.89 16.18
N GLU A 667 -22.00 -10.91 16.05
CA GLU A 667 -22.68 -11.31 14.81
C GLU A 667 -23.44 -10.16 14.15
N ARG A 668 -24.05 -9.25 14.94
CA ARG A 668 -24.80 -8.11 14.42
C ARG A 668 -23.86 -7.07 13.82
N PHE A 669 -22.73 -6.76 14.49
CA PHE A 669 -21.75 -5.79 13.98
C PHE A 669 -21.07 -6.33 12.72
N LEU A 670 -20.78 -7.66 12.68
CA LEU A 670 -20.16 -8.30 11.51
C LEU A 670 -21.11 -8.32 10.32
N GLN A 671 -22.43 -8.41 10.58
CA GLN A 671 -23.49 -8.39 9.56
C GLN A 671 -23.63 -6.99 8.96
N LEU A 672 -23.50 -5.94 9.81
CA LEU A 672 -23.58 -4.53 9.38
C LEU A 672 -22.37 -4.11 8.55
N TRP A 673 -21.21 -4.69 8.85
CA TRP A 673 -19.93 -4.38 8.20
C TRP A 673 -19.95 -4.64 6.70
N ALA A 674 -19.32 -3.71 5.97
CA ALA A 674 -18.97 -3.73 4.54
C ALA A 674 -17.61 -3.07 4.41
N GLU A 675 -16.81 -3.46 3.40
CA GLU A 675 -15.44 -2.97 3.21
C GLU A 675 -15.32 -1.45 3.41
N GLY A 676 -14.46 -1.06 4.34
CA GLY A 676 -14.16 0.33 4.68
C GLY A 676 -15.17 1.05 5.54
N SER A 677 -16.17 0.34 6.10
CA SER A 677 -17.18 1.02 6.92
C SER A 677 -16.75 1.08 8.39
N MET A 678 -16.28 -0.04 8.96
CA MET A 678 -15.86 -0.12 10.37
C MET A 678 -14.69 -1.06 10.55
N THR A 679 -14.04 -0.97 11.73
CA THR A 679 -13.01 -1.88 12.21
C THR A 679 -13.63 -2.59 13.41
N ILE A 680 -13.60 -3.93 13.42
CA ILE A 680 -14.18 -4.72 14.51
C ILE A 680 -13.08 -5.62 15.07
N ALA A 681 -12.82 -5.52 16.38
CA ALA A 681 -11.75 -6.28 17.01
C ALA A 681 -12.14 -6.87 18.37
N MET A 682 -11.49 -7.97 18.75
CA MET A 682 -11.65 -8.60 20.05
C MET A 682 -10.24 -9.01 20.50
N PRO A 683 -9.46 -8.05 21.06
CA PRO A 683 -8.08 -8.37 21.48
C PRO A 683 -8.05 -9.30 22.68
N SER A 684 -7.00 -10.16 22.72
CA SER A 684 -6.79 -11.14 23.78
C SER A 684 -5.68 -10.73 24.75
N THR A 685 -4.86 -9.73 24.39
CA THR A 685 -3.76 -9.29 25.25
C THR A 685 -3.79 -7.78 25.51
N PRO A 686 -3.30 -7.32 26.69
CA PRO A 686 -3.27 -5.88 26.98
C PRO A 686 -2.47 -5.07 25.95
N ALA A 687 -1.28 -5.56 25.53
CA ALA A 687 -0.44 -4.88 24.55
C ALA A 687 -1.09 -4.74 23.18
N ASN A 688 -1.82 -5.77 22.71
CA ASN A 688 -2.48 -5.71 21.40
C ASN A 688 -3.64 -4.71 21.41
N TYR A 689 -4.29 -4.54 22.58
CA TYR A 689 -5.36 -3.56 22.75
C TYR A 689 -4.77 -2.14 22.72
N PHE A 690 -3.62 -1.95 23.41
CA PHE A 690 -2.84 -0.70 23.45
C PHE A 690 -2.50 -0.24 22.03
N HIS A 691 -1.96 -1.15 21.19
CA HIS A 691 -1.57 -0.87 19.82
C HIS A 691 -2.79 -0.64 18.92
N LEU A 692 -3.91 -1.33 19.19
CA LEU A 692 -5.17 -1.16 18.47
C LEU A 692 -5.71 0.28 18.66
N LEU A 693 -5.66 0.79 19.92
CA LEU A 693 -6.12 2.15 20.25
C LEU A 693 -5.19 3.21 19.67
N ARG A 694 -3.87 2.98 19.72
CA ARG A 694 -2.90 3.92 19.17
C ARG A 694 -2.96 3.95 17.65
N ARG A 695 -3.14 2.79 16.98
CA ARG A 695 -3.29 2.72 15.51
C ARG A 695 -4.51 3.53 15.11
N HIS A 696 -5.65 3.30 15.82
CA HIS A 696 -6.92 3.97 15.58
C HIS A 696 -6.81 5.50 15.66
N GLY A 697 -6.13 6.01 16.68
CA GLY A 697 -5.97 7.45 16.85
C GLY A 697 -4.93 8.11 15.97
N LYS A 698 -3.99 7.34 15.39
CA LYS A 698 -2.86 7.88 14.62
C LYS A 698 -2.86 7.53 13.11
N ASP A 699 -3.76 6.64 12.64
CA ASP A 699 -3.79 6.18 11.23
C ASP A 699 -4.27 7.25 10.20
N GLY A 700 -4.83 8.36 10.70
CA GLY A 700 -5.33 9.45 9.85
C GLY A 700 -6.55 9.09 9.03
N ILE A 701 -7.24 8.00 9.41
CA ILE A 701 -8.44 7.47 8.76
C ILE A 701 -9.62 7.65 9.73
N GLN A 702 -10.74 8.22 9.24
CA GLN A 702 -11.92 8.41 10.07
C GLN A 702 -12.86 7.23 9.81
N ARG A 703 -12.82 6.25 10.71
CA ARG A 703 -13.57 5.00 10.63
C ARG A 703 -13.92 4.49 12.02
N PRO A 704 -15.19 4.14 12.31
CA PRO A 704 -15.52 3.66 13.66
C PRO A 704 -14.84 2.34 14.02
N LEU A 705 -14.52 2.20 15.32
CA LEU A 705 -13.88 1.02 15.87
C LEU A 705 -14.80 0.39 16.92
N ILE A 706 -15.11 -0.90 16.74
CA ILE A 706 -15.95 -1.69 17.65
C ILE A 706 -15.03 -2.68 18.38
N VAL A 707 -14.90 -2.53 19.71
CA VAL A 707 -14.03 -3.40 20.50
C VAL A 707 -14.86 -4.21 21.49
N PHE A 708 -14.73 -5.54 21.45
CA PHE A 708 -15.35 -6.45 22.42
C PHE A 708 -14.29 -6.65 23.48
N THR A 709 -14.52 -6.00 24.64
CA THR A 709 -13.59 -5.90 25.75
C THR A 709 -13.86 -6.96 26.87
N PRO A 710 -12.86 -7.25 27.73
CA PRO A 710 -13.04 -8.32 28.72
C PRO A 710 -13.69 -7.89 30.03
N LYS A 711 -14.03 -8.90 30.86
CA LYS A 711 -14.63 -8.73 32.17
C LYS A 711 -13.75 -9.47 33.19
N SER A 712 -13.86 -10.80 33.33
CA SER A 712 -12.99 -11.55 34.23
C SER A 712 -11.53 -11.62 33.70
N MET A 713 -11.34 -11.53 32.36
CA MET A 713 -10.00 -11.56 31.73
C MET A 713 -9.15 -10.34 32.14
N LEU A 714 -9.77 -9.26 32.67
CA LEU A 714 -9.08 -8.08 33.22
C LEU A 714 -8.12 -8.49 34.34
N ARG A 715 -8.50 -9.53 35.11
CA ARG A 715 -7.72 -9.99 36.25
C ARG A 715 -7.11 -11.38 36.00
N ASN A 716 -7.17 -11.89 34.75
CA ASN A 716 -6.52 -13.16 34.39
C ASN A 716 -5.01 -12.89 34.39
N LYS A 717 -4.28 -13.58 35.27
CA LYS A 717 -2.84 -13.43 35.48
C LYS A 717 -2.03 -13.87 34.24
N ALA A 718 -2.61 -14.71 33.36
CA ALA A 718 -1.96 -15.15 32.12
C ALA A 718 -2.16 -14.07 31.02
N ALA A 719 -3.20 -13.23 31.16
CA ALA A 719 -3.54 -12.18 30.20
C ALA A 719 -2.83 -10.85 30.56
N VAL A 720 -1.49 -10.88 30.61
CA VAL A 720 -0.63 -9.74 30.92
C VAL A 720 0.44 -9.61 29.83
N SER A 721 1.04 -8.42 29.68
CA SER A 721 2.03 -8.18 28.65
C SER A 721 3.35 -7.62 29.20
N ASP A 722 4.44 -7.90 28.46
CA ASP A 722 5.80 -7.45 28.78
C ASP A 722 6.02 -6.04 28.24
N ILE A 723 7.01 -5.32 28.79
CA ILE A 723 7.36 -3.95 28.38
C ILE A 723 7.68 -3.90 26.87
N ARG A 724 8.46 -4.90 26.35
CA ARG A 724 8.87 -5.01 24.95
C ARG A 724 7.67 -5.10 23.97
N ASP A 725 6.52 -5.61 24.44
CA ASP A 725 5.30 -5.72 23.64
C ASP A 725 4.72 -4.31 23.34
N PHE A 726 5.05 -3.32 24.19
CA PHE A 726 4.62 -1.92 24.04
C PHE A 726 5.68 -1.07 23.36
N THR A 727 6.97 -1.36 23.65
CA THR A 727 8.10 -0.57 23.16
C THR A 727 8.71 -1.05 21.83
N GLU A 728 8.61 -2.35 21.49
CA GLU A 728 9.23 -2.83 20.23
C GLU A 728 8.28 -3.71 19.42
N SER A 729 6.99 -3.40 19.45
CA SER A 729 6.02 -4.16 18.67
C SER A 729 4.96 -3.23 18.05
N LYS A 730 3.95 -3.83 17.40
CA LYS A 730 2.84 -3.15 16.73
C LYS A 730 1.58 -4.01 16.87
N PHE A 731 0.44 -3.53 16.35
CA PHE A 731 -0.81 -4.30 16.41
C PHE A 731 -0.69 -5.54 15.55
N ARG A 732 -1.13 -6.67 16.09
CA ARG A 732 -1.10 -7.95 15.41
C ARG A 732 -2.53 -8.40 15.19
N SER A 733 -2.97 -8.42 13.93
CA SER A 733 -4.32 -8.82 13.53
C SER A 733 -4.55 -10.31 13.76
N VAL A 734 -3.45 -11.09 13.69
CA VAL A 734 -3.41 -12.54 13.88
C VAL A 734 -2.31 -12.85 14.89
N LEU A 735 -2.60 -13.66 15.92
CA LEU A 735 -1.61 -14.03 16.93
C LEU A 735 -1.45 -15.53 17.04
N GLU A 736 -0.18 -15.97 17.12
CA GLU A 736 0.21 -17.35 17.35
C GLU A 736 0.54 -17.53 18.81
N GLU A 737 0.65 -18.79 19.24
CA GLU A 737 1.04 -19.14 20.61
C GLU A 737 2.50 -18.74 20.83
N PRO A 738 2.85 -18.14 21.99
CA PRO A 738 4.26 -17.75 22.25
C PRO A 738 5.28 -18.90 22.16
N MET A 739 4.85 -20.18 22.30
CA MET A 739 5.74 -21.34 22.22
C MET A 739 6.33 -21.52 20.79
N TYR A 740 5.66 -21.00 19.75
CA TYR A 740 6.11 -21.13 18.37
C TYR A 740 6.91 -19.90 17.92
N THR A 741 6.57 -18.70 18.43
CA THR A 741 7.23 -17.44 18.06
C THR A 741 8.45 -17.13 18.95
N ASP A 742 8.42 -17.56 20.23
CA ASP A 742 9.51 -17.27 21.18
C ASP A 742 10.03 -18.51 21.91
N GLY A 743 9.21 -19.56 22.00
CA GLY A 743 9.57 -20.78 22.70
C GLY A 743 10.25 -21.85 21.86
N GLU A 744 10.19 -23.11 22.35
CA GLU A 744 10.80 -24.27 21.72
C GLU A 744 9.77 -25.20 21.02
N GLY A 745 8.56 -24.68 20.78
CA GLY A 745 7.50 -25.42 20.11
C GLY A 745 7.77 -25.75 18.66
N ASP A 746 7.28 -26.91 18.19
CA ASP A 746 7.45 -27.36 16.80
C ASP A 746 6.11 -27.34 16.06
N ARG A 747 5.99 -26.43 15.08
CA ARG A 747 4.81 -26.24 14.22
C ARG A 747 4.52 -27.46 13.33
N ASN A 748 5.55 -28.26 13.01
CA ASN A 748 5.44 -29.43 12.13
C ASN A 748 4.72 -30.62 12.79
N LYS A 749 4.61 -30.62 14.13
CA LYS A 749 3.91 -31.67 14.89
C LYS A 749 2.38 -31.44 14.87
N VAL A 750 1.94 -30.23 14.50
CA VAL A 750 0.53 -29.82 14.51
C VAL A 750 -0.27 -30.48 13.36
N THR A 751 -1.35 -31.19 13.73
CA THR A 751 -2.27 -31.86 12.81
C THR A 751 -3.68 -31.25 12.91
N ARG A 752 -4.01 -30.64 14.08
CA ARG A 752 -5.29 -30.00 14.32
C ARG A 752 -5.08 -28.52 14.62
N LEU A 753 -5.76 -27.65 13.86
CA LEU A 753 -5.63 -26.22 14.08
C LEU A 753 -6.94 -25.64 14.61
N LEU A 754 -6.85 -24.94 15.74
CA LEU A 754 -8.01 -24.29 16.35
C LEU A 754 -7.90 -22.78 16.13
N LEU A 755 -8.89 -22.22 15.43
CA LEU A 755 -8.97 -20.78 15.17
C LEU A 755 -9.97 -20.20 16.14
N THR A 756 -9.56 -19.15 16.86
CA THR A 756 -10.43 -18.57 17.88
C THR A 756 -10.20 -17.06 18.01
N SER A 757 -10.91 -16.45 18.97
CA SER A 757 -10.83 -15.04 19.32
C SER A 757 -11.28 -14.87 20.77
N GLY A 758 -10.66 -13.93 21.48
CA GLY A 758 -11.06 -13.62 22.85
C GLY A 758 -10.43 -14.49 23.93
N LYS A 759 -11.02 -14.42 25.14
CA LYS A 759 -10.54 -15.08 26.36
C LYS A 759 -10.54 -16.63 26.29
N ILE A 760 -11.35 -17.26 25.41
CA ILE A 760 -11.37 -18.73 25.36
C ILE A 760 -9.98 -19.30 24.96
N TYR A 761 -9.10 -18.46 24.35
CA TYR A 761 -7.74 -18.84 24.00
C TYR A 761 -6.98 -19.39 25.21
N TYR A 762 -7.06 -18.66 26.36
CA TYR A 762 -6.36 -19.02 27.59
C TYR A 762 -6.80 -20.37 28.14
N GLU A 763 -8.11 -20.67 28.02
CA GLU A 763 -8.71 -21.94 28.44
C GLU A 763 -8.23 -23.08 27.54
N LEU A 764 -8.14 -22.81 26.21
CA LEU A 764 -7.67 -23.79 25.23
C LEU A 764 -6.18 -24.05 25.41
N ALA A 765 -5.39 -22.98 25.70
CA ALA A 765 -3.94 -23.08 25.93
C ALA A 765 -3.63 -23.84 27.21
N ALA A 766 -4.44 -23.65 28.29
CA ALA A 766 -4.27 -24.34 29.57
C ALA A 766 -4.48 -25.85 29.41
N ARG A 767 -5.51 -26.26 28.65
CA ARG A 767 -5.83 -27.67 28.36
C ARG A 767 -4.70 -28.32 27.54
N LYS A 768 -4.17 -27.58 26.53
CA LYS A 768 -3.08 -28.02 25.67
C LYS A 768 -1.81 -28.30 26.52
N ALA A 769 -1.50 -27.38 27.46
CA ALA A 769 -0.37 -27.48 28.38
C ALA A 769 -0.54 -28.65 29.38
N LYS A 770 -1.78 -28.88 29.86
CA LYS A 770 -2.11 -29.94 30.82
C LYS A 770 -1.90 -31.34 30.24
N GLU A 771 -2.28 -31.56 28.96
CA GLU A 771 -2.17 -32.85 28.28
C GLU A 771 -0.93 -32.96 27.38
N ASN A 772 -0.10 -31.89 27.29
CA ASN A 772 1.08 -31.78 26.42
C ASN A 772 0.66 -32.12 24.96
N ARG A 773 -0.34 -31.38 24.43
CA ARG A 773 -0.89 -31.61 23.09
C ARG A 773 -0.11 -30.84 22.01
N GLU A 774 1.02 -31.39 21.56
CA GLU A 774 1.88 -30.81 20.53
C GLU A 774 1.24 -30.90 19.14
N ASP A 775 0.24 -31.79 18.99
CA ASP A 775 -0.51 -32.05 17.76
C ASP A 775 -1.60 -30.97 17.51
N VAL A 776 -1.86 -30.10 18.50
CA VAL A 776 -2.87 -29.05 18.43
C VAL A 776 -2.24 -27.65 18.57
N ALA A 777 -2.64 -26.70 17.69
CA ALA A 777 -2.21 -25.31 17.71
C ALA A 777 -3.41 -24.38 17.77
N ILE A 778 -3.29 -23.26 18.50
CA ILE A 778 -4.37 -22.28 18.67
C ILE A 778 -3.94 -20.95 18.02
N VAL A 779 -4.73 -20.49 17.03
CA VAL A 779 -4.44 -19.24 16.30
C VAL A 779 -5.58 -18.26 16.59
N ARG A 780 -5.22 -17.05 17.04
CA ARG A 780 -6.19 -16.01 17.39
C ARG A 780 -6.41 -15.00 16.26
N ILE A 781 -7.67 -14.72 15.97
CA ILE A 781 -8.07 -13.67 15.01
C ILE A 781 -8.44 -12.47 15.88
N GLU A 782 -7.50 -11.52 16.01
CA GLU A 782 -7.65 -10.32 16.85
C GLU A 782 -8.53 -9.28 16.19
N GLN A 783 -8.34 -9.08 14.88
CA GLN A 783 -9.11 -8.15 14.05
C GLN A 783 -10.15 -8.96 13.29
N LEU A 784 -11.42 -8.89 13.70
CA LEU A 784 -12.52 -9.67 13.10
C LEU A 784 -12.97 -9.10 11.76
N ALA A 785 -12.91 -7.77 11.60
CA ALA A 785 -13.27 -7.07 10.37
C ALA A 785 -12.43 -5.78 10.22
N PRO A 786 -11.77 -5.54 9.05
CA PRO A 786 -11.71 -6.40 7.85
C PRO A 786 -10.91 -7.66 8.16
N LEU A 787 -11.32 -8.82 7.60
CA LEU A 787 -10.61 -10.08 7.82
C LEU A 787 -9.16 -9.93 7.35
N PRO A 788 -8.18 -10.22 8.22
CA PRO A 788 -6.77 -10.07 7.80
C PRO A 788 -6.34 -11.27 6.97
N ARG A 789 -6.84 -11.31 5.72
CA ARG A 789 -6.64 -12.37 4.72
C ARG A 789 -5.17 -12.77 4.55
N ARG A 790 -4.28 -11.80 4.26
CA ARG A 790 -2.85 -12.05 4.03
C ARG A 790 -2.15 -12.59 5.28
N ARG A 791 -2.35 -11.96 6.44
CA ARG A 791 -1.73 -12.37 7.70
C ARG A 791 -2.22 -13.77 8.14
N LEU A 792 -3.51 -14.08 7.88
CA LEU A 792 -4.11 -15.38 8.20
C LEU A 792 -3.50 -16.47 7.31
N ALA A 793 -3.38 -16.21 5.99
CA ALA A 793 -2.81 -17.11 5.01
C ALA A 793 -1.34 -17.43 5.33
N GLU A 794 -0.53 -16.39 5.64
CA GLU A 794 0.89 -16.53 5.98
C GLU A 794 1.09 -17.36 7.27
N THR A 795 0.21 -17.17 8.27
CA THR A 795 0.25 -17.87 9.56
C THR A 795 -0.05 -19.37 9.36
N LEU A 796 -1.15 -19.70 8.65
CA LEU A 796 -1.57 -21.08 8.39
C LEU A 796 -0.55 -21.87 7.55
N ASP A 797 0.18 -21.18 6.64
CA ASP A 797 1.20 -21.77 5.78
C ASP A 797 2.40 -22.31 6.58
N ARG A 798 2.58 -21.83 7.83
CA ARG A 798 3.64 -22.24 8.74
C ARG A 798 3.31 -23.57 9.46
N TYR A 799 2.09 -24.11 9.24
CA TYR A 799 1.62 -25.39 9.81
C TYR A 799 1.30 -26.34 8.64
N PRO A 800 2.31 -27.00 8.02
CA PRO A 800 2.03 -27.79 6.81
C PRO A 800 1.36 -29.16 7.02
N ASN A 801 1.40 -29.71 8.24
CA ASN A 801 0.84 -31.04 8.50
C ASN A 801 -0.57 -31.02 9.10
N VAL A 802 -1.28 -29.88 8.99
CA VAL A 802 -2.64 -29.72 9.48
C VAL A 802 -3.61 -30.52 8.57
N LYS A 803 -4.42 -31.40 9.17
CA LYS A 803 -5.39 -32.24 8.48
C LYS A 803 -6.83 -31.77 8.75
N GLU A 804 -7.04 -30.99 9.83
CA GLU A 804 -8.37 -30.49 10.19
C GLU A 804 -8.27 -29.11 10.89
N LYS A 805 -9.21 -28.21 10.52
CA LYS A 805 -9.31 -26.86 11.09
C LYS A 805 -10.68 -26.65 11.69
N PHE A 806 -10.72 -26.01 12.88
CA PHE A 806 -11.95 -25.72 13.59
C PHE A 806 -12.01 -24.29 14.09
N TRP A 807 -13.17 -23.64 13.90
CA TRP A 807 -13.42 -22.32 14.46
C TRP A 807 -14.07 -22.56 15.82
N VAL A 808 -13.38 -22.14 16.90
CA VAL A 808 -13.83 -22.34 18.28
C VAL A 808 -14.31 -21.01 18.86
N GLN A 809 -15.54 -21.02 19.40
CA GLN A 809 -16.16 -19.85 20.00
C GLN A 809 -17.07 -20.24 21.17
N GLU A 810 -17.24 -19.31 22.10
CA GLU A 810 -18.09 -19.48 23.27
C GLU A 810 -19.55 -19.27 22.91
N GLU A 811 -19.81 -18.41 21.94
CA GLU A 811 -21.15 -17.98 21.55
C GLU A 811 -21.95 -19.08 20.88
N PRO A 812 -23.31 -19.06 21.00
CA PRO A 812 -24.14 -20.03 20.26
C PRO A 812 -23.83 -20.04 18.77
N ALA A 813 -24.11 -21.17 18.08
CA ALA A 813 -23.84 -21.40 16.65
C ALA A 813 -24.39 -20.29 15.71
N ASN A 814 -25.52 -19.67 16.06
CA ASN A 814 -26.14 -18.61 15.26
C ASN A 814 -25.63 -17.22 15.68
N GLN A 815 -24.62 -17.19 16.57
CA GLN A 815 -24.05 -15.96 17.12
C GLN A 815 -22.53 -16.00 17.05
N GLY A 816 -21.89 -14.93 17.53
CA GLY A 816 -20.44 -14.78 17.48
C GLY A 816 -19.97 -14.57 16.05
N ALA A 817 -18.72 -14.98 15.76
CA ALA A 817 -18.12 -14.80 14.44
C ALA A 817 -18.49 -15.90 13.43
N TRP A 818 -18.96 -17.08 13.88
CA TRP A 818 -19.25 -18.21 12.98
C TRP A 818 -20.26 -17.89 11.83
N PRO A 819 -21.46 -17.26 12.04
CA PRO A 819 -22.36 -17.03 10.89
C PRO A 819 -21.70 -16.31 9.72
N SER A 820 -20.78 -15.36 9.97
CA SER A 820 -20.07 -14.66 8.89
C SER A 820 -18.79 -15.40 8.47
N PHE A 821 -17.94 -15.84 9.44
CA PHE A 821 -16.66 -16.53 9.18
C PHE A 821 -16.86 -17.87 8.47
N GLY A 822 -17.88 -18.63 8.87
CA GLY A 822 -18.21 -19.93 8.29
C GLY A 822 -18.58 -19.84 6.82
N LEU A 823 -19.05 -18.66 6.39
CA LEU A 823 -19.46 -18.38 5.01
C LEU A 823 -18.36 -17.64 4.23
N THR A 824 -17.61 -16.72 4.89
CA THR A 824 -16.58 -15.90 4.24
C THR A 824 -15.21 -16.62 4.11
N LEU A 825 -14.69 -17.24 5.20
CA LEU A 825 -13.37 -17.89 5.19
C LEU A 825 -13.20 -18.96 4.07
N PRO A 826 -14.15 -19.92 3.81
CA PRO A 826 -13.92 -20.87 2.69
C PRO A 826 -13.99 -20.21 1.31
N GLU A 827 -14.53 -18.97 1.22
CA GLU A 827 -14.65 -18.23 -0.03
C GLU A 827 -13.38 -17.42 -0.31
N ILE A 828 -12.91 -16.62 0.68
CA ILE A 828 -11.73 -15.74 0.53
C ILE A 828 -10.42 -16.55 0.54
N LEU A 829 -10.38 -17.69 1.27
CA LEU A 829 -9.20 -18.54 1.33
C LEU A 829 -9.60 -20.03 1.11
N PRO A 830 -9.99 -20.43 -0.13
CA PRO A 830 -10.41 -21.83 -0.36
C PRO A 830 -9.31 -22.87 -0.12
N ASP A 831 -8.03 -22.53 -0.33
CA ASP A 831 -6.92 -23.47 -0.13
C ASP A 831 -6.63 -23.70 1.37
N HIS A 832 -7.16 -22.83 2.24
CA HIS A 832 -6.93 -22.93 3.68
C HIS A 832 -8.18 -23.34 4.46
N PHE A 833 -9.37 -22.82 4.10
CA PHE A 833 -10.57 -23.05 4.91
C PHE A 833 -11.67 -23.93 4.28
N THR A 834 -11.38 -24.68 3.20
CA THR A 834 -12.37 -25.62 2.66
C THR A 834 -12.41 -26.79 3.65
N GLY A 835 -13.60 -27.08 4.15
CA GLY A 835 -13.79 -28.14 5.14
C GLY A 835 -13.75 -27.66 6.58
N LEU A 836 -13.65 -26.32 6.80
CA LEU A 836 -13.63 -25.70 8.14
C LEU A 836 -14.91 -26.06 8.90
N LYS A 837 -14.74 -26.55 10.15
CA LYS A 837 -15.84 -26.97 11.01
C LYS A 837 -15.98 -26.06 12.23
N ARG A 838 -17.18 -26.03 12.83
CA ARG A 838 -17.50 -25.19 13.97
C ARG A 838 -17.53 -25.98 15.30
N ILE A 839 -16.96 -25.38 16.36
CA ILE A 839 -17.02 -25.84 17.74
C ILE A 839 -17.55 -24.64 18.53
N SER A 840 -18.78 -24.76 19.05
CA SER A 840 -19.45 -23.68 19.76
C SER A 840 -20.59 -24.20 20.61
N ARG A 841 -21.29 -23.29 21.29
CA ARG A 841 -22.53 -23.61 21.99
C ARG A 841 -23.60 -23.82 20.94
N ARG A 842 -24.66 -24.57 21.26
CA ARG A 842 -25.78 -24.81 20.34
C ARG A 842 -26.46 -23.49 19.97
N ALA A 843 -27.12 -23.41 18.80
CA ALA A 843 -27.84 -22.23 18.38
C ALA A 843 -28.93 -21.91 19.44
N MET A 844 -29.06 -20.64 19.84
CA MET A 844 -30.01 -20.22 20.89
C MET A 844 -30.77 -18.95 20.50
N SER A 845 -31.98 -18.75 21.05
CA SER A 845 -32.82 -17.57 20.81
C SER A 845 -32.37 -16.39 21.71
N ALA A 846 -31.50 -16.66 22.68
CA ALA A 846 -30.91 -15.68 23.60
C ALA A 846 -29.36 -15.79 23.52
N PRO A 847 -28.56 -14.80 24.01
CA PRO A 847 -27.10 -14.91 23.92
C PRO A 847 -26.46 -16.05 24.75
N SER A 848 -27.18 -16.55 25.77
CA SER A 848 -26.72 -17.60 26.66
C SER A 848 -27.89 -18.19 27.46
N SER A 849 -27.59 -19.21 28.26
CA SER A 849 -28.52 -19.80 29.22
C SER A 849 -28.62 -18.86 30.42
N GLY A 850 -29.71 -18.94 31.16
CA GLY A 850 -29.89 -18.13 32.36
C GLY A 850 -29.20 -18.74 33.56
N SER A 851 -28.75 -20.01 33.46
CA SER A 851 -28.09 -20.74 34.55
C SER A 851 -26.56 -20.75 34.42
N SER A 852 -25.86 -20.40 35.53
CA SER A 852 -24.38 -20.43 35.60
C SER A 852 -23.89 -21.88 35.59
N LYS A 853 -24.74 -22.83 36.05
CA LYS A 853 -24.43 -24.27 36.08
C LYS A 853 -24.44 -24.84 34.66
N VAL A 854 -25.45 -24.47 33.86
CA VAL A 854 -25.57 -24.88 32.45
C VAL A 854 -24.38 -24.28 31.67
N HIS A 855 -24.02 -23.01 31.96
CA HIS A 855 -22.87 -22.34 31.33
C HIS A 855 -21.56 -23.13 31.51
N ALA A 856 -21.26 -23.55 32.76
CA ALA A 856 -20.06 -24.29 33.14
C ALA A 856 -19.96 -25.64 32.42
N VAL A 857 -21.10 -26.35 32.28
CA VAL A 857 -21.19 -27.64 31.57
C VAL A 857 -20.89 -27.40 30.08
N GLU A 858 -21.51 -26.36 29.48
CA GLU A 858 -21.32 -26.00 28.05
C GLU A 858 -19.89 -25.55 27.75
N GLN A 859 -19.26 -24.77 28.66
CA GLN A 859 -17.88 -24.29 28.51
C GLN A 859 -16.91 -25.46 28.48
N GLN A 860 -17.08 -26.44 29.39
CA GLN A 860 -16.26 -27.65 29.47
C GLN A 860 -16.49 -28.52 28.24
N GLU A 861 -17.75 -28.61 27.74
CA GLU A 861 -18.12 -29.36 26.54
C GLU A 861 -17.36 -28.85 25.31
N ILE A 862 -17.19 -27.52 25.17
CA ILE A 862 -16.46 -26.85 24.08
C ILE A 862 -14.98 -27.27 24.11
N LEU A 863 -14.34 -27.21 25.29
CA LEU A 863 -12.93 -27.55 25.48
C LEU A 863 -12.68 -29.03 25.19
N ASP A 864 -13.59 -29.92 25.65
CA ASP A 864 -13.49 -31.37 25.43
C ASP A 864 -13.66 -31.73 23.95
N THR A 865 -14.53 -31.00 23.21
CA THR A 865 -14.76 -31.22 21.78
C THR A 865 -13.50 -30.81 20.99
N ALA A 866 -12.90 -29.66 21.36
CA ALA A 866 -11.69 -29.11 20.71
C ALA A 866 -10.47 -30.03 20.86
N PHE A 867 -10.41 -30.81 21.97
CA PHE A 867 -9.28 -31.72 22.22
C PHE A 867 -9.69 -33.20 22.18
N GLY A 868 -10.86 -33.48 21.62
CA GLY A 868 -11.42 -34.83 21.49
C GLY A 868 -11.10 -35.48 20.14
N ASP B 6 -52.06 45.44 53.34
CA ASP B 6 -50.71 45.00 52.99
C ASP B 6 -50.37 43.66 53.66
N LYS B 7 -50.75 43.50 54.95
CA LYS B 7 -50.50 42.30 55.74
C LYS B 7 -51.33 41.10 55.25
N ASN B 8 -52.59 41.35 54.83
CA ASN B 8 -53.50 40.33 54.31
C ASN B 8 -53.04 39.82 52.94
N ALA B 9 -52.44 40.71 52.12
CA ALA B 9 -51.92 40.40 50.79
C ALA B 9 -50.68 39.51 50.88
N ARG B 10 -49.86 39.69 51.93
CA ARG B 10 -48.64 38.92 52.19
C ARG B 10 -48.99 37.48 52.58
N VAL B 11 -50.14 37.27 53.25
CA VAL B 11 -50.66 35.96 53.69
C VAL B 11 -51.06 35.13 52.44
N ILE B 12 -51.82 35.75 51.50
CA ILE B 12 -52.27 35.12 50.24
C ILE B 12 -51.05 34.69 49.38
N GLU B 13 -50.01 35.53 49.34
CA GLU B 13 -48.75 35.28 48.62
C GLU B 13 -47.95 34.17 49.31
N LEU B 14 -48.07 34.06 50.65
CA LEU B 14 -47.39 33.06 51.45
C LEU B 14 -48.04 31.69 51.25
N ILE B 15 -49.41 31.64 51.17
CA ILE B 15 -50.18 30.41 50.92
C ILE B 15 -49.77 29.83 49.55
N ALA B 16 -49.71 30.69 48.50
CA ALA B 16 -49.33 30.30 47.14
C ALA B 16 -47.89 29.77 47.09
N ALA B 17 -46.97 30.42 47.84
CA ALA B 17 -45.54 30.05 47.93
C ALA B 17 -45.36 28.64 48.51
N TYR B 18 -46.14 28.28 49.56
CA TYR B 18 -46.08 26.95 50.18
C TYR B 18 -46.63 25.88 49.22
N ARG B 19 -47.75 26.18 48.54
CA ARG B 19 -48.38 25.27 47.58
C ARG B 19 -47.49 25.01 46.36
N ASN B 20 -46.84 26.07 45.84
CA ASN B 20 -45.97 26.01 44.65
C ASN B 20 -44.56 25.49 44.93
N ARG B 21 -43.90 26.01 45.97
CA ARG B 21 -42.49 25.70 46.20
C ARG B 21 -42.14 25.12 47.58
N GLY B 22 -43.15 24.78 48.39
CA GLY B 22 -42.94 24.20 49.71
C GLY B 22 -42.13 22.91 49.70
N HIS B 23 -42.29 22.11 48.62
CA HIS B 23 -41.60 20.83 48.38
C HIS B 23 -40.06 20.99 48.35
N LEU B 24 -39.56 22.19 47.99
CA LEU B 24 -38.11 22.48 47.96
C LEU B 24 -37.51 22.62 49.37
N MET B 25 -38.38 22.82 50.39
CA MET B 25 -37.99 23.00 51.79
C MET B 25 -38.37 21.79 52.67
N ALA B 26 -39.13 20.81 52.12
CA ALA B 26 -39.57 19.64 52.86
C ALA B 26 -38.38 18.74 53.27
N ASP B 27 -38.48 18.12 54.46
CA ASP B 27 -37.47 17.22 55.03
C ASP B 27 -37.70 15.80 54.45
N ILE B 28 -37.33 15.61 53.18
CA ILE B 28 -37.55 14.38 52.39
C ILE B 28 -36.32 13.46 52.34
N ASP B 29 -35.11 14.01 52.56
CA ASP B 29 -33.90 13.19 52.50
C ASP B 29 -33.55 12.59 53.86
N PRO B 30 -33.63 11.24 54.01
CA PRO B 30 -33.24 10.63 55.30
C PRO B 30 -31.75 10.76 55.64
N LEU B 31 -30.91 11.10 54.65
CA LEU B 31 -29.46 11.28 54.82
C LEU B 31 -29.10 12.74 55.11
N ARG B 32 -29.98 13.70 54.73
CA ARG B 32 -29.80 15.17 54.89
C ARG B 32 -28.41 15.61 54.36
N LEU B 33 -28.03 15.12 53.16
CA LEU B 33 -26.74 15.39 52.52
C LEU B 33 -26.51 16.87 52.21
N ASP B 34 -27.54 17.57 51.72
CA ASP B 34 -27.46 18.99 51.38
C ASP B 34 -27.76 19.84 52.63
N ASN B 35 -26.71 20.48 53.19
CA ASN B 35 -26.80 21.30 54.41
C ASN B 35 -27.39 22.70 54.14
N THR B 36 -27.43 23.14 52.86
CA THR B 36 -27.94 24.45 52.46
C THR B 36 -29.44 24.42 52.11
N ARG B 37 -30.04 23.20 52.05
CA ARG B 37 -31.44 22.93 51.70
C ARG B 37 -32.42 23.76 52.55
N PHE B 38 -32.26 23.74 53.89
CA PHE B 38 -33.13 24.46 54.82
C PHE B 38 -32.58 25.86 55.15
N TRP B 54 -45.40 38.75 65.81
CA TRP B 54 -46.57 39.33 66.45
C TRP B 54 -47.86 39.11 65.65
N ASP B 55 -47.74 38.92 64.32
CA ASP B 55 -48.88 38.70 63.42
C ASP B 55 -49.46 37.28 63.53
N LEU B 56 -48.72 36.35 64.17
CA LEU B 56 -49.09 34.93 64.35
C LEU B 56 -50.42 34.75 65.09
N ASP B 57 -50.71 35.61 66.09
CA ASP B 57 -51.94 35.54 66.89
C ASP B 57 -53.11 36.32 66.27
N ARG B 58 -52.85 37.08 65.17
CA ARG B 58 -53.87 37.87 64.46
C ARG B 58 -54.66 37.00 63.50
N GLU B 59 -55.99 37.20 63.46
CA GLU B 59 -56.91 36.45 62.60
C GLU B 59 -56.98 37.03 61.19
N PHE B 60 -57.00 36.12 60.18
CA PHE B 60 -57.09 36.47 58.75
C PHE B 60 -58.21 35.67 58.06
N LYS B 61 -58.85 36.31 57.06
CA LYS B 61 -59.95 35.73 56.27
C LYS B 61 -59.45 34.62 55.34
N GLN B 69 -64.01 31.93 55.89
CA GLN B 69 -63.55 31.42 57.17
C GLN B 69 -62.47 32.33 57.78
N ARG B 70 -62.47 32.44 59.11
CA ARG B 70 -61.52 33.26 59.87
C ARG B 70 -60.64 32.38 60.76
N LYS B 71 -59.32 32.50 60.60
CA LYS B 71 -58.34 31.73 61.37
C LYS B 71 -57.07 32.53 61.66
N LYS B 72 -56.41 32.23 62.79
CA LYS B 72 -55.16 32.89 63.20
C LYS B 72 -54.02 32.46 62.28
N LEU B 73 -53.07 33.37 61.99
CA LEU B 73 -51.91 33.15 61.12
C LEU B 73 -51.11 31.92 61.55
N ARG B 74 -50.95 31.71 62.88
CA ARG B 74 -50.21 30.55 63.40
C ARG B 74 -50.86 29.23 62.97
N ASP B 75 -52.21 29.19 62.89
CA ASP B 75 -52.98 28.01 62.51
C ASP B 75 -52.94 27.81 60.98
N ILE B 76 -52.92 28.92 60.20
CA ILE B 76 -52.80 28.88 58.73
C ILE B 76 -51.42 28.33 58.35
N LEU B 77 -50.35 28.88 58.95
CA LEU B 77 -48.96 28.47 58.70
C LEU B 77 -48.65 27.05 59.15
N SER B 78 -49.26 26.59 60.28
CA SER B 78 -49.06 25.25 60.80
C SER B 78 -49.61 24.21 59.82
N VAL B 79 -50.79 24.48 59.21
CA VAL B 79 -51.42 23.60 58.21
C VAL B 79 -50.50 23.50 56.99
N LEU B 80 -49.98 24.65 56.49
CA LEU B 80 -49.09 24.73 55.33
C LEU B 80 -47.76 24.00 55.55
N ARG B 81 -47.13 24.20 56.73
CA ARG B 81 -45.86 23.56 57.08
C ARG B 81 -45.99 22.05 57.19
N ASP B 82 -47.07 21.56 57.86
CA ASP B 82 -47.33 20.12 58.03
C ASP B 82 -47.66 19.46 56.69
N ALA B 83 -48.41 20.15 55.82
CA ALA B 83 -48.83 19.63 54.52
C ALA B 83 -47.72 19.64 53.47
N TYR B 84 -46.88 20.70 53.45
CA TYR B 84 -45.91 20.88 52.38
C TYR B 84 -44.42 20.87 52.78
N CYS B 85 -44.09 21.03 54.08
CA CYS B 85 -42.68 21.13 54.49
C CYS B 85 -42.29 20.16 55.61
N ARG B 86 -42.96 19.01 55.70
CA ARG B 86 -42.64 18.01 56.71
C ARG B 86 -41.89 16.86 56.01
N HIS B 87 -42.43 15.64 55.97
CA HIS B 87 -41.74 14.52 55.33
C HIS B 87 -42.28 14.22 53.92
N VAL B 88 -43.25 15.03 53.43
CA VAL B 88 -43.85 14.87 52.10
C VAL B 88 -43.73 16.17 51.29
N GLY B 89 -43.06 16.09 50.14
CA GLY B 89 -42.95 17.19 49.19
C GLY B 89 -43.97 16.99 48.09
N VAL B 90 -44.97 17.88 48.01
CA VAL B 90 -46.07 17.77 47.06
C VAL B 90 -45.89 18.73 45.87
N GLU B 91 -45.92 18.18 44.65
CA GLU B 91 -45.85 18.91 43.38
C GLU B 91 -47.15 18.68 42.63
N TYR B 92 -48.00 19.72 42.56
CA TYR B 92 -49.30 19.57 41.91
C TYR B 92 -49.79 20.84 41.20
N THR B 93 -49.17 22.00 41.45
CA THR B 93 -49.65 23.27 40.86
C THR B 93 -49.31 23.36 39.35
N HIS B 94 -48.57 22.38 38.80
CA HIS B 94 -48.25 22.30 37.37
C HIS B 94 -49.43 21.67 36.61
N ILE B 95 -50.36 20.98 37.32
CA ILE B 95 -51.53 20.31 36.76
C ILE B 95 -52.49 21.37 36.19
N LEU B 96 -52.84 21.23 34.91
CA LEU B 96 -53.70 22.19 34.20
C LEU B 96 -55.18 22.07 34.61
N GLU B 97 -55.62 20.89 35.09
CA GLU B 97 -57.01 20.67 35.53
C GLU B 97 -57.23 21.29 36.91
N PRO B 98 -58.08 22.35 37.05
CA PRO B 98 -58.28 22.98 38.39
C PRO B 98 -58.92 22.03 39.42
N GLU B 99 -59.82 21.13 38.97
CA GLU B 99 -60.51 20.17 39.85
C GLU B 99 -59.52 19.17 40.49
N GLN B 100 -58.41 18.85 39.79
CA GLN B 100 -57.37 17.94 40.30
C GLN B 100 -56.52 18.64 41.34
N GLN B 101 -56.18 19.92 41.10
CA GLN B 101 -55.43 20.77 42.04
C GLN B 101 -56.24 20.96 43.33
N ARG B 102 -57.56 21.16 43.20
CA ARG B 102 -58.50 21.33 44.30
C ARG B 102 -58.62 20.05 45.14
N TRP B 103 -58.71 18.86 44.48
CA TRP B 103 -58.81 17.54 45.10
C TRP B 103 -57.62 17.27 46.01
N ILE B 104 -56.38 17.55 45.53
CA ILE B 104 -55.13 17.33 46.25
C ILE B 104 -55.07 18.31 47.43
N GLN B 105 -55.31 19.61 47.17
CA GLN B 105 -55.33 20.70 48.16
C GLN B 105 -56.17 20.33 49.38
N GLU B 106 -57.43 19.90 49.15
CA GLU B 106 -58.40 19.54 50.18
C GLU B 106 -57.97 18.34 51.04
N ARG B 107 -57.24 17.38 50.47
CA ARG B 107 -56.79 16.18 51.19
C ARG B 107 -55.45 16.36 51.91
N VAL B 108 -54.57 17.28 51.43
CA VAL B 108 -53.27 17.53 52.07
C VAL B 108 -53.37 18.68 53.11
N GLU B 109 -54.22 19.71 52.88
CA GLU B 109 -54.37 20.86 53.78
C GLU B 109 -55.44 20.65 54.86
N THR B 110 -55.32 19.57 55.63
CA THR B 110 -56.24 19.23 56.72
C THR B 110 -55.48 18.63 57.91
N LYS B 111 -56.07 18.70 59.11
CA LYS B 111 -55.48 18.09 60.30
C LYS B 111 -55.79 16.59 60.23
N HIS B 112 -54.81 15.81 59.73
CA HIS B 112 -54.93 14.38 59.50
C HIS B 112 -55.05 13.61 60.82
N ASP B 113 -55.95 12.62 60.83
CA ASP B 113 -56.17 11.74 61.99
C ASP B 113 -54.99 10.78 62.10
N LYS B 114 -54.40 10.68 63.31
CA LYS B 114 -53.27 9.80 63.58
C LYS B 114 -53.67 8.32 63.36
N PRO B 115 -52.79 7.47 62.77
CA PRO B 115 -53.18 6.06 62.57
C PRO B 115 -53.36 5.32 63.89
N THR B 116 -54.21 4.29 63.91
CA THR B 116 -54.46 3.50 65.11
C THR B 116 -53.22 2.66 65.42
N VAL B 117 -53.04 2.29 66.70
CA VAL B 117 -51.91 1.49 67.20
C VAL B 117 -51.81 0.19 66.37
N ALA B 118 -52.96 -0.43 66.03
CA ALA B 118 -53.03 -1.65 65.22
C ALA B 118 -52.46 -1.44 63.81
N GLU B 119 -52.70 -0.26 63.20
CA GLU B 119 -52.18 0.11 61.87
C GLU B 119 -50.68 0.35 61.93
N GLN B 120 -50.20 1.01 63.01
CA GLN B 120 -48.79 1.30 63.26
C GLN B 120 -48.00 0.01 63.48
N LYS B 121 -48.59 -0.92 64.28
CA LYS B 121 -48.02 -2.23 64.57
C LYS B 121 -47.92 -3.05 63.29
N TYR B 122 -48.94 -2.94 62.42
CA TYR B 122 -49.01 -3.63 61.13
C TYR B 122 -47.89 -3.13 60.20
N ILE B 123 -47.66 -1.79 60.15
CA ILE B 123 -46.59 -1.19 59.34
C ILE B 123 -45.23 -1.72 59.85
N LEU B 124 -45.05 -1.77 61.19
CA LEU B 124 -43.85 -2.27 61.84
C LEU B 124 -43.61 -3.76 61.51
N SER B 125 -44.66 -4.60 61.57
CA SER B 125 -44.59 -6.02 61.22
C SER B 125 -44.11 -6.21 59.77
N LYS B 126 -44.50 -5.31 58.85
CA LYS B 126 -44.07 -5.34 57.44
C LYS B 126 -42.59 -4.96 57.33
N LEU B 127 -42.13 -4.02 58.18
CA LEU B 127 -40.72 -3.58 58.23
C LEU B 127 -39.85 -4.69 58.82
N ASN B 128 -40.40 -5.40 59.82
CA ASN B 128 -39.77 -6.54 60.48
C ASN B 128 -39.55 -7.67 59.49
N ALA B 129 -40.61 -8.02 58.72
CA ALA B 129 -40.57 -9.09 57.72
C ALA B 129 -39.59 -8.77 56.58
N ALA B 130 -39.54 -7.49 56.15
CA ALA B 130 -38.69 -7.02 55.05
C ALA B 130 -37.23 -7.01 55.46
N GLU B 131 -36.92 -6.56 56.70
CA GLU B 131 -35.55 -6.50 57.20
C GLU B 131 -35.00 -7.88 57.49
N ALA B 132 -35.84 -8.78 58.04
CA ALA B 132 -35.45 -10.17 58.34
C ALA B 132 -35.07 -10.86 57.04
N PHE B 133 -35.90 -10.70 56.00
CA PHE B 133 -35.67 -11.26 54.67
C PHE B 133 -34.30 -10.82 54.12
N GLU B 134 -33.98 -9.49 54.19
CA GLU B 134 -32.72 -8.91 53.71
C GLU B 134 -31.50 -9.44 54.46
N THR B 135 -31.58 -9.56 55.82
CA THR B 135 -30.49 -10.11 56.67
C THR B 135 -30.22 -11.57 56.28
N PHE B 136 -31.30 -12.31 55.99
CA PHE B 136 -31.25 -13.71 55.57
C PHE B 136 -30.54 -13.88 54.22
N LEU B 137 -30.94 -13.10 53.20
CA LEU B 137 -30.37 -13.18 51.86
C LEU B 137 -28.85 -12.93 51.84
N GLN B 138 -28.37 -12.00 52.68
CA GLN B 138 -26.95 -11.64 52.78
C GLN B 138 -26.14 -12.55 53.71
N THR B 139 -26.81 -13.34 54.59
CA THR B 139 -26.07 -14.25 55.48
C THR B 139 -26.05 -15.66 54.89
N LYS B 140 -27.19 -16.15 54.36
CA LYS B 140 -27.32 -17.48 53.78
C LYS B 140 -26.53 -17.67 52.47
N TYR B 141 -26.88 -16.90 51.41
CA TYR B 141 -26.29 -17.08 50.08
C TYR B 141 -25.12 -16.14 49.77
N VAL B 142 -24.44 -16.47 48.63
CA VAL B 142 -23.30 -15.77 48.04
C VAL B 142 -23.77 -15.01 46.80
N GLY B 143 -23.15 -13.85 46.56
CA GLY B 143 -23.45 -12.99 45.42
C GLY B 143 -24.85 -12.41 45.38
N GLN B 144 -25.37 -11.97 46.54
CA GLN B 144 -26.72 -11.43 46.62
C GLN B 144 -26.74 -9.93 47.00
N LYS B 145 -25.54 -9.30 47.09
CA LYS B 145 -25.36 -7.89 47.44
C LYS B 145 -26.07 -6.91 46.49
N ARG B 146 -26.04 -7.18 45.17
CA ARG B 146 -26.64 -6.28 44.17
C ARG B 146 -28.18 -6.20 44.20
N PHE B 147 -28.85 -7.12 44.91
CA PHE B 147 -30.30 -7.15 44.97
C PHE B 147 -30.84 -6.61 46.31
N SER B 148 -29.93 -6.22 47.20
CA SER B 148 -30.22 -5.75 48.56
C SER B 148 -31.14 -4.52 48.57
N LEU B 149 -32.20 -4.59 49.39
CA LEU B 149 -33.20 -3.56 49.63
C LEU B 149 -32.89 -2.81 50.93
N GLU B 150 -31.73 -3.11 51.56
CA GLU B 150 -31.29 -2.48 52.80
C GLU B 150 -31.15 -0.97 52.61
N GLY B 151 -31.88 -0.21 53.43
CA GLY B 151 -31.94 1.24 53.34
C GLY B 151 -33.17 1.72 52.58
N ALA B 152 -33.90 0.77 51.95
CA ALA B 152 -35.09 1.01 51.13
C ALA B 152 -36.27 0.08 51.51
N GLU B 153 -36.20 -0.61 52.68
CA GLU B 153 -37.22 -1.55 53.18
C GLU B 153 -38.65 -0.96 53.28
N THR B 154 -38.77 0.37 53.44
CA THR B 154 -40.05 1.09 53.56
C THR B 154 -40.90 0.96 52.26
N VAL B 155 -40.29 0.53 51.13
CA VAL B 155 -41.03 0.30 49.87
C VAL B 155 -42.02 -0.88 50.07
N ILE B 156 -41.70 -1.83 50.98
CA ILE B 156 -42.56 -2.98 51.29
C ILE B 156 -43.87 -2.47 51.98
N PRO B 157 -43.91 -1.75 53.14
CA PRO B 157 -45.22 -1.26 53.65
C PRO B 157 -45.91 -0.27 52.69
N MET B 158 -45.13 0.44 51.83
CA MET B 158 -45.68 1.37 50.82
C MET B 158 -46.47 0.60 49.75
N MET B 159 -45.86 -0.46 49.17
CA MET B 159 -46.50 -1.30 48.14
C MET B 159 -47.71 -2.00 48.73
N ASP B 160 -47.58 -2.45 50.00
CA ASP B 160 -48.66 -3.10 50.75
C ASP B 160 -49.86 -2.16 50.85
N ALA B 161 -49.61 -0.86 51.16
CA ALA B 161 -50.66 0.16 51.27
C ALA B 161 -51.31 0.43 49.90
N VAL B 162 -50.53 0.40 48.80
CA VAL B 162 -51.06 0.59 47.44
C VAL B 162 -52.10 -0.52 47.15
N ILE B 163 -51.70 -1.77 47.35
CA ILE B 163 -52.50 -2.96 47.05
C ILE B 163 -53.70 -3.06 47.99
N ASP B 164 -53.52 -2.76 49.28
CA ASP B 164 -54.62 -2.75 50.25
C ASP B 164 -55.69 -1.69 49.87
N GLN B 165 -55.25 -0.51 49.40
CA GLN B 165 -56.15 0.57 48.97
C GLN B 165 -56.88 0.18 47.68
N CYS B 166 -56.20 -0.57 46.78
CA CYS B 166 -56.83 -1.07 45.55
C CYS B 166 -57.93 -2.08 45.91
N ALA B 167 -57.67 -2.93 46.94
CA ALA B 167 -58.64 -3.92 47.44
C ALA B 167 -59.83 -3.22 48.12
N GLU B 168 -59.57 -2.07 48.77
CA GLU B 168 -60.59 -1.25 49.43
C GLU B 168 -61.56 -0.64 48.38
N HIS B 169 -61.05 -0.35 47.17
CA HIS B 169 -61.83 0.17 46.03
C HIS B 169 -62.56 -0.97 45.29
N GLY B 170 -62.38 -2.21 45.74
CA GLY B 170 -62.99 -3.40 45.16
C GLY B 170 -62.46 -3.74 43.77
N LEU B 171 -61.19 -3.41 43.51
CA LEU B 171 -60.55 -3.66 42.21
C LEU B 171 -60.15 -5.14 42.08
N ASP B 172 -59.90 -5.58 40.85
CA ASP B 172 -59.66 -7.00 40.54
C ASP B 172 -58.21 -7.46 40.63
N GLU B 173 -57.25 -6.64 40.18
CA GLU B 173 -55.84 -7.06 40.17
C GLU B 173 -54.89 -5.89 40.15
N VAL B 174 -53.70 -6.10 40.72
CA VAL B 174 -52.56 -5.19 40.68
C VAL B 174 -51.45 -5.94 39.95
N VAL B 175 -50.94 -5.38 38.85
CA VAL B 175 -49.86 -6.01 38.11
C VAL B 175 -48.63 -5.15 38.33
N ILE B 176 -47.56 -5.77 38.85
CA ILE B 176 -46.28 -5.11 39.16
C ILE B 176 -45.22 -5.37 38.08
N ALA B 177 -44.44 -4.32 37.79
CA ALA B 177 -43.21 -4.33 36.98
C ALA B 177 -42.14 -3.66 37.82
N MET B 178 -40.95 -4.26 37.86
CA MET B 178 -39.87 -3.69 38.66
C MET B 178 -38.48 -4.17 38.19
N PRO B 179 -37.40 -3.42 38.52
CA PRO B 179 -36.05 -3.97 38.30
C PRO B 179 -35.74 -5.02 39.42
N HIS B 180 -34.51 -5.58 39.49
CA HIS B 180 -34.28 -6.70 40.44
C HIS B 180 -34.07 -6.30 41.94
N ARG B 181 -33.77 -5.03 42.28
CA ARG B 181 -33.57 -4.66 43.69
C ARG B 181 -34.83 -4.90 44.54
N GLY B 182 -34.68 -5.79 45.51
CA GLY B 182 -35.74 -6.16 46.44
C GLY B 182 -36.80 -7.07 45.88
N ARG B 183 -36.55 -7.68 44.69
CA ARG B 183 -37.53 -8.52 43.98
C ARG B 183 -37.99 -9.75 44.76
N LEU B 184 -37.04 -10.54 45.33
CA LEU B 184 -37.44 -11.72 46.10
C LEU B 184 -38.16 -11.29 47.38
N ASN B 185 -37.82 -10.11 47.93
CA ASN B 185 -38.50 -9.57 49.11
C ASN B 185 -39.97 -9.24 48.73
N VAL B 186 -40.21 -8.66 47.52
CA VAL B 186 -41.54 -8.30 46.97
C VAL B 186 -42.33 -9.60 46.81
N LEU B 187 -41.69 -10.65 46.25
CA LEU B 187 -42.35 -11.94 46.06
C LEU B 187 -42.87 -12.52 47.38
N ALA B 188 -42.04 -12.43 48.44
CA ALA B 188 -42.37 -12.97 49.74
C ALA B 188 -43.37 -12.13 50.51
N ASN B 189 -43.18 -10.80 50.59
CA ASN B 189 -44.02 -9.97 51.45
C ASN B 189 -45.10 -9.14 50.74
N ILE B 190 -45.22 -9.22 49.41
CA ILE B 190 -46.23 -8.47 48.65
C ILE B 190 -47.08 -9.47 47.85
N VAL B 191 -46.44 -10.29 47.01
CA VAL B 191 -47.11 -11.30 46.17
C VAL B 191 -47.59 -12.46 47.05
N GLY B 192 -46.86 -12.73 48.13
CA GLY B 192 -47.22 -13.76 49.11
C GLY B 192 -46.78 -15.15 48.72
N LYS B 193 -45.71 -15.27 47.92
CA LYS B 193 -45.17 -16.58 47.51
C LYS B 193 -44.47 -17.27 48.70
N PRO B 194 -44.57 -18.62 48.87
CA PRO B 194 -43.87 -19.23 50.01
C PRO B 194 -42.36 -19.35 49.75
N TYR B 195 -41.57 -19.46 50.84
CA TYR B 195 -40.11 -19.61 50.81
C TYR B 195 -39.68 -20.89 50.08
N SER B 196 -40.51 -21.95 50.14
CA SER B 196 -40.26 -23.22 49.46
C SER B 196 -40.28 -23.03 47.93
N GLN B 197 -41.18 -22.17 47.42
CA GLN B 197 -41.30 -21.86 45.99
C GLN B 197 -40.25 -20.84 45.52
N ILE B 198 -39.91 -19.84 46.37
CA ILE B 198 -38.93 -18.80 46.03
C ILE B 198 -37.49 -19.36 45.96
N PHE B 199 -37.09 -20.18 46.95
CA PHE B 199 -35.73 -20.68 47.05
C PHE B 199 -35.54 -22.10 46.45
N SER B 200 -36.51 -22.59 45.64
CA SER B 200 -36.43 -23.88 44.96
C SER B 200 -35.34 -23.83 43.87
N GLU B 201 -34.36 -24.77 43.92
CA GLU B 201 -33.24 -24.89 42.98
C GLU B 201 -32.48 -23.55 42.85
N PHE B 202 -32.14 -22.95 44.00
CA PHE B 202 -31.44 -21.68 44.12
C PHE B 202 -29.93 -21.89 44.06
N ASP B 216 -30.45 -16.91 40.01
CA ASP B 216 -30.43 -15.60 39.38
C ASP B 216 -31.58 -15.45 38.37
N VAL B 217 -32.08 -16.57 37.78
CA VAL B 217 -33.19 -16.53 36.82
C VAL B 217 -34.47 -16.03 37.54
N LYS B 218 -34.66 -16.41 38.83
CA LYS B 218 -35.83 -16.02 39.64
C LYS B 218 -36.02 -14.50 39.71
N TYR B 219 -34.92 -13.72 39.54
CA TYR B 219 -34.93 -12.25 39.56
C TYR B 219 -35.52 -11.61 38.31
N HIS B 220 -35.96 -12.44 37.36
CA HIS B 220 -36.52 -11.96 36.11
C HIS B 220 -37.84 -12.64 35.78
N LEU B 221 -38.23 -13.72 36.49
CA LEU B 221 -39.45 -14.49 36.21
C LEU B 221 -40.74 -13.79 36.66
N GLY B 222 -41.84 -14.17 36.02
CA GLY B 222 -43.16 -13.69 36.37
C GLY B 222 -43.71 -14.48 37.55
N ALA B 223 -44.69 -13.92 38.27
CA ALA B 223 -45.34 -14.58 39.41
C ALA B 223 -46.77 -14.11 39.58
N THR B 224 -47.58 -14.91 40.28
CA THR B 224 -48.99 -14.59 40.55
C THR B 224 -49.34 -15.06 41.97
N GLY B 225 -50.19 -14.29 42.62
CA GLY B 225 -50.65 -14.57 43.98
C GLY B 225 -51.93 -13.84 44.32
N THR B 226 -52.37 -13.97 45.58
CA THR B 226 -53.58 -13.34 46.09
C THR B 226 -53.26 -12.57 47.36
N TYR B 227 -53.65 -11.30 47.39
CA TYR B 227 -53.49 -10.44 48.56
C TYR B 227 -54.81 -10.44 49.34
N ILE B 228 -54.72 -10.73 50.65
CA ILE B 228 -55.88 -10.74 51.54
C ILE B 228 -55.70 -9.57 52.51
N GLN B 229 -56.69 -8.67 52.57
CA GLN B 229 -56.68 -7.50 53.47
C GLN B 229 -56.57 -7.95 54.93
N MET B 230 -55.72 -7.26 55.69
CA MET B 230 -55.48 -7.53 57.11
C MET B 230 -56.68 -7.04 57.95
N PHE B 231 -57.14 -5.79 57.71
CA PHE B 231 -58.23 -5.16 58.47
C PHE B 231 -59.55 -5.11 57.68
N GLY B 232 -59.50 -5.37 56.37
CA GLY B 232 -60.66 -5.38 55.50
C GLY B 232 -61.17 -6.79 55.20
N ASP B 233 -62.28 -6.87 54.44
CA ASP B 233 -62.91 -8.13 54.07
C ASP B 233 -62.74 -8.46 52.57
N ASN B 234 -61.93 -7.66 51.86
CA ASN B 234 -61.70 -7.88 50.43
C ASN B 234 -60.35 -8.54 50.16
N ASP B 235 -60.26 -9.17 48.99
CA ASP B 235 -59.04 -9.77 48.48
C ASP B 235 -58.85 -9.25 47.06
N ILE B 236 -57.60 -9.31 46.56
CA ILE B 236 -57.26 -8.82 45.23
C ILE B 236 -56.11 -9.67 44.66
N GLU B 237 -56.13 -9.91 43.35
CA GLU B 237 -55.05 -10.65 42.71
C GLU B 237 -53.84 -9.74 42.58
N VAL B 238 -52.64 -10.30 42.76
CA VAL B 238 -51.37 -9.58 42.64
C VAL B 238 -50.46 -10.40 41.75
N SER B 239 -49.95 -9.78 40.68
CA SER B 239 -49.03 -10.48 39.79
C SER B 239 -47.80 -9.61 39.54
N LEU B 240 -46.72 -10.26 39.12
CA LEU B 240 -45.44 -9.66 38.79
C LEU B 240 -45.06 -10.12 37.39
N THR B 241 -44.74 -9.18 36.51
CA THR B 241 -44.41 -9.53 35.13
C THR B 241 -42.90 -9.82 35.00
N ALA B 242 -42.56 -10.68 34.03
CA ALA B 242 -41.16 -11.05 33.75
C ALA B 242 -40.47 -9.88 33.04
N ASN B 243 -39.13 -9.79 33.16
CA ASN B 243 -38.39 -8.68 32.57
C ASN B 243 -36.91 -8.98 32.34
N PRO B 244 -36.23 -8.28 31.41
CA PRO B 244 -34.78 -8.49 31.25
C PRO B 244 -34.03 -7.57 32.21
N SER B 245 -32.70 -7.56 32.12
CA SER B 245 -31.85 -6.69 32.93
C SER B 245 -31.94 -5.24 32.47
N HIS B 246 -32.37 -5.00 31.20
CA HIS B 246 -32.56 -3.67 30.59
C HIS B 246 -33.59 -2.88 31.39
N LEU B 247 -33.10 -1.94 32.18
CA LEU B 247 -33.90 -1.11 33.07
C LEU B 247 -34.91 -0.29 32.28
N GLU B 248 -36.17 -0.27 32.75
CA GLU B 248 -37.31 0.48 32.21
C GLU B 248 -37.89 -0.12 30.91
N ALA B 249 -37.22 -1.12 30.28
CA ALA B 249 -37.71 -1.74 29.03
C ALA B 249 -39.08 -2.45 29.20
N VAL B 250 -39.34 -2.95 30.43
CA VAL B 250 -40.59 -3.63 30.78
C VAL B 250 -41.79 -2.64 30.93
N ASP B 251 -41.52 -1.33 31.10
CA ASP B 251 -42.55 -0.30 31.33
C ASP B 251 -43.73 -0.38 30.30
N PRO B 252 -43.51 -0.33 28.96
CA PRO B 252 -44.66 -0.41 28.04
C PRO B 252 -45.24 -1.81 27.97
N VAL B 253 -44.45 -2.87 28.31
CA VAL B 253 -44.88 -4.27 28.33
C VAL B 253 -45.96 -4.41 29.43
N LEU B 254 -45.71 -3.82 30.62
CA LEU B 254 -46.65 -3.82 31.73
C LEU B 254 -47.96 -3.14 31.34
N GLU B 255 -47.86 -1.97 30.67
CA GLU B 255 -49.04 -1.21 30.24
C GLU B 255 -49.87 -2.08 29.27
N GLY B 256 -49.20 -2.74 28.34
CA GLY B 256 -49.84 -3.63 27.37
C GLY B 256 -50.57 -4.79 28.02
N LEU B 257 -49.92 -5.48 28.96
CA LEU B 257 -50.43 -6.62 29.71
C LEU B 257 -51.69 -6.21 30.49
N VAL B 258 -51.62 -5.07 31.21
CA VAL B 258 -52.73 -4.53 32.00
C VAL B 258 -53.95 -4.26 31.09
N ARG B 259 -53.74 -3.52 29.96
CA ARG B 259 -54.78 -3.15 29.00
C ARG B 259 -55.50 -4.40 28.46
N ALA B 260 -54.77 -5.49 28.16
CA ALA B 260 -55.33 -6.76 27.68
C ALA B 260 -56.24 -7.40 28.74
N LYS B 261 -55.81 -7.35 30.02
CA LYS B 261 -56.57 -7.89 31.16
C LYS B 261 -57.82 -7.03 31.40
N GLN B 262 -57.67 -5.69 31.26
CA GLN B 262 -58.78 -4.73 31.39
C GLN B 262 -59.84 -4.99 30.31
N ASP B 263 -59.42 -5.19 29.04
CA ASP B 263 -60.31 -5.49 27.91
C ASP B 263 -61.05 -6.80 28.17
N LEU B 264 -60.36 -7.83 28.70
CA LEU B 264 -60.93 -9.14 29.03
C LEU B 264 -62.02 -9.03 30.12
N LEU B 265 -61.82 -8.15 31.13
CA LEU B 265 -62.77 -7.99 32.23
C LEU B 265 -63.88 -6.99 31.92
N ASP B 266 -63.91 -6.47 30.66
CA ASP B 266 -64.87 -5.48 30.17
C ASP B 266 -64.82 -4.24 31.08
N THR B 267 -63.58 -3.83 31.44
CA THR B 267 -63.33 -2.65 32.29
C THR B 267 -62.41 -1.68 31.55
N GLY B 268 -62.73 -0.40 31.67
CA GLY B 268 -61.94 0.67 31.06
C GLY B 268 -62.45 1.24 29.77
N GLU B 269 -61.51 1.63 28.89
CA GLU B 269 -61.74 2.27 27.58
C GLU B 269 -62.61 1.41 26.66
N GLU B 270 -62.35 0.11 26.59
CA GLU B 270 -63.13 -0.81 25.75
C GLU B 270 -64.13 -1.63 26.58
N GLY B 271 -64.42 -1.14 27.79
CA GLY B 271 -65.33 -1.80 28.72
C GLY B 271 -66.64 -1.09 28.99
N SER B 272 -67.53 -1.76 29.73
CA SER B 272 -68.86 -1.26 30.13
C SER B 272 -68.76 -0.33 31.33
N ASP B 273 -67.69 -0.46 32.12
CA ASP B 273 -67.47 0.38 33.31
C ASP B 273 -66.18 1.21 33.18
N ASN B 274 -66.09 2.28 33.98
CA ASN B 274 -64.94 3.18 34.00
C ASN B 274 -64.01 2.87 35.19
N ARG B 275 -64.10 1.67 35.77
CA ARG B 275 -63.28 1.31 36.93
C ARG B 275 -61.80 1.05 36.61
N PHE B 276 -61.45 0.58 35.37
CA PHE B 276 -60.06 0.21 34.99
C PHE B 276 -59.50 -0.63 36.16
N SER B 277 -60.24 -1.69 36.53
CA SER B 277 -60.06 -2.52 37.72
C SER B 277 -58.75 -3.35 37.76
N VAL B 278 -57.87 -3.19 36.77
CA VAL B 278 -56.55 -3.83 36.74
C VAL B 278 -55.56 -2.67 36.83
N VAL B 279 -54.81 -2.61 37.93
CA VAL B 279 -53.94 -1.47 38.20
C VAL B 279 -52.45 -1.78 37.91
N PRO B 280 -51.80 -0.99 37.05
CA PRO B 280 -50.35 -1.15 36.88
C PRO B 280 -49.60 -0.45 38.03
N LEU B 281 -48.70 -1.19 38.69
CA LEU B 281 -47.84 -0.68 39.75
C LEU B 281 -46.42 -0.82 39.23
N MET B 282 -45.83 0.30 38.80
CA MET B 282 -44.53 0.30 38.15
C MET B 282 -43.43 0.85 39.07
N LEU B 283 -42.43 0.02 39.37
CA LEU B 283 -41.30 0.40 40.21
C LEU B 283 -40.11 0.80 39.37
N HIS B 284 -39.32 1.75 39.86
CA HIS B 284 -38.15 2.29 39.15
C HIS B 284 -37.00 2.62 40.08
N GLY B 285 -35.82 2.78 39.49
CA GLY B 285 -34.62 3.30 40.15
C GLY B 285 -34.53 4.76 39.74
N ASP B 286 -33.83 5.61 40.50
CA ASP B 286 -33.75 7.04 40.22
C ASP B 286 -32.90 7.39 38.98
N ALA B 287 -31.77 6.69 38.76
CA ALA B 287 -30.93 6.99 37.60
C ALA B 287 -31.61 6.54 36.30
N ALA B 288 -32.26 5.36 36.31
CA ALA B 288 -32.93 4.80 35.13
C ALA B 288 -34.19 5.58 34.74
N PHE B 289 -34.96 6.08 35.73
CA PHE B 289 -36.20 6.84 35.48
C PHE B 289 -35.92 8.13 34.73
N ALA B 290 -34.78 8.78 35.00
CA ALA B 290 -34.41 10.04 34.38
C ALA B 290 -33.71 9.88 33.01
N GLY B 291 -32.91 8.82 32.85
CA GLY B 291 -32.11 8.61 31.65
C GLY B 291 -32.67 7.79 30.51
N GLN B 292 -33.61 6.88 30.77
CA GLN B 292 -34.17 6.02 29.72
C GLN B 292 -35.38 6.65 29.02
N GLY B 293 -35.26 6.82 27.70
CA GLY B 293 -36.29 7.41 26.84
C GLY B 293 -37.62 6.69 26.84
N VAL B 294 -37.60 5.36 27.03
CA VAL B 294 -38.84 4.54 27.05
C VAL B 294 -39.80 4.98 28.19
N VAL B 295 -39.27 5.65 29.24
CA VAL B 295 -40.08 6.18 30.34
C VAL B 295 -41.04 7.24 29.75
N ALA B 296 -40.49 8.25 29.04
CA ALA B 296 -41.28 9.33 28.40
C ALA B 296 -42.27 8.76 27.37
N GLU B 297 -41.81 7.79 26.56
CA GLU B 297 -42.65 7.13 25.55
C GLU B 297 -43.85 6.42 26.17
N THR B 298 -43.64 5.79 27.35
CA THR B 298 -44.67 5.04 28.07
C THR B 298 -45.62 6.01 28.77
N LEU B 299 -45.09 7.10 29.38
CA LEU B 299 -45.93 8.14 30.00
C LEU B 299 -46.83 8.78 28.94
N ASN B 300 -46.32 8.95 27.71
CA ASN B 300 -47.04 9.49 26.55
C ASN B 300 -48.28 8.65 26.15
N LEU B 301 -48.34 7.37 26.56
CA LEU B 301 -49.47 6.47 26.26
C LEU B 301 -50.60 6.57 27.28
N ALA B 302 -50.33 7.18 28.45
CA ALA B 302 -51.20 7.20 29.63
C ALA B 302 -52.66 7.62 29.41
N LEU B 303 -52.95 8.51 28.44
CA LEU B 303 -54.33 8.97 28.22
C LEU B 303 -54.85 8.67 26.80
N LEU B 304 -54.06 7.97 25.99
CA LEU B 304 -54.43 7.61 24.61
C LEU B 304 -55.52 6.56 24.60
N ARG B 305 -56.53 6.69 23.73
CA ARG B 305 -57.66 5.74 23.67
C ARG B 305 -57.18 4.29 23.36
N GLY B 306 -56.14 4.13 22.56
CA GLY B 306 -55.65 2.79 22.26
C GLY B 306 -54.70 2.20 23.27
N TYR B 307 -54.24 3.01 24.25
CA TYR B 307 -53.19 2.55 25.18
C TYR B 307 -53.43 2.82 26.66
N ARG B 308 -54.35 3.71 27.04
CA ARG B 308 -54.63 4.06 28.44
C ARG B 308 -55.02 2.83 29.29
N THR B 309 -54.52 2.80 30.54
CA THR B 309 -54.78 1.76 31.53
C THR B 309 -55.45 2.37 32.77
N GLY B 310 -55.97 3.59 32.62
CA GLY B 310 -56.68 4.31 33.67
C GLY B 310 -55.80 4.83 34.78
N GLY B 311 -54.52 4.99 34.48
CA GLY B 311 -53.54 5.51 35.40
C GLY B 311 -52.64 4.47 36.02
N THR B 312 -51.33 4.74 36.02
CA THR B 312 -50.31 3.89 36.61
C THR B 312 -49.83 4.50 37.93
N ILE B 313 -49.62 3.65 38.93
CA ILE B 313 -49.03 4.07 40.20
C ILE B 313 -47.52 3.84 40.04
N HIS B 314 -46.74 4.91 40.04
CA HIS B 314 -45.28 4.79 39.91
C HIS B 314 -44.63 4.94 41.27
N ILE B 315 -43.66 4.07 41.57
CA ILE B 315 -42.85 4.14 42.78
C ILE B 315 -41.41 4.18 42.35
N VAL B 316 -40.71 5.28 42.67
CA VAL B 316 -39.29 5.37 42.37
C VAL B 316 -38.55 5.09 43.67
N VAL B 317 -37.71 4.04 43.68
CA VAL B 317 -36.84 3.71 44.81
C VAL B 317 -35.63 4.62 44.62
N ASN B 318 -35.74 5.84 45.14
CA ASN B 318 -34.73 6.88 44.95
C ASN B 318 -33.67 6.82 46.05
N ASN B 319 -32.63 6.01 45.82
CA ASN B 319 -31.54 5.87 46.79
C ASN B 319 -30.42 6.89 46.52
N GLN B 320 -30.72 7.90 45.64
CA GLN B 320 -29.87 9.06 45.33
C GLN B 320 -28.49 8.65 44.80
N ILE B 321 -28.45 7.52 44.07
CA ILE B 321 -27.24 6.94 43.49
C ILE B 321 -27.64 5.97 42.35
N GLY B 322 -26.75 5.84 41.37
CA GLY B 322 -26.86 4.91 40.25
C GLY B 322 -25.52 4.25 40.09
N PHE B 323 -25.31 3.10 40.80
CA PHE B 323 -24.06 2.33 40.85
C PHE B 323 -23.00 3.22 41.54
N THR B 324 -22.12 3.91 40.77
CA THR B 324 -21.13 4.82 41.37
C THR B 324 -21.46 6.29 41.05
N THR B 325 -22.47 6.51 40.19
CA THR B 325 -22.85 7.80 39.65
C THR B 325 -23.81 8.59 40.57
N ALA B 326 -23.43 9.85 40.83
CA ALA B 326 -24.18 10.81 41.64
C ALA B 326 -25.31 11.39 40.78
N PRO B 327 -26.46 11.79 41.40
CA PRO B 327 -27.58 12.36 40.59
C PRO B 327 -27.20 13.54 39.69
N THR B 328 -26.18 14.36 40.05
CA THR B 328 -25.76 15.51 39.24
C THR B 328 -25.21 15.09 37.87
N ASP B 329 -24.75 13.84 37.72
CA ASP B 329 -24.27 13.30 36.44
C ASP B 329 -25.34 12.43 35.76
N SER B 330 -26.51 12.25 36.39
CA SER B 330 -27.58 11.39 35.88
C SER B 330 -28.77 12.16 35.31
N ARG B 331 -28.99 13.41 35.75
CA ARG B 331 -30.14 14.21 35.32
C ARG B 331 -29.85 15.70 35.38
N SER B 332 -30.55 16.47 34.52
CA SER B 332 -30.44 17.92 34.38
C SER B 332 -31.62 18.64 35.04
N SER B 333 -32.29 17.97 35.99
CA SER B 333 -33.44 18.53 36.69
C SER B 333 -33.34 18.28 38.17
N GLU B 334 -34.14 19.01 38.96
CA GLU B 334 -34.17 18.95 40.43
C GLU B 334 -34.51 17.54 40.93
N TYR B 335 -35.54 16.91 40.33
CA TYR B 335 -36.00 15.59 40.76
C TYR B 335 -35.88 14.56 39.66
N CYS B 336 -35.68 13.26 40.03
CA CYS B 336 -35.57 12.16 39.07
C CYS B 336 -36.92 11.90 38.37
N THR B 337 -38.00 12.39 38.97
CA THR B 337 -39.38 12.19 38.52
C THR B 337 -39.93 13.35 37.64
N ASP B 338 -39.12 14.36 37.32
CA ASP B 338 -39.55 15.54 36.58
C ASP B 338 -40.12 15.23 35.17
N VAL B 339 -39.73 14.10 34.55
CA VAL B 339 -40.26 13.64 33.27
C VAL B 339 -41.80 13.46 33.34
N ALA B 340 -42.34 13.02 34.52
CA ALA B 340 -43.78 12.78 34.74
C ALA B 340 -44.65 14.05 34.63
N LYS B 341 -44.02 15.26 34.66
CA LYS B 341 -44.72 16.55 34.49
C LYS B 341 -45.21 16.69 33.04
N MET B 342 -44.65 15.90 32.13
CA MET B 342 -44.99 15.77 30.70
C MET B 342 -46.50 15.50 30.51
N ILE B 343 -47.13 14.75 31.44
CA ILE B 343 -48.56 14.38 31.34
C ILE B 343 -49.36 14.98 32.52
N GLY B 344 -48.76 15.95 33.21
CA GLY B 344 -49.35 16.64 34.36
C GLY B 344 -49.71 15.72 35.50
N ALA B 345 -48.86 14.71 35.78
CA ALA B 345 -49.09 13.78 36.87
C ALA B 345 -48.73 14.42 38.22
N PRO B 346 -49.49 14.21 39.32
CA PRO B 346 -49.06 14.74 40.62
C PRO B 346 -47.85 13.93 41.10
N ILE B 347 -46.90 14.59 41.77
CA ILE B 347 -45.69 13.92 42.22
C ILE B 347 -45.54 14.14 43.72
N PHE B 348 -45.28 13.04 44.45
CA PHE B 348 -45.11 13.08 45.90
C PHE B 348 -43.72 12.58 46.27
N HIS B 349 -42.90 13.47 46.81
CA HIS B 349 -41.54 13.13 47.28
C HIS B 349 -41.67 12.78 48.75
N VAL B 350 -41.39 11.52 49.12
CA VAL B 350 -41.62 11.12 50.51
C VAL B 350 -40.36 10.50 51.16
N ASN B 351 -40.11 10.91 52.43
CA ASN B 351 -39.01 10.46 53.27
C ASN B 351 -39.17 8.98 53.61
N GLY B 352 -38.25 8.18 53.05
CA GLY B 352 -38.21 6.73 53.23
C GLY B 352 -38.01 6.26 54.66
N ASP B 353 -37.59 7.15 55.57
CA ASP B 353 -37.42 6.81 56.98
C ASP B 353 -38.73 7.00 57.76
N ASP B 354 -39.78 7.57 57.11
CA ASP B 354 -41.11 7.76 57.71
C ASP B 354 -42.09 6.80 57.01
N PRO B 355 -42.25 5.55 57.50
CA PRO B 355 -43.14 4.61 56.80
C PRO B 355 -44.63 4.95 56.91
N GLU B 356 -45.04 5.79 57.88
CA GLU B 356 -46.42 6.25 58.04
C GLU B 356 -46.78 7.20 56.90
N ALA B 357 -45.89 8.18 56.61
CA ALA B 357 -46.06 9.14 55.51
C ALA B 357 -46.05 8.41 54.16
N CYS B 358 -45.16 7.40 54.02
CA CYS B 358 -45.02 6.58 52.82
C CYS B 358 -46.31 5.79 52.54
N ALA B 359 -46.91 5.18 53.58
CA ALA B 359 -48.17 4.42 53.48
C ALA B 359 -49.35 5.35 53.17
N TRP B 360 -49.40 6.55 53.80
CA TRP B 360 -50.45 7.56 53.59
C TRP B 360 -50.43 8.08 52.13
N VAL B 361 -49.22 8.36 51.60
CA VAL B 361 -49.01 8.85 50.23
C VAL B 361 -49.44 7.77 49.21
N ALA B 362 -49.15 6.50 49.52
CA ALA B 362 -49.52 5.35 48.69
C ALA B 362 -51.04 5.24 48.53
N ARG B 363 -51.80 5.43 49.63
CA ARG B 363 -53.27 5.37 49.65
C ARG B 363 -53.87 6.57 48.93
N LEU B 364 -53.28 7.77 49.10
CA LEU B 364 -53.72 8.99 48.42
C LEU B 364 -53.51 8.86 46.90
N ALA B 365 -52.39 8.22 46.48
CA ALA B 365 -52.05 7.97 45.08
C ALA B 365 -53.12 7.09 44.41
N VAL B 366 -53.55 6.02 45.09
CA VAL B 366 -54.57 5.10 44.58
C VAL B 366 -55.92 5.85 44.45
N ASP B 367 -56.27 6.70 45.44
CA ASP B 367 -57.51 7.50 45.43
C ASP B 367 -57.49 8.51 44.27
N PHE B 368 -56.34 9.17 44.01
CA PHE B 368 -56.21 10.12 42.89
C PHE B 368 -56.39 9.38 41.56
N ARG B 369 -55.75 8.20 41.41
CA ARG B 369 -55.82 7.37 40.20
C ARG B 369 -57.26 6.95 39.95
N GLN B 370 -57.99 6.55 41.01
CA GLN B 370 -59.39 6.13 40.90
C GLN B 370 -60.30 7.30 40.54
N ALA B 371 -60.00 8.51 41.05
CA ALA B 371 -60.81 9.69 40.79
C ALA B 371 -60.59 10.27 39.39
N PHE B 372 -59.34 10.32 38.89
CA PHE B 372 -59.09 11.00 37.63
C PHE B 372 -58.53 10.12 36.50
N LYS B 373 -58.33 8.80 36.74
CA LYS B 373 -57.83 7.83 35.73
C LYS B 373 -56.52 8.33 35.08
N LYS B 374 -55.61 8.85 35.91
CA LYS B 374 -54.35 9.42 35.46
C LYS B 374 -53.23 9.01 36.41
N ASP B 375 -51.98 8.93 35.89
CA ASP B 375 -50.78 8.51 36.61
C ASP B 375 -50.47 9.40 37.79
N VAL B 376 -49.91 8.75 38.84
CA VAL B 376 -49.43 9.35 40.09
C VAL B 376 -48.01 8.84 40.30
N VAL B 377 -47.10 9.73 40.69
CA VAL B 377 -45.72 9.34 40.92
C VAL B 377 -45.33 9.54 42.39
N ILE B 378 -44.78 8.49 42.99
CA ILE B 378 -44.26 8.50 44.35
C ILE B 378 -42.73 8.37 44.26
N ASP B 379 -42.03 9.42 44.70
CA ASP B 379 -40.59 9.46 44.74
C ASP B 379 -40.16 9.15 46.18
N MET B 380 -39.84 7.89 46.49
CA MET B 380 -39.43 7.49 47.84
C MET B 380 -37.91 7.68 48.04
N LEU B 381 -37.53 8.74 48.75
CA LEU B 381 -36.13 9.06 49.03
C LEU B 381 -35.62 8.13 50.10
N CYS B 382 -34.57 7.40 49.77
CA CYS B 382 -33.97 6.42 50.65
C CYS B 382 -32.47 6.39 50.40
N TYR B 383 -31.83 5.26 50.73
CA TYR B 383 -30.40 5.09 50.51
C TYR B 383 -30.11 3.63 50.19
N ARG B 384 -28.90 3.37 49.71
CA ARG B 384 -28.40 2.03 49.42
C ARG B 384 -27.34 1.76 50.49
N ARG B 385 -27.69 0.94 51.49
CA ARG B 385 -26.84 0.62 52.64
C ARG B 385 -25.46 0.06 52.25
N ARG B 386 -25.46 -0.94 51.37
CA ARG B 386 -24.24 -1.63 50.95
C ARG B 386 -23.76 -1.12 49.59
N GLY B 387 -22.66 -1.69 49.10
CA GLY B 387 -22.14 -1.39 47.78
C GLY B 387 -23.14 -1.84 46.72
N HIS B 388 -22.91 -1.42 45.47
CA HIS B 388 -23.78 -1.81 44.37
C HIS B 388 -23.68 -3.34 44.12
N ASN B 389 -22.49 -3.92 44.30
CA ASN B 389 -22.22 -5.36 44.11
C ASN B 389 -20.97 -5.77 44.91
N GLU B 390 -20.66 -7.09 44.91
CA GLU B 390 -19.57 -7.75 45.65
C GLU B 390 -18.20 -7.04 45.58
N GLY B 391 -17.83 -6.52 44.42
CA GLY B 391 -16.55 -5.85 44.25
C GLY B 391 -16.58 -4.35 44.43
N ASP B 392 -17.58 -3.84 45.17
CA ASP B 392 -17.72 -2.40 45.38
C ASP B 392 -17.60 -1.99 46.84
N ASP B 393 -16.66 -1.06 47.07
CA ASP B 393 -16.49 -0.33 48.31
C ASP B 393 -17.01 1.05 47.93
N PRO B 394 -18.29 1.34 48.24
CA PRO B 394 -18.92 2.58 47.72
C PRO B 394 -18.28 3.89 48.21
N SER B 395 -17.42 3.82 49.25
CA SER B 395 -16.72 5.01 49.74
C SER B 395 -15.59 5.45 48.78
N MET B 396 -15.24 4.60 47.77
CA MET B 396 -14.21 4.92 46.77
C MET B 396 -14.66 6.08 45.88
N THR B 397 -15.94 6.05 45.46
CA THR B 397 -16.50 7.03 44.53
C THR B 397 -17.44 8.01 45.21
N GLN B 398 -18.10 7.62 46.32
CA GLN B 398 -19.01 8.52 47.05
C GLN B 398 -18.63 8.53 48.55
N PRO B 399 -17.44 9.04 48.93
CA PRO B 399 -17.03 8.99 50.35
C PRO B 399 -17.93 9.76 51.31
N TYR B 400 -18.46 10.92 50.90
CA TYR B 400 -19.31 11.74 51.78
C TYR B 400 -20.62 11.02 52.10
N MET B 401 -21.30 10.50 51.05
CA MET B 401 -22.56 9.80 51.20
C MET B 401 -22.45 8.58 52.12
N TYR B 402 -21.43 7.73 51.90
CA TYR B 402 -21.29 6.49 52.65
C TYR B 402 -20.72 6.71 54.04
N ASP B 403 -20.14 7.89 54.37
CA ASP B 403 -19.76 8.17 55.75
C ASP B 403 -21.05 8.50 56.54
N VAL B 404 -22.06 9.07 55.84
CA VAL B 404 -23.36 9.41 56.44
C VAL B 404 -24.21 8.11 56.54
N ILE B 405 -24.15 7.22 55.50
CA ILE B 405 -24.89 5.94 55.46
C ILE B 405 -24.40 5.02 56.60
N ASP B 406 -23.08 5.05 56.90
CA ASP B 406 -22.47 4.24 57.95
C ASP B 406 -23.02 4.59 59.35
N THR B 407 -23.62 5.79 59.53
CA THR B 407 -24.20 6.20 60.82
C THR B 407 -25.72 5.90 60.87
N LYS B 408 -26.32 5.47 59.74
CA LYS B 408 -27.75 5.13 59.65
C LYS B 408 -28.02 3.76 60.27
N ARG B 409 -29.22 3.55 60.84
CA ARG B 409 -29.58 2.30 61.53
C ARG B 409 -30.71 1.47 60.86
N GLY B 410 -31.32 2.01 59.80
CA GLY B 410 -32.41 1.31 59.11
C GLY B 410 -33.76 1.79 59.59
N SER B 411 -34.76 1.77 58.70
CA SER B 411 -36.12 2.24 58.94
C SER B 411 -36.85 1.47 60.05
N ARG B 412 -36.57 0.16 60.22
CA ARG B 412 -37.20 -0.70 61.22
C ARG B 412 -36.85 -0.22 62.65
N LYS B 413 -35.54 -0.09 62.98
CA LYS B 413 -35.07 0.36 64.28
C LYS B 413 -35.49 1.81 64.54
N ALA B 414 -35.44 2.66 63.49
CA ALA B 414 -35.82 4.08 63.55
C ALA B 414 -37.30 4.25 63.87
N TYR B 415 -38.19 3.53 63.14
CA TYR B 415 -39.64 3.59 63.34
C TYR B 415 -40.03 3.01 64.72
N THR B 416 -39.33 1.96 65.21
CA THR B 416 -39.58 1.38 66.54
C THR B 416 -39.25 2.43 67.62
N GLU B 417 -38.13 3.16 67.44
CA GLU B 417 -37.66 4.22 68.33
C GLU B 417 -38.60 5.43 68.29
N ALA B 418 -39.13 5.76 67.10
CA ALA B 418 -40.07 6.87 66.88
C ALA B 418 -41.41 6.61 67.57
N LEU B 419 -41.87 5.33 67.58
CA LEU B 419 -43.12 4.92 68.22
C LEU B 419 -43.00 4.93 69.76
N ILE B 420 -41.76 4.78 70.30
CA ILE B 420 -41.50 4.83 71.74
C ILE B 420 -41.54 6.29 72.20
N GLY B 421 -40.80 7.15 71.48
CA GLY B 421 -40.69 8.58 71.75
C GLY B 421 -42.02 9.31 71.72
N ARG B 422 -42.87 8.99 70.73
CA ARG B 422 -44.21 9.57 70.57
C ARG B 422 -45.19 9.06 71.64
N GLY B 423 -44.88 7.90 72.23
CA GLY B 423 -45.69 7.26 73.26
C GLY B 423 -46.79 6.38 72.69
N ASP B 424 -46.68 6.03 71.38
CA ASP B 424 -47.65 5.21 70.65
C ASP B 424 -47.56 3.74 71.08
N ILE B 425 -46.35 3.27 71.49
CA ILE B 425 -46.11 1.90 71.97
C ILE B 425 -45.25 1.94 73.26
N SER B 426 -45.29 0.85 74.05
CA SER B 426 -44.52 0.70 75.29
C SER B 426 -43.22 -0.08 75.04
N MET B 427 -42.32 -0.14 76.04
CA MET B 427 -41.04 -0.87 75.93
C MET B 427 -41.29 -2.38 75.76
N LYS B 428 -42.32 -2.92 76.45
CA LYS B 428 -42.74 -4.33 76.34
C LYS B 428 -43.20 -4.65 74.91
N GLU B 429 -43.94 -3.71 74.29
CA GLU B 429 -44.44 -3.83 72.91
C GLU B 429 -43.27 -3.71 71.93
N ALA B 430 -42.25 -2.89 72.28
CA ALA B 430 -41.03 -2.66 71.51
C ALA B 430 -40.15 -3.90 71.54
N GLU B 431 -40.11 -4.60 72.70
CA GLU B 431 -39.38 -5.84 72.90
C GLU B 431 -40.09 -6.99 72.16
N ASP B 432 -41.44 -6.89 72.05
CA ASP B 432 -42.29 -7.84 71.31
C ASP B 432 -42.06 -7.70 69.81
N ALA B 433 -41.82 -6.45 69.36
CA ALA B 433 -41.53 -6.10 67.97
C ALA B 433 -40.15 -6.65 67.58
N LEU B 434 -39.14 -6.53 68.48
CA LEU B 434 -37.80 -7.05 68.29
C LEU B 434 -37.83 -8.59 68.23
N ARG B 435 -38.73 -9.21 69.04
CA ARG B 435 -38.96 -10.65 69.09
C ARG B 435 -39.69 -11.12 67.82
N ASP B 436 -40.52 -10.25 67.23
CA ASP B 436 -41.26 -10.53 65.98
C ASP B 436 -40.26 -10.59 64.82
N TYR B 437 -39.26 -9.67 64.81
CA TYR B 437 -38.18 -9.63 63.80
C TYR B 437 -37.37 -10.93 63.85
N GLN B 438 -36.97 -11.35 65.07
CA GLN B 438 -36.19 -12.55 65.35
C GLN B 438 -36.96 -13.80 64.92
N GLY B 439 -38.26 -13.82 65.18
CA GLY B 439 -39.15 -14.91 64.79
C GLY B 439 -39.20 -15.05 63.28
N GLN B 440 -39.31 -13.91 62.56
CA GLN B 440 -39.32 -13.88 61.10
C GLN B 440 -37.96 -14.30 60.53
N LEU B 441 -36.84 -13.87 61.16
CA LEU B 441 -35.48 -14.23 60.73
C LEU B 441 -35.25 -15.75 60.87
N GLU B 442 -35.75 -16.35 61.96
CA GLU B 442 -35.66 -17.78 62.27
C GLU B 442 -36.46 -18.61 61.27
N ARG B 443 -37.72 -18.19 61.00
CA ARG B 443 -38.67 -18.85 60.10
C ARG B 443 -38.12 -19.02 58.69
N VAL B 444 -37.50 -17.97 58.12
CA VAL B 444 -36.97 -18.06 56.75
C VAL B 444 -35.70 -18.99 56.74
N PHE B 445 -34.87 -18.97 57.81
CA PHE B 445 -33.71 -19.87 57.90
C PHE B 445 -34.17 -21.31 58.01
N ASN B 446 -35.18 -21.58 58.88
CA ASN B 446 -35.76 -22.90 59.13
C ASN B 446 -36.48 -23.46 57.90
N GLU B 447 -37.37 -22.68 57.27
CA GLU B 447 -38.13 -23.11 56.08
C GLU B 447 -37.23 -23.43 54.90
N VAL B 448 -36.13 -22.67 54.70
CA VAL B 448 -35.17 -22.91 53.63
C VAL B 448 -34.32 -24.15 53.98
N ARG B 449 -33.96 -24.31 55.28
CA ARG B 449 -33.21 -25.48 55.79
C ARG B 449 -34.04 -26.75 55.55
N GLU B 450 -35.36 -26.68 55.83
CA GLU B 450 -36.32 -27.77 55.62
C GLU B 450 -36.45 -28.09 54.13
N LEU B 451 -36.36 -27.04 53.27
CA LEU B 451 -36.45 -27.17 51.82
C LEU B 451 -35.23 -27.93 51.25
N GLU B 452 -33.99 -27.50 51.60
CA GLU B 452 -32.70 -28.09 51.16
C GLU B 452 -32.61 -29.61 51.38
N LYS B 453 -33.17 -30.12 52.50
CA LYS B 453 -33.16 -31.54 52.85
C LYS B 453 -34.18 -32.32 52.01
N HIS B 454 -35.38 -31.74 51.78
CA HIS B 454 -36.47 -32.35 51.01
C HIS B 454 -36.19 -32.31 49.50
N GLU B 455 -35.79 -31.15 48.95
CA GLU B 455 -35.51 -30.97 47.53
C GLU B 455 -34.19 -31.66 47.12
N ILE B 456 -34.13 -32.09 45.85
CA ILE B 456 -32.97 -32.76 45.26
C ILE B 456 -32.32 -31.87 44.18
N GLU B 457 -33.01 -30.79 43.77
CA GLU B 457 -32.54 -29.86 42.75
C GLU B 457 -31.71 -28.70 43.36
N PRO B 458 -30.44 -28.52 42.93
CA PRO B 458 -29.62 -27.45 43.53
C PRO B 458 -29.80 -26.09 42.84
N LEU B 472 -54.89 -28.26 11.57
CA LEU B 472 -56.09 -27.43 11.54
C LEU B 472 -56.22 -26.66 10.21
N ALA B 473 -57.42 -26.72 9.61
CA ALA B 473 -57.71 -26.08 8.34
C ALA B 473 -58.01 -24.58 8.50
N THR B 474 -57.47 -23.77 7.59
CA THR B 474 -57.61 -22.31 7.60
C THR B 474 -58.53 -21.81 6.48
N ALA B 475 -58.98 -22.70 5.58
CA ALA B 475 -59.90 -22.34 4.50
C ALA B 475 -61.26 -21.91 5.06
N VAL B 476 -61.87 -20.88 4.48
CA VAL B 476 -63.19 -20.36 4.85
C VAL B 476 -64.17 -20.66 3.71
N ASP B 477 -65.49 -20.57 3.95
CA ASP B 477 -66.47 -20.83 2.88
C ASP B 477 -66.69 -19.54 2.09
N LYS B 478 -67.18 -19.65 0.83
CA LYS B 478 -67.44 -18.52 -0.06
C LYS B 478 -68.39 -17.49 0.59
N ALA B 479 -69.33 -17.93 1.47
CA ALA B 479 -70.28 -17.07 2.19
C ALA B 479 -69.56 -16.17 3.21
N MET B 480 -68.44 -16.65 3.79
CA MET B 480 -67.65 -15.86 4.74
C MET B 480 -67.01 -14.67 4.01
N LEU B 481 -66.44 -14.93 2.81
CA LEU B 481 -65.80 -13.91 1.97
C LEU B 481 -66.81 -12.83 1.56
N GLN B 482 -67.99 -13.27 1.09
CA GLN B 482 -69.09 -12.42 0.63
C GLN B 482 -69.61 -11.52 1.73
N ARG B 483 -69.67 -12.05 2.96
CA ARG B 483 -70.13 -11.35 4.17
C ARG B 483 -69.16 -10.20 4.52
N ILE B 484 -67.83 -10.44 4.45
CA ILE B 484 -66.78 -9.44 4.74
C ILE B 484 -66.83 -8.35 3.66
N GLY B 485 -67.09 -8.75 2.41
CA GLY B 485 -67.23 -7.84 1.28
C GLY B 485 -68.46 -6.95 1.41
N ASP B 486 -69.61 -7.55 1.79
CA ASP B 486 -70.88 -6.84 1.99
C ASP B 486 -70.81 -5.86 3.17
N ALA B 487 -70.03 -6.20 4.22
CA ALA B 487 -69.82 -5.37 5.42
C ALA B 487 -69.26 -3.98 5.07
N HIS B 488 -68.44 -3.89 3.99
CA HIS B 488 -67.82 -2.64 3.53
C HIS B 488 -68.87 -1.67 2.92
N LEU B 489 -70.04 -2.19 2.50
CA LEU B 489 -71.12 -1.39 1.95
C LEU B 489 -72.32 -1.30 2.90
N ALA B 490 -72.28 -2.02 4.05
CA ALA B 490 -73.33 -1.99 5.07
C ALA B 490 -73.10 -0.78 6.01
N LEU B 491 -73.13 0.41 5.41
CA LEU B 491 -72.88 1.70 6.06
C LEU B 491 -74.02 2.12 7.01
N PRO B 492 -73.70 2.79 8.14
CA PRO B 492 -74.79 3.28 9.03
C PRO B 492 -75.66 4.32 8.33
N GLU B 493 -76.89 4.55 8.83
CA GLU B 493 -77.84 5.50 8.23
C GLU B 493 -77.30 6.92 8.27
N GLY B 494 -77.37 7.60 7.12
CA GLY B 494 -76.91 8.97 6.96
C GLY B 494 -75.40 9.17 6.90
N PHE B 495 -74.63 8.06 6.82
CA PHE B 495 -73.17 8.13 6.75
C PHE B 495 -72.74 8.60 5.37
N THR B 496 -71.82 9.58 5.31
CA THR B 496 -71.28 10.11 4.06
C THR B 496 -69.84 9.58 3.88
N VAL B 497 -69.64 8.72 2.89
CA VAL B 497 -68.32 8.15 2.58
C VAL B 497 -67.55 9.16 1.73
N HIS B 498 -66.24 9.30 1.98
CA HIS B 498 -65.38 10.18 1.19
C HIS B 498 -65.37 9.69 -0.26
N PRO B 499 -65.52 10.60 -1.26
CA PRO B 499 -65.59 10.17 -2.68
C PRO B 499 -64.46 9.24 -3.16
N ARG B 500 -63.26 9.31 -2.53
CA ARG B 500 -62.11 8.47 -2.88
C ARG B 500 -62.07 7.14 -2.11
N VAL B 501 -62.89 7.01 -1.04
CA VAL B 501 -62.96 5.79 -0.22
C VAL B 501 -64.09 4.85 -0.74
N ARG B 502 -65.19 5.43 -1.28
CA ARG B 502 -66.34 4.71 -1.86
C ARG B 502 -65.89 3.65 -2.91
N PRO B 503 -65.01 3.94 -3.91
CA PRO B 503 -64.63 2.87 -4.87
C PRO B 503 -63.90 1.69 -4.21
N VAL B 504 -63.16 1.92 -3.11
CA VAL B 504 -62.44 0.87 -2.38
C VAL B 504 -63.45 -0.11 -1.78
N LEU B 505 -64.52 0.43 -1.16
CA LEU B 505 -65.58 -0.38 -0.54
C LEU B 505 -66.36 -1.19 -1.60
N GLU B 506 -66.62 -0.59 -2.76
CA GLU B 506 -67.34 -1.24 -3.87
C GLU B 506 -66.48 -2.35 -4.49
N LYS B 507 -65.15 -2.10 -4.62
CA LYS B 507 -64.18 -3.05 -5.16
C LYS B 507 -64.02 -4.27 -4.24
N ARG B 508 -64.16 -4.07 -2.91
CA ARG B 508 -64.06 -5.16 -1.93
C ARG B 508 -65.26 -6.09 -2.03
N ARG B 509 -66.46 -5.54 -2.28
CA ARG B 509 -67.65 -6.37 -2.50
C ARG B 509 -67.44 -7.16 -3.80
N GLU B 510 -66.92 -6.50 -4.86
CA GLU B 510 -66.63 -7.08 -6.17
C GLU B 510 -65.63 -8.25 -6.03
N MET B 511 -64.51 -8.03 -5.32
CA MET B 511 -63.47 -9.03 -5.11
C MET B 511 -64.01 -10.27 -4.34
N ALA B 512 -64.87 -10.02 -3.33
CA ALA B 512 -65.47 -11.04 -2.47
C ALA B 512 -66.34 -12.04 -3.23
N TYR B 513 -66.99 -11.59 -4.32
CA TYR B 513 -67.89 -12.39 -5.14
C TYR B 513 -67.28 -12.85 -6.48
N GLU B 514 -66.33 -12.07 -7.03
CA GLU B 514 -65.77 -12.37 -8.36
C GLU B 514 -64.29 -12.80 -8.37
N GLY B 515 -63.54 -12.50 -7.31
CA GLY B 515 -62.13 -12.87 -7.23
C GLY B 515 -61.20 -11.70 -7.46
N ARG B 516 -59.94 -12.01 -7.89
CA ARG B 516 -58.85 -11.02 -8.10
C ARG B 516 -58.64 -10.22 -6.80
N ILE B 517 -58.66 -10.93 -5.65
CA ILE B 517 -58.50 -10.35 -4.31
C ILE B 517 -57.07 -9.83 -4.14
N ASP B 518 -56.92 -8.53 -3.81
CA ASP B 518 -55.62 -7.89 -3.60
C ASP B 518 -55.13 -8.15 -2.17
N TRP B 519 -53.85 -7.82 -1.88
CA TRP B 519 -53.20 -8.03 -0.57
C TRP B 519 -53.99 -7.41 0.58
N ALA B 520 -54.35 -6.13 0.46
CA ALA B 520 -55.03 -5.36 1.49
C ALA B 520 -56.36 -5.99 1.91
N PHE B 521 -57.17 -6.45 0.93
CA PHE B 521 -58.45 -7.08 1.23
C PHE B 521 -58.25 -8.46 1.85
N ALA B 522 -57.26 -9.23 1.37
CA ALA B 522 -56.93 -10.57 1.90
C ALA B 522 -56.61 -10.50 3.38
N GLU B 523 -55.92 -9.43 3.82
CA GLU B 523 -55.59 -9.20 5.23
C GLU B 523 -56.88 -9.05 6.05
N LEU B 524 -57.81 -8.23 5.55
CA LEU B 524 -59.09 -7.96 6.22
C LEU B 524 -60.01 -9.18 6.15
N LEU B 525 -59.86 -10.03 5.13
CA LEU B 525 -60.61 -11.29 5.02
C LEU B 525 -60.17 -12.24 6.13
N ALA B 526 -58.84 -12.28 6.41
CA ALA B 526 -58.26 -13.13 7.47
C ALA B 526 -58.71 -12.65 8.85
N LEU B 527 -58.57 -11.34 9.13
CA LEU B 527 -58.93 -10.74 10.40
C LEU B 527 -60.45 -10.79 10.63
N GLY B 528 -61.22 -10.46 9.59
CA GLY B 528 -62.68 -10.50 9.61
C GLY B 528 -63.25 -11.88 9.92
N SER B 529 -62.67 -12.93 9.29
CA SER B 529 -63.08 -14.32 9.50
C SER B 529 -62.75 -14.80 10.91
N LEU B 530 -61.63 -14.32 11.50
CA LEU B 530 -61.24 -14.66 12.88
C LEU B 530 -62.22 -14.02 13.88
N ILE B 531 -62.64 -12.75 13.64
CA ILE B 531 -63.64 -12.03 14.46
C ILE B 531 -64.97 -12.79 14.42
N ALA B 532 -65.38 -13.27 13.22
CA ALA B 532 -66.61 -14.04 12.99
C ALA B 532 -66.58 -15.37 13.75
N GLU B 533 -65.37 -15.93 13.97
CA GLU B 533 -65.16 -17.19 14.70
C GLU B 533 -65.05 -16.95 16.22
N GLY B 534 -65.11 -15.69 16.65
CA GLY B 534 -65.09 -15.29 18.05
C GLY B 534 -63.77 -14.79 18.62
N LYS B 535 -62.79 -14.51 17.75
CA LYS B 535 -61.48 -14.05 18.21
C LYS B 535 -61.41 -12.52 18.34
N LEU B 536 -60.72 -12.06 19.39
CA LEU B 536 -60.43 -10.65 19.59
C LEU B 536 -59.23 -10.33 18.72
N VAL B 537 -59.37 -9.29 17.88
CA VAL B 537 -58.29 -8.87 16.99
C VAL B 537 -57.90 -7.43 17.35
N ARG B 538 -56.63 -7.23 17.76
CA ARG B 538 -56.09 -5.92 18.06
C ARG B 538 -55.00 -5.62 17.04
N LEU B 539 -55.22 -4.57 16.24
CA LEU B 539 -54.32 -4.12 15.18
C LEU B 539 -53.97 -2.66 15.42
N SER B 540 -52.67 -2.33 15.40
CA SER B 540 -52.24 -0.95 15.65
C SER B 540 -50.89 -0.67 15.02
N GLY B 541 -50.55 0.61 14.92
CA GLY B 541 -49.30 1.09 14.36
C GLY B 541 -49.52 2.48 13.81
N GLN B 542 -48.47 3.08 13.23
CA GLN B 542 -48.55 4.44 12.71
C GLN B 542 -49.43 4.48 11.47
N ASP B 543 -50.53 5.26 11.57
CA ASP B 543 -51.53 5.49 10.52
C ASP B 543 -52.16 4.19 10.00
N THR B 544 -52.24 3.16 10.87
CA THR B 544 -52.71 1.80 10.57
C THR B 544 -54.23 1.74 10.26
N GLN B 545 -55.05 2.68 10.78
CA GLN B 545 -56.49 2.68 10.48
C GLN B 545 -56.70 2.82 8.97
N ARG B 546 -56.00 3.79 8.33
CA ARG B 546 -56.13 4.00 6.89
C ARG B 546 -55.11 3.16 6.12
N GLY B 547 -53.92 3.01 6.69
CA GLY B 547 -52.80 2.33 6.07
C GLY B 547 -51.85 3.37 5.49
N THR B 548 -50.53 3.19 5.70
CA THR B 548 -49.46 4.06 5.21
C THR B 548 -49.59 4.28 3.67
N PHE B 549 -49.93 3.22 2.93
CA PHE B 549 -50.01 3.23 1.47
C PHE B 549 -51.45 3.38 0.99
N THR B 550 -52.33 4.01 1.84
CA THR B 550 -53.77 4.28 1.63
C THR B 550 -54.49 3.02 1.16
N GLN B 551 -54.08 1.84 1.69
CA GLN B 551 -54.63 0.57 1.22
C GLN B 551 -55.59 -0.14 2.19
N ARG B 552 -55.52 0.14 3.50
CA ARG B 552 -56.31 -0.63 4.46
C ARG B 552 -57.76 -0.16 4.61
N HIS B 553 -57.97 1.10 5.04
CA HIS B 553 -59.29 1.68 5.30
C HIS B 553 -60.09 0.76 6.26
N ALA B 554 -59.44 0.35 7.37
CA ALA B 554 -60.03 -0.50 8.43
C ALA B 554 -61.08 0.30 9.19
N VAL B 555 -60.88 1.62 9.23
CA VAL B 555 -61.77 2.64 9.79
C VAL B 555 -61.98 3.67 8.67
N ILE B 556 -63.24 4.04 8.41
CA ILE B 556 -63.55 5.06 7.41
C ILE B 556 -64.21 6.22 8.16
N VAL B 557 -63.95 7.46 7.71
CA VAL B 557 -64.37 8.68 8.39
C VAL B 557 -65.48 9.40 7.60
N ASP B 558 -66.58 9.75 8.30
CA ASP B 558 -67.70 10.47 7.68
C ASP B 558 -67.21 11.84 7.17
N ARG B 559 -67.46 12.11 5.87
CA ARG B 559 -67.03 13.32 5.18
C ARG B 559 -67.61 14.61 5.81
N LYS B 560 -68.83 14.53 6.37
CA LYS B 560 -69.53 15.68 6.96
C LYS B 560 -69.42 15.77 8.49
N THR B 561 -69.38 14.63 9.22
CA THR B 561 -69.37 14.68 10.70
C THR B 561 -68.04 14.25 11.36
N GLY B 562 -67.22 13.46 10.65
CA GLY B 562 -65.98 12.96 11.20
C GLY B 562 -66.16 11.69 12.02
N GLU B 563 -67.41 11.18 12.07
CA GLU B 563 -67.76 9.94 12.77
C GLU B 563 -67.04 8.76 12.12
N GLU B 564 -66.46 7.89 12.94
CA GLU B 564 -65.71 6.73 12.47
C GLU B 564 -66.63 5.52 12.30
N PHE B 565 -66.38 4.72 11.25
CA PHE B 565 -67.09 3.48 10.95
C PHE B 565 -66.06 2.38 10.68
N THR B 566 -66.24 1.24 11.36
CA THR B 566 -65.33 0.09 11.27
C THR B 566 -66.09 -1.08 10.63
N PRO B 567 -65.96 -1.28 9.29
CA PRO B 567 -66.71 -2.37 8.62
C PRO B 567 -66.52 -3.78 9.24
N LEU B 568 -65.28 -4.15 9.64
CA LEU B 568 -65.01 -5.50 10.21
C LEU B 568 -65.70 -5.74 11.56
N GLN B 569 -66.14 -4.67 12.28
CA GLN B 569 -66.82 -4.80 13.58
C GLN B 569 -68.21 -5.45 13.40
N LEU B 570 -68.79 -5.40 12.19
CA LEU B 570 -70.10 -6.01 11.89
C LEU B 570 -70.02 -7.54 11.95
N LEU B 571 -68.82 -8.10 11.84
CA LEU B 571 -68.59 -9.55 11.87
C LEU B 571 -68.53 -10.08 13.31
N ALA B 572 -68.57 -9.17 14.32
CA ALA B 572 -68.62 -9.54 15.73
C ALA B 572 -70.04 -9.98 16.12
N THR B 573 -71.00 -9.84 15.17
CA THR B 573 -72.40 -10.22 15.31
C THR B 573 -72.72 -11.28 14.25
N ASN B 574 -73.29 -12.42 14.67
CA ASN B 574 -73.69 -13.52 13.79
C ASN B 574 -74.91 -13.12 12.93
N PRO B 575 -75.21 -13.80 11.79
CA PRO B 575 -76.39 -13.43 10.98
C PRO B 575 -77.71 -13.49 11.75
N ASP B 576 -77.79 -14.31 12.83
CA ASP B 576 -78.97 -14.45 13.68
C ASP B 576 -79.10 -13.28 14.71
N GLY B 577 -78.07 -12.43 14.79
CA GLY B 577 -78.05 -11.28 15.69
C GLY B 577 -77.29 -11.44 17.00
N THR B 578 -76.89 -12.67 17.34
CA THR B 578 -76.16 -12.97 18.58
C THR B 578 -74.67 -12.60 18.44
N PRO B 579 -73.96 -12.21 19.54
CA PRO B 579 -72.54 -11.88 19.39
C PRO B 579 -71.68 -13.13 19.18
N THR B 580 -70.58 -13.00 18.43
CA THR B 580 -69.65 -14.11 18.15
C THR B 580 -68.67 -14.29 19.29
N GLY B 581 -68.46 -13.22 20.07
CA GLY B 581 -67.49 -13.17 21.15
C GLY B 581 -66.23 -12.43 20.70
N GLY B 582 -66.15 -12.19 19.39
CA GLY B 582 -65.03 -11.49 18.75
C GLY B 582 -65.19 -9.99 18.77
N LYS B 583 -64.11 -9.27 18.43
CA LYS B 583 -64.07 -7.81 18.40
C LYS B 583 -62.88 -7.32 17.59
N PHE B 584 -63.03 -6.16 16.95
CA PHE B 584 -61.94 -5.54 16.20
C PHE B 584 -61.54 -4.25 16.88
N LEU B 585 -60.31 -4.23 17.39
CA LEU B 585 -59.73 -3.09 18.09
C LEU B 585 -58.57 -2.56 17.24
N VAL B 586 -58.85 -1.55 16.40
CA VAL B 586 -57.85 -0.99 15.48
C VAL B 586 -57.53 0.46 15.88
N TYR B 587 -56.24 0.78 16.02
CA TYR B 587 -55.84 2.12 16.44
C TYR B 587 -54.69 2.68 15.67
N ASN B 588 -54.62 4.01 15.64
CA ASN B 588 -53.46 4.73 15.15
C ASN B 588 -52.56 4.87 16.35
N SER B 589 -51.30 4.49 16.24
CA SER B 589 -50.40 4.60 17.38
C SER B 589 -49.80 5.99 17.48
N ALA B 590 -49.11 6.26 18.59
CA ALA B 590 -48.32 7.46 18.77
C ALA B 590 -47.06 7.27 17.92
N LEU B 591 -46.27 8.32 17.69
CA LEU B 591 -45.06 8.19 16.89
C LEU B 591 -43.93 7.59 17.75
N SER B 592 -44.09 6.32 18.10
CA SER B 592 -43.17 5.51 18.92
C SER B 592 -43.02 4.14 18.31
N GLU B 593 -41.86 3.54 18.50
CA GLU B 593 -41.59 2.16 18.08
C GLU B 593 -41.36 1.33 19.34
N PHE B 594 -40.42 1.75 20.21
CA PHE B 594 -40.04 1.06 21.45
C PHE B 594 -41.27 0.82 22.33
N ALA B 595 -41.99 1.90 22.76
CA ALA B 595 -43.17 1.73 23.63
C ALA B 595 -44.32 1.01 22.94
N ALA B 596 -44.59 1.29 21.64
CA ALA B 596 -45.70 0.67 20.91
C ALA B 596 -45.47 -0.85 20.72
N VAL B 597 -44.24 -1.27 20.34
CA VAL B 597 -43.91 -2.71 20.14
C VAL B 597 -43.95 -3.40 21.51
N GLY B 598 -43.42 -2.74 22.54
CA GLY B 598 -43.43 -3.23 23.92
C GLY B 598 -44.84 -3.48 24.41
N PHE B 599 -45.75 -2.52 24.12
CA PHE B 599 -47.17 -2.57 24.48
C PHE B 599 -47.87 -3.76 23.82
N GLU B 600 -47.66 -3.93 22.50
CA GLU B 600 -48.28 -5.02 21.74
C GLU B 600 -47.75 -6.38 22.19
N TYR B 601 -46.46 -6.48 22.50
CA TYR B 601 -45.91 -7.72 23.05
C TYR B 601 -46.61 -8.02 24.39
N GLY B 602 -46.67 -7.01 25.26
CA GLY B 602 -47.33 -7.10 26.56
C GLY B 602 -48.79 -7.49 26.45
N TYR B 603 -49.51 -6.90 25.48
CA TYR B 603 -50.92 -7.19 25.21
C TYR B 603 -51.12 -8.69 24.89
N SER B 604 -50.25 -9.29 24.03
CA SER B 604 -50.39 -10.72 23.69
C SER B 604 -50.11 -11.64 24.90
N VAL B 605 -49.26 -11.21 25.85
CA VAL B 605 -48.97 -11.95 27.09
C VAL B 605 -50.22 -11.88 28.00
N GLY B 606 -50.81 -10.69 28.12
CA GLY B 606 -52.01 -10.41 28.91
C GLY B 606 -53.23 -11.17 28.45
N ASN B 607 -53.37 -11.41 27.13
CA ASN B 607 -54.47 -12.16 26.56
C ASN B 607 -53.93 -13.10 25.46
N PRO B 608 -53.58 -14.35 25.82
CA PRO B 608 -53.04 -15.30 24.82
C PRO B 608 -54.03 -15.69 23.72
N ASP B 609 -55.34 -15.48 23.95
CA ASP B 609 -56.38 -15.82 22.98
C ASP B 609 -56.60 -14.71 21.95
N ALA B 610 -55.98 -13.54 22.15
CA ALA B 610 -56.10 -12.41 21.24
C ALA B 610 -55.15 -12.53 20.04
N MET B 611 -55.57 -11.96 18.91
CA MET B 611 -54.78 -11.83 17.68
C MET B 611 -54.20 -10.41 17.77
N VAL B 612 -52.90 -10.27 18.05
CA VAL B 612 -52.26 -8.95 18.23
C VAL B 612 -51.27 -8.68 17.10
N LEU B 613 -51.50 -7.60 16.36
CA LEU B 613 -50.63 -7.22 15.25
C LEU B 613 -50.15 -5.78 15.40
N TRP B 614 -48.83 -5.59 15.29
CA TRP B 614 -48.22 -4.26 15.31
C TRP B 614 -47.64 -4.01 13.93
N GLU B 615 -47.92 -2.85 13.38
CA GLU B 615 -47.43 -2.52 12.05
C GLU B 615 -46.46 -1.34 12.06
N ALA B 616 -45.26 -1.56 11.52
CA ALA B 616 -44.25 -0.53 11.33
C ALA B 616 -44.67 0.34 10.15
N GLN B 617 -44.36 1.65 10.15
CA GLN B 617 -44.69 2.52 9.01
C GLN B 617 -43.97 1.95 7.80
N PHE B 618 -42.68 1.64 8.01
CA PHE B 618 -41.73 0.97 7.13
C PHE B 618 -40.93 0.09 8.05
N GLY B 619 -40.56 -1.12 7.62
CA GLY B 619 -39.77 -2.03 8.44
C GLY B 619 -38.46 -1.44 8.93
N ASP B 620 -37.93 -0.44 8.19
CA ASP B 620 -36.69 0.28 8.49
C ASP B 620 -36.68 1.00 9.85
N PHE B 621 -37.87 1.28 10.40
CA PHE B 621 -37.99 2.00 11.67
C PHE B 621 -38.16 1.08 12.88
N VAL B 622 -38.32 -0.24 12.66
CA VAL B 622 -38.48 -1.20 13.78
C VAL B 622 -37.18 -1.32 14.63
N ASN B 623 -36.01 -0.87 14.12
CA ASN B 623 -34.76 -0.90 14.91
C ASN B 623 -34.85 0.06 16.14
N GLY B 624 -35.84 0.95 16.16
CA GLY B 624 -36.13 1.84 17.29
C GLY B 624 -36.70 1.05 18.46
N ALA B 625 -37.17 -0.18 18.17
CA ALA B 625 -37.72 -1.12 19.14
C ALA B 625 -36.82 -2.35 19.34
N GLN B 626 -35.52 -2.25 18.98
CA GLN B 626 -34.56 -3.36 19.05
C GLN B 626 -34.49 -4.02 20.44
N SER B 627 -34.54 -3.22 21.53
CA SER B 627 -34.52 -3.77 22.89
C SER B 627 -35.71 -4.71 23.13
N ILE B 628 -36.92 -4.36 22.64
CA ILE B 628 -38.10 -5.22 22.81
C ILE B 628 -37.95 -6.51 21.97
N ILE B 629 -37.49 -6.38 20.72
CA ILE B 629 -37.27 -7.53 19.83
C ILE B 629 -36.24 -8.50 20.47
N ASP B 630 -35.07 -7.97 20.87
CA ASP B 630 -33.98 -8.77 21.46
C ASP B 630 -34.30 -9.37 22.82
N GLU B 631 -34.89 -8.57 23.70
CA GLU B 631 -35.08 -8.94 25.10
C GLU B 631 -36.41 -9.60 25.43
N PHE B 632 -37.46 -9.37 24.64
CA PHE B 632 -38.76 -9.95 24.95
C PHE B 632 -39.27 -10.89 23.88
N ILE B 633 -39.50 -10.39 22.65
CA ILE B 633 -40.11 -11.13 21.54
C ILE B 633 -39.33 -12.41 21.17
N SER B 634 -38.06 -12.26 20.79
CA SER B 634 -37.24 -13.35 20.31
C SER B 634 -36.77 -14.34 21.38
N SER B 635 -36.70 -13.91 22.65
CA SER B 635 -36.06 -14.70 23.70
C SER B 635 -36.88 -14.98 24.99
N GLY B 636 -38.00 -14.29 25.21
CA GLY B 636 -38.82 -14.45 26.41
C GLY B 636 -39.22 -15.87 26.78
N GLU B 637 -39.57 -16.69 25.76
CA GLU B 637 -39.98 -18.09 25.96
C GLU B 637 -38.86 -18.95 26.55
N ALA B 638 -37.66 -18.93 25.95
CA ALA B 638 -36.52 -19.73 26.42
C ALA B 638 -35.98 -19.23 27.77
N LYS B 639 -35.96 -17.91 27.98
CA LYS B 639 -35.42 -17.34 29.22
C LYS B 639 -36.38 -17.48 30.41
N TRP B 640 -37.68 -17.18 30.22
CA TRP B 640 -38.60 -17.16 31.36
C TRP B 640 -39.83 -18.07 31.24
N GLY B 641 -39.97 -18.78 30.13
CA GLY B 641 -41.15 -19.61 29.90
C GLY B 641 -42.37 -18.76 29.61
N GLN B 642 -42.16 -17.46 29.24
CA GLN B 642 -43.23 -16.50 28.94
C GLN B 642 -43.53 -16.56 27.45
N LEU B 643 -44.78 -16.83 27.10
CA LEU B 643 -45.18 -17.00 25.71
C LEU B 643 -45.91 -15.77 25.17
N SER B 644 -45.70 -15.50 23.88
CA SER B 644 -46.32 -14.38 23.17
C SER B 644 -46.65 -14.78 21.74
N ASP B 645 -47.82 -14.38 21.26
CA ASP B 645 -48.28 -14.66 19.90
C ASP B 645 -48.31 -13.35 19.08
N VAL B 646 -47.54 -12.33 19.49
CA VAL B 646 -47.51 -11.02 18.82
C VAL B 646 -47.03 -11.15 17.34
N VAL B 647 -47.67 -10.37 16.45
CA VAL B 647 -47.35 -10.29 15.03
C VAL B 647 -46.71 -8.93 14.75
N LEU B 648 -45.56 -8.93 14.05
CA LEU B 648 -44.93 -7.70 13.60
C LEU B 648 -45.03 -7.64 12.09
N LEU B 649 -45.71 -6.61 11.57
CA LEU B 649 -45.88 -6.38 10.13
C LEU B 649 -44.86 -5.33 9.71
N LEU B 650 -43.91 -5.73 8.87
CA LEU B 650 -42.80 -4.86 8.47
C LEU B 650 -42.77 -4.61 6.95
N PRO B 651 -43.30 -3.43 6.46
CA PRO B 651 -43.22 -3.12 5.02
C PRO B 651 -41.76 -3.13 4.56
N HIS B 652 -41.50 -3.97 3.57
CA HIS B 652 -40.17 -4.27 3.06
C HIS B 652 -40.16 -4.39 1.54
N GLY B 653 -39.07 -3.96 0.90
CA GLY B 653 -38.90 -4.06 -0.55
C GLY B 653 -38.02 -3.01 -1.18
N HIS B 654 -37.16 -3.42 -2.13
CA HIS B 654 -36.27 -2.52 -2.88
C HIS B 654 -37.06 -1.85 -3.98
N GLU B 655 -37.34 -0.54 -3.82
CA GLU B 655 -38.15 0.24 -4.78
C GLU B 655 -37.51 1.58 -5.16
N GLY B 656 -36.28 1.82 -4.70
CA GLY B 656 -35.56 3.06 -4.99
C GLY B 656 -35.90 4.23 -4.09
N GLN B 657 -36.49 3.96 -2.90
CA GLN B 657 -36.88 5.02 -1.95
C GLN B 657 -35.83 5.26 -0.83
N GLY B 658 -34.62 4.74 -1.01
CA GLY B 658 -33.52 4.97 -0.08
C GLY B 658 -33.34 3.98 1.04
N PRO B 659 -32.25 4.12 1.82
CA PRO B 659 -31.92 3.14 2.87
C PRO B 659 -32.84 3.08 4.11
N ASP B 660 -33.80 4.02 4.23
CA ASP B 660 -34.73 4.04 5.36
C ASP B 660 -36.16 3.80 4.91
N HIS B 661 -36.34 3.40 3.66
CA HIS B 661 -37.65 3.05 3.09
C HIS B 661 -37.46 1.81 2.20
N THR B 662 -36.59 0.88 2.62
CA THR B 662 -36.32 -0.30 1.82
C THR B 662 -36.34 -1.62 2.61
N SER B 663 -35.75 -1.66 3.81
CA SER B 663 -35.58 -2.94 4.49
C SER B 663 -36.04 -3.01 5.94
N GLY B 664 -36.64 -4.15 6.26
CA GLY B 664 -37.05 -4.49 7.63
C GLY B 664 -35.98 -5.33 8.31
N ARG B 665 -34.80 -5.47 7.64
CA ARG B 665 -33.61 -6.21 8.06
C ARG B 665 -33.94 -7.68 8.36
N ILE B 666 -34.35 -8.42 7.31
CA ILE B 666 -34.65 -9.86 7.35
C ILE B 666 -33.52 -10.63 8.04
N GLU B 667 -32.26 -10.33 7.63
CA GLU B 667 -31.02 -10.97 8.12
C GLU B 667 -30.90 -10.91 9.65
N ARG B 668 -31.35 -9.81 10.30
CA ARG B 668 -31.28 -9.66 11.75
C ARG B 668 -32.28 -10.59 12.45
N PHE B 669 -33.52 -10.68 11.93
CA PHE B 669 -34.54 -11.56 12.51
C PHE B 669 -34.16 -13.03 12.32
N LEU B 670 -33.55 -13.38 11.16
CA LEU B 670 -33.11 -14.76 10.88
C LEU B 670 -31.93 -15.15 11.76
N GLN B 671 -31.09 -14.17 12.14
CA GLN B 671 -29.93 -14.36 13.03
C GLN B 671 -30.42 -14.59 14.47
N LEU B 672 -31.48 -13.88 14.89
CA LEU B 672 -32.07 -14.01 16.24
C LEU B 672 -32.80 -15.34 16.42
N TRP B 673 -33.38 -15.86 15.33
CA TRP B 673 -34.16 -17.10 15.31
C TRP B 673 -33.35 -18.32 15.76
N ALA B 674 -34.02 -19.18 16.53
CA ALA B 674 -33.63 -20.52 16.97
C ALA B 674 -34.90 -21.37 16.98
N GLU B 675 -34.78 -22.68 16.74
CA GLU B 675 -35.92 -23.61 16.65
C GLU B 675 -36.99 -23.36 17.71
N GLY B 676 -38.21 -23.08 17.25
CA GLY B 676 -39.38 -22.85 18.10
C GLY B 676 -39.48 -21.48 18.75
N SER B 677 -38.63 -20.51 18.36
CA SER B 677 -38.68 -19.19 18.99
C SER B 677 -39.63 -18.26 18.24
N MET B 678 -39.54 -18.21 16.90
CA MET B 678 -40.39 -17.34 16.07
C MET B 678 -40.70 -17.98 14.73
N THR B 679 -41.70 -17.41 14.03
CA THR B 679 -42.05 -17.74 12.64
C THR B 679 -41.72 -16.48 11.84
N ILE B 680 -40.96 -16.64 10.75
CA ILE B 680 -40.55 -15.50 9.90
C ILE B 680 -41.02 -15.82 8.48
N ALA B 681 -41.81 -14.92 7.90
CA ALA B 681 -42.36 -15.13 6.56
C ALA B 681 -42.33 -13.88 5.69
N MET B 682 -42.29 -14.11 4.36
CA MET B 682 -42.34 -13.06 3.35
C MET B 682 -43.28 -13.57 2.24
N PRO B 683 -44.62 -13.47 2.45
CA PRO B 683 -45.55 -14.00 1.44
C PRO B 683 -45.54 -13.17 0.15
N SER B 684 -45.76 -13.84 -0.98
CA SER B 684 -45.77 -13.23 -2.30
C SER B 684 -47.19 -13.06 -2.85
N THR B 685 -48.19 -13.74 -2.24
CA THR B 685 -49.58 -13.66 -2.74
C THR B 685 -50.55 -13.28 -1.62
N PRO B 686 -51.68 -12.58 -1.96
CA PRO B 686 -52.68 -12.23 -0.94
C PRO B 686 -53.25 -13.44 -0.19
N ALA B 687 -53.57 -14.54 -0.91
CA ALA B 687 -54.14 -15.76 -0.31
C ALA B 687 -53.18 -16.44 0.67
N ASN B 688 -51.87 -16.48 0.34
CA ASN B 688 -50.90 -17.11 1.23
C ASN B 688 -50.70 -16.30 2.51
N TYR B 689 -50.86 -14.96 2.44
CA TYR B 689 -50.79 -14.07 3.60
C TYR B 689 -52.03 -14.31 4.49
N PHE B 690 -53.21 -14.44 3.86
CA PHE B 690 -54.50 -14.73 4.52
C PHE B 690 -54.38 -16.03 5.34
N HIS B 691 -53.84 -17.11 4.74
CA HIS B 691 -53.69 -18.41 5.38
C HIS B 691 -52.62 -18.36 6.46
N LEU B 692 -51.55 -17.54 6.27
CA LEU B 692 -50.48 -17.34 7.25
C LEU B 692 -51.05 -16.73 8.54
N LEU B 693 -51.93 -15.71 8.41
CA LEU B 693 -52.55 -15.02 9.54
C LEU B 693 -53.57 -15.92 10.24
N ARG B 694 -54.34 -16.70 9.47
CA ARG B 694 -55.33 -17.61 10.05
C ARG B 694 -54.65 -18.80 10.74
N ARG B 695 -53.55 -19.34 10.17
CA ARG B 695 -52.78 -20.42 10.81
C ARG B 695 -52.25 -19.92 12.15
N HIS B 696 -51.66 -18.71 12.14
CA HIS B 696 -51.09 -18.06 13.32
C HIS B 696 -52.11 -17.90 14.47
N GLY B 697 -53.33 -17.46 14.16
CA GLY B 697 -54.36 -17.25 15.16
C GLY B 697 -55.10 -18.50 15.61
N LYS B 698 -55.02 -19.60 14.83
CA LYS B 698 -55.77 -20.84 15.13
C LYS B 698 -54.91 -22.08 15.47
N ASP B 699 -53.56 -22.01 15.36
CA ASP B 699 -52.67 -23.16 15.60
C ASP B 699 -52.57 -23.60 17.08
N GLY B 700 -53.05 -22.78 18.01
CA GLY B 700 -53.01 -23.07 19.44
C GLY B 700 -51.62 -23.00 20.04
N ILE B 701 -50.69 -22.37 19.32
CA ILE B 701 -49.28 -22.21 19.69
C ILE B 701 -49.02 -20.72 19.91
N GLN B 702 -48.34 -20.38 21.01
CA GLN B 702 -48.00 -18.99 21.31
C GLN B 702 -46.56 -18.77 20.88
N ARG B 703 -46.40 -18.19 19.69
CA ARG B 703 -45.10 -17.95 19.06
C ARG B 703 -45.15 -16.69 18.21
N PRO B 704 -44.20 -15.73 18.36
CA PRO B 704 -44.27 -14.51 17.55
C PRO B 704 -44.11 -14.77 16.05
N LEU B 705 -44.77 -13.93 15.25
CA LEU B 705 -44.74 -14.00 13.79
C LEU B 705 -44.19 -12.68 13.24
N ILE B 706 -43.15 -12.78 12.41
CA ILE B 706 -42.51 -11.64 11.75
C ILE B 706 -42.85 -11.71 10.27
N VAL B 707 -43.59 -10.70 9.76
CA VAL B 707 -44.01 -10.69 8.35
C VAL B 707 -43.41 -9.49 7.64
N PHE B 708 -42.71 -9.75 6.54
CA PHE B 708 -42.16 -8.71 5.66
C PHE B 708 -43.24 -8.51 4.62
N THR B 709 -43.93 -7.37 4.73
CA THR B 709 -45.12 -7.04 3.95
C THR B 709 -44.78 -6.11 2.75
N PRO B 710 -45.65 -6.05 1.71
CA PRO B 710 -45.32 -5.28 0.51
C PRO B 710 -45.69 -3.79 0.58
N LYS B 711 -45.24 -3.04 -0.44
CA LYS B 711 -45.49 -1.62 -0.60
C LYS B 711 -46.07 -1.41 -2.00
N SER B 712 -45.26 -1.40 -3.09
CA SER B 712 -45.80 -1.27 -4.44
C SER B 712 -46.52 -2.58 -4.89
N MET B 713 -46.15 -3.74 -4.32
CA MET B 713 -46.77 -5.04 -4.65
C MET B 713 -48.26 -5.09 -4.21
N LEU B 714 -48.68 -4.16 -3.31
CA LEU B 714 -50.09 -4.01 -2.89
C LEU B 714 -50.99 -3.73 -4.11
N ARG B 715 -50.43 -3.03 -5.11
CA ARG B 715 -51.17 -2.62 -6.31
C ARG B 715 -50.67 -3.34 -7.57
N ASN B 716 -49.80 -4.36 -7.40
CA ASN B 716 -49.36 -5.17 -8.53
C ASN B 716 -50.54 -6.05 -8.96
N LYS B 717 -51.02 -5.86 -10.20
CA LYS B 717 -52.18 -6.54 -10.77
C LYS B 717 -51.94 -8.05 -10.95
N ALA B 718 -50.68 -8.50 -11.00
CA ALA B 718 -50.34 -9.91 -11.09
C ALA B 718 -50.35 -10.57 -9.68
N ALA B 719 -50.18 -9.74 -8.62
CA ALA B 719 -50.17 -10.19 -7.23
C ALA B 719 -51.59 -10.17 -6.62
N VAL B 720 -52.51 -10.93 -7.24
CA VAL B 720 -53.90 -11.08 -6.82
C VAL B 720 -54.23 -12.59 -6.71
N SER B 721 -55.28 -12.94 -5.93
CA SER B 721 -55.65 -14.33 -5.72
C SER B 721 -57.11 -14.62 -6.10
N ASP B 722 -57.37 -15.88 -6.46
CA ASP B 722 -58.70 -16.41 -6.81
C ASP B 722 -59.45 -16.82 -5.54
N ILE B 723 -60.79 -16.90 -5.61
CA ILE B 723 -61.67 -17.28 -4.49
C ILE B 723 -61.26 -18.68 -3.95
N ARG B 724 -60.98 -19.65 -4.85
CA ARG B 724 -60.58 -21.03 -4.53
C ARG B 724 -59.29 -21.09 -3.69
N ASP B 725 -58.41 -20.09 -3.81
CA ASP B 725 -57.16 -20.01 -3.02
C ASP B 725 -57.48 -19.74 -1.53
N PHE B 726 -58.65 -19.17 -1.24
CA PHE B 726 -59.11 -18.88 0.12
C PHE B 726 -60.06 -19.98 0.64
N THR B 727 -60.89 -20.56 -0.26
CA THR B 727 -61.90 -21.55 0.09
C THR B 727 -61.44 -23.02 0.02
N GLU B 728 -60.47 -23.36 -0.84
CA GLU B 728 -60.05 -24.77 -0.95
C GLU B 728 -58.53 -24.94 -0.87
N SER B 729 -57.85 -24.10 -0.09
CA SER B 729 -56.40 -24.21 0.06
C SER B 729 -55.97 -23.99 1.51
N LYS B 730 -54.65 -23.97 1.74
CA LYS B 730 -54.02 -23.75 3.03
C LYS B 730 -52.71 -22.96 2.84
N PHE B 731 -52.00 -22.63 3.94
CA PHE B 731 -50.72 -21.94 3.84
C PHE B 731 -49.69 -22.83 3.16
N ARG B 732 -48.98 -22.27 2.18
CA ARG B 732 -47.96 -22.99 1.44
C ARG B 732 -46.60 -22.32 1.71
N SER B 733 -45.76 -23.02 2.49
CA SER B 733 -44.42 -22.54 2.89
C SER B 733 -43.47 -22.44 1.70
N VAL B 734 -43.73 -23.25 0.65
CA VAL B 734 -42.98 -23.29 -0.61
C VAL B 734 -44.00 -23.19 -1.76
N LEU B 735 -43.77 -22.27 -2.70
CA LEU B 735 -44.67 -22.10 -3.84
C LEU B 735 -43.96 -22.28 -5.17
N GLU B 736 -44.59 -23.04 -6.07
CA GLU B 736 -44.14 -23.26 -7.43
C GLU B 736 -44.88 -22.30 -8.35
N GLU B 737 -44.41 -22.16 -9.59
CA GLU B 737 -45.07 -21.35 -10.61
C GLU B 737 -46.40 -22.02 -10.98
N PRO B 738 -47.51 -21.24 -11.14
CA PRO B 738 -48.80 -21.85 -11.51
C PRO B 738 -48.80 -22.67 -12.80
N MET B 739 -47.82 -22.44 -13.72
CA MET B 739 -47.70 -23.18 -14.99
C MET B 739 -47.38 -24.68 -14.76
N TYR B 740 -46.76 -25.03 -13.62
CA TYR B 740 -46.40 -26.41 -13.31
C TYR B 740 -47.46 -27.11 -12.46
N THR B 741 -48.15 -26.36 -11.58
CA THR B 741 -49.17 -26.92 -10.68
C THR B 741 -50.58 -26.92 -11.31
N ASP B 742 -50.88 -25.94 -12.19
CA ASP B 742 -52.20 -25.81 -12.81
C ASP B 742 -52.15 -25.70 -14.34
N GLY B 743 -51.03 -25.23 -14.88
CA GLY B 743 -50.87 -25.03 -16.32
C GLY B 743 -50.33 -26.23 -17.09
N GLU B 744 -49.78 -25.95 -18.29
CA GLU B 744 -49.24 -26.97 -19.19
C GLU B 744 -47.69 -26.97 -19.22
N GLY B 745 -47.06 -26.39 -18.21
CA GLY B 745 -45.61 -26.34 -18.08
C GLY B 745 -44.96 -27.69 -17.83
N ASP B 746 -43.75 -27.90 -18.38
CA ASP B 746 -43.01 -29.15 -18.22
C ASP B 746 -41.77 -28.94 -17.33
N ARG B 747 -41.79 -29.55 -16.13
CA ARG B 747 -40.72 -29.51 -15.12
C ARG B 747 -39.42 -30.19 -15.61
N ASN B 748 -39.53 -31.15 -16.54
CA ASN B 748 -38.39 -31.91 -17.07
C ASN B 748 -37.48 -31.08 -18.01
N LYS B 749 -37.98 -29.94 -18.52
CA LYS B 749 -37.21 -29.05 -19.40
C LYS B 749 -36.29 -28.12 -18.59
N VAL B 750 -36.54 -28.00 -17.26
CA VAL B 750 -35.81 -27.12 -16.36
C VAL B 750 -34.39 -27.63 -16.06
N THR B 751 -33.39 -26.76 -16.33
CA THR B 751 -31.96 -27.03 -16.09
C THR B 751 -31.41 -26.03 -15.05
N ARG B 752 -32.03 -24.83 -14.94
CA ARG B 752 -31.65 -23.80 -13.97
C ARG B 752 -32.80 -23.53 -13.00
N LEU B 753 -32.53 -23.65 -11.69
CA LEU B 753 -33.52 -23.39 -10.66
C LEU B 753 -33.22 -22.13 -9.87
N LEU B 754 -34.16 -21.17 -9.89
CA LEU B 754 -34.02 -19.92 -9.14
C LEU B 754 -34.88 -19.98 -7.88
N LEU B 755 -34.24 -19.89 -6.71
CA LEU B 755 -34.93 -19.88 -5.42
C LEU B 755 -35.00 -18.45 -4.95
N THR B 756 -36.20 -17.99 -4.58
CA THR B 756 -36.39 -16.60 -4.20
C THR B 756 -37.49 -16.46 -3.14
N SER B 757 -37.78 -15.21 -2.77
CA SER B 757 -38.81 -14.82 -1.83
C SER B 757 -39.22 -13.37 -2.10
N GLY B 758 -40.49 -13.07 -1.92
CA GLY B 758 -41.01 -11.71 -2.09
C GLY B 758 -41.38 -11.32 -3.51
N LYS B 759 -41.56 -10.01 -3.72
CA LYS B 759 -42.01 -9.39 -4.97
C LYS B 759 -41.10 -9.61 -6.18
N ILE B 760 -39.78 -9.86 -6.00
CA ILE B 760 -38.86 -10.07 -7.13
C ILE B 760 -39.33 -11.27 -8.00
N TYR B 761 -40.15 -12.21 -7.42
CA TYR B 761 -40.71 -13.36 -8.15
C TYR B 761 -41.43 -12.91 -9.43
N TYR B 762 -42.29 -11.88 -9.31
CA TYR B 762 -43.10 -11.35 -10.42
C TYR B 762 -42.22 -10.79 -11.54
N GLU B 763 -41.10 -10.16 -11.18
CA GLU B 763 -40.12 -9.61 -12.12
C GLU B 763 -39.38 -10.73 -12.84
N LEU B 764 -39.03 -11.81 -12.10
CA LEU B 764 -38.36 -12.99 -12.66
C LEU B 764 -39.32 -13.77 -13.57
N ALA B 765 -40.61 -13.88 -13.18
CA ALA B 765 -41.64 -14.57 -13.96
C ALA B 765 -41.95 -13.82 -15.26
N ALA B 766 -41.97 -12.47 -15.22
CA ALA B 766 -42.23 -11.62 -16.39
C ALA B 766 -41.13 -11.79 -17.44
N ARG B 767 -39.85 -11.84 -17.01
CA ARG B 767 -38.67 -12.02 -17.88
C ARG B 767 -38.71 -13.43 -18.50
N LYS B 768 -39.09 -14.46 -17.71
CA LYS B 768 -39.21 -15.84 -18.17
C LYS B 768 -40.26 -15.93 -19.29
N ALA B 769 -41.43 -15.28 -19.10
CA ALA B 769 -42.54 -15.23 -20.05
C ALA B 769 -42.15 -14.47 -21.33
N LYS B 770 -41.37 -13.38 -21.20
CA LYS B 770 -40.92 -12.54 -22.32
C LYS B 770 -39.96 -13.28 -23.26
N GLU B 771 -39.05 -14.10 -22.68
CA GLU B 771 -38.04 -14.85 -23.43
C GLU B 771 -38.41 -16.34 -23.64
N ASN B 772 -39.61 -16.77 -23.16
CA ASN B 772 -40.11 -18.16 -23.23
C ASN B 772 -39.03 -19.14 -22.71
N ARG B 773 -38.55 -18.90 -21.48
CA ARG B 773 -37.48 -19.68 -20.84
C ARG B 773 -38.02 -20.90 -20.09
N GLU B 774 -38.28 -21.99 -20.82
CA GLU B 774 -38.77 -23.25 -20.27
C GLU B 774 -37.67 -23.99 -19.49
N ASP B 775 -36.40 -23.61 -19.72
CA ASP B 775 -35.21 -24.16 -19.09
C ASP B 775 -34.97 -23.59 -17.67
N VAL B 776 -35.73 -22.54 -17.29
CA VAL B 776 -35.62 -21.87 -15.98
C VAL B 776 -36.94 -22.00 -15.18
N ALA B 777 -36.84 -22.35 -13.89
CA ALA B 777 -37.98 -22.42 -12.96
C ALA B 777 -37.72 -21.54 -11.74
N ILE B 778 -38.78 -20.91 -11.20
CA ILE B 778 -38.70 -20.02 -10.05
C ILE B 778 -39.48 -20.65 -8.89
N VAL B 779 -38.80 -20.91 -7.76
CA VAL B 779 -39.40 -21.52 -6.57
C VAL B 779 -39.33 -20.50 -5.43
N ARG B 780 -40.48 -20.21 -4.80
CA ARG B 780 -40.57 -19.24 -3.72
C ARG B 780 -40.53 -19.88 -2.34
N ILE B 781 -39.72 -19.33 -1.45
CA ILE B 781 -39.65 -19.73 -0.04
C ILE B 781 -40.48 -18.69 0.69
N GLU B 782 -41.73 -19.04 1.01
CA GLU B 782 -42.70 -18.15 1.65
C GLU B 782 -42.44 -18.04 3.15
N GLN B 783 -42.12 -19.17 3.80
CA GLN B 783 -41.80 -19.26 5.21
C GLN B 783 -40.27 -19.35 5.32
N LEU B 784 -39.63 -18.25 5.76
CA LEU B 784 -38.16 -18.16 5.84
C LEU B 784 -37.61 -18.91 7.06
N ALA B 785 -38.38 -18.93 8.16
CA ALA B 785 -38.02 -19.61 9.41
C ALA B 785 -39.29 -20.10 10.14
N PRO B 786 -39.40 -21.38 10.54
CA PRO B 786 -38.41 -22.47 10.34
C PRO B 786 -38.34 -22.84 8.87
N LEU B 787 -37.13 -23.17 8.37
CA LEU B 787 -36.96 -23.55 6.98
C LEU B 787 -37.82 -24.78 6.68
N PRO B 788 -38.70 -24.71 5.65
CA PRO B 788 -39.56 -25.87 5.36
C PRO B 788 -38.78 -26.93 4.59
N ARG B 789 -37.88 -27.63 5.31
CA ARG B 789 -36.96 -28.65 4.82
C ARG B 789 -37.65 -29.72 3.96
N ARG B 790 -38.72 -30.37 4.48
CA ARG B 790 -39.45 -31.43 3.79
C ARG B 790 -40.14 -30.94 2.52
N ARG B 791 -40.89 -29.82 2.58
CA ARG B 791 -41.59 -29.28 1.43
C ARG B 791 -40.61 -28.80 0.35
N LEU B 792 -39.46 -28.23 0.76
CA LEU B 792 -38.40 -27.76 -0.16
C LEU B 792 -37.78 -28.97 -0.89
N ALA B 793 -37.45 -30.05 -0.16
CA ALA B 793 -36.88 -31.28 -0.70
C ALA B 793 -37.83 -31.94 -1.71
N GLU B 794 -39.14 -32.07 -1.36
CA GLU B 794 -40.17 -32.66 -2.22
C GLU B 794 -40.37 -31.85 -3.51
N THR B 795 -40.32 -30.49 -3.41
CA THR B 795 -40.49 -29.59 -4.55
C THR B 795 -39.31 -29.72 -5.53
N LEU B 796 -38.06 -29.67 -5.03
CA LEU B 796 -36.84 -29.77 -5.85
C LEU B 796 -36.71 -31.14 -6.55
N ASP B 797 -37.23 -32.22 -5.92
CA ASP B 797 -37.20 -33.59 -6.46
C ASP B 797 -38.06 -33.72 -7.73
N ARG B 798 -38.99 -32.78 -7.95
CA ARG B 798 -39.88 -32.74 -9.10
C ARG B 798 -39.18 -32.12 -10.34
N TYR B 799 -37.94 -31.62 -10.18
CA TYR B 799 -37.11 -31.04 -11.25
C TYR B 799 -35.82 -31.89 -11.39
N PRO B 800 -35.87 -33.06 -12.07
CA PRO B 800 -34.69 -33.94 -12.10
C PRO B 800 -33.53 -33.51 -13.00
N ASN B 801 -33.76 -32.62 -13.98
CA ASN B 801 -32.72 -32.22 -14.92
C ASN B 801 -32.01 -30.90 -14.56
N VAL B 802 -32.16 -30.43 -13.29
CA VAL B 802 -31.53 -29.21 -12.80
C VAL B 802 -30.01 -29.45 -12.63
N LYS B 803 -29.20 -28.57 -13.26
CA LYS B 803 -27.74 -28.63 -13.22
C LYS B 803 -27.15 -27.51 -12.36
N GLU B 804 -27.93 -26.44 -12.10
CA GLU B 804 -27.50 -25.30 -11.30
C GLU B 804 -28.65 -24.65 -10.53
N LYS B 805 -28.39 -24.27 -9.27
CA LYS B 805 -29.36 -23.63 -8.38
C LYS B 805 -28.81 -22.29 -7.89
N PHE B 806 -29.67 -21.26 -7.88
CA PHE B 806 -29.30 -19.92 -7.44
C PHE B 806 -30.31 -19.33 -6.49
N TRP B 807 -29.83 -18.71 -5.39
CA TRP B 807 -30.67 -17.97 -4.46
C TRP B 807 -30.67 -16.53 -4.97
N VAL B 808 -31.84 -16.03 -5.38
CA VAL B 808 -32.01 -14.69 -5.94
C VAL B 808 -32.72 -13.80 -4.91
N GLN B 809 -32.11 -12.63 -4.62
CA GLN B 809 -32.64 -11.65 -3.69
C GLN B 809 -32.28 -10.23 -4.12
N GLU B 810 -33.11 -9.27 -3.71
CA GLU B 810 -32.92 -7.83 -3.99
C GLU B 810 -31.89 -7.23 -3.04
N GLU B 811 -31.84 -7.77 -1.81
CA GLU B 811 -31.01 -7.25 -0.72
C GLU B 811 -29.51 -7.42 -0.98
N PRO B 812 -28.65 -6.51 -0.44
CA PRO B 812 -27.19 -6.71 -0.54
C PRO B 812 -26.76 -8.08 -0.03
N ALA B 813 -25.61 -8.59 -0.52
CA ALA B 813 -25.04 -9.92 -0.21
C ALA B 813 -24.92 -10.21 1.31
N ASN B 814 -24.67 -9.19 2.13
CA ASN B 814 -24.53 -9.33 3.59
C ASN B 814 -25.89 -9.16 4.29
N GLN B 815 -26.97 -9.05 3.51
CA GLN B 815 -28.33 -8.81 4.02
C GLN B 815 -29.30 -9.78 3.36
N GLY B 816 -30.58 -9.68 3.74
CA GLY B 816 -31.62 -10.58 3.26
C GLY B 816 -31.46 -11.97 3.83
N ALA B 817 -31.97 -12.98 3.11
CA ALA B 817 -31.91 -14.37 3.55
C ALA B 817 -30.58 -15.07 3.27
N TRP B 818 -29.74 -14.56 2.31
CA TRP B 818 -28.49 -15.23 1.93
C TRP B 818 -27.50 -15.49 3.10
N PRO B 819 -27.15 -14.56 4.02
CA PRO B 819 -26.17 -14.91 5.08
C PRO B 819 -26.54 -16.16 5.87
N SER B 820 -27.84 -16.40 6.14
CA SER B 820 -28.28 -17.60 6.86
C SER B 820 -28.54 -18.78 5.89
N PHE B 821 -29.27 -18.56 4.77
CA PHE B 821 -29.60 -19.61 3.80
C PHE B 821 -28.37 -20.20 3.11
N GLY B 822 -27.40 -19.35 2.76
CA GLY B 822 -26.16 -19.76 2.12
C GLY B 822 -25.30 -20.67 2.97
N LEU B 823 -25.51 -20.62 4.30
CA LEU B 823 -24.79 -21.43 5.29
C LEU B 823 -25.65 -22.63 5.75
N THR B 824 -26.98 -22.45 5.87
CA THR B 824 -27.89 -23.49 6.38
C THR B 824 -28.34 -24.49 5.28
N LEU B 825 -28.80 -24.01 4.10
CA LEU B 825 -29.32 -24.88 3.02
C LEU B 825 -28.32 -25.98 2.58
N PRO B 826 -27.00 -25.73 2.32
CA PRO B 826 -26.10 -26.85 1.95
C PRO B 826 -25.84 -27.83 3.10
N GLU B 827 -26.16 -27.45 4.35
CA GLU B 827 -25.97 -28.29 5.53
C GLU B 827 -27.20 -29.18 5.77
N ILE B 828 -28.41 -28.60 5.80
CA ILE B 828 -29.68 -29.32 6.06
C ILE B 828 -30.09 -30.18 4.87
N LEU B 829 -29.77 -29.75 3.63
CA LEU B 829 -30.10 -30.51 2.41
C LEU B 829 -28.86 -30.59 1.49
N PRO B 830 -27.82 -31.40 1.86
CA PRO B 830 -26.61 -31.48 1.02
C PRO B 830 -26.83 -32.06 -0.37
N ASP B 831 -27.82 -32.96 -0.55
CA ASP B 831 -28.10 -33.58 -1.85
C ASP B 831 -28.81 -32.60 -2.80
N HIS B 832 -29.35 -31.49 -2.26
CA HIS B 832 -30.07 -30.50 -3.05
C HIS B 832 -29.33 -29.17 -3.20
N PHE B 833 -28.67 -28.68 -2.13
CA PHE B 833 -28.07 -27.35 -2.16
C PHE B 833 -26.53 -27.27 -2.13
N THR B 834 -25.81 -28.39 -2.39
CA THR B 834 -24.35 -28.32 -2.48
C THR B 834 -24.05 -27.64 -3.83
N GLY B 835 -23.30 -26.54 -3.77
CA GLY B 835 -22.97 -25.76 -4.96
C GLY B 835 -23.91 -24.60 -5.22
N LEU B 836 -24.85 -24.33 -4.28
CA LEU B 836 -25.81 -23.23 -4.37
C LEU B 836 -25.07 -21.90 -4.45
N LYS B 837 -25.43 -21.07 -5.44
CA LYS B 837 -24.80 -19.77 -5.68
C LYS B 837 -25.77 -18.62 -5.41
N ARG B 838 -25.23 -17.44 -5.14
CA ARG B 838 -25.99 -16.24 -4.82
C ARG B 838 -26.05 -15.25 -5.99
N ILE B 839 -27.26 -14.68 -6.21
CA ILE B 839 -27.54 -13.59 -7.15
C ILE B 839 -28.23 -12.52 -6.29
N SER B 840 -27.53 -11.39 -6.07
CA SER B 840 -28.03 -10.30 -5.24
C SER B 840 -27.30 -9.01 -5.53
N ARG B 841 -27.65 -7.94 -4.79
CA ARG B 841 -26.93 -6.69 -4.81
C ARG B 841 -25.61 -6.92 -4.07
N ARG B 842 -24.58 -6.10 -4.35
CA ARG B 842 -23.28 -6.21 -3.69
C ARG B 842 -23.45 -5.95 -2.18
N ALA B 843 -22.53 -6.48 -1.33
CA ALA B 843 -22.56 -6.23 0.12
C ALA B 843 -22.46 -4.72 0.37
N MET B 844 -23.30 -4.19 1.27
CA MET B 844 -23.35 -2.74 1.55
C MET B 844 -23.42 -2.45 3.05
N SER B 845 -22.94 -1.25 3.46
CA SER B 845 -22.95 -0.80 4.86
C SER B 845 -24.33 -0.24 5.26
N ALA B 846 -25.20 -0.04 4.26
CA ALA B 846 -26.58 0.45 4.40
C ALA B 846 -27.54 -0.53 3.68
N PRO B 847 -28.87 -0.50 3.93
CA PRO B 847 -29.77 -1.47 3.25
C PRO B 847 -29.89 -1.30 1.74
N SER B 848 -29.55 -0.11 1.21
CA SER B 848 -29.62 0.20 -0.21
C SER B 848 -28.82 1.46 -0.53
N SER B 849 -28.74 1.79 -1.83
CA SER B 849 -28.16 3.04 -2.30
C SER B 849 -29.19 4.16 -2.01
N GLY B 850 -28.71 5.39 -1.90
CA GLY B 850 -29.56 6.55 -1.71
C GLY B 850 -30.19 7.04 -3.01
N SER B 851 -29.71 6.53 -4.17
CA SER B 851 -30.19 6.93 -5.49
C SER B 851 -31.17 5.92 -6.10
N SER B 852 -32.32 6.41 -6.58
CA SER B 852 -33.34 5.63 -7.26
C SER B 852 -32.83 5.16 -8.64
N LYS B 853 -31.88 5.93 -9.23
CA LYS B 853 -31.24 5.62 -10.52
C LYS B 853 -30.31 4.41 -10.37
N VAL B 854 -29.49 4.40 -9.29
CA VAL B 854 -28.57 3.31 -8.98
C VAL B 854 -29.40 2.05 -8.68
N HIS B 855 -30.52 2.20 -7.94
CA HIS B 855 -31.46 1.11 -7.62
C HIS B 855 -31.95 0.38 -8.89
N ALA B 856 -32.43 1.16 -9.88
CA ALA B 856 -32.98 0.68 -11.15
C ALA B 856 -31.95 -0.11 -11.96
N VAL B 857 -30.69 0.37 -11.99
CA VAL B 857 -29.57 -0.28 -12.68
C VAL B 857 -29.28 -1.62 -11.99
N GLU B 858 -29.20 -1.64 -10.64
CA GLU B 858 -28.94 -2.83 -9.84
C GLU B 858 -30.06 -3.88 -9.95
N GLN B 859 -31.33 -3.43 -9.98
CA GLN B 859 -32.50 -4.31 -10.11
C GLN B 859 -32.46 -5.06 -11.45
N GLN B 860 -32.15 -4.34 -12.54
CA GLN B 860 -32.04 -4.89 -13.90
C GLN B 860 -30.84 -5.83 -13.98
N GLU B 861 -29.72 -5.48 -13.32
CA GLU B 861 -28.50 -6.31 -13.25
C GLU B 861 -28.79 -7.68 -12.63
N ILE B 862 -29.65 -7.75 -11.58
CA ILE B 862 -30.04 -8.98 -10.90
C ILE B 862 -30.82 -9.89 -11.88
N LEU B 863 -31.82 -9.32 -12.58
CA LEU B 863 -32.66 -10.06 -13.53
C LEU B 863 -31.83 -10.60 -14.70
N ASP B 864 -30.88 -9.79 -15.23
CA ASP B 864 -29.99 -10.18 -16.34
C ASP B 864 -29.03 -11.30 -15.92
N THR B 865 -28.55 -11.28 -14.65
CA THR B 865 -27.64 -12.31 -14.13
C THR B 865 -28.40 -13.65 -13.98
N ALA B 866 -29.65 -13.60 -13.49
CA ALA B 866 -30.52 -14.76 -13.27
C ALA B 866 -30.87 -15.47 -14.59
N PHE B 867 -30.93 -14.73 -15.71
CA PHE B 867 -31.27 -15.30 -17.01
C PHE B 867 -30.09 -15.24 -18.01
N GLY B 868 -28.89 -15.02 -17.50
CA GLY B 868 -27.66 -14.96 -18.29
C GLY B 868 -26.94 -16.28 -18.37
N ASP C 6 55.76 -38.30 -58.72
CA ASP C 6 55.89 -36.84 -58.66
C ASP C 6 54.59 -36.14 -59.08
N LYS C 7 53.93 -36.66 -60.13
CA LYS C 7 52.67 -36.13 -60.67
C LYS C 7 51.50 -36.32 -59.69
N ASN C 8 51.45 -37.48 -59.00
CA ASN C 8 50.42 -37.82 -58.03
C ASN C 8 50.54 -36.96 -56.77
N ALA C 9 51.79 -36.61 -56.39
CA ALA C 9 52.11 -35.78 -55.22
C ALA C 9 51.66 -34.33 -55.45
N ARG C 10 51.74 -33.84 -56.71
CA ARG C 10 51.35 -32.49 -57.11
C ARG C 10 49.82 -32.30 -57.04
N VAL C 11 49.06 -33.40 -57.29
CA VAL C 11 47.59 -33.43 -57.25
C VAL C 11 47.13 -33.27 -55.78
N ILE C 12 47.73 -34.06 -54.86
CA ILE C 12 47.44 -34.04 -53.41
C ILE C 12 47.70 -32.62 -52.84
N GLU C 13 48.80 -31.98 -53.28
CA GLU C 13 49.19 -30.62 -52.88
C GLU C 13 48.22 -29.59 -53.46
N LEU C 14 47.66 -29.86 -54.65
CA LEU C 14 46.70 -28.97 -55.31
C LEU C 14 45.34 -29.03 -54.62
N ILE C 15 44.91 -30.26 -54.21
CA ILE C 15 43.64 -30.48 -53.48
C ILE C 15 43.70 -29.72 -52.14
N ALA C 16 44.82 -29.85 -51.40
CA ALA C 16 45.04 -29.19 -50.12
C ALA C 16 45.03 -27.67 -50.28
N ALA C 17 45.65 -27.14 -51.37
CA ALA C 17 45.72 -25.71 -51.69
C ALA C 17 44.33 -25.10 -51.89
N TYR C 18 43.42 -25.82 -52.59
CA TYR C 18 42.04 -25.36 -52.82
C TYR C 18 41.24 -25.37 -51.50
N ARG C 19 41.39 -26.43 -50.69
CA ARG C 19 40.71 -26.58 -49.40
C ARG C 19 41.16 -25.50 -48.41
N ASN C 20 42.48 -25.22 -48.36
CA ASN C 20 43.09 -24.26 -47.44
C ASN C 20 42.99 -22.81 -47.87
N ARG C 21 43.29 -22.50 -49.15
CA ARG C 21 43.38 -21.12 -49.60
C ARG C 21 42.48 -20.75 -50.81
N GLY C 22 41.59 -21.66 -51.24
CA GLY C 22 40.68 -21.40 -52.35
C GLY C 22 39.75 -20.21 -52.15
N HIS C 23 39.39 -19.94 -50.87
CA HIS C 23 38.54 -18.82 -50.44
C HIS C 23 39.16 -17.45 -50.81
N LEU C 24 40.50 -17.37 -50.95
CA LEU C 24 41.20 -16.15 -51.34
C LEU C 24 41.00 -15.82 -52.84
N MET C 25 40.54 -16.79 -53.64
CA MET C 25 40.29 -16.67 -55.07
C MET C 25 38.79 -16.65 -55.43
N ALA C 26 37.91 -16.94 -54.46
CA ALA C 26 36.46 -17.00 -54.68
C ALA C 26 35.88 -15.62 -55.05
N ASP C 27 34.88 -15.60 -55.95
CA ASP C 27 34.19 -14.39 -56.41
C ASP C 27 33.08 -14.01 -55.39
N ILE C 28 33.50 -13.48 -54.23
CA ILE C 28 32.63 -13.12 -53.09
C ILE C 28 32.22 -11.65 -53.03
N ASP C 29 32.99 -10.73 -53.62
CA ASP C 29 32.71 -9.29 -53.55
C ASP C 29 31.81 -8.83 -54.72
N PRO C 30 30.50 -8.49 -54.47
CA PRO C 30 29.62 -8.05 -55.57
C PRO C 30 30.06 -6.74 -56.25
N LEU C 31 30.95 -5.97 -55.61
CA LEU C 31 31.49 -4.72 -56.14
C LEU C 31 32.79 -4.94 -56.94
N ARG C 32 33.51 -6.07 -56.69
CA ARG C 32 34.80 -6.44 -57.30
C ARG C 32 35.80 -5.26 -57.23
N LEU C 33 35.92 -4.63 -56.03
CA LEU C 33 36.78 -3.46 -55.81
C LEU C 33 38.27 -3.76 -56.01
N ASP C 34 38.73 -4.94 -55.55
CA ASP C 34 40.13 -5.36 -55.67
C ASP C 34 40.34 -6.05 -57.03
N ASN C 35 41.04 -5.35 -57.95
CA ASN C 35 41.31 -5.83 -59.31
C ASN C 35 42.43 -6.86 -59.37
N THR C 36 43.27 -6.95 -58.31
CA THR C 36 44.40 -7.88 -58.24
C THR C 36 44.03 -9.24 -57.62
N ARG C 37 42.80 -9.35 -57.06
CA ARG C 37 42.26 -10.54 -56.39
C ARG C 37 42.39 -11.83 -57.25
N PHE C 38 41.93 -11.78 -58.52
CA PHE C 38 41.97 -12.92 -59.43
C PHE C 38 43.23 -12.87 -60.31
N THR C 52 50.07 -30.00 -65.70
CA THR C 52 50.08 -29.71 -67.13
C THR C 52 48.70 -29.99 -67.76
N LEU C 53 48.45 -29.42 -68.97
CA LEU C 53 47.21 -29.57 -69.72
C LEU C 53 46.93 -31.02 -70.13
N TRP C 54 47.98 -31.81 -70.42
CA TRP C 54 47.85 -33.22 -70.81
C TRP C 54 47.46 -34.12 -69.64
N ASP C 55 47.76 -33.70 -68.39
CA ASP C 55 47.46 -34.47 -67.17
C ASP C 55 45.97 -34.42 -66.79
N LEU C 56 45.20 -33.49 -67.39
CA LEU C 56 43.77 -33.28 -67.13
C LEU C 56 42.90 -34.52 -67.38
N ASP C 57 43.25 -35.31 -68.41
CA ASP C 57 42.51 -36.50 -68.80
C ASP C 57 43.00 -37.77 -68.06
N ARG C 58 44.09 -37.67 -67.29
CA ARG C 58 44.67 -38.77 -66.52
C ARG C 58 43.93 -38.95 -65.19
N GLU C 59 43.66 -40.22 -64.81
CA GLU C 59 42.97 -40.58 -63.56
C GLU C 59 43.93 -40.64 -62.38
N PHE C 60 43.51 -40.11 -61.22
CA PHE C 60 44.26 -40.07 -59.96
C PHE C 60 43.42 -40.52 -58.80
N ARG C 70 38.88 -43.09 -57.49
CA ARG C 70 39.62 -42.76 -58.72
C ARG C 70 38.82 -41.81 -59.60
N LYS C 71 39.41 -40.67 -59.96
CA LYS C 71 38.79 -39.64 -60.79
C LYS C 71 39.82 -38.92 -61.67
N LYS C 72 39.39 -38.42 -62.85
CA LYS C 72 40.24 -37.66 -63.77
C LYS C 72 40.59 -36.31 -63.15
N LEU C 73 41.81 -35.78 -63.41
CA LEU C 73 42.27 -34.49 -62.89
C LEU C 73 41.29 -33.36 -63.24
N ARG C 74 40.73 -33.36 -64.49
CA ARG C 74 39.76 -32.34 -64.92
C ARG C 74 38.51 -32.33 -64.00
N ASP C 75 38.09 -33.51 -63.51
CA ASP C 75 36.94 -33.69 -62.62
C ASP C 75 37.28 -33.31 -61.19
N ILE C 76 38.53 -33.58 -60.74
CA ILE C 76 38.99 -33.20 -59.41
C ILE C 76 39.01 -31.66 -59.35
N LEU C 77 39.62 -31.01 -60.36
CA LEU C 77 39.76 -29.56 -60.44
C LEU C 77 38.41 -28.83 -60.58
N SER C 78 37.46 -29.39 -61.36
CA SER C 78 36.13 -28.78 -61.56
C SER C 78 35.34 -28.79 -60.24
N VAL C 79 35.42 -29.90 -59.47
CA VAL C 79 34.75 -30.04 -58.18
C VAL C 79 35.34 -29.00 -57.20
N LEU C 80 36.69 -28.87 -57.17
CA LEU C 80 37.40 -27.94 -56.30
C LEU C 80 37.07 -26.46 -56.61
N ARG C 81 37.07 -26.08 -57.91
CA ARG C 81 36.75 -24.70 -58.34
C ARG C 81 35.30 -24.33 -58.02
N ASP C 82 34.34 -25.24 -58.28
CA ASP C 82 32.92 -25.02 -58.01
C ASP C 82 32.63 -24.92 -56.51
N ALA C 83 33.31 -25.73 -55.71
CA ALA C 83 33.12 -25.77 -54.25
C ALA C 83 33.80 -24.62 -53.51
N TYR C 84 35.01 -24.22 -53.96
CA TYR C 84 35.81 -23.24 -53.22
C TYR C 84 36.09 -21.91 -53.93
N CYS C 85 35.93 -21.83 -55.25
CA CYS C 85 36.29 -20.60 -55.97
C CYS C 85 35.13 -20.01 -56.79
N ARG C 86 33.87 -20.23 -56.36
CA ARG C 86 32.72 -19.66 -57.03
C ARG C 86 32.19 -18.47 -56.18
N HIS C 87 30.94 -18.49 -55.72
CA HIS C 87 30.41 -17.37 -54.93
C HIS C 87 30.48 -17.62 -53.41
N VAL C 88 31.07 -18.76 -52.99
CA VAL C 88 31.24 -19.13 -51.58
C VAL C 88 32.72 -19.41 -51.25
N GLY C 89 33.27 -18.64 -50.33
CA GLY C 89 34.62 -18.82 -49.80
C GLY C 89 34.52 -19.58 -48.50
N VAL C 90 35.03 -20.82 -48.46
CA VAL C 90 34.93 -21.70 -47.29
C VAL C 90 36.25 -21.76 -46.52
N GLU C 91 36.21 -21.46 -45.21
CA GLU C 91 37.32 -21.54 -44.27
C GLU C 91 36.99 -22.58 -43.21
N TYR C 92 37.67 -23.73 -43.25
CA TYR C 92 37.37 -24.82 -42.32
C TYR C 92 38.59 -25.67 -41.94
N THR C 93 39.72 -25.55 -42.64
CA THR C 93 40.90 -26.40 -42.37
C THR C 93 41.63 -25.97 -41.08
N HIS C 94 41.20 -24.87 -40.44
CA HIS C 94 41.74 -24.40 -39.16
C HIS C 94 41.11 -25.20 -38.01
N ILE C 95 39.95 -25.87 -38.26
CA ILE C 95 39.20 -26.67 -37.29
C ILE C 95 40.05 -27.90 -36.89
N LEU C 96 40.32 -28.05 -35.58
CA LEU C 96 41.14 -29.14 -35.06
C LEU C 96 40.43 -30.51 -35.08
N GLU C 97 39.08 -30.53 -35.07
CA GLU C 97 38.29 -31.77 -35.09
C GLU C 97 38.27 -32.34 -36.52
N PRO C 98 38.89 -33.52 -36.78
CA PRO C 98 38.88 -34.07 -38.16
C PRO C 98 37.50 -34.43 -38.69
N GLU C 99 36.59 -34.89 -37.80
CA GLU C 99 35.21 -35.26 -38.16
C GLU C 99 34.40 -34.04 -38.67
N GLN C 100 34.72 -32.83 -38.18
CA GLN C 100 34.04 -31.60 -38.59
C GLN C 100 34.55 -31.16 -39.96
N GLN C 101 35.87 -31.28 -40.20
CA GLN C 101 36.50 -30.99 -41.49
C GLN C 101 35.95 -31.92 -42.56
N ARG C 102 35.77 -33.21 -42.20
CA ARG C 102 35.24 -34.26 -43.08
C ARG C 102 33.77 -33.99 -43.44
N TRP C 103 32.94 -33.57 -42.46
CA TRP C 103 31.52 -33.25 -42.61
C TRP C 103 31.32 -32.13 -43.64
N ILE C 104 32.11 -31.04 -43.54
CA ILE C 104 32.06 -29.88 -44.44
C ILE C 104 32.51 -30.30 -45.84
N GLN C 105 33.68 -30.96 -45.92
CA GLN C 105 34.29 -31.48 -47.15
C GLN C 105 33.28 -32.26 -47.99
N GLU C 106 32.59 -33.25 -47.38
CA GLU C 106 31.60 -34.12 -48.01
C GLU C 106 30.38 -33.37 -48.56
N ARG C 107 29.94 -32.28 -47.89
CA ARG C 107 28.76 -31.51 -48.31
C ARG C 107 29.09 -30.40 -49.32
N VAL C 108 30.34 -29.94 -49.34
CA VAL C 108 30.81 -28.86 -50.20
C VAL C 108 31.41 -29.43 -51.53
N GLU C 109 32.12 -30.57 -51.46
CA GLU C 109 32.78 -31.20 -52.61
C GLU C 109 31.88 -32.24 -53.34
N THR C 110 30.68 -31.80 -53.76
CA THR C 110 29.71 -32.62 -54.48
C THR C 110 28.99 -31.81 -55.56
N LYS C 111 28.42 -32.50 -56.57
CA LYS C 111 27.62 -31.87 -57.61
C LYS C 111 26.25 -31.61 -57.01
N HIS C 112 26.03 -30.37 -56.53
CA HIS C 112 24.81 -29.94 -55.85
C HIS C 112 23.60 -29.93 -56.78
N ASP C 113 22.45 -30.39 -56.27
CA ASP C 113 21.19 -30.40 -57.00
C ASP C 113 20.66 -28.97 -57.10
N LYS C 114 20.30 -28.54 -58.31
CA LYS C 114 19.77 -27.19 -58.58
C LYS C 114 18.44 -27.00 -57.85
N PRO C 115 18.16 -25.80 -57.25
CA PRO C 115 16.86 -25.63 -56.57
C PRO C 115 15.68 -25.66 -57.54
N THR C 116 14.51 -26.08 -57.07
CA THR C 116 13.30 -26.14 -57.90
C THR C 116 12.82 -24.70 -58.18
N VAL C 117 12.10 -24.52 -59.30
CA VAL C 117 11.55 -23.23 -59.74
C VAL C 117 10.74 -22.59 -58.60
N ALA C 118 9.96 -23.41 -57.84
CA ALA C 118 9.16 -22.97 -56.70
C ALA C 118 10.03 -22.37 -55.58
N GLU C 119 11.22 -22.97 -55.33
CA GLU C 119 12.17 -22.50 -54.32
C GLU C 119 12.82 -21.19 -54.77
N GLN C 120 13.16 -21.09 -56.07
CA GLN C 120 13.77 -19.90 -56.69
C GLN C 120 12.78 -18.72 -56.69
N LYS C 121 11.50 -19.00 -57.02
CA LYS C 121 10.42 -18.00 -57.02
C LYS C 121 10.15 -17.53 -55.58
N TYR C 122 10.29 -18.45 -54.61
CA TYR C 122 10.13 -18.13 -53.19
C TYR C 122 11.24 -17.17 -52.72
N ILE C 123 12.51 -17.43 -53.12
CA ILE C 123 13.65 -16.57 -52.80
C ILE C 123 13.42 -15.18 -53.43
N LEU C 124 12.98 -15.14 -54.70
CA LEU C 124 12.69 -13.88 -55.39
C LEU C 124 11.54 -13.13 -54.71
N SER C 125 10.53 -13.86 -54.16
CA SER C 125 9.42 -13.26 -53.42
C SER C 125 9.92 -12.58 -52.13
N LYS C 126 10.91 -13.20 -51.42
CA LYS C 126 11.53 -12.64 -50.20
C LYS C 126 12.31 -11.38 -50.54
N LEU C 127 13.03 -11.39 -51.68
CA LEU C 127 13.77 -10.22 -52.18
C LEU C 127 12.79 -9.12 -52.62
N ASN C 128 11.63 -9.53 -53.16
CA ASN C 128 10.58 -8.59 -53.60
C ASN C 128 10.04 -7.82 -52.41
N ALA C 129 9.63 -8.54 -51.35
CA ALA C 129 9.10 -7.95 -50.12
C ALA C 129 10.15 -7.10 -49.40
N ALA C 130 11.43 -7.54 -49.41
CA ALA C 130 12.55 -6.85 -48.76
C ALA C 130 12.86 -5.53 -49.47
N GLU C 131 13.00 -5.56 -50.80
CA GLU C 131 13.26 -4.33 -51.56
C GLU C 131 12.02 -3.43 -51.57
N ALA C 132 10.78 -4.01 -51.53
CA ALA C 132 9.55 -3.20 -51.48
C ALA C 132 9.44 -2.51 -50.11
N PHE C 133 10.03 -3.10 -49.07
CA PHE C 133 10.00 -2.50 -47.74
C PHE C 133 10.89 -1.24 -47.69
N GLU C 134 12.14 -1.36 -48.15
CA GLU C 134 13.16 -0.30 -48.20
C GLU C 134 12.73 0.92 -49.01
N THR C 135 12.09 0.68 -50.16
CA THR C 135 11.62 1.73 -51.05
C THR C 135 10.50 2.54 -50.41
N PHE C 136 9.62 1.90 -49.61
CA PHE C 136 8.54 2.56 -48.88
C PHE C 136 9.14 3.40 -47.71
N LEU C 137 10.07 2.82 -46.92
CA LEU C 137 10.70 3.50 -45.77
C LEU C 137 11.43 4.78 -46.20
N GLN C 138 12.16 4.75 -47.32
CA GLN C 138 12.90 5.90 -47.83
C GLN C 138 12.01 6.89 -48.63
N THR C 139 10.69 6.61 -48.74
CA THR C 139 9.76 7.49 -49.48
C THR C 139 8.69 8.09 -48.55
N LYS C 140 8.05 7.26 -47.71
CA LYS C 140 6.96 7.66 -46.81
C LYS C 140 7.47 8.47 -45.61
N TYR C 141 8.58 8.06 -44.99
CA TYR C 141 9.12 8.74 -43.83
C TYR C 141 10.45 9.44 -44.10
N VAL C 142 10.71 10.52 -43.37
CA VAL C 142 11.94 11.30 -43.45
C VAL C 142 12.88 10.84 -42.34
N GLY C 143 14.18 10.95 -42.58
CA GLY C 143 15.22 10.56 -41.63
C GLY C 143 15.39 9.08 -41.41
N GLN C 144 15.17 8.24 -42.45
CA GLN C 144 15.28 6.78 -42.35
C GLN C 144 16.51 6.20 -43.11
N LYS C 145 17.38 7.07 -43.67
CA LYS C 145 18.57 6.65 -44.44
C LYS C 145 19.55 5.79 -43.64
N ARG C 146 19.73 6.05 -42.32
CA ARG C 146 20.69 5.31 -41.50
CA ARG C 146 20.67 5.31 -41.48
C ARG C 146 20.26 3.84 -41.26
N PHE C 147 18.99 3.53 -41.43
CA PHE C 147 18.50 2.17 -41.20
C PHE C 147 18.38 1.36 -42.50
N SER C 148 18.71 1.99 -43.64
CA SER C 148 18.60 1.43 -44.99
C SER C 148 19.34 0.11 -45.14
N LEU C 149 18.62 -0.90 -45.65
CA LEU C 149 19.18 -2.23 -45.94
C LEU C 149 19.50 -2.34 -47.44
N GLU C 150 19.28 -1.25 -48.22
CA GLU C 150 19.54 -1.20 -49.67
C GLU C 150 21.00 -1.61 -49.96
N GLY C 151 21.13 -2.63 -50.80
CA GLY C 151 22.42 -3.22 -51.16
C GLY C 151 22.75 -4.46 -50.34
N ALA C 152 21.93 -4.74 -49.31
CA ALA C 152 22.10 -5.86 -48.39
C ALA C 152 20.78 -6.64 -48.17
N GLU C 153 19.75 -6.43 -49.03
CA GLU C 153 18.44 -7.08 -48.91
C GLU C 153 18.50 -8.61 -48.95
N THR C 154 19.60 -9.18 -49.49
CA THR C 154 19.79 -10.64 -49.57
C THR C 154 19.89 -11.28 -48.17
N VAL C 155 20.05 -10.47 -47.10
CA VAL C 155 20.07 -10.97 -45.73
C VAL C 155 18.65 -11.49 -45.33
N ILE C 156 17.56 -10.97 -45.97
CA ILE C 156 16.21 -11.42 -45.66
C ILE C 156 16.00 -12.89 -46.15
N PRO C 157 16.23 -13.29 -47.43
CA PRO C 157 16.05 -14.73 -47.78
C PRO C 157 17.05 -15.63 -47.03
N MET C 158 18.24 -15.09 -46.65
CA MET C 158 19.24 -15.83 -45.88
C MET C 158 18.73 -16.14 -44.46
N MET C 159 18.17 -15.11 -43.75
CA MET C 159 17.60 -15.30 -42.41
C MET C 159 16.40 -16.23 -42.49
N ASP C 160 15.59 -16.07 -43.55
CA ASP C 160 14.41 -16.91 -43.82
C ASP C 160 14.83 -18.38 -43.95
N ALA C 161 15.93 -18.65 -44.68
CA ALA C 161 16.48 -19.99 -44.87
C ALA C 161 17.00 -20.57 -43.55
N VAL C 162 17.63 -19.71 -42.67
CA VAL C 162 18.11 -20.14 -41.35
C VAL C 162 16.93 -20.68 -40.54
N ILE C 163 15.87 -19.86 -40.41
CA ILE C 163 14.68 -20.14 -39.60
C ILE C 163 13.89 -21.32 -40.17
N ASP C 164 13.76 -21.39 -41.51
CA ASP C 164 13.07 -22.51 -42.17
C ASP C 164 13.82 -23.83 -41.89
N GLN C 165 15.16 -23.81 -41.93
CA GLN C 165 15.99 -24.99 -41.66
C GLN C 165 15.89 -25.41 -40.18
N CYS C 166 15.75 -24.42 -39.27
CA CYS C 166 15.56 -24.71 -37.84
C CYS C 166 14.20 -25.38 -37.63
N ALA C 167 13.15 -24.94 -38.38
CA ALA C 167 11.81 -25.52 -38.34
C ALA C 167 11.82 -26.95 -38.92
N GLU C 168 12.68 -27.19 -39.93
CA GLU C 168 12.86 -28.50 -40.58
C GLU C 168 13.47 -29.51 -39.57
N HIS C 169 14.33 -29.03 -38.65
CA HIS C 169 14.95 -29.83 -37.59
C HIS C 169 14.00 -30.02 -36.39
N GLY C 170 12.79 -29.45 -36.48
CA GLY C 170 11.76 -29.54 -35.44
C GLY C 170 12.10 -28.79 -34.17
N LEU C 171 12.89 -27.70 -34.29
CA LEU C 171 13.33 -26.91 -33.15
C LEU C 171 12.20 -25.98 -32.67
N ASP C 172 12.31 -25.46 -31.45
CA ASP C 172 11.25 -24.70 -30.79
C ASP C 172 11.27 -23.20 -31.05
N GLU C 173 12.45 -22.57 -31.07
CA GLU C 173 12.52 -21.11 -31.24
C GLU C 173 13.86 -20.65 -31.79
N VAL C 174 13.83 -19.53 -32.52
CA VAL C 174 15.00 -18.80 -33.01
C VAL C 174 14.93 -17.43 -32.33
N VAL C 175 15.98 -17.06 -31.59
CA VAL C 175 16.03 -15.75 -30.95
C VAL C 175 17.09 -14.94 -31.68
N ILE C 176 16.68 -13.77 -32.19
CA ILE C 176 17.53 -12.86 -32.96
C ILE C 176 18.02 -11.67 -32.12
N ALA C 177 19.30 -11.32 -32.32
CA ALA C 177 19.95 -10.10 -31.85
C ALA C 177 20.55 -9.43 -33.07
N MET C 178 20.41 -8.11 -33.17
CA MET C 178 20.93 -7.39 -34.33
C MET C 178 21.10 -5.89 -34.05
N PRO C 179 21.95 -5.18 -34.84
CA PRO C 179 21.96 -3.71 -34.73
C PRO C 179 20.74 -3.15 -35.51
N HIS C 180 20.62 -1.83 -35.69
CA HIS C 180 19.38 -1.29 -36.28
C HIS C 180 19.25 -1.36 -37.84
N ARG C 181 20.30 -1.79 -38.59
CA ARG C 181 20.20 -1.83 -40.07
C ARG C 181 19.25 -2.95 -40.53
N GLY C 182 18.17 -2.53 -41.21
CA GLY C 182 17.12 -3.41 -41.71
C GLY C 182 16.25 -4.05 -40.63
N ARG C 183 16.23 -3.47 -39.40
CA ARG C 183 15.48 -4.02 -38.27
C ARG C 183 13.97 -4.08 -38.51
N LEU C 184 13.36 -3.00 -39.05
CA LEU C 184 11.91 -3.00 -39.32
C LEU C 184 11.56 -3.94 -40.45
N ASN C 185 12.50 -4.15 -41.40
CA ASN C 185 12.38 -5.11 -42.51
C ASN C 185 12.38 -6.53 -41.94
N VAL C 186 13.24 -6.79 -40.93
CA VAL C 186 13.34 -8.08 -40.24
C VAL C 186 12.02 -8.32 -39.51
N LEU C 187 11.51 -7.29 -38.80
CA LEU C 187 10.23 -7.40 -38.09
C LEU C 187 9.09 -7.79 -39.04
N ALA C 188 9.05 -7.17 -40.23
CA ALA C 188 8.00 -7.42 -41.21
C ALA C 188 8.15 -8.73 -41.96
N ASN C 189 9.36 -9.05 -42.47
CA ASN C 189 9.51 -10.21 -43.34
C ASN C 189 10.15 -11.45 -42.71
N ILE C 190 10.55 -11.38 -41.43
CA ILE C 190 11.17 -12.52 -40.74
C ILE C 190 10.31 -12.86 -39.51
N VAL C 191 10.09 -11.88 -38.60
CA VAL C 191 9.31 -12.05 -37.36
C VAL C 191 7.82 -12.17 -37.74
N GLY C 192 7.41 -11.49 -38.81
CA GLY C 192 6.04 -11.54 -39.31
C GLY C 192 5.09 -10.59 -38.62
N LYS C 193 5.62 -9.48 -38.06
CA LYS C 193 4.78 -8.48 -37.40
C LYS C 193 3.96 -7.70 -38.43
N PRO C 194 2.64 -7.49 -38.22
CA PRO C 194 1.88 -6.70 -39.21
C PRO C 194 2.33 -5.24 -39.23
N TYR C 195 2.21 -4.57 -40.39
CA TYR C 195 2.62 -3.18 -40.57
C TYR C 195 1.88 -2.22 -39.61
N SER C 196 0.62 -2.58 -39.20
CA SER C 196 -0.20 -1.81 -38.27
C SER C 196 0.48 -1.71 -36.91
N GLN C 197 1.13 -2.82 -36.45
CA GLN C 197 1.87 -2.87 -35.19
C GLN C 197 3.26 -2.24 -35.32
N ILE C 198 3.92 -2.39 -36.49
CA ILE C 198 5.28 -1.87 -36.70
C ILE C 198 5.27 -0.34 -36.74
N PHE C 199 4.44 0.24 -37.60
CA PHE C 199 4.37 1.69 -37.81
C PHE C 199 3.28 2.41 -36.97
N SER C 200 2.79 1.78 -35.89
CA SER C 200 1.77 2.37 -35.01
C SER C 200 2.37 3.54 -34.24
N GLU C 201 1.80 4.78 -34.44
CA GLU C 201 2.21 6.07 -33.84
C GLU C 201 3.75 6.29 -34.02
N PHE C 202 4.19 6.23 -35.29
CA PHE C 202 5.59 6.35 -35.73
C PHE C 202 6.10 7.79 -35.57
N ASP C 216 13.84 6.34 -33.86
CA ASP C 216 12.68 5.83 -33.13
C ASP C 216 13.09 4.73 -32.13
N VAL C 217 12.30 4.56 -31.05
CA VAL C 217 12.51 3.54 -30.01
C VAL C 217 12.20 2.15 -30.61
N LYS C 218 11.40 2.11 -31.71
CA LYS C 218 11.00 0.87 -32.42
C LYS C 218 12.21 0.07 -32.89
N TYR C 219 13.34 0.76 -33.19
CA TYR C 219 14.61 0.15 -33.58
C TYR C 219 15.39 -0.47 -32.41
N HIS C 220 14.86 -0.44 -31.19
CA HIS C 220 15.56 -0.99 -30.04
C HIS C 220 14.66 -1.91 -29.20
N LEU C 221 13.38 -2.04 -29.57
CA LEU C 221 12.41 -2.85 -28.84
C LEU C 221 12.46 -4.34 -29.17
N GLY C 222 12.02 -5.15 -28.22
CA GLY C 222 11.90 -6.60 -28.39
C GLY C 222 10.62 -6.93 -29.13
N ALA C 223 10.56 -8.12 -29.72
CA ALA C 223 9.37 -8.59 -30.45
C ALA C 223 9.30 -10.11 -30.45
N THR C 224 8.10 -10.65 -30.69
CA THR C 224 7.85 -12.09 -30.76
C THR C 224 6.83 -12.38 -31.86
N GLY C 225 7.01 -13.50 -32.52
CA GLY C 225 6.13 -13.94 -33.59
C GLY C 225 6.26 -15.42 -33.86
N THR C 226 5.56 -15.90 -34.90
CA THR C 226 5.56 -17.30 -35.30
C THR C 226 5.88 -17.41 -36.79
N TYR C 227 6.87 -18.24 -37.13
CA TYR C 227 7.24 -18.51 -38.51
C TYR C 227 6.55 -19.80 -38.95
N ILE C 228 5.85 -19.75 -40.08
CA ILE C 228 5.17 -20.91 -40.65
C ILE C 228 5.91 -21.26 -41.95
N GLN C 229 6.38 -22.52 -42.06
CA GLN C 229 7.08 -23.01 -43.25
C GLN C 229 6.19 -22.91 -44.50
N MET C 230 6.79 -22.44 -45.60
CA MET C 230 6.10 -22.28 -46.89
C MET C 230 5.86 -23.66 -47.54
N PHE C 231 6.92 -24.51 -47.60
CA PHE C 231 6.87 -25.83 -48.24
C PHE C 231 6.79 -26.99 -47.24
N GLY C 232 7.03 -26.70 -45.96
CA GLY C 232 6.98 -27.69 -44.89
C GLY C 232 5.70 -27.61 -44.08
N ASP C 233 5.56 -28.55 -43.10
CA ASP C 233 4.40 -28.63 -42.23
C ASP C 233 4.72 -28.21 -40.79
N ASN C 234 5.92 -27.67 -40.55
CA ASN C 234 6.31 -27.23 -39.21
C ASN C 234 6.24 -25.72 -39.06
N ASP C 235 6.15 -25.29 -37.80
CA ASP C 235 6.16 -23.89 -37.41
C ASP C 235 7.19 -23.74 -36.31
N ILE C 236 7.70 -22.53 -36.11
CA ILE C 236 8.71 -22.26 -35.10
C ILE C 236 8.52 -20.84 -34.57
N GLU C 237 8.79 -20.63 -33.27
CA GLU C 237 8.70 -19.31 -32.68
C GLU C 237 9.92 -18.50 -33.09
N VAL C 238 9.72 -17.21 -33.36
CA VAL C 238 10.79 -16.28 -33.73
C VAL C 238 10.67 -15.06 -32.84
N SER C 239 11.76 -14.71 -32.15
CA SER C 239 11.75 -13.53 -31.31
C SER C 239 12.97 -12.67 -31.61
N LEU C 240 12.87 -11.39 -31.25
CA LEU C 240 13.90 -10.39 -31.40
C LEU C 240 14.12 -9.75 -30.04
N THR C 241 15.36 -9.72 -29.57
CA THR C 241 15.65 -9.15 -28.26
C THR C 241 15.90 -7.64 -28.38
N ALA C 242 15.57 -6.92 -27.29
CA ALA C 242 15.78 -5.47 -27.22
C ALA C 242 17.28 -5.17 -27.07
N ASN C 243 17.73 -3.98 -27.52
CA ASN C 243 19.17 -3.65 -27.43
C ASN C 243 19.43 -2.15 -27.44
N PRO C 244 20.61 -1.68 -26.92
CA PRO C 244 20.92 -0.26 -27.04
C PRO C 244 21.61 0.04 -28.38
N SER C 245 22.06 1.29 -28.58
CA SER C 245 22.78 1.66 -29.80
C SER C 245 24.22 1.09 -29.78
N HIS C 246 24.75 0.74 -28.57
CA HIS C 246 26.09 0.16 -28.38
C HIS C 246 26.19 -1.15 -29.13
N LEU C 247 26.89 -1.11 -30.28
CA LEU C 247 27.03 -2.25 -31.19
C LEU C 247 27.73 -3.41 -30.48
N GLU C 248 27.19 -4.63 -30.65
CA GLU C 248 27.69 -5.91 -30.14
C GLU C 248 27.46 -6.12 -28.62
N ALA C 249 27.01 -5.08 -27.87
CA ALA C 249 26.78 -5.18 -26.41
C ALA C 249 25.68 -6.22 -26.06
N VAL C 250 24.71 -6.41 -26.98
CA VAL C 250 23.60 -7.36 -26.83
C VAL C 250 24.06 -8.84 -27.02
N ASP C 251 25.25 -9.08 -27.63
CA ASP C 251 25.75 -10.43 -27.95
C ASP C 251 25.70 -11.40 -26.73
N PRO C 252 26.30 -11.09 -25.54
CA PRO C 252 26.19 -12.03 -24.41
C PRO C 252 24.80 -12.06 -23.79
N VAL C 253 24.00 -10.97 -23.96
CA VAL C 253 22.61 -10.87 -23.46
C VAL C 253 21.76 -11.90 -24.19
N LEU C 254 21.94 -12.00 -25.53
CA LEU C 254 21.24 -12.97 -26.37
C LEU C 254 21.56 -14.38 -25.91
N GLU C 255 22.84 -14.67 -25.69
CA GLU C 255 23.29 -15.99 -25.22
C GLU C 255 22.66 -16.40 -23.87
N GLY C 256 22.59 -15.49 -22.91
CA GLY C 256 21.98 -15.77 -21.61
C GLY C 256 20.49 -16.04 -21.72
N LEU C 257 19.82 -15.18 -22.51
CA LEU C 257 18.39 -15.27 -22.80
C LEU C 257 18.04 -16.65 -23.39
N VAL C 258 18.82 -17.12 -24.38
CA VAL C 258 18.61 -18.40 -25.06
C VAL C 258 18.87 -19.56 -24.07
N ARG C 259 19.99 -19.50 -23.30
CA ARG C 259 20.32 -20.53 -22.30
C ARG C 259 19.20 -20.68 -21.26
N ALA C 260 18.58 -19.55 -20.83
CA ALA C 260 17.45 -19.55 -19.88
C ALA C 260 16.23 -20.23 -20.47
N LYS C 261 15.97 -20.01 -21.77
CA LYS C 261 14.86 -20.64 -22.50
C LYS C 261 15.14 -22.13 -22.67
N GLN C 262 16.40 -22.50 -22.95
CA GLN C 262 16.82 -23.90 -23.10
C GLN C 262 16.67 -24.67 -21.77
N ASP C 263 17.10 -24.08 -20.63
CA ASP C 263 16.96 -24.72 -19.30
C ASP C 263 15.48 -24.95 -18.97
N LEU C 264 14.60 -23.96 -19.31
CA LEU C 264 13.15 -24.06 -19.10
C LEU C 264 12.53 -25.21 -19.91
N LEU C 265 12.98 -25.40 -21.15
CA LEU C 265 12.47 -26.43 -22.07
C LEU C 265 13.10 -27.81 -21.84
N ASP C 266 14.05 -27.91 -20.88
CA ASP C 266 14.78 -29.14 -20.54
C ASP C 266 15.53 -29.66 -21.79
N THR C 267 16.15 -28.72 -22.56
CA THR C 267 16.92 -29.00 -23.78
C THR C 267 18.34 -28.43 -23.64
N GLY C 268 19.32 -29.26 -23.97
CA GLY C 268 20.73 -28.88 -23.91
C GLY C 268 21.52 -29.43 -22.73
N GLU C 269 22.52 -28.63 -22.27
CA GLU C 269 23.46 -28.92 -21.19
C GLU C 269 22.76 -29.28 -19.87
N GLU C 270 21.72 -28.52 -19.49
CA GLU C 270 20.95 -28.77 -18.26
C GLU C 270 19.62 -29.47 -18.56
N GLY C 271 19.52 -30.02 -19.77
CA GLY C 271 18.34 -30.72 -20.23
C GLY C 271 18.51 -32.21 -20.47
N SER C 272 17.37 -32.93 -20.56
CA SER C 272 17.29 -34.37 -20.79
C SER C 272 17.78 -34.75 -22.19
N ASP C 273 17.52 -33.88 -23.19
CA ASP C 273 17.94 -34.09 -24.57
C ASP C 273 19.07 -33.11 -24.94
N ASN C 274 19.91 -33.48 -25.91
CA ASN C 274 21.00 -32.61 -26.37
C ASN C 274 20.60 -31.96 -27.71
N ARG C 275 19.37 -31.42 -27.78
CA ARG C 275 18.87 -30.79 -28.99
C ARG C 275 19.21 -29.30 -29.06
N PHE C 276 19.25 -28.60 -27.88
CA PHE C 276 19.47 -27.14 -27.79
C PHE C 276 18.46 -26.48 -28.74
N SER C 277 17.17 -26.82 -28.54
CA SER C 277 16.01 -26.49 -29.37
C SER C 277 15.70 -24.99 -29.49
N VAL C 278 16.50 -24.11 -28.83
CA VAL C 278 16.38 -22.66 -28.94
C VAL C 278 17.69 -22.20 -29.60
N VAL C 279 17.58 -21.55 -30.76
CA VAL C 279 18.75 -21.18 -31.56
C VAL C 279 19.03 -19.68 -31.52
N PRO C 280 20.25 -19.28 -31.11
CA PRO C 280 20.61 -17.85 -31.20
C PRO C 280 21.03 -17.51 -32.63
N LEU C 281 20.40 -16.48 -33.21
CA LEU C 281 20.73 -15.97 -34.55
C LEU C 281 21.23 -14.55 -34.33
N MET C 282 22.55 -14.37 -34.39
CA MET C 282 23.18 -13.09 -34.07
C MET C 282 23.68 -12.37 -35.32
N LEU C 283 23.14 -11.17 -35.56
CA LEU C 283 23.53 -10.35 -36.71
C LEU C 283 24.55 -9.30 -36.29
N HIS C 284 25.46 -8.96 -37.22
CA HIS C 284 26.54 -8.00 -36.97
C HIS C 284 26.84 -7.14 -38.18
N GLY C 285 27.57 -6.06 -37.95
CA GLY C 285 28.14 -5.20 -38.97
C GLY C 285 29.62 -5.59 -39.04
N ASP C 286 30.30 -5.34 -40.17
CA ASP C 286 31.69 -5.75 -40.36
C ASP C 286 32.69 -4.98 -39.50
N ALA C 287 32.49 -3.65 -39.31
CA ALA C 287 33.45 -2.88 -38.51
C ALA C 287 33.33 -3.24 -37.02
N ALA C 288 32.10 -3.38 -36.50
CA ALA C 288 31.81 -3.69 -35.11
C ALA C 288 32.24 -5.11 -34.71
N PHE C 289 32.08 -6.11 -35.62
CA PHE C 289 32.45 -7.49 -35.35
C PHE C 289 33.95 -7.63 -35.09
N ALA C 290 34.77 -6.86 -35.81
CA ALA C 290 36.24 -6.89 -35.70
C ALA C 290 36.79 -6.03 -34.54
N GLY C 291 36.16 -4.90 -34.23
CA GLY C 291 36.67 -3.98 -33.22
C GLY C 291 36.19 -4.12 -31.79
N GLN C 292 35.00 -4.69 -31.55
CA GLN C 292 34.44 -4.79 -30.19
C GLN C 292 34.88 -6.07 -29.47
N GLY C 293 35.54 -5.90 -28.33
CA GLY C 293 36.05 -6.97 -27.49
C GLY C 293 35.01 -7.97 -26.97
N VAL C 294 33.78 -7.50 -26.74
CA VAL C 294 32.67 -8.33 -26.26
C VAL C 294 32.37 -9.49 -27.25
N VAL C 295 32.74 -9.35 -28.53
CA VAL C 295 32.56 -10.39 -29.54
C VAL C 295 33.41 -11.60 -29.13
N ALA C 296 34.74 -11.40 -28.88
CA ALA C 296 35.67 -12.45 -28.43
C ALA C 296 35.25 -13.06 -27.09
N GLU C 297 34.80 -12.22 -26.13
CA GLU C 297 34.33 -12.67 -24.82
C GLU C 297 33.11 -13.58 -24.94
N THR C 298 32.20 -13.27 -25.89
CA THR C 298 30.96 -14.03 -26.12
C THR C 298 31.28 -15.32 -26.85
N LEU C 299 32.17 -15.28 -27.86
CA LEU C 299 32.61 -16.50 -28.57
C LEU C 299 33.28 -17.46 -27.58
N ASN C 300 34.01 -16.94 -26.58
CA ASN C 300 34.71 -17.70 -25.55
C ASN C 300 33.73 -18.51 -24.64
N LEU C 301 32.45 -18.14 -24.62
CA LEU C 301 31.43 -18.82 -23.81
C LEU C 301 30.79 -20.01 -24.54
N ALA C 302 30.97 -20.08 -25.87
CA ALA C 302 30.31 -21.02 -26.79
C ALA C 302 30.32 -22.49 -26.39
N LEU C 303 31.38 -22.99 -25.71
CA LEU C 303 31.43 -24.41 -25.36
C LEU C 303 31.52 -24.65 -23.85
N LEU C 304 31.43 -23.58 -23.03
CA LEU C 304 31.49 -23.68 -21.56
C LEU C 304 30.23 -24.32 -21.02
N ARG C 305 30.34 -25.24 -20.03
CA ARG C 305 29.19 -25.94 -19.44
C ARG C 305 28.15 -24.97 -18.84
N GLY C 306 28.60 -23.88 -18.22
CA GLY C 306 27.67 -22.92 -17.64
C GLY C 306 27.11 -21.89 -18.60
N TYR C 307 27.63 -21.82 -19.86
CA TYR C 307 27.22 -20.76 -20.80
C TYR C 307 26.84 -21.21 -22.21
N ARG C 308 27.20 -22.44 -22.64
CA ARG C 308 26.93 -22.94 -24.00
C ARG C 308 25.44 -22.94 -24.35
N THR C 309 25.12 -22.60 -25.61
CA THR C 309 23.75 -22.56 -26.11
C THR C 309 23.57 -23.51 -27.32
N GLY C 310 24.51 -24.45 -27.49
CA GLY C 310 24.52 -25.43 -28.58
C GLY C 310 24.97 -24.87 -29.91
N GLY C 311 25.58 -23.68 -29.90
CA GLY C 311 26.06 -23.02 -31.10
C GLY C 311 25.16 -21.91 -31.61
N THR C 312 25.80 -20.81 -31.97
CA THR C 312 25.14 -19.60 -32.48
C THR C 312 25.37 -19.50 -33.98
N ILE C 313 24.32 -19.09 -34.72
CA ILE C 313 24.40 -18.81 -36.15
C ILE C 313 24.71 -17.33 -36.26
N HIS C 314 25.90 -16.99 -36.75
CA HIS C 314 26.29 -15.60 -36.90
C HIS C 314 26.14 -15.16 -38.35
N ILE C 315 25.55 -13.98 -38.58
CA ILE C 315 25.43 -13.38 -39.90
C ILE C 315 26.07 -12.01 -39.82
N VAL C 316 27.13 -11.79 -40.59
CA VAL C 316 27.75 -10.47 -40.66
C VAL C 316 27.26 -9.81 -41.96
N VAL C 317 26.60 -8.66 -41.82
CA VAL C 317 26.16 -7.85 -42.96
C VAL C 317 27.42 -7.04 -43.31
N ASN C 318 28.28 -7.63 -44.15
CA ASN C 318 29.56 -7.05 -44.49
C ASN C 318 29.45 -6.16 -45.73
N ASN C 319 29.15 -4.87 -45.50
CA ASN C 319 29.00 -3.90 -46.59
C ASN C 319 30.35 -3.21 -46.88
N GLN C 320 31.45 -3.77 -46.32
CA GLN C 320 32.86 -3.38 -46.56
C GLN C 320 33.11 -1.90 -46.22
N ILE C 321 32.39 -1.39 -45.22
CA ILE C 321 32.46 0.01 -44.76
C ILE C 321 31.89 0.11 -43.33
N GLY C 322 32.40 1.09 -42.58
CA GLY C 322 31.96 1.41 -41.24
C GLY C 322 31.83 2.92 -41.17
N PHE C 323 30.64 3.45 -41.52
CA PHE C 323 30.31 4.88 -41.62
C PHE C 323 31.17 5.48 -42.76
N THR C 324 32.31 6.13 -42.46
CA THR C 324 33.21 6.66 -43.51
C THR C 324 34.52 5.85 -43.58
N THR C 325 34.70 4.91 -42.62
CA THR C 325 35.93 4.14 -42.44
C THR C 325 36.00 2.89 -43.32
N ALA C 326 37.14 2.77 -44.03
CA ALA C 326 37.49 1.65 -44.90
C ALA C 326 37.96 0.48 -44.05
N PRO C 327 37.75 -0.81 -44.49
CA PRO C 327 38.17 -1.97 -43.68
C PRO C 327 39.65 -1.96 -43.26
N THR C 328 40.56 -1.35 -44.06
CA THR C 328 41.99 -1.30 -43.74
C THR C 328 42.28 -0.50 -42.46
N ASP C 329 41.37 0.40 -42.05
CA ASP C 329 41.50 1.16 -40.80
C ASP C 329 40.62 0.55 -39.67
N SER C 330 39.88 -0.53 -39.97
CA SER C 330 38.97 -1.15 -38.99
C SER C 330 39.48 -2.49 -38.43
N ARG C 331 40.37 -3.19 -39.17
CA ARG C 331 40.85 -4.50 -38.75
C ARG C 331 42.25 -4.78 -39.29
N SER C 332 42.99 -5.65 -38.58
CA SER C 332 44.36 -6.06 -38.91
C SER C 332 44.39 -7.47 -39.51
N SER C 333 43.27 -7.91 -40.07
CA SER C 333 43.17 -9.24 -40.66
C SER C 333 42.45 -9.18 -42.00
N GLU C 334 42.57 -10.28 -42.79
CA GLU C 334 41.96 -10.42 -44.11
C GLU C 334 40.44 -10.29 -44.06
N TYR C 335 39.79 -10.98 -43.10
CA TYR C 335 38.34 -10.97 -42.99
C TYR C 335 37.85 -10.37 -41.68
N CYS C 336 36.66 -9.76 -41.69
CA CYS C 336 36.07 -9.16 -40.48
C CYS C 336 35.71 -10.23 -39.44
N THR C 337 35.55 -11.48 -39.91
CA THR C 337 35.14 -12.66 -39.14
C THR C 337 36.29 -13.49 -38.56
N ASP C 338 37.55 -13.07 -38.75
CA ASP C 338 38.73 -13.83 -38.32
C ASP C 338 38.80 -14.09 -36.80
N VAL C 339 38.13 -13.27 -35.97
CA VAL C 339 38.02 -13.48 -34.53
C VAL C 339 37.35 -14.85 -34.21
N ALA C 340 36.39 -15.30 -35.04
CA ALA C 340 35.66 -16.57 -34.86
C ALA C 340 36.56 -17.82 -34.96
N LYS C 341 37.80 -17.68 -35.50
CA LYS C 341 38.80 -18.75 -35.57
C LYS C 341 39.30 -19.13 -34.16
N MET C 342 39.09 -18.23 -33.19
CA MET C 342 39.39 -18.35 -31.75
C MET C 342 38.78 -19.64 -31.18
N ILE C 343 37.58 -20.05 -31.65
CA ILE C 343 36.87 -21.24 -31.16
C ILE C 343 36.73 -22.31 -32.27
N GLY C 344 37.50 -22.15 -33.34
CA GLY C 344 37.50 -23.07 -34.47
C GLY C 344 36.16 -23.18 -35.17
N ALA C 345 35.45 -22.07 -35.31
CA ALA C 345 34.15 -22.06 -35.99
C ALA C 345 34.34 -22.08 -37.50
N PRO C 346 33.53 -22.82 -38.29
CA PRO C 346 33.68 -22.72 -39.76
C PRO C 346 33.20 -21.34 -40.24
N ILE C 347 33.88 -20.75 -41.23
CA ILE C 347 33.46 -19.44 -41.75
C ILE C 347 33.10 -19.57 -43.23
N PHE C 348 31.96 -18.99 -43.62
CA PHE C 348 31.51 -19.00 -45.01
C PHE C 348 31.36 -17.57 -45.50
N HIS C 349 32.20 -17.17 -46.46
CA HIS C 349 32.15 -15.85 -47.08
C HIS C 349 31.27 -15.99 -48.30
N VAL C 350 30.15 -15.27 -48.36
CA VAL C 350 29.24 -15.48 -49.48
C VAL C 350 28.90 -14.15 -50.19
N ASN C 351 28.77 -14.25 -51.53
CA ASN C 351 28.42 -13.14 -52.40
C ASN C 351 26.94 -12.77 -52.21
N GLY C 352 26.71 -11.58 -51.65
CA GLY C 352 25.38 -11.03 -51.38
C GLY C 352 24.51 -10.81 -52.61
N ASP C 353 25.11 -10.84 -53.82
CA ASP C 353 24.35 -10.70 -55.07
C ASP C 353 23.84 -12.06 -55.57
N ASP C 354 24.24 -13.17 -54.90
CA ASP C 354 23.80 -14.53 -55.23
C ASP C 354 22.90 -15.03 -54.07
N PRO C 355 21.57 -14.78 -54.13
CA PRO C 355 20.72 -15.19 -53.00
C PRO C 355 20.51 -16.71 -52.87
N GLU C 356 20.80 -17.49 -53.94
CA GLU C 356 20.74 -18.95 -53.92
C GLU C 356 21.88 -19.51 -53.07
N ALA C 357 23.11 -19.01 -53.28
CA ALA C 357 24.30 -19.39 -52.52
C ALA C 357 24.14 -18.99 -51.05
N CYS C 358 23.56 -17.79 -50.81
CA CYS C 358 23.31 -17.24 -49.47
C CYS C 358 22.32 -18.13 -48.69
N ALA C 359 21.23 -18.57 -49.36
CA ALA C 359 20.22 -19.45 -48.75
C ALA C 359 20.79 -20.85 -48.49
N TRP C 360 21.61 -21.39 -49.43
CA TRP C 360 22.25 -22.71 -49.32
C TRP C 360 23.23 -22.74 -48.13
N VAL C 361 24.04 -21.67 -47.98
CA VAL C 361 25.03 -21.51 -46.90
C VAL C 361 24.30 -21.43 -45.54
N ALA C 362 23.16 -20.72 -45.51
CA ALA C 362 22.33 -20.56 -44.30
C ALA C 362 21.84 -21.92 -43.78
N ARG C 363 21.38 -22.79 -44.70
CA ARG C 363 20.86 -24.14 -44.38
C ARG C 363 22.00 -25.07 -43.95
N LEU C 364 23.17 -24.97 -44.60
CA LEU C 364 24.37 -25.75 -44.25
C LEU C 364 24.86 -25.35 -42.84
N ALA C 365 24.79 -24.04 -42.51
CA ALA C 365 25.18 -23.51 -41.20
C ALA C 365 24.31 -24.10 -40.07
N VAL C 366 22.99 -24.18 -40.28
CA VAL C 366 22.05 -24.74 -39.31
C VAL C 366 22.34 -26.25 -39.13
N ASP C 367 22.64 -26.97 -40.23
CA ASP C 367 22.97 -28.41 -40.18
C ASP C 367 24.27 -28.65 -39.42
N PHE C 368 25.31 -27.80 -39.63
CA PHE C 368 26.58 -27.92 -38.92
C PHE C 368 26.36 -27.68 -37.41
N ARG C 369 25.57 -26.64 -37.06
CA ARG C 369 25.25 -26.30 -35.66
C ARG C 369 24.52 -27.45 -34.99
N GLN C 370 23.56 -28.08 -35.69
CA GLN C 370 22.81 -29.22 -35.17
C GLN C 370 23.69 -30.45 -34.98
N ALA C 371 24.66 -30.67 -35.89
CA ALA C 371 25.54 -31.82 -35.83
C ALA C 371 26.63 -31.70 -34.76
N PHE C 372 27.24 -30.51 -34.59
CA PHE C 372 28.37 -30.40 -33.67
C PHE C 372 28.17 -29.45 -32.48
N LYS C 373 26.98 -28.80 -32.35
CA LYS C 373 26.64 -27.90 -31.22
C LYS C 373 27.69 -26.81 -31.06
N LYS C 374 28.11 -26.23 -32.19
CA LYS C 374 29.17 -25.24 -32.24
C LYS C 374 28.76 -24.10 -33.17
N ASP C 375 29.35 -22.89 -32.96
CA ASP C 375 29.10 -21.68 -33.75
C ASP C 375 29.49 -21.84 -35.20
N VAL C 376 28.74 -21.16 -36.10
CA VAL C 376 28.96 -21.07 -37.54
C VAL C 376 28.87 -19.61 -37.92
N VAL C 377 29.81 -19.13 -38.73
CA VAL C 377 29.81 -17.73 -39.13
C VAL C 377 29.59 -17.59 -40.63
N ILE C 378 28.60 -16.75 -40.99
CA ILE C 378 28.28 -16.41 -42.38
C ILE C 378 28.67 -14.94 -42.58
N ASP C 379 29.65 -14.71 -43.45
CA ASP C 379 30.12 -13.38 -43.82
C ASP C 379 29.46 -13.01 -45.15
N MET C 380 28.35 -12.22 -45.10
CA MET C 380 27.66 -11.86 -46.34
C MET C 380 28.26 -10.57 -46.91
N LEU C 381 29.00 -10.68 -48.00
CA LEU C 381 29.61 -9.52 -48.66
C LEU C 381 28.57 -8.82 -49.49
N CYS C 382 28.36 -7.56 -49.18
CA CYS C 382 27.35 -6.75 -49.82
C CYS C 382 27.88 -5.30 -49.90
N TYR C 383 26.96 -4.34 -49.99
CA TYR C 383 27.32 -2.93 -50.05
C TYR C 383 26.22 -2.10 -49.39
N ARG C 384 26.54 -0.84 -49.11
CA ARG C 384 25.63 0.13 -48.53
C ARG C 384 25.33 1.09 -49.66
N ARG C 385 24.13 0.99 -50.25
CA ARG C 385 23.71 1.79 -51.41
C ARG C 385 23.81 3.30 -51.18
N ARG C 386 23.27 3.78 -50.06
CA ARG C 386 23.20 5.20 -49.76
C ARG C 386 24.28 5.58 -48.76
N GLY C 387 24.30 6.85 -48.36
CA GLY C 387 25.21 7.36 -47.35
C GLY C 387 24.88 6.71 -46.02
N HIS C 388 25.78 6.87 -45.03
CA HIS C 388 25.57 6.30 -43.70
C HIS C 388 24.32 6.92 -43.04
N ASN C 389 24.11 8.23 -43.24
CA ASN C 389 22.98 8.96 -42.67
C ASN C 389 22.68 10.21 -43.52
N GLU C 390 21.71 11.03 -43.07
CA GLU C 390 21.34 12.29 -43.70
C GLU C 390 22.47 13.29 -43.49
N GLY C 391 22.95 13.86 -44.59
CA GLY C 391 24.07 14.79 -44.56
C GLY C 391 25.37 14.17 -45.04
N ASP C 392 25.36 12.83 -45.23
CA ASP C 392 26.51 12.09 -45.73
C ASP C 392 26.41 11.82 -47.21
N ASP C 393 27.38 12.35 -47.97
CA ASP C 393 27.63 12.06 -49.37
C ASP C 393 28.84 11.13 -49.31
N PRO C 394 28.61 9.80 -49.45
CA PRO C 394 29.71 8.83 -49.22
C PRO C 394 30.89 8.90 -50.21
N SER C 395 30.76 9.60 -51.34
CA SER C 395 31.88 9.77 -52.27
C SER C 395 32.90 10.84 -51.75
N MET C 396 32.55 11.59 -50.67
CA MET C 396 33.48 12.55 -50.05
C MET C 396 34.69 11.82 -49.45
N THR C 397 34.42 10.67 -48.80
CA THR C 397 35.44 9.90 -48.08
C THR C 397 35.82 8.61 -48.81
N GLN C 398 34.90 8.02 -49.61
CA GLN C 398 35.18 6.79 -50.35
C GLN C 398 34.75 6.97 -51.84
N PRO C 399 35.42 7.87 -52.62
CA PRO C 399 34.96 8.12 -54.00
C PRO C 399 34.94 6.90 -54.93
N TYR C 400 35.95 6.01 -54.83
CA TYR C 400 36.07 4.83 -55.71
C TYR C 400 34.95 3.84 -55.47
N MET C 401 34.68 3.50 -54.19
CA MET C 401 33.62 2.57 -53.80
C MET C 401 32.24 3.04 -54.32
N TYR C 402 31.94 4.33 -54.16
CA TYR C 402 30.63 4.85 -54.51
C TYR C 402 30.50 5.18 -55.98
N ASP C 403 31.60 5.21 -56.75
CA ASP C 403 31.48 5.34 -58.20
C ASP C 403 31.09 3.94 -58.74
N VAL C 404 31.47 2.87 -58.02
CA VAL C 404 31.14 1.48 -58.38
C VAL C 404 29.69 1.15 -57.88
N ILE C 405 29.32 1.63 -56.67
CA ILE C 405 27.98 1.41 -56.08
C ILE C 405 26.92 2.11 -56.96
N ASP C 406 27.23 3.29 -57.51
CA ASP C 406 26.34 4.05 -58.38
C ASP C 406 25.97 3.30 -59.66
N THR C 407 26.76 2.28 -60.07
CA THR C 407 26.47 1.47 -61.26
C THR C 407 25.68 0.17 -60.89
N LYS C 408 25.54 -0.14 -59.57
CA LYS C 408 24.82 -1.33 -59.05
C LYS C 408 23.31 -1.14 -59.13
N ARG C 409 22.56 -2.24 -59.37
CA ARG C 409 21.10 -2.18 -59.54
C ARG C 409 20.28 -2.92 -58.45
N GLY C 410 20.95 -3.56 -57.51
CA GLY C 410 20.27 -4.30 -56.44
C GLY C 410 20.11 -5.77 -56.76
N SER C 411 20.08 -6.61 -55.72
CA SER C 411 19.99 -8.06 -55.80
C SER C 411 18.69 -8.58 -56.42
N ARG C 412 17.55 -7.89 -56.22
CA ARG C 412 16.25 -8.30 -56.77
C ARG C 412 16.26 -8.26 -58.30
N LYS C 413 16.69 -7.11 -58.89
CA LYS C 413 16.75 -6.94 -60.34
C LYS C 413 17.79 -7.88 -60.95
N ALA C 414 18.95 -8.05 -60.27
CA ALA C 414 20.05 -8.92 -60.68
C ALA C 414 19.62 -10.38 -60.72
N TYR C 415 18.99 -10.87 -59.62
CA TYR C 415 18.52 -12.26 -59.50
C TYR C 415 17.39 -12.55 -60.51
N THR C 416 16.50 -11.55 -60.79
CA THR C 416 15.42 -11.71 -61.78
C THR C 416 16.05 -11.89 -63.17
N GLU C 417 17.09 -11.09 -63.49
CA GLU C 417 17.82 -11.13 -64.75
C GLU C 417 18.61 -12.44 -64.90
N ALA C 418 19.20 -12.93 -63.78
CA ALA C 418 19.97 -14.18 -63.74
C ALA C 418 19.07 -15.40 -63.99
N LEU C 419 17.83 -15.37 -63.44
CA LEU C 419 16.84 -16.45 -63.63
C LEU C 419 16.34 -16.50 -65.08
N ILE C 420 16.34 -15.36 -65.81
CA ILE C 420 15.92 -15.27 -67.21
C ILE C 420 17.03 -15.87 -68.10
N GLY C 421 18.27 -15.42 -67.87
CA GLY C 421 19.46 -15.85 -68.60
C GLY C 421 19.73 -17.34 -68.51
N ARG C 422 19.57 -17.92 -67.30
CA ARG C 422 19.74 -19.35 -67.05
C ARG C 422 18.60 -20.19 -67.66
N GLY C 423 17.46 -19.55 -67.92
CA GLY C 423 16.28 -20.19 -68.48
C GLY C 423 15.38 -20.83 -67.43
N ASP C 424 15.60 -20.47 -66.15
CA ASP C 424 14.86 -20.99 -65.00
C ASP C 424 13.43 -20.43 -64.95
N ILE C 425 13.22 -19.16 -65.36
CA ILE C 425 11.89 -18.54 -65.39
C ILE C 425 11.67 -17.87 -66.75
N SER C 426 10.41 -17.78 -67.19
CA SER C 426 10.05 -17.15 -68.47
C SER C 426 9.82 -15.65 -68.27
N MET C 427 9.61 -14.90 -69.38
CA MET C 427 9.33 -13.46 -69.35
C MET C 427 8.03 -13.19 -68.59
N LYS C 428 7.01 -14.07 -68.75
CA LYS C 428 5.72 -14.00 -68.06
C LYS C 428 5.91 -14.16 -66.54
N GLU C 429 6.79 -15.11 -66.14
CA GLU C 429 7.14 -15.40 -64.75
C GLU C 429 7.96 -14.24 -64.14
N ALA C 430 8.77 -13.56 -64.99
CA ALA C 430 9.57 -12.40 -64.60
C ALA C 430 8.67 -11.19 -64.41
N GLU C 431 7.64 -11.03 -65.27
CA GLU C 431 6.67 -9.94 -65.21
C GLU C 431 5.75 -10.13 -64.01
N ASP C 432 5.42 -11.40 -63.68
CA ASP C 432 4.60 -11.74 -62.51
C ASP C 432 5.36 -11.41 -61.21
N ALA C 433 6.70 -11.56 -61.23
CA ALA C 433 7.60 -11.24 -60.12
C ALA C 433 7.63 -9.72 -59.90
N LEU C 434 7.63 -8.94 -61.01
CA LEU C 434 7.58 -7.48 -60.99
C LEU C 434 6.20 -7.02 -60.49
N ARG C 435 5.14 -7.80 -60.81
CA ARG C 435 3.77 -7.57 -60.36
C ARG C 435 3.67 -7.83 -58.86
N ASP C 436 4.36 -8.90 -58.37
CA ASP C 436 4.41 -9.25 -56.95
C ASP C 436 5.12 -8.11 -56.19
N TYR C 437 6.28 -7.63 -56.71
CA TYR C 437 7.06 -6.51 -56.16
C TYR C 437 6.19 -5.27 -55.99
N GLN C 438 5.51 -4.84 -57.09
CA GLN C 438 4.61 -3.68 -57.13
C GLN C 438 3.41 -3.88 -56.20
N GLY C 439 2.94 -5.12 -56.07
CA GLY C 439 1.85 -5.50 -55.18
C GLY C 439 2.24 -5.40 -53.72
N GLN C 440 3.51 -5.77 -53.38
CA GLN C 440 4.05 -5.68 -52.03
C GLN C 440 4.29 -4.22 -51.64
N LEU C 441 4.74 -3.40 -52.60
CA LEU C 441 4.96 -1.96 -52.40
C LEU C 441 3.63 -1.24 -52.13
N GLU C 442 2.57 -1.61 -52.86
CA GLU C 442 1.24 -1.03 -52.72
C GLU C 442 0.61 -1.38 -51.37
N ARG C 443 0.70 -2.67 -50.95
CA ARG C 443 0.13 -3.18 -49.69
C ARG C 443 0.72 -2.44 -48.46
N VAL C 444 2.05 -2.20 -48.43
CA VAL C 444 2.68 -1.52 -47.29
C VAL C 444 2.18 -0.04 -47.24
N PHE C 445 2.09 0.64 -48.38
CA PHE C 445 1.57 2.02 -48.44
C PHE C 445 0.09 2.06 -48.02
N ASN C 446 -0.75 1.13 -48.52
CA ASN C 446 -2.18 1.02 -48.22
C ASN C 446 -2.47 0.71 -46.75
N GLU C 447 -1.82 -0.32 -46.17
CA GLU C 447 -2.02 -0.72 -44.77
C GLU C 447 -1.60 0.38 -43.79
N VAL C 448 -0.51 1.11 -44.09
CA VAL C 448 0.01 2.20 -43.27
C VAL C 448 -0.93 3.43 -43.42
N ARG C 449 -1.56 3.59 -44.61
CA ARG C 449 -2.54 4.65 -44.90
C ARG C 449 -3.80 4.41 -44.07
N GLU C 450 -4.26 3.14 -44.00
CA GLU C 450 -5.43 2.69 -43.25
C GLU C 450 -5.19 2.87 -41.74
N LEU C 451 -3.93 2.66 -41.30
CA LEU C 451 -3.50 2.80 -39.91
C LEU C 451 -3.49 4.29 -39.50
N GLU C 452 -3.03 5.19 -40.39
CA GLU C 452 -2.96 6.64 -40.16
C GLU C 452 -4.34 7.29 -39.99
N LYS C 453 -5.36 6.73 -40.66
CA LYS C 453 -6.75 7.20 -40.60
C LYS C 453 -7.37 6.86 -39.24
N HIS C 454 -7.04 5.68 -38.67
CA HIS C 454 -7.55 5.22 -37.39
C HIS C 454 -6.94 5.99 -36.22
N GLU C 455 -5.67 6.42 -36.35
CA GLU C 455 -4.95 7.15 -35.30
C GLU C 455 -4.61 8.57 -35.76
N LYS C 471 3.69 -7.41 0.43
CA LYS C 471 4.36 -7.48 1.73
C LYS C 471 4.40 -8.95 2.24
N LEU C 472 4.83 -9.87 1.36
CA LEU C 472 4.95 -11.31 1.59
C LEU C 472 6.02 -11.63 2.64
N ALA C 473 5.78 -12.68 3.47
CA ALA C 473 6.69 -13.12 4.53
C ALA C 473 7.89 -13.92 3.99
N THR C 474 9.10 -13.61 4.49
CA THR C 474 10.33 -14.28 4.06
C THR C 474 10.90 -15.20 5.16
N ALA C 475 10.28 -15.21 6.36
CA ALA C 475 10.73 -16.10 7.45
C ALA C 475 10.48 -17.57 7.11
N VAL C 476 11.40 -18.45 7.53
CA VAL C 476 11.30 -19.89 7.30
C VAL C 476 11.19 -20.60 8.65
N ASP C 477 10.79 -21.88 8.66
CA ASP C 477 10.70 -22.64 9.90
C ASP C 477 12.11 -23.16 10.27
N LYS C 478 12.36 -23.46 11.56
CA LYS C 478 13.64 -23.97 12.06
C LYS C 478 14.03 -25.27 11.36
N ALA C 479 13.03 -26.12 11.01
CA ALA C 479 13.22 -27.39 10.29
C ALA C 479 13.85 -27.17 8.91
N MET C 480 13.57 -26.01 8.26
CA MET C 480 14.13 -25.64 6.96
C MET C 480 15.63 -25.37 7.11
N LEU C 481 16.03 -24.59 8.15
CA LEU C 481 17.43 -24.29 8.44
C LEU C 481 18.22 -25.56 8.70
N GLN C 482 17.66 -26.44 9.56
CA GLN C 482 18.23 -27.73 9.94
C GLN C 482 18.43 -28.64 8.74
N ARG C 483 17.45 -28.67 7.79
CA ARG C 483 17.50 -29.46 6.56
C ARG C 483 18.66 -29.02 5.66
N ILE C 484 18.87 -27.69 5.52
CA ILE C 484 19.96 -27.11 4.72
C ILE C 484 21.31 -27.44 5.41
N GLY C 485 21.31 -27.42 6.75
CA GLY C 485 22.46 -27.78 7.56
C GLY C 485 22.85 -29.23 7.37
N ASP C 486 21.85 -30.13 7.48
CA ASP C 486 22.01 -31.60 7.33
C ASP C 486 22.47 -31.99 5.92
N ALA C 487 22.04 -31.22 4.89
CA ALA C 487 22.40 -31.44 3.48
C ALA C 487 23.92 -31.39 3.26
N HIS C 488 24.64 -30.56 4.05
CA HIS C 488 26.10 -30.41 3.98
C HIS C 488 26.85 -31.66 4.46
N LEU C 489 26.19 -32.52 5.27
CA LEU C 489 26.76 -33.77 5.77
C LEU C 489 26.14 -35.01 5.09
N ALA C 490 25.10 -34.81 4.25
CA ALA C 490 24.43 -35.90 3.53
C ALA C 490 25.22 -36.22 2.25
N LEU C 491 26.48 -36.62 2.42
CA LEU C 491 27.44 -36.92 1.37
C LEU C 491 27.13 -38.21 0.61
N PRO C 492 27.40 -38.27 -0.72
CA PRO C 492 27.17 -39.51 -1.48
C PRO C 492 28.08 -40.64 -0.99
N GLU C 493 27.72 -41.90 -1.29
CA GLU C 493 28.46 -43.10 -0.88
C GLU C 493 29.90 -43.09 -1.44
N GLY C 494 30.86 -43.31 -0.56
CA GLY C 494 32.28 -43.35 -0.91
C GLY C 494 32.94 -42.03 -1.21
N PHE C 495 32.24 -40.91 -0.98
CA PHE C 495 32.77 -39.56 -1.23
C PHE C 495 33.83 -39.20 -0.18
N THR C 496 34.99 -38.68 -0.63
CA THR C 496 36.09 -38.25 0.25
C THR C 496 36.10 -36.71 0.27
N VAL C 497 35.77 -36.13 1.43
CA VAL C 497 35.78 -34.68 1.62
C VAL C 497 37.22 -34.24 1.92
N HIS C 498 37.63 -33.08 1.37
CA HIS C 498 38.96 -32.50 1.65
C HIS C 498 39.06 -32.19 3.16
N PRO C 499 40.18 -32.54 3.84
CA PRO C 499 40.29 -32.31 5.30
C PRO C 499 39.99 -30.88 5.79
N ARG C 500 40.18 -29.86 4.95
CA ARG C 500 39.93 -28.45 5.28
C ARG C 500 38.49 -28.02 4.97
N VAL C 501 37.76 -28.83 4.20
CA VAL C 501 36.36 -28.55 3.83
C VAL C 501 35.43 -29.16 4.91
N ARG C 502 35.72 -30.40 5.37
CA ARG C 502 34.96 -31.15 6.39
C ARG C 502 34.53 -30.26 7.59
N PRO C 503 35.41 -29.42 8.23
CA PRO C 503 34.93 -28.59 9.36
C PRO C 503 33.87 -27.57 8.94
N VAL C 504 33.92 -27.05 7.70
CA VAL C 504 32.94 -26.07 7.20
C VAL C 504 31.54 -26.71 7.18
N LEU C 505 31.44 -27.94 6.65
CA LEU C 505 30.19 -28.72 6.56
C LEU C 505 29.58 -29.01 7.95
N GLU C 506 30.41 -29.44 8.92
CA GLU C 506 29.99 -29.76 10.28
C GLU C 506 29.61 -28.50 11.06
N LYS C 507 30.28 -27.36 10.77
CA LYS C 507 30.01 -26.05 11.37
C LYS C 507 28.64 -25.55 10.90
N ARG C 508 28.26 -25.85 9.64
CA ARG C 508 26.99 -25.46 9.05
C ARG C 508 25.84 -26.23 9.68
N ARG C 509 26.07 -27.50 10.00
CA ARG C 509 25.06 -28.29 10.71
C ARG C 509 24.92 -27.74 12.14
N GLU C 510 26.04 -27.35 12.77
CA GLU C 510 26.07 -26.77 14.12
C GLU C 510 25.29 -25.44 14.15
N MET C 511 25.57 -24.54 13.18
CA MET C 511 24.90 -23.24 13.06
C MET C 511 23.38 -23.37 12.84
N ALA C 512 22.96 -24.34 12.00
CA ALA C 512 21.55 -24.57 11.68
C ALA C 512 20.71 -24.98 12.92
N TYR C 513 21.33 -25.70 13.87
CA TYR C 513 20.66 -26.19 15.07
C TYR C 513 20.90 -25.31 16.29
N GLU C 514 22.06 -24.64 16.38
CA GLU C 514 22.44 -23.88 17.57
C GLU C 514 22.51 -22.34 17.40
N GLY C 515 22.61 -21.86 16.17
CA GLY C 515 22.68 -20.42 15.91
C GLY C 515 24.07 -19.93 15.56
N ARG C 516 24.34 -18.62 15.80
CA ARG C 516 25.61 -17.94 15.45
C ARG C 516 25.91 -18.16 13.94
N ILE C 517 24.87 -18.03 13.09
CA ILE C 517 24.94 -18.22 11.65
C ILE C 517 25.76 -17.08 11.02
N ASP C 518 26.82 -17.44 10.27
CA ASP C 518 27.70 -16.48 9.61
C ASP C 518 27.09 -16.08 8.24
N TRP C 519 27.66 -15.03 7.60
CA TRP C 519 27.21 -14.49 6.31
C TRP C 519 27.09 -15.56 5.22
N ALA C 520 28.16 -16.34 5.03
CA ALA C 520 28.27 -17.34 3.97
C ALA C 520 27.17 -18.39 4.06
N PHE C 521 26.87 -18.88 5.29
CA PHE C 521 25.83 -19.88 5.48
C PHE C 521 24.44 -19.26 5.28
N ALA C 522 24.22 -18.02 5.75
CA ALA C 522 22.97 -17.29 5.60
C ALA C 522 22.58 -17.15 4.13
N GLU C 523 23.57 -16.94 3.25
CA GLU C 523 23.36 -16.85 1.81
C GLU C 523 22.81 -18.17 1.27
N LEU C 524 23.44 -19.29 1.68
CA LEU C 524 23.05 -20.64 1.24
C LEU C 524 21.72 -21.06 1.88
N LEU C 525 21.39 -20.52 3.07
CA LEU C 525 20.10 -20.75 3.72
C LEU C 525 19.00 -20.11 2.89
N ALA C 526 19.24 -18.89 2.35
CA ALA C 526 18.28 -18.15 1.50
C ALA C 526 18.06 -18.87 0.18
N LEU C 527 19.16 -19.24 -0.51
CA LEU C 527 19.10 -19.91 -1.80
C LEU C 527 18.53 -21.32 -1.67
N GLY C 528 18.96 -22.05 -0.64
CA GLY C 528 18.48 -23.41 -0.32
C GLY C 528 16.99 -23.47 -0.07
N SER C 529 16.46 -22.51 0.72
CA SER C 529 15.03 -22.42 1.04
C SER C 529 14.19 -22.09 -0.22
N LEU C 530 14.74 -21.26 -1.13
CA LEU C 530 14.06 -20.91 -2.39
C LEU C 530 13.95 -22.14 -3.30
N ILE C 531 15.03 -22.97 -3.36
CA ILE C 531 15.08 -24.23 -4.14
C ILE C 531 14.02 -25.20 -3.57
N ALA C 532 13.92 -25.28 -2.22
CA ALA C 532 12.95 -26.12 -1.51
C ALA C 532 11.51 -25.70 -1.79
N GLU C 533 11.29 -24.40 -2.08
CA GLU C 533 9.98 -23.83 -2.42
C GLU C 533 9.66 -23.96 -3.93
N GLY C 534 10.61 -24.50 -4.70
CA GLY C 534 10.44 -24.74 -6.13
C GLY C 534 11.07 -23.76 -7.08
N LYS C 535 11.94 -22.86 -6.59
CA LYS C 535 12.57 -21.86 -7.45
C LYS C 535 13.87 -22.34 -8.07
N LEU C 536 14.10 -21.96 -9.34
CA LEU C 536 15.36 -22.21 -10.04
C LEU C 536 16.33 -21.13 -9.58
N VAL C 537 17.51 -21.54 -9.09
CA VAL C 537 18.52 -20.61 -8.63
C VAL C 537 19.78 -20.79 -9.48
N ARG C 538 20.18 -19.72 -10.17
CA ARG C 538 21.41 -19.69 -10.95
C ARG C 538 22.39 -18.69 -10.30
N LEU C 539 23.55 -19.22 -9.89
CA LEU C 539 24.61 -18.46 -9.23
C LEU C 539 25.94 -18.67 -9.98
N SER C 540 26.64 -17.59 -10.34
CA SER C 540 27.88 -17.69 -11.08
C SER C 540 28.76 -16.47 -10.89
N GLY C 541 30.01 -16.61 -11.27
CA GLY C 541 31.02 -15.56 -11.16
C GLY C 541 32.38 -16.21 -11.04
N GLN C 542 33.43 -15.39 -10.92
CA GLN C 542 34.80 -15.89 -10.84
C GLN C 542 35.03 -16.61 -9.51
N ASP C 543 35.35 -17.92 -9.59
CA ASP C 543 35.63 -18.84 -8.49
C ASP C 543 34.48 -18.91 -7.46
N THR C 544 33.23 -18.70 -7.92
CA THR C 544 32.01 -18.61 -7.12
C THR C 544 31.61 -19.97 -6.50
N GLN C 545 32.00 -21.11 -7.09
CA GLN C 545 31.66 -22.43 -6.50
C GLN C 545 32.27 -22.55 -5.09
N ARG C 546 33.56 -22.18 -4.96
CA ARG C 546 34.24 -22.24 -3.67
C ARG C 546 34.08 -20.90 -2.91
N GLY C 547 34.10 -19.81 -3.65
CA GLY C 547 34.06 -18.45 -3.11
C GLY C 547 35.47 -17.90 -3.10
N THR C 548 35.62 -16.62 -3.52
CA THR C 548 36.90 -15.89 -3.57
C THR C 548 37.61 -15.93 -2.19
N PHE C 549 36.83 -15.80 -1.09
CA PHE C 549 37.36 -15.75 0.27
C PHE C 549 37.23 -17.09 0.98
N THR C 550 37.22 -18.20 0.19
CA THR C 550 37.11 -19.62 0.61
C THR C 550 35.94 -19.80 1.60
N GLN C 551 34.85 -19.05 1.39
CA GLN C 551 33.73 -19.07 2.34
C GLN C 551 32.46 -19.79 1.85
N ARG C 552 32.25 -19.96 0.53
CA ARG C 552 30.98 -20.50 0.06
C ARG C 552 30.92 -22.02 0.08
N HIS C 553 31.80 -22.72 -0.67
CA HIS C 553 31.81 -24.19 -0.79
C HIS C 553 30.40 -24.69 -1.23
N ALA C 554 29.83 -24.05 -2.28
CA ALA C 554 28.53 -24.39 -2.86
C ALA C 554 28.63 -25.74 -3.59
N VAL C 555 29.85 -26.03 -4.07
CA VAL C 555 30.27 -27.26 -4.72
C VAL C 555 31.51 -27.73 -3.96
N ILE C 556 31.55 -29.00 -3.56
CA ILE C 556 32.72 -29.56 -2.89
C ILE C 556 33.27 -30.66 -3.82
N VAL C 557 34.60 -30.81 -3.85
CA VAL C 557 35.29 -31.71 -4.78
C VAL C 557 35.89 -32.92 -4.03
N ASP C 558 35.60 -34.14 -4.55
CA ASP C 558 36.13 -35.39 -3.98
C ASP C 558 37.66 -35.37 -4.03
N ARG C 559 38.29 -35.57 -2.87
CA ARG C 559 39.75 -35.51 -2.69
C ARG C 559 40.48 -36.56 -3.57
N LYS C 560 39.86 -37.73 -3.82
CA LYS C 560 40.44 -38.83 -4.59
C LYS C 560 39.98 -38.89 -6.07
N THR C 561 38.73 -38.54 -6.38
CA THR C 561 38.22 -38.68 -7.76
C THR C 561 37.98 -37.35 -8.51
N GLY C 562 37.80 -36.25 -7.77
CA GLY C 562 37.52 -34.97 -8.38
C GLY C 562 36.04 -34.78 -8.69
N GLU C 563 35.20 -35.76 -8.30
CA GLU C 563 33.74 -35.72 -8.49
C GLU C 563 33.17 -34.57 -7.67
N GLU C 564 32.28 -33.80 -8.28
CA GLU C 564 31.67 -32.64 -7.65
C GLU C 564 30.39 -33.04 -6.91
N PHE C 565 30.16 -32.43 -5.74
CA PHE C 565 28.97 -32.61 -4.92
C PHE C 565 28.41 -31.25 -4.57
N THR C 566 27.10 -31.06 -4.81
CA THR C 566 26.41 -29.79 -4.56
C THR C 566 25.39 -30.03 -3.45
N PRO C 567 25.72 -29.70 -2.18
CA PRO C 567 24.78 -29.94 -1.07
C PRO C 567 23.38 -29.33 -1.24
N LEU C 568 23.26 -28.08 -1.77
CA LEU C 568 21.97 -27.40 -1.94
C LEU C 568 21.04 -28.09 -2.97
N GLN C 569 21.58 -28.94 -3.87
CA GLN C 569 20.80 -29.65 -4.88
C GLN C 569 19.87 -30.72 -4.24
N LEU C 570 20.19 -31.15 -3.00
CA LEU C 570 19.39 -32.13 -2.26
C LEU C 570 18.03 -31.53 -1.86
N LEU C 571 17.94 -30.20 -1.82
CA LEU C 571 16.72 -29.47 -1.45
C LEU C 571 15.74 -29.38 -2.63
N ALA C 572 16.16 -29.82 -3.84
CA ALA C 572 15.30 -29.87 -5.03
C ALA C 572 14.34 -31.07 -4.94
N THR C 573 14.54 -31.94 -3.92
CA THR C 573 13.73 -33.12 -3.64
C THR C 573 13.11 -32.96 -2.25
N ASN C 574 11.78 -33.13 -2.15
CA ASN C 574 11.03 -33.05 -0.90
C ASN C 574 11.34 -34.25 0.01
N PRO C 575 11.09 -34.19 1.35
CA PRO C 575 11.38 -35.36 2.21
C PRO C 575 10.64 -36.64 1.80
N ASP C 576 9.51 -36.53 1.07
CA ASP C 576 8.70 -37.65 0.58
C ASP C 576 9.31 -38.29 -0.69
N GLY C 577 10.26 -37.58 -1.34
CA GLY C 577 10.96 -38.07 -2.52
C GLY C 577 10.49 -37.47 -3.84
N THR C 578 9.48 -36.58 -3.79
CA THR C 578 8.93 -35.92 -4.97
C THR C 578 9.74 -34.65 -5.27
N PRO C 579 9.93 -34.25 -6.55
CA PRO C 579 10.70 -33.01 -6.82
C PRO C 579 9.93 -31.76 -6.40
N THR C 580 10.67 -30.71 -5.99
CA THR C 580 10.08 -29.44 -5.58
C THR C 580 9.79 -28.55 -6.80
N GLY C 581 10.50 -28.82 -7.88
CA GLY C 581 10.45 -28.03 -9.11
C GLY C 581 11.64 -27.10 -9.20
N GLY C 582 12.36 -26.97 -8.09
CA GLY C 582 13.55 -26.12 -7.97
C GLY C 582 14.82 -26.80 -8.43
N LYS C 583 15.90 -26.02 -8.58
CA LYS C 583 17.20 -26.50 -9.03
C LYS C 583 18.28 -25.48 -8.67
N PHE C 584 19.52 -25.96 -8.42
CA PHE C 584 20.65 -25.10 -8.14
C PHE C 584 21.67 -25.23 -9.27
N LEU C 585 21.90 -24.13 -10.01
CA LEU C 585 22.86 -24.08 -11.12
C LEU C 585 23.97 -23.13 -10.75
N VAL C 586 25.07 -23.67 -10.22
CA VAL C 586 26.21 -22.88 -9.76
C VAL C 586 27.43 -23.17 -10.64
N TYR C 587 28.05 -22.10 -11.15
CA TYR C 587 29.18 -22.23 -12.04
C TYR C 587 30.29 -21.25 -11.75
N ASN C 588 31.51 -21.66 -12.09
CA ASN C 588 32.68 -20.79 -12.11
C ASN C 588 32.63 -20.12 -13.48
N SER C 589 32.72 -18.81 -13.53
CA SER C 589 32.68 -18.13 -14.82
C SER C 589 34.05 -18.06 -15.47
N ALA C 590 34.07 -17.63 -16.73
CA ALA C 590 35.31 -17.36 -17.45
C ALA C 590 35.85 -16.04 -16.85
N LEU C 591 37.12 -15.68 -17.10
CA LEU C 591 37.68 -14.44 -16.59
C LEU C 591 37.19 -13.27 -17.46
N SER C 592 35.88 -12.98 -17.33
CA SER C 592 35.16 -11.94 -18.05
CA SER C 592 35.17 -11.94 -18.05
C SER C 592 34.19 -11.22 -17.12
N GLU C 593 33.95 -9.93 -17.37
CA GLU C 593 32.98 -9.15 -16.62
C GLU C 593 31.86 -8.76 -17.57
N PHE C 594 32.21 -8.12 -18.71
CA PHE C 594 31.27 -7.65 -19.75
C PHE C 594 30.36 -8.78 -20.23
N ALA C 595 30.91 -9.87 -20.79
CA ALA C 595 30.10 -10.99 -21.28
C ALA C 595 29.38 -11.74 -20.18
N ALA C 596 30.03 -11.97 -19.01
CA ALA C 596 29.39 -12.69 -17.91
C ALA C 596 28.19 -11.92 -17.32
N VAL C 597 28.33 -10.59 -17.08
CA VAL C 597 27.23 -9.75 -16.54
C VAL C 597 26.10 -9.67 -17.60
N GLY C 598 26.49 -9.54 -18.88
CA GLY C 598 25.55 -9.50 -19.99
C GLY C 598 24.73 -10.78 -20.06
N PHE C 599 25.41 -11.93 -19.89
CA PHE C 599 24.79 -13.26 -19.90
C PHE C 599 23.77 -13.43 -18.77
N GLU C 600 24.15 -13.02 -17.55
CA GLU C 600 23.28 -13.13 -16.38
C GLU C 600 22.07 -12.21 -16.49
N TYR C 601 22.27 -10.99 -17.03
CA TYR C 601 21.16 -10.08 -17.27
C TYR C 601 20.18 -10.75 -18.28
N GLY C 602 20.74 -11.27 -19.37
CA GLY C 602 19.97 -11.96 -20.42
C GLY C 602 19.22 -13.16 -19.89
N TYR C 603 19.88 -13.95 -19.01
CA TYR C 603 19.28 -15.13 -18.37
C TYR C 603 18.01 -14.74 -17.56
N SER C 604 18.07 -13.65 -16.78
CA SER C 604 16.90 -13.21 -15.99
C SER C 604 15.74 -12.72 -16.89
N VAL C 605 16.04 -12.19 -18.10
CA VAL C 605 15.02 -11.76 -19.08
C VAL C 605 14.34 -13.02 -19.66
N GLY C 606 15.15 -14.03 -20.01
CA GLY C 606 14.71 -15.30 -20.58
C GLY C 606 13.84 -16.13 -19.65
N ASN C 607 14.11 -16.04 -18.32
CA ASN C 607 13.34 -16.74 -17.29
C ASN C 607 13.09 -15.79 -16.11
N PRO C 608 11.95 -15.06 -16.13
CA PRO C 608 11.64 -14.13 -15.02
C PRO C 608 11.40 -14.80 -13.67
N ASP C 609 11.09 -16.11 -13.67
CA ASP C 609 10.81 -16.86 -12.45
C ASP C 609 12.10 -17.39 -11.78
N ALA C 610 13.25 -17.26 -12.46
CA ALA C 610 14.54 -17.70 -11.94
C ALA C 610 15.16 -16.67 -10.99
N MET C 611 15.93 -17.17 -10.01
CA MET C 611 16.72 -16.36 -9.09
C MET C 611 18.12 -16.33 -9.73
N VAL C 612 18.54 -15.19 -10.27
CA VAL C 612 19.82 -15.09 -10.99
C VAL C 612 20.77 -14.15 -10.28
N LEU C 613 21.94 -14.67 -9.89
CA LEU C 613 22.96 -13.90 -9.18
C LEU C 613 24.32 -13.98 -9.86
N TRP C 614 24.94 -12.82 -10.10
CA TRP C 614 26.29 -12.73 -10.63
C TRP C 614 27.16 -12.15 -9.56
N GLU C 615 28.32 -12.77 -9.34
CA GLU C 615 29.23 -12.31 -8.31
C GLU C 615 30.55 -11.84 -8.88
N ALA C 616 30.91 -10.58 -8.58
CA ALA C 616 32.22 -10.01 -8.94
C ALA C 616 33.27 -10.60 -8.00
N GLN C 617 34.52 -10.79 -8.49
CA GLN C 617 35.62 -11.29 -7.64
C GLN C 617 35.78 -10.29 -6.48
N PHE C 618 35.82 -9.02 -6.86
CA PHE C 618 35.82 -7.81 -6.05
C PHE C 618 34.95 -6.83 -6.81
N GLY C 619 34.16 -6.01 -6.11
CA GLY C 619 33.29 -5.04 -6.75
C GLY C 619 34.03 -4.09 -7.70
N ASP C 620 35.33 -3.89 -7.44
CA ASP C 620 36.24 -3.03 -8.21
C ASP C 620 36.38 -3.41 -9.69
N PHE C 621 36.07 -4.66 -10.03
CA PHE C 621 36.23 -5.17 -11.39
C PHE C 621 34.92 -5.11 -12.19
N VAL C 622 33.79 -4.74 -11.57
CA VAL C 622 32.50 -4.64 -12.27
C VAL C 622 32.48 -3.47 -13.30
N ASN C 623 33.43 -2.50 -13.22
CA ASN C 623 33.50 -1.41 -14.21
C ASN C 623 33.88 -1.95 -15.62
N GLY C 624 34.36 -3.19 -15.70
CA GLY C 624 34.64 -3.87 -16.97
C GLY C 624 33.35 -4.23 -17.68
N ALA C 625 32.23 -4.21 -16.94
CA ALA C 625 30.87 -4.49 -17.45
C ALA C 625 30.00 -3.22 -17.44
N GLN C 626 30.62 -2.02 -17.44
CA GLN C 626 29.91 -0.75 -17.37
C GLN C 626 28.84 -0.57 -18.47
N SER C 627 29.14 -1.01 -19.71
CA SER C 627 28.17 -0.93 -20.82
C SER C 627 26.89 -1.71 -20.49
N ILE C 628 27.00 -2.90 -19.88
CA ILE C 628 25.83 -3.71 -19.51
C ILE C 628 25.04 -3.02 -18.38
N ILE C 629 25.75 -2.53 -17.35
CA ILE C 629 25.12 -1.82 -16.22
C ILE C 629 24.35 -0.58 -16.74
N ASP C 630 25.03 0.29 -17.53
CA ASP C 630 24.44 1.52 -18.05
C ASP C 630 23.32 1.31 -19.07
N GLU C 631 23.53 0.38 -20.02
CA GLU C 631 22.63 0.21 -21.15
C GLU C 631 21.53 -0.81 -20.97
N PHE C 632 21.71 -1.79 -20.08
CA PHE C 632 20.69 -2.82 -19.91
C PHE C 632 20.09 -2.85 -18.50
N ILE C 633 20.91 -3.15 -17.47
CA ILE C 633 20.47 -3.34 -16.09
C ILE C 633 19.72 -2.11 -15.51
N SER C 634 20.37 -0.95 -15.48
CA SER C 634 19.83 0.26 -14.87
C SER C 634 18.73 0.95 -15.67
N SER C 635 18.66 0.72 -16.99
CA SER C 635 17.78 1.49 -17.86
C SER C 635 16.82 0.74 -18.79
N GLY C 636 17.00 -0.58 -18.97
CA GLY C 636 16.17 -1.39 -19.86
C GLY C 636 14.66 -1.28 -19.68
N GLU C 637 14.20 -1.20 -18.43
CA GLU C 637 12.78 -1.11 -18.09
C GLU C 637 12.14 0.19 -18.63
N ALA C 638 12.75 1.36 -18.33
CA ALA C 638 12.24 2.66 -18.76
C ALA C 638 12.35 2.85 -20.27
N LYS C 639 13.44 2.35 -20.89
CA LYS C 639 13.66 2.52 -22.33
C LYS C 639 12.81 1.59 -23.18
N TRP C 640 12.73 0.29 -22.81
CA TRP C 640 12.05 -0.69 -23.68
C TRP C 640 10.92 -1.49 -23.03
N GLY C 641 10.66 -1.26 -21.74
CA GLY C 641 9.65 -2.04 -21.03
C GLY C 641 10.13 -3.46 -20.76
N GLN C 642 11.46 -3.69 -20.87
CA GLN C 642 12.10 -4.99 -20.64
C GLN C 642 12.51 -5.10 -19.18
N LEU C 643 12.02 -6.13 -18.50
CA LEU C 643 12.24 -6.30 -17.07
C LEU C 643 13.30 -7.36 -16.78
N SER C 644 14.08 -7.13 -15.73
CA SER C 644 15.12 -8.04 -15.27
C SER C 644 15.19 -8.08 -13.75
N ASP C 645 15.35 -9.27 -13.17
CA ASP C 645 15.47 -9.47 -11.72
C ASP C 645 16.89 -9.89 -11.36
N VAL C 646 17.88 -9.58 -12.22
CA VAL C 646 19.28 -9.97 -12.00
C VAL C 646 19.84 -9.36 -10.68
N VAL C 647 20.66 -10.14 -9.97
CA VAL C 647 21.34 -9.73 -8.74
C VAL C 647 22.82 -9.59 -9.03
N LEU C 648 23.43 -8.46 -8.63
CA LEU C 648 24.88 -8.27 -8.73
C LEU C 648 25.43 -8.24 -7.31
N LEU C 649 26.32 -9.20 -7.00
CA LEU C 649 26.98 -9.31 -5.70
C LEU C 649 28.38 -8.69 -5.84
N LEU C 650 28.62 -7.57 -5.14
CA LEU C 650 29.86 -6.83 -5.27
C LEU C 650 30.66 -6.75 -3.95
N PRO C 651 31.71 -7.61 -3.75
CA PRO C 651 32.52 -7.53 -2.51
C PRO C 651 33.14 -6.14 -2.40
N HIS C 652 32.85 -5.49 -1.27
CA HIS C 652 33.17 -4.10 -0.99
C HIS C 652 33.62 -3.91 0.46
N GLY C 653 34.54 -2.97 0.67
CA GLY C 653 35.03 -2.64 2.01
C GLY C 653 36.46 -2.15 2.08
N HIS C 654 36.71 -1.11 2.90
CA HIS C 654 38.05 -0.55 3.10
C HIS C 654 38.80 -1.41 4.10
N GLU C 655 39.81 -2.17 3.61
CA GLU C 655 40.59 -3.09 4.44
C GLU C 655 42.11 -2.95 4.25
N GLY C 656 42.52 -1.94 3.49
CA GLY C 656 43.93 -1.68 3.19
C GLY C 656 44.53 -2.52 2.08
N GLN C 657 43.68 -3.08 1.19
CA GLN C 657 44.16 -3.92 0.09
C GLN C 657 44.29 -3.15 -1.25
N GLY C 658 44.25 -1.82 -1.21
CA GLY C 658 44.47 -0.99 -2.39
C GLY C 658 43.24 -0.56 -3.17
N PRO C 659 43.41 0.34 -4.16
CA PRO C 659 42.26 0.90 -4.90
C PRO C 659 41.49 -0.06 -5.83
N ASP C 660 41.98 -1.31 -6.03
CA ASP C 660 41.29 -2.29 -6.87
C ASP C 660 40.80 -3.47 -6.08
N HIS C 661 40.87 -3.38 -4.74
CA HIS C 661 40.37 -4.40 -3.83
C HIS C 661 39.66 -3.70 -2.66
N THR C 662 38.96 -2.60 -2.96
CA THR C 662 38.28 -1.85 -1.90
C THR C 662 36.82 -1.46 -2.24
N SER C 663 36.54 -1.00 -3.46
CA SER C 663 35.21 -0.44 -3.72
C SER C 663 34.47 -0.98 -4.96
N GLY C 664 33.17 -1.18 -4.78
CA GLY C 664 32.25 -1.55 -5.85
C GLY C 664 31.59 -0.33 -6.45
N ARG C 665 32.07 0.88 -6.05
CA ARG C 665 31.64 2.21 -6.48
C ARG C 665 30.13 2.41 -6.24
N ILE C 666 29.75 2.43 -4.94
CA ILE C 666 28.36 2.65 -4.48
C ILE C 666 27.79 3.93 -5.12
N GLU C 667 28.58 5.02 -5.14
CA GLU C 667 28.24 6.34 -5.67
C GLU C 667 27.76 6.28 -7.12
N ARG C 668 28.35 5.38 -7.95
CA ARG C 668 27.99 5.25 -9.36
C ARG C 668 26.61 4.60 -9.51
N PHE C 669 26.33 3.54 -8.73
CA PHE C 669 25.04 2.86 -8.77
C PHE C 669 23.92 3.77 -8.23
N LEU C 670 24.24 4.58 -7.19
CA LEU C 670 23.26 5.52 -6.61
C LEU C 670 22.96 6.67 -7.57
N GLN C 671 23.94 7.05 -8.40
CA GLN C 671 23.82 8.09 -9.43
C GLN C 671 22.93 7.59 -10.57
N LEU C 672 23.09 6.30 -10.95
CA LEU C 672 22.29 5.67 -12.03
C LEU C 672 20.83 5.47 -11.62
N TRP C 673 20.59 5.22 -10.33
CA TRP C 673 19.27 4.96 -9.77
C TRP C 673 18.29 6.09 -9.98
N ALA C 674 17.04 5.71 -10.30
CA ALA C 674 15.82 6.52 -10.40
C ALA C 674 14.68 5.65 -9.89
N GLU C 675 13.63 6.27 -9.30
CA GLU C 675 12.51 5.55 -8.69
C GLU C 675 12.02 4.36 -9.53
N GLY C 676 12.06 3.18 -8.92
CA GLY C 676 11.62 1.92 -9.50
C GLY C 676 12.56 1.26 -10.50
N SER C 677 13.81 1.75 -10.61
CA SER C 677 14.73 1.15 -11.58
C SER C 677 15.53 0.00 -10.95
N MET C 678 16.08 0.20 -9.74
CA MET C 678 16.88 -0.81 -9.05
C MET C 678 16.70 -0.75 -7.55
N THR C 679 17.15 -1.82 -6.86
CA THR C 679 17.25 -1.90 -5.40
C THR C 679 18.75 -1.97 -5.10
N ILE C 680 19.24 -1.09 -4.23
CA ILE C 680 20.67 -1.05 -3.86
C ILE C 680 20.76 -1.23 -2.35
N ALA C 681 21.52 -2.25 -1.89
CA ALA C 681 21.63 -2.55 -0.47
C ALA C 681 23.06 -2.89 -0.04
N MET C 682 23.35 -2.64 1.25
CA MET C 682 24.63 -2.98 1.87
C MET C 682 24.28 -3.56 3.26
N PRO C 683 23.89 -4.86 3.33
CA PRO C 683 23.52 -5.45 4.63
C PRO C 683 24.73 -5.61 5.55
N SER C 684 24.48 -5.47 6.86
CA SER C 684 25.49 -5.57 7.91
C SER C 684 25.41 -6.89 8.67
N THR C 685 24.28 -7.63 8.54
CA THR C 685 24.11 -8.89 9.26
C THR C 685 23.75 -10.05 8.32
N PRO C 686 24.15 -11.30 8.67
CA PRO C 686 23.80 -12.46 7.83
C PRO C 686 22.28 -12.63 7.64
N ALA C 687 21.47 -12.47 8.72
CA ALA C 687 20.02 -12.61 8.65
C ALA C 687 19.35 -11.58 7.74
N ASN C 688 19.83 -10.31 7.77
CA ASN C 688 19.24 -9.27 6.93
C ASN C 688 19.55 -9.50 5.46
N TYR C 689 20.70 -10.13 5.15
CA TYR C 689 21.09 -10.49 3.78
C TYR C 689 20.19 -11.64 3.30
N PHE C 690 19.93 -12.63 4.18
CA PHE C 690 19.05 -13.79 3.93
C PHE C 690 17.65 -13.31 3.54
N HIS C 691 17.09 -12.37 4.32
CA HIS C 691 15.76 -11.82 4.08
C HIS C 691 15.72 -10.94 2.83
N LEU C 692 16.82 -10.22 2.54
CA LEU C 692 16.97 -9.40 1.33
C LEU C 692 16.89 -10.27 0.07
N LEU C 693 17.57 -11.43 0.07
CA LEU C 693 17.58 -12.37 -1.06
C LEU C 693 16.22 -13.05 -1.21
N ARG C 694 15.57 -13.43 -0.09
CA ARG C 694 14.26 -14.08 -0.14
C ARG C 694 13.18 -13.08 -0.57
N ARG C 695 13.24 -11.81 -0.11
CA ARG C 695 12.28 -10.78 -0.54
C ARG C 695 12.40 -10.58 -2.05
N HIS C 696 13.66 -10.47 -2.54
CA HIS C 696 13.98 -10.28 -3.95
C HIS C 696 13.39 -11.39 -4.84
N GLY C 697 13.54 -12.64 -4.42
CA GLY C 697 13.04 -13.77 -5.20
C GLY C 697 11.56 -14.05 -5.08
N LYS C 698 10.89 -13.50 -4.05
CA LYS C 698 9.47 -13.79 -3.80
C LYS C 698 8.51 -12.59 -3.94
N ASP C 699 9.01 -11.35 -4.13
CA ASP C 699 8.18 -10.13 -4.20
C ASP C 699 7.31 -10.01 -5.48
N GLY C 700 7.58 -10.84 -6.48
CA GLY C 700 6.84 -10.84 -7.75
C GLY C 700 7.07 -9.61 -8.61
N ILE C 701 8.18 -8.89 -8.31
CA ILE C 701 8.61 -7.67 -8.99
C ILE C 701 9.91 -7.98 -9.72
N GLN C 702 10.01 -7.57 -10.99
CA GLN C 702 11.22 -7.78 -11.78
C GLN C 702 12.02 -6.49 -11.75
N ARG C 703 13.01 -6.43 -10.86
CA ARG C 703 13.85 -5.25 -10.64
C ARG C 703 15.25 -5.68 -10.21
N PRO C 704 16.33 -5.16 -10.83
CA PRO C 704 17.68 -5.58 -10.44
C PRO C 704 18.04 -5.19 -9.01
N LEU C 705 18.85 -6.05 -8.38
CA LEU C 705 19.33 -5.86 -7.00
C LEU C 705 20.84 -5.78 -7.01
N ILE C 706 21.38 -4.69 -6.43
CA ILE C 706 22.82 -4.45 -6.31
C ILE C 706 23.20 -4.60 -4.84
N VAL C 707 24.01 -5.61 -4.52
CA VAL C 707 24.40 -5.86 -3.13
C VAL C 707 25.89 -5.65 -2.97
N PHE C 708 26.26 -4.79 -2.01
CA PHE C 708 27.66 -4.55 -1.62
C PHE C 708 27.92 -5.53 -0.49
N THR C 709 28.66 -6.61 -0.79
CA THR C 709 28.90 -7.75 0.08
C THR C 709 30.25 -7.67 0.84
N PRO C 710 30.42 -8.42 1.96
CA PRO C 710 31.64 -8.27 2.76
C PRO C 710 32.79 -9.16 2.34
N LYS C 711 33.96 -8.90 2.96
CA LYS C 711 35.21 -9.62 2.72
C LYS C 711 35.70 -10.11 4.08
N SER C 712 36.38 -9.28 4.89
CA SER C 712 36.81 -9.70 6.24
C SER C 712 35.60 -9.86 7.20
N MET C 713 34.48 -9.13 6.95
CA MET C 713 33.27 -9.20 7.79
C MET C 713 32.61 -10.61 7.72
N LEU C 714 32.95 -11.43 6.70
CA LEU C 714 32.52 -12.82 6.58
C LEU C 714 32.93 -13.64 7.80
N ARG C 715 34.08 -13.29 8.41
CA ARG C 715 34.63 -14.01 9.55
C ARG C 715 34.61 -13.16 10.84
N ASN C 716 33.95 -11.98 10.80
CA ASN C 716 33.78 -11.16 12.00
C ASN C 716 32.81 -11.90 12.94
N LYS C 717 33.29 -12.29 14.13
CA LYS C 717 32.54 -13.05 15.13
C LYS C 717 31.33 -12.27 15.70
N ALA C 718 31.33 -10.93 15.58
CA ALA C 718 30.22 -10.09 16.02
C ALA C 718 29.14 -10.03 14.91
N ALA C 719 29.54 -10.27 13.65
CA ALA C 719 28.65 -10.24 12.49
C ALA C 719 28.01 -11.63 12.23
N VAL C 720 27.29 -12.14 13.24
CA VAL C 720 26.58 -13.43 13.20
C VAL C 720 25.11 -13.21 13.63
N SER C 721 24.22 -14.13 13.24
CA SER C 721 22.80 -14.01 13.56
C SER C 721 22.23 -15.22 14.30
N ASP C 722 21.18 -14.98 15.09
CA ASP C 722 20.45 -15.98 15.86
C ASP C 722 19.40 -16.67 14.97
N ILE C 723 18.97 -17.88 15.35
CA ILE C 723 17.96 -18.65 14.63
C ILE C 723 16.64 -17.84 14.45
N ARG C 724 16.20 -17.13 15.53
CA ARG C 724 14.99 -16.31 15.57
C ARG C 724 15.01 -15.17 14.52
N ASP C 725 16.21 -14.69 14.13
CA ASP C 725 16.36 -13.65 13.11
C ASP C 725 15.96 -14.18 11.72
N PHE C 726 16.01 -15.50 11.52
CA PHE C 726 15.64 -16.18 10.27
C PHE C 726 14.21 -16.72 10.33
N THR C 727 13.78 -17.19 11.51
CA THR C 727 12.48 -17.82 11.70
C THR C 727 11.35 -16.87 12.12
N GLU C 728 11.64 -15.75 12.80
CA GLU C 728 10.55 -14.87 13.25
C GLU C 728 10.83 -13.40 12.93
N SER C 729 11.49 -13.13 11.81
CA SER C 729 11.78 -11.75 11.40
C SER C 729 11.58 -11.57 9.90
N LYS C 730 11.90 -10.38 9.39
CA LYS C 730 11.81 -9.98 7.99
C LYS C 730 12.96 -9.02 7.65
N PHE C 731 13.05 -8.56 6.39
CA PHE C 731 14.08 -7.62 5.98
C PHE C 731 13.86 -6.27 6.67
N ARG C 732 14.94 -5.72 7.22
CA ARG C 732 14.93 -4.44 7.90
C ARG C 732 15.77 -3.46 7.11
N SER C 733 15.12 -2.47 6.50
CA SER C 733 15.77 -1.45 5.68
C SER C 733 16.61 -0.50 6.55
N VAL C 734 16.22 -0.35 7.83
CA VAL C 734 16.88 0.48 8.83
C VAL C 734 17.09 -0.39 10.08
N LEU C 735 18.32 -0.41 10.64
CA LEU C 735 18.62 -1.18 11.84
C LEU C 735 19.16 -0.33 12.97
N GLU C 736 18.65 -0.58 14.19
CA GLU C 736 19.11 0.06 15.42
C GLU C 736 20.05 -0.88 16.13
N GLU C 737 20.76 -0.36 17.14
CA GLU C 737 21.65 -1.16 17.98
C GLU C 737 20.82 -2.12 18.84
N PRO C 738 21.24 -3.40 18.99
CA PRO C 738 20.46 -4.34 19.82
C PRO C 738 20.23 -3.91 21.28
N MET C 739 21.05 -2.98 21.83
CA MET C 739 20.91 -2.49 23.20
C MET C 739 19.61 -1.67 23.39
N TYR C 740 19.05 -1.10 22.31
CA TYR C 740 17.83 -0.29 22.38
C TYR C 740 16.59 -1.11 22.05
N THR C 741 16.71 -2.11 21.15
CA THR C 741 15.59 -2.95 20.73
C THR C 741 15.41 -4.19 21.64
N ASP C 742 16.51 -4.73 22.20
CA ASP C 742 16.46 -5.94 23.04
C ASP C 742 17.15 -5.78 24.39
N GLY C 743 18.07 -4.83 24.51
CA GLY C 743 18.82 -4.60 25.73
C GLY C 743 18.23 -3.60 26.69
N GLU C 744 19.08 -3.06 27.59
CA GLU C 744 18.69 -2.09 28.62
C GLU C 744 19.16 -0.66 28.31
N GLY C 745 19.49 -0.39 27.05
CA GLY C 745 19.92 0.94 26.59
C GLY C 745 18.82 1.99 26.63
N ASP C 746 19.20 3.25 26.92
CA ASP C 746 18.26 4.37 26.98
C ASP C 746 18.50 5.36 25.82
N ARG C 747 17.51 5.42 24.89
CA ARG C 747 17.51 6.29 23.70
C ARG C 747 17.47 7.78 24.07
N ASN C 748 16.94 8.14 25.25
CA ASN C 748 16.81 9.53 25.72
C ASN C 748 18.15 10.17 26.12
N LYS C 749 19.18 9.35 26.36
CA LYS C 749 20.53 9.83 26.73
C LYS C 749 21.31 10.27 25.48
N VAL C 750 20.86 9.85 24.28
CA VAL C 750 21.52 10.10 22.99
C VAL C 750 21.39 11.58 22.56
N THR C 751 22.55 12.22 22.32
CA THR C 751 22.66 13.61 21.87
C THR C 751 23.32 13.66 20.48
N ARG C 752 24.13 12.64 20.14
CA ARG C 752 24.81 12.53 18.84
C ARG C 752 24.35 11.27 18.12
N LEU C 753 23.87 11.43 16.88
CA LEU C 753 23.38 10.32 16.09
C LEU C 753 24.29 10.05 14.91
N LEU C 754 24.85 8.83 14.84
CA LEU C 754 25.71 8.42 13.72
C LEU C 754 24.93 7.53 12.76
N LEU C 755 24.78 7.97 11.51
CA LEU C 755 24.12 7.21 10.47
C LEU C 755 25.18 6.58 9.60
N THR C 756 25.08 5.26 9.39
CA THR C 756 26.09 4.55 8.64
C THR C 756 25.49 3.37 7.86
N SER C 757 26.36 2.62 7.19
CA SER C 757 26.06 1.43 6.42
C SER C 757 27.30 0.54 6.33
N GLY C 758 27.11 -0.77 6.35
CA GLY C 758 28.22 -1.72 6.20
C GLY C 758 28.97 -2.07 7.46
N LYS C 759 30.15 -2.68 7.29
CA LYS C 759 31.01 -3.19 8.37
C LYS C 759 31.53 -2.12 9.36
N ILE C 760 31.62 -0.82 8.96
CA ILE C 760 32.12 0.23 9.87
C ILE C 760 31.24 0.31 11.16
N TYR C 761 29.98 -0.20 11.10
CA TYR C 761 29.07 -0.23 12.24
C TYR C 761 29.72 -0.93 13.43
N TYR C 762 30.32 -2.12 13.20
CA TYR C 762 30.95 -2.95 14.23
C TYR C 762 32.11 -2.23 14.91
N GLU C 763 32.88 -1.45 14.14
CA GLU C 763 34.01 -0.66 14.62
C GLU C 763 33.51 0.50 15.48
N LEU C 764 32.40 1.15 15.05
CA LEU C 764 31.77 2.25 15.78
C LEU C 764 31.13 1.74 17.07
N ALA C 765 30.49 0.55 17.03
CA ALA C 765 29.86 -0.09 18.19
C ALA C 765 30.89 -0.51 19.23
N ALA C 766 32.06 -1.03 18.78
CA ALA C 766 33.16 -1.47 19.65
C ALA C 766 33.72 -0.29 20.44
N ARG C 767 33.92 0.88 19.77
CA ARG C 767 34.43 2.12 20.38
C ARG C 767 33.42 2.65 21.42
N LYS C 768 32.11 2.61 21.07
CA LYS C 768 31.02 3.04 21.97
C LYS C 768 31.02 2.20 23.25
N ALA C 769 31.17 0.86 23.12
CA ALA C 769 31.21 -0.09 24.22
C ALA C 769 32.46 0.11 25.09
N LYS C 770 33.62 0.41 24.46
CA LYS C 770 34.91 0.61 25.15
C LYS C 770 34.90 1.85 26.04
N GLU C 771 34.28 2.94 25.58
CA GLU C 771 34.22 4.23 26.30
C GLU C 771 32.88 4.44 27.03
N ASN C 772 31.93 3.47 26.97
CA ASN C 772 30.58 3.53 27.55
C ASN C 772 29.89 4.86 27.11
N ARG C 773 29.82 5.08 25.79
CA ARG C 773 29.24 6.31 25.23
C ARG C 773 27.72 6.17 25.04
N GLU C 774 26.95 6.45 26.11
CA GLU C 774 25.48 6.38 26.09
C GLU C 774 24.87 7.58 25.35
N ASP C 775 25.68 8.65 25.16
CA ASP C 775 25.32 9.89 24.47
C ASP C 775 25.35 9.74 22.93
N VAL C 776 25.90 8.60 22.42
CA VAL C 776 26.01 8.33 20.99
C VAL C 776 25.20 7.07 20.63
N ALA C 777 24.47 7.11 19.49
CA ALA C 777 23.73 5.99 18.92
C ALA C 777 24.09 5.82 17.45
N ILE C 778 24.16 4.57 16.98
CA ILE C 778 24.54 4.21 15.62
C ILE C 778 23.32 3.59 14.92
N VAL C 779 22.89 4.22 13.81
CA VAL C 779 21.73 3.76 13.02
C VAL C 779 22.23 3.34 11.63
N ARG C 780 21.91 2.11 11.22
CA ARG C 780 22.34 1.56 9.93
C ARG C 780 21.27 1.70 8.85
N ILE C 781 21.68 2.18 7.67
CA ILE C 781 20.82 2.26 6.49
C ILE C 781 21.22 1.03 5.65
N GLU C 782 20.42 -0.04 5.74
CA GLU C 782 20.66 -1.32 5.08
C GLU C 782 20.30 -1.25 3.59
N GLN C 783 19.16 -0.61 3.27
CA GLN C 783 18.67 -0.41 1.91
C GLN C 783 19.02 1.03 1.52
N LEU C 784 20.03 1.19 0.64
CA LEU C 784 20.52 2.50 0.21
C LEU C 784 19.59 3.16 -0.81
N ALA C 785 18.93 2.36 -1.67
CA ALA C 785 17.99 2.82 -2.70
C ALA C 785 16.92 1.75 -2.94
N PRO C 786 15.61 2.09 -2.92
CA PRO C 786 15.03 3.41 -2.61
C PRO C 786 15.25 3.75 -1.14
N LEU C 787 15.52 5.03 -0.82
CA LEU C 787 15.74 5.45 0.57
C LEU C 787 14.51 5.12 1.40
N PRO C 788 14.67 4.38 2.51
CA PRO C 788 13.49 4.03 3.33
C PRO C 788 13.07 5.20 4.21
N ARG C 789 12.47 6.22 3.57
CA ARG C 789 12.04 7.50 4.15
C ARG C 789 11.21 7.31 5.43
N ARG C 790 10.13 6.50 5.39
CA ARG C 790 9.22 6.27 6.52
C ARG C 790 9.94 5.57 7.69
N ARG C 791 10.67 4.47 7.41
CA ARG C 791 11.41 3.72 8.45
C ARG C 791 12.48 4.58 9.10
N LEU C 792 13.17 5.41 8.29
CA LEU C 792 14.23 6.30 8.78
C LEU C 792 13.64 7.37 9.70
N ALA C 793 12.52 8.00 9.28
CA ALA C 793 11.80 9.03 10.06
C ALA C 793 11.31 8.47 11.39
N GLU C 794 10.68 7.27 11.40
CA GLU C 794 10.16 6.60 12.61
C GLU C 794 11.29 6.25 13.58
N THR C 795 12.45 5.81 13.06
CA THR C 795 13.62 5.43 13.87
C THR C 795 14.21 6.67 14.56
N LEU C 796 14.46 7.76 13.81
CA LEU C 796 15.04 9.01 14.34
C LEU C 796 14.13 9.69 15.37
N ASP C 797 12.79 9.54 15.23
CA ASP C 797 11.79 10.11 16.16
C ASP C 797 11.89 9.49 17.56
N ARG C 798 12.51 8.30 17.67
CA ARG C 798 12.70 7.58 18.94
C ARG C 798 13.92 8.14 19.73
N TYR C 799 14.67 9.10 19.15
CA TYR C 799 15.82 9.76 19.78
C TYR C 799 15.52 11.27 19.88
N PRO C 800 14.71 11.72 20.87
CA PRO C 800 14.29 13.13 20.89
C PRO C 800 15.35 14.15 21.33
N ASN C 801 16.42 13.73 22.02
CA ASN C 801 17.42 14.66 22.55
C ASN C 801 18.67 14.79 21.65
N VAL C 802 18.57 14.36 20.38
CA VAL C 802 19.67 14.47 19.40
C VAL C 802 19.84 15.94 18.99
N LYS C 803 21.08 16.45 19.12
CA LYS C 803 21.45 17.83 18.79
C LYS C 803 22.30 17.88 17.50
N GLU C 804 22.92 16.75 17.12
CA GLU C 804 23.77 16.67 15.93
C GLU C 804 23.71 15.28 15.28
N LYS C 805 23.65 15.26 13.94
CA LYS C 805 23.61 14.04 13.14
C LYS C 805 24.77 14.00 12.15
N PHE C 806 25.41 12.83 12.02
CA PHE C 806 26.54 12.65 11.12
C PHE C 806 26.40 11.40 10.26
N TRP C 807 26.67 11.52 8.96
CA TRP C 807 26.73 10.38 8.06
C TRP C 807 28.19 9.91 8.08
N VAL C 808 28.42 8.67 8.56
CA VAL C 808 29.75 8.09 8.71
C VAL C 808 29.95 7.01 7.63
N GLN C 809 31.05 7.12 6.88
CA GLN C 809 31.41 6.19 5.82
C GLN C 809 32.93 6.04 5.71
N GLU C 810 33.35 4.88 5.24
CA GLU C 810 34.75 4.54 5.00
C GLU C 810 35.27 5.19 3.72
N GLU C 811 34.38 5.35 2.74
CA GLU C 811 34.72 5.83 1.39
C GLU C 811 35.11 7.31 1.36
N PRO C 812 35.97 7.72 0.40
CA PRO C 812 36.29 9.16 0.25
C PRO C 812 35.02 10.01 0.11
N ALA C 813 35.11 11.31 0.46
CA ALA C 813 34.00 12.28 0.45
C ALA C 813 33.22 12.36 -0.89
N ASN C 814 33.91 12.15 -2.02
CA ASN C 814 33.29 12.19 -3.36
C ASN C 814 32.78 10.80 -3.77
N GLN C 815 32.82 9.84 -2.84
CA GLN C 815 32.44 8.44 -3.10
C GLN C 815 31.53 7.94 -1.99
N GLY C 816 31.10 6.68 -2.10
CA GLY C 816 30.15 6.09 -1.16
C GLY C 816 28.77 6.69 -1.29
N ALA C 817 27.99 6.65 -0.21
CA ALA C 817 26.62 7.16 -0.21
C ALA C 817 26.52 8.68 -0.01
N TRP C 818 27.56 9.35 0.53
CA TRP C 818 27.49 10.80 0.82
C TRP C 818 27.14 11.69 -0.40
N PRO C 819 27.73 11.60 -1.62
CA PRO C 819 27.34 12.52 -2.71
C PRO C 819 25.83 12.56 -2.97
N SER C 820 25.13 11.42 -2.85
CA SER C 820 23.68 11.39 -3.06
C SER C 820 22.91 11.66 -1.75
N PHE C 821 23.30 11.02 -0.62
CA PHE C 821 22.61 11.16 0.69
C PHE C 821 22.72 12.58 1.24
N GLY C 822 23.89 13.21 1.09
CA GLY C 822 24.14 14.58 1.54
C GLY C 822 23.27 15.61 0.85
N LEU C 823 22.79 15.27 -0.35
CA LEU C 823 21.93 16.14 -1.16
C LEU C 823 20.44 15.73 -1.04
N THR C 824 20.15 14.41 -0.93
CA THR C 824 18.77 13.90 -0.88
C THR C 824 18.15 13.94 0.54
N LEU C 825 18.86 13.46 1.59
CA LEU C 825 18.34 13.40 2.97
C LEU C 825 17.84 14.77 3.50
N PRO C 826 18.55 15.93 3.37
CA PRO C 826 17.96 17.19 3.88
C PRO C 826 16.76 17.69 3.07
N GLU C 827 16.55 17.13 1.86
CA GLU C 827 15.43 17.49 0.98
C GLU C 827 14.18 16.65 1.31
N ILE C 828 14.32 15.30 1.36
CA ILE C 828 13.21 14.37 1.62
C ILE C 828 12.77 14.40 3.09
N LEU C 829 13.70 14.67 4.03
CA LEU C 829 13.37 14.76 5.46
C LEU C 829 14.02 16.03 6.07
N PRO C 830 13.48 17.24 5.76
CA PRO C 830 14.07 18.48 6.31
C PRO C 830 14.01 18.61 7.83
N ASP C 831 12.99 18.02 8.48
CA ASP C 831 12.85 18.11 9.94
C ASP C 831 13.85 17.19 10.66
N HIS C 832 14.46 16.24 9.93
CA HIS C 832 15.41 15.30 10.50
C HIS C 832 16.84 15.53 10.06
N PHE C 833 17.08 15.86 8.76
CA PHE C 833 18.45 15.95 8.26
C PHE C 833 18.96 17.35 7.87
N THR C 834 18.29 18.44 8.31
CA THR C 834 18.82 19.79 8.07
C THR C 834 19.99 19.94 9.05
N GLY C 835 21.16 20.25 8.51
CA GLY C 835 22.39 20.39 9.29
C GLY C 835 23.22 19.13 9.36
N LEU C 836 22.83 18.06 8.61
CA LEU C 836 23.55 16.78 8.55
C LEU C 836 24.98 17.00 8.05
N LYS C 837 25.96 16.46 8.78
CA LYS C 837 27.38 16.61 8.46
C LYS C 837 27.99 15.26 8.07
N ARG C 838 29.12 15.31 7.34
CA ARG C 838 29.82 14.12 6.84
C ARG C 838 31.10 13.82 7.64
N ILE C 839 31.31 12.51 7.93
CA ILE C 839 32.52 11.95 8.52
C ILE C 839 32.95 10.85 7.56
N SER C 840 34.07 11.05 6.87
CA SER C 840 34.58 10.13 5.87
C SER C 840 36.05 10.35 5.59
N ARG C 841 36.60 9.57 4.65
CA ARG C 841 37.95 9.79 4.14
C ARG C 841 37.88 11.04 3.24
N ARG C 842 39.01 11.71 3.04
CA ARG C 842 39.08 12.90 2.17
C ARG C 842 38.70 12.52 0.73
N ALA C 843 38.20 13.47 -0.08
CA ALA C 843 37.89 13.23 -1.48
C ALA C 843 39.16 12.75 -2.21
N MET C 844 39.04 11.68 -3.03
CA MET C 844 40.20 11.10 -3.74
C MET C 844 39.89 10.80 -5.19
N SER C 845 40.93 10.77 -6.07
CA SER C 845 40.78 10.45 -7.49
C SER C 845 40.70 8.93 -7.72
N ALA C 846 41.02 8.14 -6.67
CA ALA C 846 40.98 6.68 -6.66
C ALA C 846 40.09 6.22 -5.48
N PRO C 847 39.61 4.94 -5.44
CA PRO C 847 38.73 4.51 -4.32
C PRO C 847 39.40 4.49 -2.93
N SER C 848 40.73 4.44 -2.89
CA SER C 848 41.51 4.39 -1.64
C SER C 848 42.98 4.70 -1.91
N SER C 849 43.77 4.76 -0.84
CA SER C 849 45.22 4.90 -0.92
C SER C 849 45.79 3.53 -1.31
N GLY C 850 47.00 3.51 -1.88
CA GLY C 850 47.68 2.27 -2.23
C GLY C 850 48.37 1.64 -1.03
N SER C 851 48.51 2.38 0.08
CA SER C 851 49.18 1.93 1.31
C SER C 851 48.21 1.43 2.39
N SER C 852 48.47 0.22 2.94
CA SER C 852 47.70 -0.36 4.05
C SER C 852 47.94 0.42 5.34
N LYS C 853 49.12 1.10 5.45
CA LYS C 853 49.52 1.92 6.60
C LYS C 853 48.69 3.21 6.62
N VAL C 854 48.55 3.86 5.46
CA VAL C 854 47.74 5.08 5.29
C VAL C 854 46.27 4.73 5.58
N HIS C 855 45.79 3.56 5.09
CA HIS C 855 44.43 3.07 5.34
C HIS C 855 44.10 2.99 6.84
N ALA C 856 45.00 2.36 7.64
CA ALA C 856 44.87 2.15 9.08
C ALA C 856 44.78 3.48 9.84
N VAL C 857 45.60 4.48 9.43
CA VAL C 857 45.62 5.82 10.03
C VAL C 857 44.27 6.51 9.72
N GLU C 858 43.80 6.44 8.46
CA GLU C 858 42.53 7.05 8.03
C GLU C 858 41.31 6.41 8.71
N GLN C 859 41.33 5.06 8.88
CA GLN C 859 40.24 4.31 9.54
C GLN C 859 40.09 4.76 10.99
N GLN C 860 41.22 4.89 11.71
CA GLN C 860 41.26 5.34 13.10
C GLN C 860 40.82 6.80 13.20
N GLU C 861 41.22 7.64 12.22
CA GLU C 861 40.84 9.07 12.15
C GLU C 861 39.31 9.23 12.05
N ILE C 862 38.62 8.34 11.30
CA ILE C 862 37.16 8.33 11.12
C ILE C 862 36.48 8.05 12.48
N LEU C 863 36.94 6.99 13.18
CA LEU C 863 36.39 6.58 14.48
C LEU C 863 36.59 7.66 15.54
N ASP C 864 37.79 8.30 15.57
CA ASP C 864 38.12 9.38 16.52
C ASP C 864 37.28 10.63 16.27
N THR C 865 36.96 10.94 14.99
CA THR C 865 36.14 12.10 14.62
C THR C 865 34.69 11.85 15.07
N ALA C 866 34.18 10.62 14.86
CA ALA C 866 32.81 10.22 15.21
C ALA C 866 32.55 10.28 16.73
N PHE C 867 33.60 10.07 17.56
CA PHE C 867 33.47 10.08 19.01
C PHE C 867 34.24 11.25 19.66
N GLY C 868 34.62 12.25 18.85
CA GLY C 868 35.35 13.43 19.29
C GLY C 868 34.43 14.61 19.60
N ASN D 8 54.55 -43.19 -51.53
CA ASN D 8 55.14 -41.88 -51.78
C ASN D 8 54.15 -40.76 -51.41
N ALA D 9 52.89 -40.92 -51.83
CA ALA D 9 51.78 -40.00 -51.55
C ALA D 9 51.46 -39.97 -50.04
N ARG D 10 51.68 -41.10 -49.35
CA ARG D 10 51.47 -41.24 -47.91
C ARG D 10 52.51 -40.43 -47.12
N VAL D 11 53.74 -40.28 -47.68
CA VAL D 11 54.85 -39.52 -47.08
C VAL D 11 54.50 -38.01 -47.11
N ILE D 12 54.01 -37.50 -48.26
CA ILE D 12 53.60 -36.09 -48.46
C ILE D 12 52.45 -35.73 -47.50
N GLU D 13 51.51 -36.66 -47.30
CA GLU D 13 50.36 -36.51 -46.39
C GLU D 13 50.82 -36.54 -44.93
N LEU D 14 51.90 -37.30 -44.65
CA LEU D 14 52.48 -37.41 -43.32
C LEU D 14 53.24 -36.12 -42.94
N ILE D 15 53.98 -35.53 -43.91
CA ILE D 15 54.70 -34.25 -43.73
C ILE D 15 53.70 -33.14 -43.38
N ALA D 16 52.59 -33.04 -44.15
CA ALA D 16 51.53 -32.06 -43.95
C ALA D 16 50.86 -32.23 -42.58
N ALA D 17 50.62 -33.50 -42.15
CA ALA D 17 50.01 -33.85 -40.86
C ALA D 17 50.85 -33.35 -39.67
N TYR D 18 52.20 -33.50 -39.75
CA TYR D 18 53.11 -33.04 -38.70
C TYR D 18 53.14 -31.51 -38.64
N ARG D 19 53.17 -30.84 -39.80
CA ARG D 19 53.18 -29.38 -39.90
C ARG D 19 51.88 -28.76 -39.38
N ASN D 20 50.73 -29.37 -39.73
CA ASN D 20 49.41 -28.89 -39.36
C ASN D 20 48.98 -29.26 -37.94
N ARG D 21 49.16 -30.52 -37.54
CA ARG D 21 48.61 -31.01 -36.26
C ARG D 21 49.63 -31.64 -35.30
N GLY D 22 50.92 -31.57 -35.61
CA GLY D 22 51.99 -32.11 -34.76
C GLY D 22 51.99 -31.55 -33.34
N HIS D 23 51.59 -30.26 -33.20
CA HIS D 23 51.50 -29.52 -31.93
C HIS D 23 50.53 -30.18 -30.94
N LEU D 24 49.53 -30.95 -31.43
CA LEU D 24 48.56 -31.66 -30.60
C LEU D 24 49.19 -32.89 -29.91
N MET D 25 50.36 -33.36 -30.41
CA MET D 25 51.08 -34.52 -29.90
C MET D 25 52.39 -34.14 -29.18
N ALA D 26 52.80 -32.86 -29.23
CA ALA D 26 54.02 -32.39 -28.60
C ALA D 26 53.96 -32.50 -27.06
N ASP D 27 55.10 -32.84 -26.44
CA ASP D 27 55.25 -32.98 -24.98
C ASP D 27 55.50 -31.57 -24.37
N ILE D 28 54.43 -30.76 -24.30
CA ILE D 28 54.45 -29.36 -23.85
C ILE D 28 54.06 -29.17 -22.38
N ASP D 29 53.28 -30.10 -21.80
CA ASP D 29 52.82 -29.99 -20.42
C ASP D 29 53.82 -30.61 -19.45
N PRO D 30 54.53 -29.80 -18.60
CA PRO D 30 55.48 -30.38 -17.63
C PRO D 30 54.82 -31.25 -16.54
N LEU D 31 53.48 -31.15 -16.38
CA LEU D 31 52.71 -31.93 -15.42
C LEU D 31 52.16 -33.23 -16.02
N ARG D 32 52.03 -33.29 -17.37
CA ARG D 32 51.48 -34.42 -18.16
C ARG D 32 50.13 -34.88 -17.57
N LEU D 33 49.23 -33.91 -17.29
CA LEU D 33 47.91 -34.16 -16.68
C LEU D 33 47.01 -35.02 -17.56
N ASP D 34 46.97 -34.73 -18.87
CA ASP D 34 46.14 -35.48 -19.82
C ASP D 34 46.88 -36.74 -20.26
N ASN D 35 46.39 -37.90 -19.78
CA ASN D 35 46.95 -39.23 -20.06
C ASN D 35 46.53 -39.74 -21.45
N THR D 36 45.49 -39.15 -22.06
CA THR D 36 44.97 -39.55 -23.39
C THR D 36 45.62 -38.75 -24.53
N ARG D 37 46.41 -37.70 -24.20
CA ARG D 37 47.11 -36.79 -25.14
C ARG D 37 47.95 -37.56 -26.18
N PHE D 38 48.81 -38.49 -25.72
CA PHE D 38 49.70 -39.28 -26.57
C PHE D 38 49.04 -40.60 -26.98
N TRP D 54 61.88 -51.84 -42.42
CA TRP D 54 60.58 -51.42 -42.95
C TRP D 54 60.82 -50.32 -44.01
N ASP D 55 59.85 -49.40 -44.19
CA ASP D 55 59.94 -48.28 -45.14
C ASP D 55 60.89 -47.18 -44.64
N LEU D 56 61.28 -47.23 -43.35
CA LEU D 56 62.15 -46.28 -42.66
C LEU D 56 63.51 -46.10 -43.37
N ASP D 57 64.10 -47.21 -43.85
CA ASP D 57 65.41 -47.22 -44.49
C ASP D 57 65.34 -46.92 -46.00
N ARG D 58 64.12 -46.83 -46.57
CA ARG D 58 63.90 -46.52 -47.99
C ARG D 58 63.97 -45.02 -48.24
N GLU D 59 64.64 -44.62 -49.34
CA GLU D 59 64.81 -43.21 -49.74
C GLU D 59 63.60 -42.69 -50.51
N PHE D 60 63.18 -41.44 -50.21
CA PHE D 60 62.05 -40.75 -50.86
C PHE D 60 62.47 -39.36 -51.34
N GLN D 69 66.92 -33.14 -51.40
CA GLN D 69 66.12 -33.70 -52.49
C GLN D 69 65.74 -35.17 -52.23
N ARG D 70 66.73 -36.06 -51.97
CA ARG D 70 66.51 -37.47 -51.67
C ARG D 70 66.98 -37.78 -50.25
N LYS D 71 66.07 -38.33 -49.42
CA LYS D 71 66.35 -38.66 -48.02
C LYS D 71 65.58 -39.90 -47.56
N LYS D 72 66.16 -40.68 -46.63
CA LYS D 72 65.53 -41.87 -46.05
C LYS D 72 64.34 -41.42 -45.19
N LEU D 73 63.27 -42.23 -45.14
CA LEU D 73 62.06 -41.96 -44.36
C LEU D 73 62.37 -41.73 -42.88
N ARG D 74 63.33 -42.50 -42.30
CA ARG D 74 63.72 -42.35 -40.90
C ARG D 74 64.27 -40.94 -40.62
N ASP D 75 65.02 -40.35 -41.57
CA ASP D 75 65.60 -39.02 -41.43
C ASP D 75 64.55 -37.92 -41.66
N ILE D 76 63.53 -38.18 -42.52
CA ILE D 76 62.43 -37.25 -42.78
C ILE D 76 61.56 -37.17 -41.50
N LEU D 77 61.18 -38.33 -40.94
CA LEU D 77 60.36 -38.46 -39.74
C LEU D 77 61.05 -37.93 -38.48
N SER D 78 62.38 -38.12 -38.35
CA SER D 78 63.16 -37.64 -37.19
C SER D 78 63.16 -36.11 -37.16
N VAL D 79 63.30 -35.45 -38.34
CA VAL D 79 63.27 -33.98 -38.46
C VAL D 79 61.88 -33.47 -38.03
N LEU D 80 60.80 -34.11 -38.51
CA LEU D 80 59.40 -33.76 -38.19
C LEU D 80 59.07 -33.92 -36.71
N ARG D 81 59.47 -35.06 -36.09
CA ARG D 81 59.23 -35.34 -34.67
C ARG D 81 59.98 -34.36 -33.77
N ASP D 82 61.26 -34.07 -34.08
CA ASP D 82 62.08 -33.12 -33.31
C ASP D 82 61.56 -31.69 -33.42
N ALA D 83 61.09 -31.30 -34.60
CA ALA D 83 60.59 -29.96 -34.88
C ALA D 83 59.20 -29.70 -34.34
N TYR D 84 58.28 -30.70 -34.44
CA TYR D 84 56.88 -30.51 -34.10
C TYR D 84 56.32 -31.33 -32.93
N CYS D 85 57.01 -32.39 -32.47
CA CYS D 85 56.45 -33.25 -31.42
C CYS D 85 57.40 -33.47 -30.24
N ARG D 86 58.28 -32.50 -29.94
CA ARG D 86 59.19 -32.57 -28.79
C ARG D 86 58.63 -31.65 -27.71
N HIS D 87 59.39 -30.63 -27.29
CA HIS D 87 58.94 -29.73 -26.24
C HIS D 87 58.39 -28.41 -26.79
N VAL D 88 58.25 -28.30 -28.14
CA VAL D 88 57.72 -27.10 -28.79
C VAL D 88 56.58 -27.50 -29.75
N GLY D 89 55.38 -26.97 -29.50
CA GLY D 89 54.22 -27.13 -30.35
C GLY D 89 54.11 -25.89 -31.22
N VAL D 90 54.30 -26.05 -32.54
CA VAL D 90 54.29 -24.95 -33.50
C VAL D 90 52.96 -24.89 -34.27
N GLU D 91 52.30 -23.72 -34.24
CA GLU D 91 51.08 -23.42 -34.99
C GLU D 91 51.37 -22.29 -35.95
N TYR D 92 51.42 -22.61 -37.25
CA TYR D 92 51.76 -21.59 -38.25
C TYR D 92 51.05 -21.79 -39.60
N THR D 93 50.43 -22.97 -39.84
CA THR D 93 49.82 -23.24 -41.15
C THR D 93 48.49 -22.45 -41.34
N HIS D 94 48.03 -21.74 -40.30
CA HIS D 94 46.85 -20.88 -40.36
C HIS D 94 47.20 -19.52 -40.99
N ILE D 95 48.52 -19.18 -41.03
CA ILE D 95 49.04 -17.93 -41.59
C ILE D 95 48.78 -17.89 -43.11
N LEU D 96 48.10 -16.84 -43.57
CA LEU D 96 47.74 -16.68 -44.98
C LEU D 96 48.92 -16.30 -45.88
N GLU D 97 49.98 -15.68 -45.32
CA GLU D 97 51.18 -15.29 -46.07
C GLU D 97 52.08 -16.52 -46.30
N PRO D 98 52.28 -16.99 -47.56
CA PRO D 98 53.11 -18.19 -47.79
C PRO D 98 54.59 -18.00 -47.41
N GLU D 99 55.13 -16.77 -47.58
CA GLU D 99 56.52 -16.44 -47.25
C GLU D 99 56.79 -16.56 -45.73
N GLN D 100 55.76 -16.31 -44.88
CA GLN D 100 55.87 -16.42 -43.42
C GLN D 100 55.88 -17.90 -43.00
N GLN D 101 55.01 -18.71 -43.65
CA GLN D 101 54.94 -20.16 -43.43
C GLN D 101 56.27 -20.81 -43.81
N ARG D 102 56.86 -20.35 -44.93
CA ARG D 102 58.15 -20.83 -45.45
C ARG D 102 59.30 -20.48 -44.50
N TRP D 103 59.33 -19.24 -43.98
CA TRP D 103 60.33 -18.72 -43.04
C TRP D 103 60.41 -19.58 -41.78
N ILE D 104 59.23 -19.92 -41.19
CA ILE D 104 59.12 -20.73 -39.97
C ILE D 104 59.57 -22.16 -40.27
N GLN D 105 59.03 -22.77 -41.34
CA GLN D 105 59.35 -24.11 -41.83
C GLN D 105 60.86 -24.33 -41.90
N GLU D 106 61.58 -23.42 -42.59
CA GLU D 106 63.04 -23.48 -42.81
C GLU D 106 63.85 -23.41 -41.51
N ARG D 107 63.38 -22.67 -40.50
CA ARG D 107 64.10 -22.51 -39.23
C ARG D 107 63.77 -23.60 -38.20
N VAL D 108 62.61 -24.22 -38.33
CA VAL D 108 62.11 -25.25 -37.42
C VAL D 108 62.50 -26.66 -37.92
N GLU D 109 62.48 -26.91 -39.26
CA GLU D 109 62.78 -28.20 -39.86
C GLU D 109 64.26 -28.36 -40.25
N THR D 110 65.16 -28.20 -39.26
CA THR D 110 66.61 -28.33 -39.43
C THR D 110 67.23 -28.99 -38.20
N LYS D 111 68.43 -29.59 -38.37
CA LYS D 111 69.17 -30.18 -37.26
C LYS D 111 69.86 -29.03 -36.54
N HIS D 112 69.22 -28.55 -35.45
CA HIS D 112 69.69 -27.41 -34.66
C HIS D 112 70.98 -27.71 -33.93
N ASP D 113 71.90 -26.72 -33.93
CA ASP D 113 73.18 -26.81 -33.24
C ASP D 113 72.95 -26.70 -31.74
N LYS D 114 73.52 -27.64 -30.95
CA LYS D 114 73.41 -27.67 -29.49
C LYS D 114 74.03 -26.40 -28.88
N PRO D 115 73.42 -25.79 -27.84
CA PRO D 115 74.02 -24.57 -27.26
C PRO D 115 75.36 -24.88 -26.58
N THR D 116 76.25 -23.87 -26.54
CA THR D 116 77.57 -24.04 -25.91
C THR D 116 77.38 -24.12 -24.39
N VAL D 117 78.34 -24.77 -23.70
CA VAL D 117 78.36 -24.97 -22.24
C VAL D 117 78.17 -23.60 -21.55
N ALA D 118 78.82 -22.53 -22.06
CA ALA D 118 78.73 -21.17 -21.54
C ALA D 118 77.29 -20.62 -21.61
N GLU D 119 76.55 -20.94 -22.69
CA GLU D 119 75.15 -20.52 -22.88
C GLU D 119 74.23 -21.28 -21.94
N GLN D 120 74.50 -22.59 -21.75
CA GLN D 120 73.74 -23.48 -20.87
C GLN D 120 73.94 -23.09 -19.40
N LYS D 121 75.19 -22.76 -19.01
CA LYS D 121 75.53 -22.30 -17.67
C LYS D 121 74.91 -20.93 -17.41
N TYR D 122 74.82 -20.07 -18.46
CA TYR D 122 74.18 -18.75 -18.37
C TYR D 122 72.66 -18.91 -18.10
N ILE D 123 71.99 -19.85 -18.82
CA ILE D 123 70.56 -20.13 -18.62
C ILE D 123 70.35 -20.63 -17.18
N LEU D 124 71.22 -21.54 -16.71
CA LEU D 124 71.19 -22.08 -15.37
C LEU D 124 71.35 -20.98 -14.31
N SER D 125 72.29 -20.03 -14.52
CA SER D 125 72.53 -18.90 -13.60
C SER D 125 71.28 -18.02 -13.47
N LYS D 126 70.54 -17.80 -14.60
CA LYS D 126 69.30 -17.01 -14.60
C LYS D 126 68.22 -17.74 -13.83
N LEU D 127 68.19 -19.09 -13.91
CA LEU D 127 67.24 -19.92 -13.15
C LEU D 127 67.60 -19.91 -11.67
N ASN D 128 68.92 -19.94 -11.37
CA ASN D 128 69.45 -19.90 -10.01
C ASN D 128 69.03 -18.60 -9.34
N ALA D 129 69.23 -17.45 -10.05
CA ALA D 129 68.86 -16.09 -9.61
C ALA D 129 67.35 -15.98 -9.38
N ALA D 130 66.55 -16.48 -10.34
CA ALA D 130 65.08 -16.44 -10.31
C ALA D 130 64.52 -17.24 -9.12
N GLU D 131 65.04 -18.46 -8.88
CA GLU D 131 64.56 -19.31 -7.79
C GLU D 131 65.00 -18.79 -6.43
N ALA D 132 66.22 -18.22 -6.32
CA ALA D 132 66.73 -17.65 -5.08
C ALA D 132 65.85 -16.48 -4.66
N PHE D 133 65.46 -15.63 -5.63
CA PHE D 133 64.58 -14.48 -5.42
C PHE D 133 63.23 -14.93 -4.85
N GLU D 134 62.64 -16.01 -5.42
CA GLU D 134 61.35 -16.54 -5.03
C GLU D 134 61.37 -17.12 -3.63
N THR D 135 62.41 -17.91 -3.30
CA THR D 135 62.60 -18.52 -1.98
C THR D 135 62.74 -17.40 -0.95
N PHE D 136 63.52 -16.35 -1.29
CA PHE D 136 63.73 -15.18 -0.44
C PHE D 136 62.42 -14.49 -0.11
N LEU D 137 61.63 -14.16 -1.16
CA LEU D 137 60.36 -13.45 -1.08
C LEU D 137 59.37 -14.16 -0.16
N GLN D 138 59.31 -15.50 -0.22
CA GLN D 138 58.40 -16.30 0.60
C GLN D 138 58.95 -16.60 2.01
N THR D 139 60.26 -16.42 2.26
CA THR D 139 60.82 -16.66 3.60
C THR D 139 60.88 -15.36 4.39
N LYS D 140 61.32 -14.25 3.75
CA LYS D 140 61.47 -12.94 4.40
C LYS D 140 60.12 -12.34 4.80
N TYR D 141 59.37 -11.84 3.80
CA TYR D 141 58.11 -11.14 4.01
C TYR D 141 56.89 -12.06 4.06
N VAL D 142 55.79 -11.52 4.61
CA VAL D 142 54.50 -12.16 4.78
C VAL D 142 53.51 -11.55 3.75
N GLY D 143 52.57 -12.37 3.29
CA GLY D 143 51.56 -11.97 2.32
C GLY D 143 52.10 -11.81 0.91
N GLN D 144 53.10 -12.62 0.53
CA GLN D 144 53.71 -12.56 -0.81
C GLN D 144 53.42 -13.82 -1.64
N LYS D 145 52.46 -14.67 -1.20
CA LYS D 145 52.08 -15.92 -1.86
C LYS D 145 51.48 -15.72 -3.26
N ARG D 146 50.59 -14.70 -3.43
CA ARG D 146 49.91 -14.40 -4.70
C ARG D 146 50.83 -13.83 -5.80
N PHE D 147 52.09 -13.55 -5.49
CA PHE D 147 53.03 -13.00 -6.47
C PHE D 147 54.06 -14.04 -6.91
N SER D 148 54.06 -15.23 -6.25
CA SER D 148 54.99 -16.35 -6.46
C SER D 148 55.06 -16.82 -7.92
N LEU D 149 56.30 -16.90 -8.43
CA LEU D 149 56.64 -17.36 -9.77
C LEU D 149 57.14 -18.81 -9.72
N GLU D 150 57.02 -19.47 -8.54
CA GLU D 150 57.46 -20.84 -8.36
C GLU D 150 56.67 -21.76 -9.27
N GLY D 151 57.41 -22.50 -10.10
CA GLY D 151 56.84 -23.39 -11.10
C GLY D 151 56.82 -22.75 -12.47
N ALA D 152 57.20 -21.45 -12.55
CA ALA D 152 57.19 -20.63 -13.76
C ALA D 152 58.46 -19.75 -13.89
N GLU D 153 59.55 -20.12 -13.19
CA GLU D 153 60.81 -19.36 -13.16
C GLU D 153 61.52 -19.30 -14.52
N THR D 154 61.21 -20.24 -15.43
CA THR D 154 61.75 -20.30 -16.79
C THR D 154 61.34 -19.05 -17.63
N VAL D 155 60.32 -18.28 -17.18
CA VAL D 155 59.93 -17.04 -17.88
C VAL D 155 61.09 -16.02 -17.78
N ILE D 156 61.94 -16.10 -16.72
CA ILE D 156 63.08 -15.20 -16.53
C ILE D 156 64.15 -15.50 -17.64
N PRO D 157 64.74 -16.72 -17.83
CA PRO D 157 65.68 -16.88 -18.97
C PRO D 157 65.00 -16.67 -20.35
N MET D 158 63.67 -16.87 -20.45
CA MET D 158 62.91 -16.64 -21.70
C MET D 158 62.88 -15.14 -22.03
N MET D 159 62.50 -14.28 -21.05
CA MET D 159 62.44 -12.83 -21.22
C MET D 159 63.84 -12.29 -21.50
N ASP D 160 64.84 -12.86 -20.82
CA ASP D 160 66.25 -12.51 -20.97
C ASP D 160 66.68 -12.75 -22.43
N ALA D 161 66.28 -13.89 -23.01
CA ALA D 161 66.58 -14.26 -24.40
C ALA D 161 65.87 -13.30 -25.38
N VAL D 162 64.63 -12.87 -25.07
CA VAL D 162 63.87 -11.91 -25.90
C VAL D 162 64.68 -10.59 -26.00
N ILE D 163 65.06 -10.05 -24.85
CA ILE D 163 65.75 -8.76 -24.73
C ILE D 163 67.17 -8.85 -25.30
N ASP D 164 67.89 -9.96 -25.05
CA ASP D 164 69.23 -10.17 -25.60
C ASP D 164 69.18 -10.22 -27.14
N GLN D 165 68.14 -10.88 -27.71
CA GLN D 165 67.95 -10.96 -29.16
C GLN D 165 67.59 -9.60 -29.75
N CYS D 166 66.83 -8.77 -29.00
CA CYS D 166 66.49 -7.41 -29.43
C CYS D 166 67.77 -6.55 -29.46
N ALA D 167 68.68 -6.75 -28.48
CA ALA D 167 69.97 -6.06 -28.41
C ALA D 167 70.89 -6.51 -29.55
N GLU D 168 70.78 -7.80 -29.96
CA GLU D 168 71.55 -8.38 -31.07
C GLU D 168 71.13 -7.74 -32.41
N HIS D 169 69.83 -7.34 -32.53
CA HIS D 169 69.28 -6.67 -33.70
C HIS D 169 69.58 -5.15 -33.68
N GLY D 170 70.27 -4.69 -32.64
CA GLY D 170 70.65 -3.28 -32.45
C GLY D 170 69.46 -2.37 -32.20
N LEU D 171 68.42 -2.90 -31.56
CA LEU D 171 67.19 -2.14 -31.28
C LEU D 171 67.42 -1.21 -30.06
N ASP D 172 66.53 -0.22 -29.90
CA ASP D 172 66.68 0.83 -28.90
C ASP D 172 66.08 0.53 -27.52
N GLU D 173 64.89 -0.08 -27.47
CA GLU D 173 64.22 -0.32 -26.19
C GLU D 173 63.21 -1.44 -26.27
N VAL D 174 63.03 -2.13 -25.14
CA VAL D 174 62.00 -3.14 -24.92
C VAL D 174 61.11 -2.58 -23.80
N VAL D 175 59.80 -2.43 -24.08
CA VAL D 175 58.87 -1.94 -23.07
C VAL D 175 57.99 -3.13 -22.68
N ILE D 176 57.97 -3.45 -21.38
CA ILE D 176 57.21 -4.56 -20.80
C ILE D 176 55.92 -4.09 -20.14
N ALA D 177 54.86 -4.90 -20.33
CA ALA D 177 53.58 -4.82 -19.62
C ALA D 177 53.31 -6.22 -19.08
N MET D 178 52.87 -6.30 -17.83
CA MET D 178 52.62 -7.60 -17.21
C MET D 178 51.65 -7.52 -16.01
N PRO D 179 50.99 -8.64 -15.63
CA PRO D 179 50.25 -8.63 -14.35
C PRO D 179 51.28 -8.77 -13.18
N HIS D 180 50.82 -8.90 -11.93
CA HIS D 180 51.77 -8.87 -10.81
C HIS D 180 52.58 -10.18 -10.54
N ARG D 181 52.21 -11.34 -11.12
CA ARG D 181 52.95 -12.58 -10.85
C ARG D 181 54.41 -12.49 -11.35
N GLY D 182 55.34 -12.63 -10.42
CA GLY D 182 56.77 -12.56 -10.69
C GLY D 182 57.34 -11.18 -10.99
N ARG D 183 56.55 -10.10 -10.78
CA ARG D 183 56.92 -8.73 -11.12
C ARG D 183 58.21 -8.24 -10.46
N LEU D 184 58.41 -8.48 -9.15
CA LEU D 184 59.64 -8.03 -8.49
C LEU D 184 60.85 -8.85 -8.99
N ASN D 185 60.61 -10.13 -9.35
CA ASN D 185 61.65 -10.98 -9.93
C ASN D 185 62.08 -10.41 -11.29
N VAL D 186 61.10 -9.91 -12.11
CA VAL D 186 61.34 -9.28 -13.41
C VAL D 186 62.17 -8.02 -13.17
N LEU D 187 61.78 -7.20 -12.17
CA LEU D 187 62.52 -5.98 -11.85
C LEU D 187 63.98 -6.27 -11.53
N ALA D 188 64.24 -7.30 -10.72
CA ALA D 188 65.59 -7.67 -10.31
C ALA D 188 66.41 -8.32 -11.39
N ASN D 189 65.86 -9.32 -12.11
CA ASN D 189 66.66 -10.11 -13.05
C ASN D 189 66.47 -9.78 -14.54
N ILE D 190 65.58 -8.85 -14.89
CA ILE D 190 65.33 -8.47 -16.28
C ILE D 190 65.62 -6.96 -16.44
N VAL D 191 64.93 -6.11 -15.65
CA VAL D 191 65.08 -4.65 -15.69
C VAL D 191 66.44 -4.26 -15.07
N GLY D 192 66.91 -5.06 -14.11
CA GLY D 192 68.21 -4.86 -13.46
C GLY D 192 68.19 -3.86 -12.33
N LYS D 193 67.02 -3.67 -11.68
CA LYS D 193 66.91 -2.73 -10.55
C LYS D 193 67.63 -3.31 -9.32
N PRO D 194 68.39 -2.52 -8.51
CA PRO D 194 69.04 -3.12 -7.34
C PRO D 194 68.01 -3.46 -6.25
N TYR D 195 68.37 -4.41 -5.35
CA TYR D 195 67.53 -4.82 -4.23
C TYR D 195 67.24 -3.65 -3.28
N SER D 196 68.19 -2.69 -3.16
CA SER D 196 68.05 -1.49 -2.33
C SER D 196 66.88 -0.62 -2.81
N GLN D 197 66.68 -0.52 -4.14
CA GLN D 197 65.58 0.25 -4.73
C GLN D 197 64.27 -0.53 -4.71
N ILE D 198 64.33 -1.87 -4.90
CA ILE D 198 63.15 -2.75 -4.94
C ILE D 198 62.44 -2.86 -3.58
N PHE D 199 63.20 -3.12 -2.50
CA PHE D 199 62.62 -3.35 -1.17
C PHE D 199 62.62 -2.10 -0.27
N SER D 200 62.89 -0.90 -0.84
CA SER D 200 62.85 0.38 -0.11
C SER D 200 61.42 0.67 0.35
N GLU D 201 61.23 0.85 1.68
CA GLU D 201 59.93 1.09 2.34
C GLU D 201 58.88 0.03 1.92
N PHE D 202 59.26 -1.26 1.99
CA PHE D 202 58.45 -2.42 1.61
C PHE D 202 57.33 -2.67 2.61
N ASP D 216 51.21 -4.47 -2.16
CA ASP D 216 52.09 -3.29 -2.19
C ASP D 216 51.98 -2.56 -3.52
N VAL D 217 52.18 -1.22 -3.50
CA VAL D 217 52.11 -0.35 -4.68
C VAL D 217 53.26 -0.68 -5.65
N LYS D 218 54.37 -1.26 -5.13
CA LYS D 218 55.55 -1.68 -5.91
C LYS D 218 55.16 -2.62 -7.05
N TYR D 219 54.08 -3.41 -6.86
CA TYR D 219 53.59 -4.38 -7.85
C TYR D 219 52.81 -3.71 -9.00
N HIS D 220 52.68 -2.38 -8.95
CA HIS D 220 51.93 -1.64 -9.97
C HIS D 220 52.72 -0.49 -10.59
N LEU D 221 53.89 -0.11 -10.03
CA LEU D 221 54.69 1.01 -10.51
C LEU D 221 55.47 0.70 -11.79
N GLY D 222 55.76 1.77 -12.53
CA GLY D 222 56.60 1.70 -13.72
C GLY D 222 58.07 1.69 -13.29
N ALA D 223 58.96 1.26 -14.20
CA ALA D 223 60.40 1.22 -13.94
C ALA D 223 61.18 1.33 -15.25
N THR D 224 62.44 1.76 -15.15
CA THR D 224 63.34 1.90 -16.31
C THR D 224 64.74 1.41 -15.91
N GLY D 225 65.42 0.80 -16.85
CA GLY D 225 66.76 0.28 -16.66
C GLY D 225 67.48 0.05 -17.98
N THR D 226 68.70 -0.51 -17.89
CA THR D 226 69.53 -0.80 -19.04
C THR D 226 69.98 -2.26 -18.99
N TYR D 227 69.76 -2.99 -20.10
CA TYR D 227 70.19 -4.37 -20.23
C TYR D 227 71.53 -4.39 -20.98
N ILE D 228 72.52 -5.05 -20.39
CA ILE D 228 73.85 -5.19 -20.99
C ILE D 228 74.02 -6.67 -21.36
N GLN D 229 74.31 -6.94 -22.64
CA GLN D 229 74.52 -8.30 -23.15
C GLN D 229 75.67 -8.99 -22.41
N MET D 230 75.46 -10.25 -22.03
CA MET D 230 76.45 -11.05 -21.30
C MET D 230 77.58 -11.47 -22.25
N PHE D 231 77.22 -11.99 -23.43
CA PHE D 231 78.17 -12.50 -24.44
C PHE D 231 78.38 -11.52 -25.61
N GLY D 232 77.56 -10.47 -25.71
CA GLY D 232 77.63 -9.49 -26.77
C GLY D 232 78.21 -8.15 -26.35
N ASP D 233 78.29 -7.21 -27.31
CA ASP D 233 78.84 -5.87 -27.07
C ASP D 233 77.76 -4.78 -27.13
N ASN D 234 76.47 -5.18 -27.24
CA ASN D 234 75.39 -4.21 -27.29
C ASN D 234 74.64 -4.09 -25.97
N ASP D 235 73.97 -2.97 -25.79
CA ASP D 235 73.11 -2.68 -24.67
C ASP D 235 71.78 -2.20 -25.23
N ILE D 236 70.72 -2.28 -24.41
CA ILE D 236 69.38 -1.88 -24.82
C ILE D 236 68.61 -1.38 -23.58
N GLU D 237 67.75 -0.37 -23.77
CA GLU D 237 66.93 0.13 -22.67
C GLU D 237 65.80 -0.84 -22.42
N VAL D 238 65.45 -1.03 -21.15
CA VAL D 238 64.36 -1.92 -20.73
C VAL D 238 63.48 -1.14 -19.76
N SER D 239 62.18 -1.05 -20.07
CA SER D 239 61.27 -0.36 -19.18
C SER D 239 60.04 -1.23 -18.90
N LEU D 240 59.36 -0.94 -17.81
CA LEU D 240 58.16 -1.61 -17.34
C LEU D 240 57.10 -0.55 -17.11
N THR D 241 55.93 -0.72 -17.71
CA THR D 241 54.87 0.27 -17.57
C THR D 241 54.01 -0.03 -16.34
N ALA D 242 53.42 1.03 -15.78
CA ALA D 242 52.53 0.95 -14.62
C ALA D 242 51.20 0.36 -15.04
N ASN D 243 50.49 -0.30 -14.10
CA ASN D 243 49.20 -0.92 -14.42
C ASN D 243 48.30 -1.14 -13.22
N PRO D 244 46.96 -1.25 -13.41
CA PRO D 244 46.08 -1.55 -12.26
C PRO D 244 46.00 -3.08 -12.05
N SER D 245 45.15 -3.51 -11.13
CA SER D 245 44.93 -4.94 -10.88
C SER D 245 44.10 -5.57 -12.01
N HIS D 246 43.34 -4.74 -12.78
CA HIS D 246 42.51 -5.17 -13.91
C HIS D 246 43.38 -5.83 -14.97
N LEU D 247 43.33 -7.16 -15.01
CA LEU D 247 44.14 -7.97 -15.93
C LEU D 247 43.84 -7.63 -17.38
N GLU D 248 44.91 -7.45 -18.19
CA GLU D 248 44.90 -7.18 -19.63
C GLU D 248 44.52 -5.72 -19.98
N ALA D 249 44.05 -4.91 -19.01
CA ALA D 249 43.65 -3.51 -19.26
C ALA D 249 44.83 -2.63 -19.75
N VAL D 250 46.06 -2.98 -19.34
CA VAL D 250 47.31 -2.28 -19.71
C VAL D 250 47.74 -2.59 -21.17
N ASP D 251 47.19 -3.67 -21.79
CA ASP D 251 47.58 -4.12 -23.14
C ASP D 251 47.54 -2.97 -24.19
N PRO D 252 46.42 -2.21 -24.40
CA PRO D 252 46.46 -1.13 -25.40
C PRO D 252 47.27 0.07 -24.93
N VAL D 253 47.45 0.25 -23.59
CA VAL D 253 48.24 1.32 -22.99
C VAL D 253 49.72 1.12 -23.41
N LEU D 254 50.20 -0.13 -23.33
CA LEU D 254 51.56 -0.51 -23.74
C LEU D 254 51.77 -0.19 -25.22
N GLU D 255 50.79 -0.55 -26.06
CA GLU D 255 50.86 -0.30 -27.50
C GLU D 255 51.02 1.18 -27.77
N GLY D 256 50.15 2.00 -27.15
CA GLY D 256 50.16 3.46 -27.28
C GLY D 256 51.49 4.07 -26.88
N LEU D 257 52.02 3.66 -25.73
CA LEU D 257 53.31 4.09 -25.16
C LEU D 257 54.46 3.77 -26.14
N VAL D 258 54.48 2.53 -26.68
CA VAL D 258 55.51 2.09 -27.62
C VAL D 258 55.45 2.93 -28.91
N ARG D 259 54.26 3.08 -29.52
CA ARG D 259 54.06 3.86 -30.74
C ARG D 259 54.58 5.29 -30.56
N ALA D 260 54.27 5.93 -29.40
CA ALA D 260 54.72 7.28 -29.06
C ALA D 260 56.26 7.36 -29.08
N LYS D 261 56.95 6.39 -28.42
CA LYS D 261 58.42 6.30 -28.39
C LYS D 261 58.98 6.06 -29.80
N GLN D 262 58.27 5.24 -30.62
CA GLN D 262 58.66 4.97 -32.01
C GLN D 262 58.56 6.23 -32.86
N ASP D 263 57.47 7.01 -32.71
CA ASP D 263 57.26 8.28 -33.42
C ASP D 263 58.36 9.29 -33.07
N LEU D 264 58.77 9.34 -31.77
CA LEU D 264 59.84 10.22 -31.27
C LEU D 264 61.21 9.87 -31.87
N LEU D 265 61.49 8.56 -32.06
CA LEU D 265 62.76 8.07 -32.59
C LEU D 265 62.79 8.05 -34.12
N ASP D 266 61.68 8.51 -34.78
CA ASP D 266 61.51 8.53 -36.24
C ASP D 266 61.69 7.09 -36.78
N THR D 267 61.13 6.11 -36.04
CA THR D 267 61.20 4.69 -36.39
C THR D 267 59.79 4.13 -36.54
N GLY D 268 59.61 3.30 -37.57
CA GLY D 268 58.34 2.66 -37.84
C GLY D 268 57.46 3.33 -38.86
N GLU D 269 56.13 3.22 -38.65
CA GLU D 269 55.03 3.69 -39.48
C GLU D 269 55.13 5.18 -39.83
N GLU D 270 55.41 6.05 -38.85
CA GLU D 270 55.55 7.49 -39.07
C GLU D 270 57.04 7.92 -39.09
N GLY D 271 57.93 6.95 -39.33
CA GLY D 271 59.37 7.16 -39.34
C GLY D 271 60.07 6.97 -40.67
N SER D 272 61.36 7.37 -40.71
CA SER D 272 62.23 7.29 -41.88
C SER D 272 62.65 5.85 -42.19
N ASP D 273 62.78 5.01 -41.15
CA ASP D 273 63.17 3.60 -41.29
C ASP D 273 62.00 2.68 -40.90
N ASN D 274 62.10 1.40 -41.28
CA ASN D 274 61.08 0.39 -40.96
C ASN D 274 61.61 -0.55 -39.85
N ARG D 275 62.44 -0.03 -38.94
CA ARG D 275 63.03 -0.82 -37.86
C ARG D 275 62.06 -1.09 -36.69
N PHE D 276 61.13 -0.15 -36.37
CA PHE D 276 60.21 -0.23 -35.21
C PHE D 276 61.06 -0.66 -33.99
N SER D 277 62.14 0.11 -33.74
CA SER D 277 63.20 -0.17 -32.78
C SER D 277 62.79 -0.13 -31.28
N VAL D 278 61.50 0.08 -30.98
CA VAL D 278 60.94 0.03 -29.62
C VAL D 278 60.01 -1.18 -29.65
N VAL D 279 60.34 -2.23 -28.87
CA VAL D 279 59.62 -3.49 -28.91
C VAL D 279 58.67 -3.67 -27.72
N PRO D 280 57.35 -3.86 -27.97
CA PRO D 280 56.45 -4.20 -26.86
C PRO D 280 56.58 -5.70 -26.48
N LEU D 281 56.82 -5.96 -25.20
CA LEU D 281 56.91 -7.31 -24.65
C LEU D 281 55.75 -7.42 -23.65
N MET D 282 54.68 -8.11 -24.05
CA MET D 282 53.45 -8.17 -23.27
C MET D 282 53.28 -9.54 -22.63
N LEU D 283 53.23 -9.56 -21.28
CA LEU D 283 53.04 -10.79 -20.51
C LEU D 283 51.59 -10.95 -20.11
N HIS D 284 51.14 -12.21 -20.02
CA HIS D 284 49.75 -12.53 -19.70
C HIS D 284 49.63 -13.80 -18.86
N GLY D 285 48.45 -13.97 -18.26
CA GLY D 285 48.05 -15.19 -17.58
C GLY D 285 47.15 -15.93 -18.55
N ASP D 286 46.99 -17.25 -18.40
CA ASP D 286 46.20 -18.06 -19.34
C ASP D 286 44.68 -17.80 -19.24
N ALA D 287 44.13 -17.62 -18.02
CA ALA D 287 42.68 -17.39 -17.91
C ALA D 287 42.30 -15.99 -18.43
N ALA D 288 43.11 -14.97 -18.13
CA ALA D 288 42.86 -13.59 -18.54
C ALA D 288 43.01 -13.38 -20.05
N PHE D 289 44.00 -14.06 -20.68
CA PHE D 289 44.25 -13.93 -22.13
C PHE D 289 43.06 -14.40 -22.95
N ALA D 290 42.36 -15.45 -22.47
CA ALA D 290 41.21 -16.03 -23.19
C ALA D 290 39.88 -15.31 -22.90
N GLY D 291 39.70 -14.80 -21.68
CA GLY D 291 38.43 -14.20 -21.28
C GLY D 291 38.23 -12.70 -21.43
N GLN D 292 39.31 -11.90 -21.47
CA GLN D 292 39.20 -10.45 -21.56
C GLN D 292 39.16 -9.97 -23.01
N GLY D 293 38.07 -9.26 -23.35
CA GLY D 293 37.83 -8.70 -24.69
C GLY D 293 38.86 -7.72 -25.18
N VAL D 294 39.50 -6.97 -24.26
CA VAL D 294 40.52 -5.98 -24.61
C VAL D 294 41.74 -6.64 -25.32
N VAL D 295 41.96 -7.96 -25.12
CA VAL D 295 43.01 -8.71 -25.78
C VAL D 295 42.74 -8.68 -27.30
N ALA D 296 41.53 -9.09 -27.73
CA ALA D 296 41.12 -9.10 -29.15
C ALA D 296 41.14 -7.68 -29.75
N GLU D 297 40.68 -6.68 -28.99
CA GLU D 297 40.67 -5.27 -29.42
C GLU D 297 42.08 -4.76 -29.67
N THR D 298 43.05 -5.17 -28.83
CA THR D 298 44.45 -4.75 -28.91
C THR D 298 45.14 -5.49 -30.06
N LEU D 299 44.87 -6.81 -30.22
CA LEU D 299 45.41 -7.59 -31.35
C LEU D 299 44.93 -6.98 -32.68
N ASN D 300 43.67 -6.48 -32.72
CA ASN D 300 43.05 -5.83 -33.88
C ASN D 300 43.80 -4.54 -34.33
N LEU D 301 44.61 -3.95 -33.46
CA LEU D 301 45.38 -2.73 -33.75
C LEU D 301 46.74 -3.02 -34.37
N ALA D 302 47.21 -4.28 -34.28
CA ALA D 302 48.56 -4.73 -34.64
C ALA D 302 49.09 -4.31 -36.01
N LEU D 303 48.21 -4.19 -37.03
CA LEU D 303 48.69 -3.84 -38.38
C LEU D 303 48.08 -2.54 -38.92
N LEU D 304 47.29 -1.83 -38.10
CA LEU D 304 46.65 -0.57 -38.49
C LEU D 304 47.67 0.54 -38.59
N ARG D 305 47.58 1.40 -39.62
CA ARG D 305 48.53 2.50 -39.83
C ARG D 305 48.57 3.49 -38.63
N GLY D 306 47.45 3.73 -37.95
CA GLY D 306 47.46 4.63 -36.81
C GLY D 306 47.87 4.00 -35.50
N TYR D 307 48.00 2.65 -35.46
CA TYR D 307 48.22 1.97 -34.19
C TYR D 307 49.34 0.93 -34.15
N ARG D 308 49.82 0.44 -35.32
CA ARG D 308 50.87 -0.58 -35.40
C ARG D 308 52.17 -0.18 -34.71
N THR D 309 52.80 -1.14 -34.05
CA THR D 309 54.06 -0.96 -33.32
C THR D 309 55.13 -1.90 -33.90
N GLY D 310 54.82 -2.46 -35.06
CA GLY D 310 55.73 -3.36 -35.78
C GLY D 310 55.82 -4.74 -35.19
N GLY D 311 54.78 -5.12 -34.44
CA GLY D 311 54.67 -6.43 -33.83
C GLY D 311 55.02 -6.47 -32.35
N THR D 312 54.20 -7.18 -31.59
CA THR D 312 54.35 -7.39 -30.14
C THR D 312 54.79 -8.82 -29.87
N ILE D 313 55.72 -9.00 -28.93
CA ILE D 313 56.12 -10.31 -28.46
C ILE D 313 55.23 -10.62 -27.27
N HIS D 314 54.36 -11.63 -27.39
CA HIS D 314 53.49 -12.02 -26.30
C HIS D 314 54.03 -13.24 -25.59
N ILE D 315 54.02 -13.21 -24.25
CA ILE D 315 54.41 -14.35 -23.42
C ILE D 315 53.23 -14.64 -22.50
N VAL D 316 52.66 -15.84 -22.62
CA VAL D 316 51.59 -16.24 -21.73
C VAL D 316 52.21 -17.18 -20.70
N VAL D 317 52.11 -16.80 -19.42
CA VAL D 317 52.55 -17.64 -18.29
C VAL D 317 51.36 -18.58 -18.07
N ASN D 318 51.36 -19.68 -18.81
CA ASN D 318 50.25 -20.63 -18.79
C ASN D 318 50.46 -21.70 -17.72
N ASN D 319 50.00 -21.41 -16.49
CA ASN D 319 50.11 -22.35 -15.37
C ASN D 319 48.89 -23.28 -15.30
N GLN D 320 48.06 -23.28 -16.38
CA GLN D 320 46.90 -24.17 -16.59
C GLN D 320 45.86 -24.06 -15.45
N ILE D 321 45.75 -22.85 -14.88
CA ILE D 321 44.83 -22.55 -13.77
C ILE D 321 44.61 -21.02 -13.71
N GLY D 322 43.43 -20.64 -13.22
CA GLY D 322 43.03 -19.27 -12.97
C GLY D 322 42.39 -19.23 -11.60
N PHE D 323 43.20 -18.99 -10.55
CA PHE D 323 42.81 -18.99 -9.12
C PHE D 323 42.37 -20.43 -8.77
N THR D 324 41.06 -20.74 -8.75
CA THR D 324 40.57 -22.10 -8.48
C THR D 324 40.00 -22.74 -9.75
N THR D 325 39.86 -21.95 -10.83
CA THR D 325 39.21 -22.32 -12.07
C THR D 325 40.13 -23.08 -13.06
N ALA D 326 39.63 -24.23 -13.52
CA ALA D 326 40.26 -25.10 -14.50
C ALA D 326 40.09 -24.49 -15.90
N PRO D 327 41.04 -24.72 -16.85
CA PRO D 327 40.90 -24.14 -18.20
C PRO D 327 39.58 -24.48 -18.92
N THR D 328 38.95 -25.65 -18.62
CA THR D 328 37.69 -26.06 -19.27
C THR D 328 36.54 -25.10 -18.92
N ASP D 329 36.65 -24.34 -17.79
CA ASP D 329 35.64 -23.35 -17.41
C ASP D 329 36.08 -21.92 -17.80
N SER D 330 37.28 -21.76 -18.36
CA SER D 330 37.83 -20.45 -18.71
C SER D 330 37.83 -20.15 -20.21
N ARG D 331 37.80 -21.19 -21.08
CA ARG D 331 37.86 -21.01 -22.53
C ARG D 331 37.17 -22.15 -23.27
N SER D 332 36.68 -21.84 -24.49
CA SER D 332 35.99 -22.76 -25.39
C SER D 332 36.88 -23.21 -26.54
N SER D 333 38.20 -23.13 -26.35
CA SER D 333 39.17 -23.52 -27.37
C SER D 333 40.27 -24.37 -26.78
N GLU D 334 41.03 -25.07 -27.65
CA GLU D 334 42.14 -25.95 -27.27
C GLU D 334 43.23 -25.20 -26.49
N TYR D 335 43.64 -24.01 -26.97
CA TYR D 335 44.70 -23.23 -26.34
C TYR D 335 44.21 -21.88 -25.86
N CYS D 336 44.85 -21.34 -24.80
CA CYS D 336 44.51 -20.02 -24.23
C CYS D 336 44.86 -18.89 -25.20
N THR D 337 45.75 -19.18 -26.17
CA THR D 337 46.29 -18.26 -27.16
C THR D 337 45.54 -18.24 -28.50
N ASP D 338 44.45 -19.03 -28.64
CA ASP D 338 43.73 -19.17 -29.91
C ASP D 338 43.15 -17.84 -30.46
N VAL D 339 42.90 -16.84 -29.60
CA VAL D 339 42.44 -15.50 -30.01
C VAL D 339 43.47 -14.84 -30.97
N ALA D 340 44.79 -15.10 -30.79
CA ALA D 340 45.87 -14.54 -31.63
C ALA D 340 45.82 -15.00 -33.11
N LYS D 341 45.03 -16.05 -33.43
CA LYS D 341 44.83 -16.55 -34.80
C LYS D 341 44.02 -15.52 -35.61
N MET D 342 43.30 -14.62 -34.92
CA MET D 342 42.52 -13.48 -35.42
C MET D 342 43.36 -12.62 -36.40
N ILE D 343 44.67 -12.46 -36.14
CA ILE D 343 45.57 -11.63 -36.95
C ILE D 343 46.67 -12.48 -37.62
N GLY D 344 46.47 -13.81 -37.65
CA GLY D 344 47.39 -14.77 -38.23
C GLY D 344 48.78 -14.75 -37.62
N ALA D 345 48.84 -14.59 -36.28
CA ALA D 345 50.13 -14.58 -35.57
C ALA D 345 50.65 -16.01 -35.40
N PRO D 346 51.98 -16.26 -35.55
CA PRO D 346 52.48 -17.62 -35.25
C PRO D 346 52.42 -17.86 -33.74
N ILE D 347 52.10 -19.08 -33.34
CA ILE D 347 51.98 -19.42 -31.92
C ILE D 347 52.92 -20.58 -31.59
N PHE D 348 53.69 -20.44 -30.51
CA PHE D 348 54.64 -21.45 -30.06
C PHE D 348 54.29 -21.87 -28.64
N HIS D 349 53.86 -23.13 -28.48
CA HIS D 349 53.54 -23.72 -27.18
C HIS D 349 54.81 -24.38 -26.68
N VAL D 350 55.37 -23.93 -25.55
CA VAL D 350 56.64 -24.48 -25.12
C VAL D 350 56.60 -24.99 -23.66
N ASN D 351 57.27 -26.13 -23.46
CA ASN D 351 57.41 -26.79 -22.17
C ASN D 351 58.30 -25.95 -21.24
N GLY D 352 57.66 -25.40 -20.20
CA GLY D 352 58.31 -24.56 -19.19
C GLY D 352 59.40 -25.23 -18.38
N ASP D 353 59.48 -26.58 -18.43
CA ASP D 353 60.54 -27.31 -17.74
C ASP D 353 61.80 -27.45 -18.63
N ASP D 354 61.72 -27.02 -19.91
CA ASP D 354 62.85 -27.04 -20.84
C ASP D 354 63.27 -25.59 -21.10
N PRO D 355 64.18 -25.01 -20.29
CA PRO D 355 64.55 -23.60 -20.49
C PRO D 355 65.38 -23.34 -21.76
N GLU D 356 66.00 -24.37 -22.37
CA GLU D 356 66.74 -24.25 -23.62
C GLU D 356 65.76 -24.02 -24.78
N ALA D 357 64.66 -24.82 -24.83
CA ALA D 357 63.62 -24.69 -25.85
C ALA D 357 62.90 -23.33 -25.70
N CYS D 358 62.67 -22.90 -24.45
CA CYS D 358 62.02 -21.63 -24.11
C CYS D 358 62.86 -20.44 -24.59
N ALA D 359 64.20 -20.48 -24.38
CA ALA D 359 65.13 -19.45 -24.82
C ALA D 359 65.24 -19.41 -26.35
N TRP D 360 65.28 -20.60 -27.01
CA TRP D 360 65.36 -20.73 -28.46
C TRP D 360 64.11 -20.15 -29.14
N VAL D 361 62.91 -20.45 -28.58
CA VAL D 361 61.62 -19.97 -29.09
C VAL D 361 61.53 -18.43 -28.96
N ALA D 362 62.05 -17.89 -27.84
CA ALA D 362 62.10 -16.46 -27.56
C ALA D 362 62.91 -15.70 -28.64
N ARG D 363 64.08 -16.26 -29.04
CA ARG D 363 64.96 -15.68 -30.04
C ARG D 363 64.34 -15.77 -31.44
N LEU D 364 63.67 -16.90 -31.75
CA LEU D 364 62.98 -17.11 -33.01
C LEU D 364 61.81 -16.13 -33.15
N ALA D 365 61.10 -15.86 -32.03
CA ALA D 365 59.98 -14.90 -31.97
C ALA D 365 60.45 -13.50 -32.32
N VAL D 366 61.61 -13.07 -31.78
CA VAL D 366 62.20 -11.74 -32.05
C VAL D 366 62.61 -11.65 -33.54
N ASP D 367 63.17 -12.72 -34.10
CA ASP D 367 63.57 -12.78 -35.52
C ASP D 367 62.35 -12.69 -36.43
N PHE D 368 61.25 -13.40 -36.10
CA PHE D 368 60.00 -13.36 -36.89
C PHE D 368 59.41 -11.95 -36.86
N ARG D 369 59.38 -11.31 -35.67
CA ARG D 369 58.85 -9.95 -35.48
C ARG D 369 59.67 -8.97 -36.31
N GLN D 370 61.00 -9.10 -36.31
CA GLN D 370 61.89 -8.23 -37.07
C GLN D 370 61.72 -8.42 -38.58
N ALA D 371 61.47 -9.66 -39.02
CA ALA D 371 61.31 -9.99 -40.44
C ALA D 371 59.96 -9.55 -41.01
N PHE D 372 58.85 -9.74 -40.26
CA PHE D 372 57.53 -9.47 -40.82
C PHE D 372 56.72 -8.36 -40.12
N LYS D 373 57.27 -7.73 -39.06
CA LYS D 373 56.61 -6.62 -38.32
C LYS D 373 55.19 -7.02 -37.86
N LYS D 374 55.07 -8.24 -37.32
CA LYS D 374 53.80 -8.82 -36.90
C LYS D 374 53.99 -9.56 -35.57
N ASP D 375 52.92 -9.62 -34.75
CA ASP D 375 52.86 -10.27 -33.45
C ASP D 375 53.25 -11.74 -33.50
N VAL D 376 53.91 -12.20 -32.44
CA VAL D 376 54.33 -13.59 -32.20
C VAL D 376 53.86 -13.95 -30.79
N VAL D 377 53.27 -15.13 -30.62
CA VAL D 377 52.76 -15.53 -29.31
C VAL D 377 53.53 -16.76 -28.80
N ILE D 378 54.05 -16.65 -27.58
CA ILE D 378 54.73 -17.74 -26.88
C ILE D 378 53.82 -18.16 -25.71
N ASP D 379 53.34 -19.40 -25.77
CA ASP D 379 52.51 -20.00 -24.73
C ASP D 379 53.43 -20.88 -23.87
N MET D 380 53.91 -20.37 -22.72
CA MET D 380 54.82 -21.15 -21.86
C MET D 380 54.01 -21.97 -20.85
N LEU D 381 53.92 -23.28 -21.09
CA LEU D 381 53.19 -24.19 -20.20
C LEU D 381 54.01 -24.47 -18.98
N CYS D 382 53.44 -24.17 -17.83
CA CYS D 382 54.11 -24.31 -16.55
C CYS D 382 53.07 -24.69 -15.50
N TYR D 383 53.36 -24.40 -14.23
CA TYR D 383 52.44 -24.68 -13.14
C TYR D 383 52.60 -23.62 -12.05
N ARG D 384 51.65 -23.58 -11.14
CA ARG D 384 51.65 -22.70 -9.99
C ARG D 384 51.92 -23.61 -8.78
N ARG D 385 53.15 -23.58 -8.26
CA ARG D 385 53.61 -24.43 -7.16
C ARG D 385 52.73 -24.32 -5.89
N ARG D 386 52.45 -23.10 -5.46
CA ARG D 386 51.70 -22.83 -4.24
C ARG D 386 50.26 -22.45 -4.57
N GLY D 387 49.47 -22.18 -3.52
CA GLY D 387 48.10 -21.72 -3.67
C GLY D 387 48.08 -20.37 -4.33
N HIS D 388 46.89 -19.92 -4.75
CA HIS D 388 46.74 -18.62 -5.39
C HIS D 388 47.07 -17.49 -4.39
N ASN D 389 46.72 -17.66 -3.11
CA ASN D 389 46.98 -16.70 -2.03
C ASN D 389 46.99 -17.42 -0.67
N GLU D 390 47.31 -16.68 0.42
CA GLU D 390 47.45 -17.14 1.80
C GLU D 390 46.32 -18.07 2.31
N GLY D 391 45.07 -17.78 1.95
CA GLY D 391 43.93 -18.59 2.39
C GLY D 391 43.53 -19.68 1.43
N ASP D 392 44.47 -20.14 0.57
CA ASP D 392 44.16 -21.17 -0.42
C ASP D 392 44.99 -22.44 -0.24
N ASP D 393 44.30 -23.56 -0.11
CA ASP D 393 44.83 -24.91 -0.17
C ASP D 393 44.33 -25.39 -1.52
N PRO D 394 45.17 -25.33 -2.57
CA PRO D 394 44.68 -25.60 -3.94
C PRO D 394 44.16 -27.02 -4.18
N SER D 395 44.48 -27.99 -3.30
CA SER D 395 43.96 -29.36 -3.44
C SER D 395 42.45 -29.44 -3.10
N MET D 396 41.86 -28.35 -2.53
CA MET D 396 40.41 -28.30 -2.23
C MET D 396 39.59 -28.31 -3.52
N THR D 397 40.03 -27.53 -4.53
CA THR D 397 39.32 -27.37 -5.81
C THR D 397 40.00 -28.11 -6.97
N GLN D 398 41.33 -28.31 -6.90
CA GLN D 398 42.06 -29.03 -7.95
C GLN D 398 42.93 -30.15 -7.32
N PRO D 399 42.33 -31.19 -6.69
CA PRO D 399 43.15 -32.21 -6.01
C PRO D 399 44.08 -33.01 -6.92
N TYR D 400 43.65 -33.32 -8.15
CA TYR D 400 44.46 -34.12 -9.08
C TYR D 400 45.72 -33.35 -9.50
N MET D 401 45.55 -32.11 -9.95
CA MET D 401 46.66 -31.25 -10.38
C MET D 401 47.71 -31.04 -9.27
N TYR D 402 47.27 -30.76 -8.02
CA TYR D 402 48.19 -30.46 -6.92
C TYR D 402 48.81 -31.71 -6.31
N ASP D 403 48.25 -32.90 -6.56
CA ASP D 403 48.94 -34.12 -6.13
C ASP D 403 50.12 -34.37 -7.10
N VAL D 404 49.98 -33.93 -8.37
CA VAL D 404 51.04 -34.03 -9.39
C VAL D 404 52.09 -32.91 -9.15
N ILE D 405 51.65 -31.68 -8.77
CA ILE D 405 52.52 -30.53 -8.49
C ILE D 405 53.40 -30.83 -7.27
N ASP D 406 52.86 -31.54 -6.27
CA ASP D 406 53.58 -31.92 -5.05
C ASP D 406 54.77 -32.86 -5.33
N THR D 407 54.80 -33.54 -6.50
CA THR D 407 55.91 -34.42 -6.88
C THR D 407 56.94 -33.68 -7.77
N LYS D 408 56.63 -32.43 -8.19
CA LYS D 408 57.51 -31.62 -9.03
C LYS D 408 58.63 -31.01 -8.20
N ARG D 409 59.82 -30.77 -8.80
CA ARG D 409 60.99 -30.26 -8.07
C ARG D 409 61.46 -28.84 -8.49
N GLY D 410 60.86 -28.26 -9.52
CA GLY D 410 61.27 -26.94 -10.01
C GLY D 410 62.22 -27.07 -11.17
N SER D 411 62.12 -26.14 -12.14
CA SER D 411 62.89 -26.10 -13.38
C SER D 411 64.40 -26.03 -13.16
N ARG D 412 64.87 -25.32 -12.09
CA ARG D 412 66.29 -25.19 -11.74
C ARG D 412 66.91 -26.55 -11.46
N LYS D 413 66.34 -27.33 -10.49
CA LYS D 413 66.83 -28.66 -10.13
C LYS D 413 66.67 -29.63 -11.29
N ALA D 414 65.57 -29.52 -12.06
CA ALA D 414 65.28 -30.37 -13.21
C ALA D 414 66.29 -30.15 -14.35
N TYR D 415 66.60 -28.86 -14.68
CA TYR D 415 67.57 -28.50 -15.72
C TYR D 415 69.00 -28.89 -15.31
N THR D 416 69.34 -28.79 -14.00
CA THR D 416 70.67 -29.20 -13.48
C THR D 416 70.81 -30.72 -13.67
N GLU D 417 69.75 -31.49 -13.36
CA GLU D 417 69.70 -32.94 -13.50
C GLU D 417 69.75 -33.38 -14.96
N ALA D 418 69.08 -32.62 -15.86
CA ALA D 418 69.04 -32.87 -17.30
C ALA D 418 70.42 -32.65 -17.94
N LEU D 419 71.17 -31.63 -17.45
CA LEU D 419 72.52 -31.31 -17.94
C LEU D 419 73.55 -32.37 -17.49
N ILE D 420 73.28 -33.09 -16.38
CA ILE D 420 74.14 -34.16 -15.88
C ILE D 420 73.91 -35.40 -16.76
N GLY D 421 72.63 -35.76 -16.96
CA GLY D 421 72.19 -36.90 -17.75
C GLY D 421 72.67 -36.90 -19.18
N ARG D 422 72.66 -35.73 -19.85
CA ARG D 422 73.10 -35.60 -21.24
C ARG D 422 74.64 -35.37 -21.34
N GLY D 423 75.33 -35.38 -20.20
CA GLY D 423 76.77 -35.22 -20.09
C GLY D 423 77.32 -33.88 -20.53
N ASP D 424 76.71 -32.78 -20.06
CA ASP D 424 77.12 -31.42 -20.38
C ASP D 424 77.84 -30.77 -19.19
N ILE D 425 77.45 -31.15 -17.95
CA ILE D 425 78.08 -30.66 -16.72
C ILE D 425 78.43 -31.87 -15.83
N SER D 426 79.54 -31.78 -15.09
CA SER D 426 80.00 -32.83 -14.18
C SER D 426 79.30 -32.70 -12.82
N MET D 427 79.44 -33.74 -11.95
CA MET D 427 78.84 -33.78 -10.60
C MET D 427 79.37 -32.63 -9.72
N LYS D 428 80.66 -32.23 -9.92
CA LYS D 428 81.29 -31.12 -9.20
C LYS D 428 80.68 -29.79 -9.67
N GLU D 429 80.42 -29.65 -11.00
CA GLU D 429 79.82 -28.46 -11.61
C GLU D 429 78.36 -28.29 -11.15
N ALA D 430 77.69 -29.42 -10.84
CA ALA D 430 76.33 -29.46 -10.30
C ALA D 430 76.32 -28.94 -8.88
N GLU D 431 77.35 -29.31 -8.08
CA GLU D 431 77.54 -28.85 -6.71
C GLU D 431 77.85 -27.35 -6.69
N ASP D 432 78.59 -26.86 -7.73
CA ASP D 432 78.94 -25.45 -7.89
C ASP D 432 77.70 -24.63 -8.25
N ALA D 433 76.79 -25.21 -9.08
CA ALA D 433 75.52 -24.61 -9.48
C ALA D 433 74.62 -24.42 -8.27
N LEU D 434 74.64 -25.39 -7.33
CA LEU D 434 73.89 -25.35 -6.07
C LEU D 434 74.46 -24.26 -5.15
N ARG D 435 75.80 -24.06 -5.16
CA ARG D 435 76.49 -23.03 -4.38
C ARG D 435 76.24 -21.64 -4.99
N ASP D 436 76.02 -21.58 -6.33
CA ASP D 436 75.70 -20.35 -7.05
C ASP D 436 74.31 -19.89 -6.62
N TYR D 437 73.35 -20.84 -6.48
CA TYR D 437 71.98 -20.59 -6.01
C TYR D 437 72.02 -20.10 -4.55
N GLN D 438 72.84 -20.78 -3.71
CA GLN D 438 73.02 -20.45 -2.29
C GLN D 438 73.64 -19.06 -2.14
N GLY D 439 74.59 -18.72 -3.01
CA GLY D 439 75.23 -17.41 -3.06
C GLY D 439 74.24 -16.31 -3.39
N GLN D 440 73.33 -16.57 -4.35
CA GLN D 440 72.29 -15.63 -4.76
C GLN D 440 71.25 -15.44 -3.64
N LEU D 441 70.89 -16.53 -2.94
CA LEU D 441 69.95 -16.50 -1.81
C LEU D 441 70.53 -15.70 -0.64
N GLU D 442 71.84 -15.88 -0.35
CA GLU D 442 72.56 -15.18 0.71
C GLU D 442 72.64 -13.68 0.46
N ARG D 443 73.01 -13.29 -0.79
CA ARG D 443 73.18 -11.91 -1.25
C ARG D 443 71.88 -11.10 -1.12
N VAL D 444 70.73 -11.70 -1.49
CA VAL D 444 69.45 -10.98 -1.43
C VAL D 444 69.05 -10.77 0.06
N PHE D 445 69.32 -11.74 0.96
CA PHE D 445 69.03 -11.59 2.39
C PHE D 445 69.96 -10.54 3.01
N ASN D 446 71.26 -10.60 2.68
CA ASN D 446 72.29 -9.71 3.20
C ASN D 446 72.07 -8.26 2.74
N GLU D 447 71.83 -8.03 1.43
CA GLU D 447 71.63 -6.68 0.87
C GLU D 447 70.38 -6.00 1.44
N VAL D 448 69.27 -6.75 1.62
CA VAL D 448 68.01 -6.22 2.16
C VAL D 448 68.23 -5.88 3.65
N ARG D 449 68.98 -6.74 4.39
CA ARG D 449 69.31 -6.49 5.80
C ARG D 449 70.14 -5.20 5.93
N GLU D 450 71.13 -5.01 5.02
CA GLU D 450 71.98 -3.82 4.96
C GLU D 450 71.14 -2.58 4.65
N LEU D 451 70.07 -2.74 3.82
CA LEU D 451 69.14 -1.67 3.48
C LEU D 451 68.30 -1.29 4.71
N GLU D 452 67.70 -2.29 5.41
CA GLU D 452 66.86 -2.14 6.60
C GLU D 452 67.57 -1.37 7.75
N LYS D 453 68.91 -1.43 7.78
CA LYS D 453 69.73 -0.73 8.78
C LYS D 453 69.91 0.75 8.39
N HIS D 454 70.21 1.02 7.10
CA HIS D 454 70.40 2.38 6.58
C HIS D 454 69.06 3.14 6.49
N GLU D 455 68.05 2.53 5.85
CA GLU D 455 66.73 3.14 5.69
C GLU D 455 65.94 3.13 7.01
N ILE D 456 65.18 4.20 7.24
CA ILE D 456 64.35 4.41 8.42
C ILE D 456 62.86 4.27 8.04
N GLU D 457 62.56 4.16 6.74
CA GLU D 457 61.20 4.02 6.22
C GLU D 457 60.79 2.52 6.12
N PRO D 458 59.68 2.10 6.79
CA PRO D 458 59.29 0.69 6.72
C PRO D 458 58.39 0.36 5.53
N LEU D 472 50.78 31.98 -18.88
CA LEU D 472 51.16 31.88 -20.29
C LEU D 472 49.99 32.28 -21.21
N ALA D 473 50.29 33.14 -22.21
CA ALA D 473 49.33 33.65 -23.18
C ALA D 473 49.02 32.62 -24.27
N THR D 474 47.73 32.46 -24.61
CA THR D 474 47.26 31.52 -25.64
C THR D 474 46.79 32.26 -26.90
N ALA D 475 46.74 33.60 -26.87
CA ALA D 475 46.34 34.40 -28.04
C ALA D 475 47.37 34.28 -29.16
N VAL D 476 46.91 34.26 -30.41
CA VAL D 476 47.77 34.18 -31.60
C VAL D 476 47.60 35.45 -32.42
N ASP D 477 48.53 35.75 -33.34
CA ASP D 477 48.39 36.93 -34.18
C ASP D 477 47.44 36.62 -35.34
N LYS D 478 46.84 37.66 -35.97
CA LYS D 478 45.91 37.53 -37.09
C LYS D 478 46.55 36.77 -38.26
N ALA D 479 47.88 36.95 -38.48
CA ALA D 479 48.67 36.27 -39.52
C ALA D 479 48.68 34.75 -39.34
N MET D 480 48.62 34.26 -38.07
CA MET D 480 48.57 32.83 -37.75
C MET D 480 47.21 32.26 -38.21
N LEU D 481 46.09 32.97 -37.92
CA LEU D 481 44.74 32.54 -38.33
C LEU D 481 44.65 32.48 -39.85
N GLN D 482 45.21 33.53 -40.51
CA GLN D 482 45.26 33.68 -41.96
C GLN D 482 46.08 32.58 -42.62
N ARG D 483 47.18 32.15 -41.97
CA ARG D 483 48.03 31.07 -42.50
C ARG D 483 47.30 29.72 -42.47
N ILE D 484 46.50 29.45 -41.41
CA ILE D 484 45.72 28.21 -41.24
C ILE D 484 44.54 28.20 -42.25
N GLY D 485 43.94 29.37 -42.47
CA GLY D 485 42.87 29.56 -43.44
C GLY D 485 43.35 29.32 -44.86
N ASP D 486 44.51 29.92 -45.23
CA ASP D 486 45.14 29.78 -46.55
C ASP D 486 45.59 28.34 -46.84
N ALA D 487 46.02 27.59 -45.80
CA ALA D 487 46.44 26.19 -45.89
C ALA D 487 45.35 25.29 -46.47
N HIS D 488 44.06 25.61 -46.21
CA HIS D 488 42.90 24.86 -46.70
C HIS D 488 42.71 25.01 -48.22
N LEU D 489 43.27 26.07 -48.83
CA LEU D 489 43.20 26.30 -50.27
C LEU D 489 44.57 26.06 -50.96
N ALA D 490 45.64 25.78 -50.17
CA ALA D 490 46.97 25.49 -50.70
C ALA D 490 47.07 24.00 -51.10
N LEU D 491 46.20 23.60 -52.03
CA LEU D 491 46.06 22.24 -52.53
C LEU D 491 47.24 21.77 -53.38
N PRO D 492 47.62 20.47 -53.31
CA PRO D 492 48.71 19.97 -54.18
C PRO D 492 48.32 20.04 -55.66
N GLU D 493 49.31 20.03 -56.55
CA GLU D 493 49.10 20.12 -58.00
C GLU D 493 48.28 18.94 -58.52
N GLY D 494 47.25 19.26 -59.31
CA GLY D 494 46.36 18.26 -59.91
C GLY D 494 45.35 17.64 -58.97
N PHE D 495 45.24 18.15 -57.71
CA PHE D 495 44.30 17.61 -56.73
C PHE D 495 42.88 18.03 -57.06
N THR D 496 41.94 17.07 -57.04
CA THR D 496 40.51 17.32 -57.30
C THR D 496 39.76 17.25 -55.96
N VAL D 497 39.25 18.40 -55.50
CA VAL D 497 38.46 18.48 -54.27
C VAL D 497 37.03 18.04 -54.58
N HIS D 498 36.40 17.30 -53.65
CA HIS D 498 34.99 16.89 -53.80
C HIS D 498 34.12 18.16 -53.85
N PRO D 499 33.15 18.26 -54.79
CA PRO D 499 32.33 19.49 -54.91
C PRO D 499 31.67 19.99 -53.63
N ARG D 500 31.40 19.11 -52.64
CA ARG D 500 30.76 19.46 -51.37
C ARG D 500 31.80 19.84 -50.30
N VAL D 501 33.11 19.60 -50.56
CA VAL D 501 34.21 19.91 -49.63
C VAL D 501 34.86 21.27 -49.97
N ARG D 502 34.92 21.63 -51.28
CA ARG D 502 35.48 22.91 -51.72
C ARG D 502 34.82 24.12 -51.01
N PRO D 503 33.47 24.20 -50.83
CA PRO D 503 32.89 25.35 -50.08
C PRO D 503 33.41 25.48 -48.65
N VAL D 504 33.69 24.34 -47.96
CA VAL D 504 34.18 24.30 -46.58
C VAL D 504 35.58 24.94 -46.52
N LEU D 505 36.46 24.59 -47.48
CA LEU D 505 37.81 25.13 -47.56
C LEU D 505 37.79 26.64 -47.85
N GLU D 506 36.87 27.08 -48.73
CA GLU D 506 36.72 28.50 -49.10
C GLU D 506 36.19 29.31 -47.91
N LYS D 507 35.23 28.73 -47.14
CA LYS D 507 34.62 29.33 -45.96
C LYS D 507 35.65 29.49 -44.83
N ARG D 508 36.62 28.57 -44.72
CA ARG D 508 37.68 28.63 -43.71
C ARG D 508 38.65 29.76 -43.99
N ARG D 509 38.95 30.00 -45.27
CA ARG D 509 39.79 31.15 -45.64
C ARG D 509 39.03 32.44 -45.33
N GLU D 510 37.70 32.46 -45.62
CA GLU D 510 36.80 33.60 -45.36
C GLU D 510 36.76 33.91 -43.87
N MET D 511 36.54 32.88 -43.01
CA MET D 511 36.48 33.02 -41.56
C MET D 511 37.79 33.55 -40.97
N ALA D 512 38.94 33.06 -41.47
CA ALA D 512 40.29 33.44 -41.01
C ALA D 512 40.60 34.92 -41.23
N TYR D 513 40.03 35.53 -42.29
CA TYR D 513 40.25 36.93 -42.63
C TYR D 513 39.11 37.86 -42.21
N GLU D 514 37.86 37.35 -42.15
CA GLU D 514 36.70 38.19 -41.88
C GLU D 514 35.99 37.94 -40.54
N GLY D 515 36.21 36.78 -39.92
CA GLY D 515 35.59 36.45 -38.65
C GLY D 515 34.45 35.47 -38.76
N ARG D 516 33.54 35.48 -37.75
CA ARG D 516 32.37 34.59 -37.60
C ARG D 516 32.83 33.11 -37.60
N ILE D 517 34.00 32.84 -36.97
CA ILE D 517 34.67 31.54 -36.91
C ILE D 517 33.78 30.54 -36.16
N ASP D 518 33.45 29.40 -36.81
CA ASP D 518 32.61 28.35 -36.23
C ASP D 518 33.47 27.42 -35.37
N TRP D 519 32.81 26.53 -34.57
CA TRP D 519 33.46 25.59 -33.65
C TRP D 519 34.53 24.74 -34.33
N ALA D 520 34.17 24.09 -35.45
CA ALA D 520 35.02 23.17 -36.18
C ALA D 520 36.33 23.82 -36.64
N PHE D 521 36.26 25.05 -37.17
CA PHE D 521 37.45 25.76 -37.62
C PHE D 521 38.31 26.21 -36.44
N ALA D 522 37.67 26.66 -35.33
CA ALA D 522 38.36 27.09 -34.11
C ALA D 522 39.22 25.97 -33.54
N GLU D 523 38.74 24.72 -33.63
CA GLU D 523 39.49 23.53 -33.20
C GLU D 523 40.77 23.39 -34.02
N LEU D 524 40.66 23.52 -35.35
CA LEU D 524 41.77 23.39 -36.28
C LEU D 524 42.71 24.58 -36.18
N LEU D 525 42.20 25.76 -35.77
CA LEU D 525 43.02 26.95 -35.53
C LEU D 525 43.92 26.70 -34.32
N ALA D 526 43.38 26.06 -33.27
CA ALA D 526 44.12 25.72 -32.04
C ALA D 526 45.21 24.69 -32.33
N LEU D 527 44.85 23.58 -33.00
CA LEU D 527 45.76 22.49 -33.34
C LEU D 527 46.81 22.96 -34.35
N GLY D 528 46.38 23.70 -35.37
CA GLY D 528 47.26 24.25 -36.41
C GLY D 528 48.32 25.18 -35.86
N SER D 529 47.93 26.07 -34.93
CA SER D 529 48.85 27.04 -34.28
C SER D 529 49.88 26.30 -33.41
N LEU D 530 49.46 25.21 -32.73
CA LEU D 530 50.36 24.39 -31.89
C LEU D 530 51.41 23.69 -32.76
N ILE D 531 51.00 23.16 -33.94
CA ILE D 531 51.90 22.51 -34.92
C ILE D 531 52.93 23.55 -35.42
N ALA D 532 52.46 24.79 -35.70
CA ALA D 532 53.30 25.90 -36.16
C ALA D 532 54.34 26.32 -35.11
N GLU D 533 54.00 26.11 -33.81
CA GLU D 533 54.88 26.40 -32.67
C GLU D 533 55.84 25.23 -32.36
N GLY D 534 55.70 24.13 -33.10
CA GLY D 534 56.55 22.94 -32.97
C GLY D 534 56.02 21.76 -32.20
N LYS D 535 54.72 21.75 -31.89
CA LYS D 535 54.12 20.66 -31.12
C LYS D 535 53.61 19.53 -32.02
N LEU D 536 53.81 18.29 -31.55
CA LEU D 536 53.27 17.10 -32.21
C LEU D 536 51.82 17.00 -31.78
N VAL D 537 50.90 16.90 -32.75
CA VAL D 537 49.47 16.77 -32.45
C VAL D 537 48.98 15.45 -33.03
N ARG D 538 48.43 14.59 -32.16
CA ARG D 538 47.85 13.31 -32.56
C ARG D 538 46.38 13.35 -32.20
N LEU D 539 45.52 13.25 -33.24
CA LEU D 539 44.07 13.28 -33.12
C LEU D 539 43.50 12.02 -33.77
N SER D 540 42.60 11.32 -33.06
CA SER D 540 42.01 10.08 -33.56
C SER D 540 40.71 9.76 -32.88
N GLY D 541 39.94 8.90 -33.51
CA GLY D 541 38.63 8.45 -33.06
C GLY D 541 37.84 7.95 -34.23
N GLN D 542 36.59 7.52 -34.01
CA GLN D 542 35.77 6.97 -35.08
C GLN D 542 35.34 8.08 -36.04
N ASP D 543 35.76 7.93 -37.32
CA ASP D 543 35.50 8.81 -38.46
C ASP D 543 35.97 10.26 -38.18
N THR D 544 37.02 10.42 -37.36
CA THR D 544 37.57 11.70 -36.90
C THR D 544 38.25 12.51 -38.03
N GLN D 545 38.76 11.86 -39.10
CA GLN D 545 39.38 12.59 -40.21
C GLN D 545 38.35 13.56 -40.84
N ARG D 546 37.12 13.08 -41.10
CA ARG D 546 36.07 13.89 -41.68
C ARG D 546 35.23 14.58 -40.60
N GLY D 547 35.02 13.86 -39.51
CA GLY D 547 34.17 14.28 -38.40
C GLY D 547 32.83 13.61 -38.54
N THR D 548 32.29 13.10 -37.41
CA THR D 548 30.98 12.43 -37.32
C THR D 548 29.87 13.30 -37.92
N PHE D 549 29.92 14.63 -37.66
CA PHE D 549 28.90 15.57 -38.09
C PHE D 549 29.33 16.33 -39.35
N THR D 550 30.21 15.70 -40.17
CA THR D 550 30.78 16.20 -41.45
C THR D 550 31.32 17.62 -41.28
N GLN D 551 31.91 17.91 -40.10
CA GLN D 551 32.36 19.27 -39.79
C GLN D 551 33.88 19.47 -39.80
N ARG D 552 34.70 18.42 -39.59
CA ARG D 552 36.14 18.62 -39.43
C ARG D 552 36.91 18.74 -40.74
N HIS D 553 36.87 17.71 -41.60
CA HIS D 553 37.62 17.66 -42.87
C HIS D 553 39.12 17.94 -42.63
N ALA D 554 39.71 17.26 -41.62
CA ALA D 554 41.12 17.37 -41.25
C ALA D 554 41.98 16.72 -42.34
N VAL D 555 41.39 15.75 -43.03
CA VAL D 555 41.92 15.05 -44.20
C VAL D 555 40.86 15.16 -45.29
N ILE D 556 41.25 15.56 -46.49
CA ILE D 556 40.33 15.64 -47.62
C ILE D 556 40.81 14.62 -48.68
N VAL D 557 39.87 13.98 -49.38
CA VAL D 557 40.16 12.89 -50.31
C VAL D 557 39.96 13.34 -51.78
N ASP D 558 40.98 13.07 -52.63
CA ASP D 558 40.92 13.40 -54.05
C ASP D 558 39.75 12.64 -54.70
N ARG D 559 38.86 13.38 -55.39
CA ARG D 559 37.66 12.87 -56.03
C ARG D 559 37.97 11.81 -57.12
N LYS D 560 39.11 11.96 -57.82
CA LYS D 560 39.53 11.09 -58.91
C LYS D 560 40.54 10.00 -58.52
N THR D 561 41.46 10.27 -57.58
CA THR D 561 42.50 9.28 -57.22
C THR D 561 42.37 8.65 -55.82
N GLY D 562 41.67 9.32 -54.91
CA GLY D 562 41.53 8.84 -53.55
C GLY D 562 42.71 9.22 -52.67
N GLU D 563 43.65 10.00 -53.22
CA GLU D 563 44.83 10.50 -52.50
C GLU D 563 44.38 11.43 -51.38
N GLU D 564 44.96 11.28 -50.20
CA GLU D 564 44.61 12.07 -49.02
C GLU D 564 45.47 13.33 -48.95
N PHE D 565 44.87 14.44 -48.51
CA PHE D 565 45.53 15.73 -48.30
C PHE D 565 45.16 16.24 -46.91
N THR D 566 46.18 16.63 -46.14
CA THR D 566 46.02 17.10 -44.77
C THR D 566 46.44 18.58 -44.71
N PRO D 567 45.47 19.53 -44.80
CA PRO D 567 45.85 20.96 -44.80
C PRO D 567 46.70 21.43 -43.60
N LEU D 568 46.41 20.95 -42.37
CA LEU D 568 47.17 21.37 -41.17
C LEU D 568 48.65 20.92 -41.18
N GLN D 569 49.02 19.91 -41.99
CA GLN D 569 50.39 19.42 -42.09
C GLN D 569 51.33 20.47 -42.73
N LEU D 570 50.77 21.44 -43.49
CA LEU D 570 51.54 22.51 -44.12
C LEU D 570 52.12 23.47 -43.07
N LEU D 571 51.54 23.48 -41.86
CA LEU D 571 51.97 24.34 -40.76
C LEU D 571 53.18 23.75 -40.02
N ALA D 572 53.58 22.51 -40.37
CA ALA D 572 54.79 21.85 -39.81
C ALA D 572 56.05 22.42 -40.47
N THR D 573 55.88 23.27 -41.50
CA THR D 573 56.94 23.94 -42.23
C THR D 573 56.75 25.45 -42.08
N ASN D 574 57.83 26.16 -41.66
CA ASN D 574 57.84 27.62 -41.49
C ASN D 574 57.78 28.33 -42.86
N PRO D 575 57.37 29.62 -42.96
CA PRO D 575 57.34 30.30 -44.27
C PRO D 575 58.70 30.32 -45.00
N ASP D 576 59.82 30.22 -44.25
CA ASP D 576 61.18 30.19 -44.80
C ASP D 576 61.57 28.78 -45.34
N GLY D 577 60.71 27.79 -45.11
CA GLY D 577 60.91 26.42 -45.58
C GLY D 577 61.47 25.43 -44.58
N THR D 578 61.95 25.91 -43.42
CA THR D 578 62.52 25.05 -42.38
C THR D 578 61.42 24.36 -41.57
N PRO D 579 61.65 23.14 -41.01
CA PRO D 579 60.58 22.50 -40.21
C PRO D 579 60.39 23.18 -38.85
N THR D 580 59.15 23.17 -38.34
CA THR D 580 58.82 23.77 -37.04
C THR D 580 59.16 22.80 -35.90
N GLY D 581 59.20 21.51 -36.23
CA GLY D 581 59.41 20.43 -35.28
C GLY D 581 58.08 19.75 -34.98
N GLY D 582 56.99 20.40 -35.39
CA GLY D 582 55.63 19.92 -35.20
C GLY D 582 55.17 18.96 -36.28
N LYS D 583 54.02 18.30 -36.05
CA LYS D 583 53.43 17.32 -36.98
C LYS D 583 51.97 17.09 -36.63
N PHE D 584 51.15 16.77 -37.65
CA PHE D 584 49.75 16.42 -37.47
C PHE D 584 49.57 14.97 -37.85
N LEU D 585 49.20 14.15 -36.85
CA LEU D 585 48.94 12.72 -37.01
C LEU D 585 47.46 12.49 -36.72
N VAL D 586 46.65 12.41 -37.77
CA VAL D 586 45.21 12.28 -37.64
C VAL D 586 44.76 10.97 -38.29
N TYR D 587 44.02 10.15 -37.51
CA TYR D 587 43.56 8.85 -37.98
C TYR D 587 42.12 8.57 -37.66
N ASN D 588 41.54 7.68 -38.46
CA ASN D 588 40.25 7.08 -38.20
C ASN D 588 40.56 5.87 -37.36
N SER D 589 39.91 5.72 -36.22
CA SER D 589 40.18 4.59 -35.36
C SER D 589 39.37 3.36 -35.81
N ALA D 590 39.68 2.23 -35.20
CA ALA D 590 38.91 1.00 -35.36
C ALA D 590 37.65 1.19 -34.52
N LEU D 591 36.63 0.34 -34.70
CA LEU D 591 35.39 0.47 -33.93
C LEU D 591 35.59 -0.11 -32.52
N SER D 592 36.41 0.58 -31.72
CA SER D 592 36.75 0.25 -30.34
C SER D 592 36.75 1.51 -29.50
N GLU D 593 36.43 1.35 -28.22
CA GLU D 593 36.49 2.42 -27.25
C GLU D 593 37.58 2.08 -26.25
N PHE D 594 37.51 0.89 -25.62
CA PHE D 594 38.45 0.40 -24.60
C PHE D 594 39.90 0.46 -25.12
N ALA D 595 40.23 -0.26 -26.22
CA ALA D 595 41.59 -0.26 -26.75
C ALA D 595 42.03 1.09 -27.30
N ALA D 596 41.13 1.83 -28.00
CA ALA D 596 41.49 3.13 -28.58
C ALA D 596 41.79 4.19 -27.48
N VAL D 597 40.95 4.25 -26.41
CA VAL D 597 41.16 5.20 -25.29
C VAL D 597 42.44 4.80 -24.54
N GLY D 598 42.63 3.49 -24.33
CA GLY D 598 43.83 2.94 -23.69
C GLY D 598 45.08 3.33 -24.44
N PHE D 599 45.04 3.21 -25.79
CA PHE D 599 46.14 3.56 -26.69
C PHE D 599 46.51 5.03 -26.59
N GLU D 600 45.50 5.93 -26.65
CA GLU D 600 45.71 7.36 -26.58
C GLU D 600 46.25 7.79 -25.21
N TYR D 601 45.76 7.17 -24.12
CA TYR D 601 46.29 7.42 -22.79
C TYR D 601 47.78 7.03 -22.78
N GLY D 602 48.09 5.82 -23.26
CA GLY D 602 49.45 5.30 -23.34
C GLY D 602 50.37 6.17 -24.19
N TYR D 603 49.84 6.67 -25.34
CA TYR D 603 50.58 7.56 -26.24
C TYR D 603 51.01 8.86 -25.49
N SER D 604 50.11 9.47 -24.68
CA SER D 604 50.47 10.69 -23.93
C SER D 604 51.54 10.42 -22.84
N VAL D 605 51.58 9.20 -22.27
CA VAL D 605 52.57 8.79 -21.28
C VAL D 605 53.94 8.62 -21.98
N GLY D 606 53.94 7.98 -23.15
CA GLY D 606 55.12 7.76 -23.99
C GLY D 606 55.77 9.03 -24.51
N ASN D 607 54.96 10.06 -24.80
CA ASN D 607 55.46 11.37 -25.25
C ASN D 607 54.68 12.48 -24.52
N PRO D 608 55.22 12.96 -23.37
CA PRO D 608 54.52 14.02 -22.61
C PRO D 608 54.44 15.36 -23.33
N ASP D 609 55.28 15.58 -24.35
CA ASP D 609 55.31 16.82 -25.12
C ASP D 609 54.28 16.83 -26.26
N ALA D 610 53.63 15.69 -26.51
CA ALA D 610 52.61 15.57 -27.55
C ALA D 610 51.24 16.06 -27.09
N MET D 611 50.45 16.58 -28.04
CA MET D 611 49.05 16.98 -27.85
C MET D 611 48.25 15.77 -28.32
N VAL D 612 47.65 15.00 -27.40
CA VAL D 612 46.93 13.77 -27.74
C VAL D 612 45.43 13.93 -27.47
N LEU D 613 44.61 13.77 -28.53
CA LEU D 613 43.16 13.89 -28.41
C LEU D 613 42.46 12.67 -28.96
N TRP D 614 41.55 12.09 -28.17
CA TRP D 614 40.72 10.98 -28.58
C TRP D 614 39.29 11.49 -28.66
N GLU D 615 38.61 11.17 -29.76
CA GLU D 615 37.23 11.63 -29.93
C GLU D 615 36.25 10.47 -29.99
N ALA D 616 35.24 10.51 -29.10
CA ALA D 616 34.13 9.56 -29.10
C ALA D 616 33.18 9.91 -30.24
N GLN D 617 32.52 8.92 -30.86
CA GLN D 617 31.56 9.19 -31.95
C GLN D 617 30.46 10.08 -31.35
N PHE D 618 30.00 9.66 -30.17
CA PHE D 618 29.07 10.32 -29.26
C PHE D 618 29.61 10.02 -27.89
N GLY D 619 29.52 10.96 -26.95
CA GLY D 619 30.01 10.75 -25.59
C GLY D 619 29.40 9.53 -24.91
N ASP D 620 28.18 9.14 -25.34
CA ASP D 620 27.41 8.00 -24.83
C ASP D 620 28.13 6.64 -24.96
N PHE D 621 29.11 6.54 -25.87
CA PHE D 621 29.82 5.30 -26.13
C PHE D 621 31.14 5.19 -25.35
N VAL D 622 31.57 6.27 -24.66
CA VAL D 622 32.83 6.26 -23.89
C VAL D 622 32.74 5.30 -22.66
N ASN D 623 31.52 4.88 -22.22
CA ASN D 623 31.39 3.92 -21.12
C ASN D 623 31.96 2.52 -21.49
N GLY D 624 32.22 2.29 -22.78
CA GLY D 624 32.88 1.08 -23.27
C GLY D 624 34.35 1.08 -22.89
N ALA D 625 34.88 2.26 -22.51
CA ALA D 625 36.26 2.47 -22.08
C ALA D 625 36.33 2.82 -20.59
N GLN D 626 35.28 2.49 -19.80
CA GLN D 626 35.20 2.81 -18.37
C GLN D 626 36.41 2.32 -17.56
N SER D 627 36.94 1.11 -17.85
CA SER D 627 38.12 0.57 -17.15
C SER D 627 39.33 1.52 -17.33
N ILE D 628 39.54 2.06 -18.55
CA ILE D 628 40.67 2.97 -18.82
C ILE D 628 40.45 4.30 -18.07
N ILE D 629 39.23 4.86 -18.14
CA ILE D 629 38.90 6.11 -17.44
C ILE D 629 39.12 5.95 -15.92
N ASP D 630 38.53 4.90 -15.32
CA ASP D 630 38.64 4.64 -13.87
C ASP D 630 40.03 4.28 -13.38
N GLU D 631 40.71 3.38 -14.12
CA GLU D 631 41.98 2.81 -13.67
C GLU D 631 43.23 3.53 -14.12
N PHE D 632 43.18 4.30 -15.22
CA PHE D 632 44.36 4.97 -15.73
C PHE D 632 44.24 6.49 -15.74
N ILE D 633 43.29 7.03 -16.54
CA ILE D 633 43.12 8.47 -16.76
C ILE D 633 42.88 9.27 -15.47
N SER D 634 41.81 8.93 -14.73
CA SER D 634 41.39 9.66 -13.54
C SER D 634 42.28 9.44 -12.30
N SER D 635 42.99 8.31 -12.23
CA SER D 635 43.68 7.91 -11.02
C SER D 635 45.19 7.57 -11.10
N GLY D 636 45.74 7.41 -12.30
CA GLY D 636 47.15 7.05 -12.50
C GLY D 636 48.18 7.91 -11.79
N GLU D 637 47.94 9.24 -11.74
CA GLU D 637 48.85 10.19 -11.09
C GLU D 637 48.95 9.93 -9.57
N ALA D 638 47.81 9.86 -8.87
CA ALA D 638 47.78 9.65 -7.42
C ALA D 638 48.26 8.26 -7.02
N LYS D 639 47.92 7.24 -7.82
CA LYS D 639 48.30 5.85 -7.50
C LYS D 639 49.76 5.54 -7.81
N TRP D 640 50.27 5.97 -8.98
CA TRP D 640 51.62 5.57 -9.39
C TRP D 640 52.58 6.71 -9.73
N GLY D 641 52.13 7.96 -9.62
CA GLY D 641 52.96 9.11 -9.99
C GLY D 641 53.14 9.20 -11.50
N GLN D 642 52.27 8.50 -12.27
CA GLN D 642 52.31 8.48 -13.74
C GLN D 642 51.41 9.58 -14.27
N LEU D 643 51.97 10.47 -15.09
CA LEU D 643 51.26 11.61 -15.62
C LEU D 643 50.83 11.42 -17.07
N SER D 644 49.67 11.99 -17.40
CA SER D 644 49.11 11.95 -18.75
C SER D 644 48.41 13.26 -19.08
N ASP D 645 48.59 13.74 -20.31
CA ASP D 645 47.95 14.97 -20.78
C ASP D 645 46.89 14.64 -21.83
N VAL D 646 46.37 13.39 -21.84
CA VAL D 646 45.37 12.94 -22.84
C VAL D 646 44.07 13.80 -22.77
N VAL D 647 43.51 14.09 -23.95
CA VAL D 647 42.26 14.84 -24.11
C VAL D 647 41.18 13.87 -24.59
N LEU D 648 40.01 13.88 -23.95
CA LEU D 648 38.85 13.12 -24.39
C LEU D 648 37.80 14.10 -24.87
N LEU D 649 37.42 14.00 -26.16
CA LEU D 649 36.39 14.84 -26.78
C LEU D 649 35.11 14.03 -26.83
N LEU D 650 34.09 14.47 -26.08
CA LEU D 650 32.84 13.74 -25.94
C LEU D 650 31.62 14.54 -26.45
N PRO D 651 31.13 14.28 -27.71
CA PRO D 651 29.93 14.97 -28.22
C PRO D 651 28.75 14.72 -27.28
N HIS D 652 28.18 15.81 -26.78
CA HIS D 652 27.16 15.84 -25.75
C HIS D 652 26.10 16.89 -26.05
N GLY D 653 24.85 16.61 -25.68
CA GLY D 653 23.74 17.54 -25.84
C GLY D 653 22.38 16.91 -26.04
N HIS D 654 21.35 17.48 -25.39
CA HIS D 654 19.95 17.03 -25.50
C HIS D 654 19.36 17.61 -26.77
N GLU D 655 19.14 16.74 -27.79
CA GLU D 655 18.63 17.14 -29.10
C GLU D 655 17.48 16.25 -29.60
N GLY D 656 17.02 15.33 -28.76
CA GLY D 656 15.94 14.41 -29.11
C GLY D 656 16.37 13.18 -29.89
N GLN D 657 17.67 12.82 -29.85
CA GLN D 657 18.16 11.65 -30.58
C GLN D 657 18.28 10.37 -29.71
N GLY D 658 17.65 10.38 -28.54
CA GLY D 658 17.60 9.20 -27.67
C GLY D 658 18.70 9.06 -26.63
N PRO D 659 18.57 8.06 -25.74
CA PRO D 659 19.51 7.92 -24.61
C PRO D 659 20.96 7.50 -24.94
N ASP D 660 21.26 7.17 -26.20
CA ASP D 660 22.61 6.77 -26.62
C ASP D 660 23.20 7.76 -27.61
N HIS D 661 22.53 8.90 -27.79
CA HIS D 661 23.01 9.99 -28.64
C HIS D 661 22.72 11.33 -27.93
N THR D 662 22.87 11.34 -26.59
CA THR D 662 22.58 12.55 -25.83
C THR D 662 23.65 12.92 -24.80
N SER D 663 24.19 11.95 -24.04
CA SER D 663 25.06 12.31 -22.94
C SER D 663 26.41 11.59 -22.86
N GLY D 664 27.42 12.37 -22.50
CA GLY D 664 28.77 11.87 -22.23
C GLY D 664 28.96 11.57 -20.76
N ARG D 665 27.85 11.66 -19.97
CA ARG D 665 27.74 11.42 -18.52
C ARG D 665 28.69 12.33 -17.74
N ILE D 666 28.46 13.64 -17.81
CA ILE D 666 29.22 14.68 -17.09
C ILE D 666 29.35 14.33 -15.60
N GLU D 667 28.20 13.92 -14.97
CA GLU D 667 28.06 13.56 -13.56
C GLU D 667 29.08 12.49 -13.13
N ARG D 668 29.40 11.51 -14.00
CA ARG D 668 30.36 10.45 -13.70
C ARG D 668 31.78 11.00 -13.65
N PHE D 669 32.16 11.86 -14.61
CA PHE D 669 33.51 12.45 -14.65
C PHE D 669 33.70 13.42 -13.45
N LEU D 670 32.62 14.17 -13.07
CA LEU D 670 32.68 15.10 -11.94
C LEU D 670 32.79 14.34 -10.62
N GLN D 671 32.21 13.13 -10.54
CA GLN D 671 32.26 12.24 -9.37
C GLN D 671 33.68 11.65 -9.23
N LEU D 672 34.33 11.30 -10.35
CA LEU D 672 35.69 10.75 -10.36
C LEU D 672 36.74 11.79 -9.98
N TRP D 673 36.49 13.06 -10.35
CA TRP D 673 37.38 14.19 -10.11
C TRP D 673 37.69 14.40 -8.62
N ALA D 674 38.96 14.74 -8.36
CA ALA D 674 39.55 15.20 -7.11
C ALA D 674 40.62 16.23 -7.47
N GLU D 675 40.87 17.21 -6.60
CA GLU D 675 41.80 18.32 -6.84
C GLU D 675 43.10 17.88 -7.51
N GLY D 676 43.38 18.45 -8.68
CA GLY D 676 44.56 18.19 -9.48
C GLY D 676 44.59 16.90 -10.28
N SER D 677 43.45 16.19 -10.38
CA SER D 677 43.45 14.93 -11.13
C SER D 677 43.11 15.15 -12.60
N MET D 678 42.06 15.93 -12.90
CA MET D 678 41.62 16.22 -14.27
C MET D 678 41.07 17.63 -14.40
N THR D 679 40.93 18.09 -15.66
CA THR D 679 40.26 19.33 -16.05
C THR D 679 39.01 18.88 -16.82
N ILE D 680 37.83 19.38 -16.43
CA ILE D 680 36.56 19.04 -17.07
C ILE D 680 35.90 20.32 -17.56
N ALA D 681 35.60 20.42 -18.87
CA ALA D 681 35.04 21.63 -19.44
C ALA D 681 33.92 21.35 -20.44
N MET D 682 33.00 22.33 -20.60
CA MET D 682 31.89 22.32 -21.56
C MET D 682 31.83 23.72 -22.21
N PRO D 683 32.74 24.02 -23.17
CA PRO D 683 32.74 25.38 -23.75
C PRO D 683 31.49 25.64 -24.60
N SER D 684 31.05 26.91 -24.60
CA SER D 684 29.86 27.35 -25.33
C SER D 684 30.23 28.14 -26.60
N THR D 685 31.49 28.58 -26.73
CA THR D 685 31.90 29.37 -27.91
C THR D 685 33.13 28.76 -28.60
N PRO D 686 33.26 28.95 -29.94
CA PRO D 686 34.46 28.44 -30.66
C PRO D 686 35.78 28.97 -30.11
N ALA D 687 35.85 30.28 -29.80
CA ALA D 687 37.07 30.93 -29.27
C ALA D 687 37.48 30.39 -27.91
N ASN D 688 36.52 30.12 -27.01
CA ASN D 688 36.82 29.61 -25.68
C ASN D 688 37.34 28.16 -25.75
N TYR D 689 36.88 27.39 -26.74
CA TYR D 689 37.36 26.02 -26.98
C TYR D 689 38.79 26.07 -27.51
N PHE D 690 39.08 27.02 -28.43
CA PHE D 690 40.39 27.27 -29.01
C PHE D 690 41.43 27.56 -27.89
N HIS D 691 41.07 28.46 -26.96
CA HIS D 691 41.93 28.87 -25.85
C HIS D 691 42.09 27.73 -24.83
N LEU D 692 41.03 26.91 -24.63
CA LEU D 692 41.05 25.75 -23.74
C LEU D 692 42.08 24.71 -24.25
N LEU D 693 42.10 24.45 -25.57
CA LEU D 693 43.04 23.51 -26.19
C LEU D 693 44.47 24.04 -26.17
N ARG D 694 44.65 25.35 -26.43
CA ARG D 694 45.98 25.96 -26.41
C ARG D 694 46.54 26.04 -24.98
N ARG D 695 45.68 26.35 -23.96
CA ARG D 695 46.11 26.37 -22.56
C ARG D 695 46.59 24.98 -22.18
N HIS D 696 45.80 23.94 -22.54
CA HIS D 696 46.08 22.55 -22.25
C HIS D 696 47.44 22.08 -22.81
N GLY D 697 47.75 22.45 -24.05
CA GLY D 697 49.01 22.06 -24.67
C GLY D 697 50.21 22.90 -24.29
N LYS D 698 50.01 24.09 -23.71
CA LYS D 698 51.12 25.02 -23.39
C LYS D 698 51.33 25.30 -21.88
N ASP D 699 50.45 24.80 -20.98
CA ASP D 699 50.54 25.07 -19.53
C ASP D 699 51.71 24.37 -18.81
N GLY D 700 52.37 23.42 -19.48
CA GLY D 700 53.49 22.66 -18.92
C GLY D 700 53.10 21.71 -17.81
N ILE D 701 51.80 21.38 -17.73
CA ILE D 701 51.20 20.52 -16.72
C ILE D 701 50.66 19.28 -17.43
N GLN D 702 50.95 18.09 -16.89
CA GLN D 702 50.45 16.84 -17.45
C GLN D 702 49.22 16.43 -16.65
N ARG D 703 48.04 16.75 -17.20
CA ARG D 703 46.75 16.49 -16.56
C ARG D 703 45.70 16.22 -17.62
N PRO D 704 44.89 15.14 -17.50
CA PRO D 704 43.88 14.86 -18.54
C PRO D 704 42.80 15.93 -18.63
N LEU D 705 42.29 16.15 -19.84
CA LEU D 705 41.24 17.12 -20.13
C LEU D 705 40.03 16.39 -20.72
N ILE D 706 38.86 16.59 -20.10
CA ILE D 706 37.59 16.01 -20.54
C ILE D 706 36.73 17.14 -21.11
N VAL D 707 36.42 17.08 -22.42
CA VAL D 707 35.64 18.14 -23.08
C VAL D 707 34.33 17.58 -23.58
N PHE D 708 33.22 18.22 -23.20
CA PHE D 708 31.88 17.88 -23.69
C PHE D 708 31.66 18.82 -24.84
N THR D 709 31.72 18.25 -26.05
CA THR D 709 31.70 18.97 -27.32
C THR D 709 30.29 18.99 -27.96
N PRO D 710 30.03 19.96 -28.89
CA PRO D 710 28.67 20.08 -29.45
C PRO D 710 28.39 19.19 -30.66
N LYS D 711 27.11 19.18 -31.07
CA LYS D 711 26.60 18.43 -32.20
C LYS D 711 25.84 19.43 -33.10
N SER D 712 24.58 19.79 -32.78
CA SER D 712 23.85 20.79 -33.59
C SER D 712 24.44 22.21 -33.39
N MET D 713 25.08 22.48 -32.22
CA MET D 713 25.68 23.79 -31.90
C MET D 713 26.86 24.11 -32.85
N LEU D 714 27.43 23.08 -33.54
CA LEU D 714 28.48 23.24 -34.55
C LEU D 714 28.01 24.17 -35.67
N ARG D 715 26.70 24.15 -35.97
CA ARG D 715 26.11 24.92 -37.06
C ARG D 715 25.16 26.03 -36.54
N ASN D 716 25.17 26.27 -35.21
CA ASN D 716 24.39 27.36 -34.63
C ASN D 716 25.07 28.67 -35.03
N LYS D 717 24.37 29.51 -35.82
CA LYS D 717 24.89 30.77 -36.34
C LYS D 717 25.19 31.81 -35.23
N ALA D 718 24.60 31.65 -34.03
CA ALA D 718 24.87 32.52 -32.89
C ALA D 718 26.14 32.06 -32.15
N ALA D 719 26.51 30.76 -32.31
CA ALA D 719 27.69 30.16 -31.68
C ALA D 719 28.94 30.29 -32.57
N VAL D 720 29.31 31.54 -32.89
CA VAL D 720 30.47 31.90 -33.72
C VAL D 720 31.29 32.95 -32.95
N SER D 721 32.58 33.08 -33.29
CA SER D 721 33.47 34.03 -32.63
C SER D 721 34.16 35.02 -33.58
N ASP D 722 34.52 36.19 -33.05
CA ASP D 722 35.23 37.26 -33.76
C ASP D 722 36.73 37.00 -33.72
N ILE D 723 37.48 37.60 -34.67
CA ILE D 723 38.94 37.47 -34.77
C ILE D 723 39.62 37.90 -33.45
N ARG D 724 39.16 39.02 -32.84
CA ARG D 724 39.68 39.58 -31.58
C ARG D 724 39.58 38.60 -30.40
N ASP D 725 38.61 37.67 -30.44
CA ASP D 725 38.42 36.65 -29.40
C ASP D 725 39.59 35.63 -29.43
N PHE D 726 40.27 35.50 -30.57
CA PHE D 726 41.41 34.60 -30.77
C PHE D 726 42.74 35.36 -30.62
N THR D 727 42.78 36.63 -31.05
CA THR D 727 43.99 37.45 -31.08
C THR D 727 44.24 38.31 -29.83
N GLU D 728 43.18 38.72 -29.11
CA GLU D 728 43.38 39.58 -27.93
C GLU D 728 42.62 39.08 -26.70
N SER D 729 42.48 37.75 -26.55
CA SER D 729 41.79 37.19 -25.39
C SER D 729 42.51 35.94 -24.87
N LYS D 730 41.91 35.28 -23.88
CA LYS D 730 42.42 34.07 -23.22
C LYS D 730 41.23 33.19 -22.82
N PHE D 731 41.49 31.98 -22.27
CA PHE D 731 40.43 31.08 -21.83
C PHE D 731 39.67 31.70 -20.66
N ARG D 732 38.33 31.69 -20.75
CA ARG D 732 37.45 32.24 -19.72
C ARG D 732 36.69 31.10 -19.09
N SER D 733 36.99 30.82 -17.81
CA SER D 733 36.36 29.75 -17.04
C SER D 733 34.90 30.08 -16.74
N VAL D 734 34.58 31.37 -16.67
CA VAL D 734 33.25 31.92 -16.41
C VAL D 734 32.96 32.97 -17.50
N LEU D 735 31.79 32.88 -18.15
CA LEU D 735 31.43 33.84 -19.18
C LEU D 735 30.11 34.55 -18.87
N GLU D 736 30.10 35.87 -19.06
CA GLU D 736 28.93 36.72 -18.93
C GLU D 736 28.34 36.96 -20.31
N GLU D 737 27.11 37.49 -20.35
CA GLU D 737 26.46 37.86 -21.60
C GLU D 737 27.19 39.04 -22.23
N PRO D 738 27.42 39.04 -23.57
CA PRO D 738 28.13 40.17 -24.20
C PRO D 738 27.49 41.56 -23.99
N MET D 739 26.18 41.62 -23.65
CA MET D 739 25.47 42.89 -23.40
C MET D 739 26.01 43.62 -22.16
N TYR D 740 26.62 42.88 -21.20
CA TYR D 740 27.14 43.47 -19.97
C TYR D 740 28.64 43.78 -20.07
N THR D 741 29.40 42.98 -20.84
CA THR D 741 30.84 43.17 -21.00
C THR D 741 31.19 44.10 -22.18
N ASP D 742 30.36 44.13 -23.24
CA ASP D 742 30.63 44.94 -24.44
C ASP D 742 29.44 45.82 -24.84
N GLY D 743 28.23 45.45 -24.47
CA GLY D 743 27.01 46.17 -24.82
C GLY D 743 26.60 47.27 -23.86
N GLU D 744 25.30 47.64 -23.93
CA GLU D 744 24.71 48.70 -23.11
C GLU D 744 23.80 48.14 -21.97
N GLY D 745 23.96 46.86 -21.65
CA GLY D 745 23.19 46.20 -20.60
C GLY D 745 23.51 46.69 -19.20
N ASP D 746 22.49 46.71 -18.32
CA ASP D 746 22.64 47.16 -16.93
C ASP D 746 22.49 45.98 -15.95
N ARG D 747 23.61 45.62 -15.29
CA ARG D 747 23.71 44.54 -14.29
C ARG D 747 22.87 44.81 -13.04
N ASN D 748 22.60 46.10 -12.72
CA ASN D 748 21.85 46.50 -11.53
C ASN D 748 20.34 46.20 -11.63
N LYS D 749 19.82 45.98 -12.85
CA LYS D 749 18.42 45.64 -13.09
C LYS D 749 18.13 44.17 -12.82
N VAL D 750 19.19 43.33 -12.76
CA VAL D 750 19.10 41.88 -12.58
C VAL D 750 18.69 41.49 -11.15
N THR D 751 17.59 40.70 -11.03
CA THR D 751 17.05 40.19 -9.78
C THR D 751 17.11 38.64 -9.77
N ARG D 752 17.11 38.01 -10.97
CA ARG D 752 17.19 36.56 -11.12
C ARG D 752 18.46 36.19 -11.91
N LEU D 753 19.31 35.34 -11.33
CA LEU D 753 20.54 34.91 -12.01
C LEU D 753 20.44 33.42 -12.37
N LEU D 754 20.62 33.12 -13.66
CA LEU D 754 20.61 31.76 -14.17
C LEU D 754 22.05 31.31 -14.44
N LEU D 755 22.49 30.27 -13.76
CA LEU D 755 23.82 29.69 -13.95
C LEU D 755 23.68 28.46 -14.81
N THR D 756 24.47 28.37 -15.87
CA THR D 756 24.34 27.27 -16.81
C THR D 756 25.68 26.92 -17.45
N SER D 757 25.65 25.95 -18.37
CA SER D 757 26.79 25.47 -19.14
C SER D 757 26.28 24.85 -20.44
N GLY D 758 27.05 25.00 -21.52
CA GLY D 758 26.71 24.42 -22.81
C GLY D 758 25.74 25.21 -23.67
N LYS D 759 25.20 24.53 -24.70
CA LYS D 759 24.34 25.10 -25.74
C LYS D 759 23.01 25.69 -25.23
N ILE D 760 22.45 25.25 -24.07
CA ILE D 760 21.16 25.78 -23.58
C ILE D 760 21.28 27.31 -23.31
N TYR D 761 22.51 27.85 -23.17
CA TYR D 761 22.76 29.28 -23.00
C TYR D 761 22.06 30.08 -24.12
N TYR D 762 22.26 29.65 -25.39
CA TYR D 762 21.73 30.31 -26.58
C TYR D 762 20.20 30.34 -26.58
N GLU D 763 19.58 29.25 -26.09
CA GLU D 763 18.12 29.12 -25.97
C GLU D 763 17.59 30.06 -24.89
N LEU D 764 18.33 30.16 -23.75
CA LEU D 764 17.98 31.05 -22.64
C LEU D 764 18.16 32.52 -23.04
N ALA D 765 19.23 32.83 -23.81
CA ALA D 765 19.52 34.18 -24.31
C ALA D 765 18.47 34.65 -25.33
N ALA D 766 18.01 33.73 -26.21
CA ALA D 766 16.99 34.01 -27.23
C ALA D 766 15.66 34.38 -26.58
N ARG D 767 15.26 33.65 -25.51
CA ARG D 767 14.02 33.90 -24.76
C ARG D 767 14.11 35.26 -24.03
N LYS D 768 15.29 35.58 -23.47
CA LYS D 768 15.55 36.86 -22.79
C LYS D 768 15.40 38.03 -23.76
N ALA D 769 15.95 37.90 -24.99
CA ALA D 769 15.89 38.91 -26.04
C ALA D 769 14.47 39.05 -26.62
N LYS D 770 13.68 37.97 -26.63
CA LYS D 770 12.30 37.95 -27.13
C LYS D 770 11.33 38.67 -26.19
N GLU D 771 11.52 38.51 -24.87
CA GLU D 771 10.65 39.10 -23.85
C GLU D 771 11.24 40.37 -23.20
N ASN D 772 12.46 40.80 -23.64
CA ASN D 772 13.22 41.96 -23.12
C ASN D 772 13.31 41.85 -21.57
N ARG D 773 13.84 40.73 -21.08
CA ARG D 773 13.97 40.45 -19.65
C ARG D 773 15.29 41.00 -19.09
N GLU D 774 15.30 42.29 -18.73
CA GLU D 774 16.46 42.97 -18.16
C GLU D 774 16.70 42.53 -16.70
N ASP D 775 15.66 41.94 -16.07
CA ASP D 775 15.65 41.43 -14.70
C ASP D 775 16.35 40.06 -14.57
N VAL D 776 16.68 39.41 -15.71
CA VAL D 776 17.30 38.09 -15.75
C VAL D 776 18.70 38.16 -16.40
N ALA D 777 19.71 37.54 -15.76
CA ALA D 777 21.07 37.42 -16.29
C ALA D 777 21.47 35.96 -16.37
N ILE D 778 22.22 35.59 -17.43
CA ILE D 778 22.68 34.23 -17.66
C ILE D 778 24.21 34.20 -17.55
N VAL D 779 24.73 33.36 -16.65
CA VAL D 779 26.18 33.21 -16.41
C VAL D 779 26.58 31.77 -16.74
N ARG D 780 27.60 31.62 -17.60
CA ARG D 780 28.07 30.30 -18.03
C ARG D 780 29.29 29.83 -17.25
N ILE D 781 29.27 28.57 -16.81
CA ILE D 781 30.39 27.92 -16.14
C ILE D 781 31.02 27.05 -17.24
N GLU D 782 32.11 27.56 -17.83
CA GLU D 782 32.82 26.92 -18.95
C GLU D 782 33.69 25.78 -18.46
N GLN D 783 34.41 26.01 -17.35
CA GLN D 783 35.29 25.02 -16.70
C GLN D 783 34.51 24.44 -15.51
N LEU D 784 34.04 23.19 -15.66
CA LEU D 784 33.23 22.52 -14.63
C LEU D 784 34.07 22.02 -13.45
N ALA D 785 35.32 21.60 -13.72
CA ALA D 785 36.27 21.13 -12.71
C ALA D 785 37.71 21.46 -13.14
N PRO D 786 38.54 22.09 -12.27
CA PRO D 786 38.23 22.57 -10.92
C PRO D 786 37.26 23.75 -10.99
N LEU D 787 36.33 23.83 -10.03
CA LEU D 787 35.35 24.92 -10.00
C LEU D 787 36.09 26.26 -9.91
N PRO D 788 35.84 27.21 -10.85
CA PRO D 788 36.56 28.48 -10.80
C PRO D 788 35.94 29.40 -9.73
N ARG D 789 36.20 29.06 -8.46
CA ARG D 789 35.69 29.72 -7.26
C ARG D 789 35.86 31.24 -7.27
N ARG D 790 37.11 31.75 -7.50
CA ARG D 790 37.43 33.18 -7.50
C ARG D 790 36.71 33.92 -8.64
N ARG D 791 36.79 33.41 -9.89
CA ARG D 791 36.15 34.06 -11.04
C ARG D 791 34.62 34.06 -10.90
N LEU D 792 34.04 32.98 -10.33
CA LEU D 792 32.59 32.88 -10.10
C LEU D 792 32.14 33.91 -9.06
N ALA D 793 32.89 34.03 -7.94
CA ALA D 793 32.62 34.98 -6.86
C ALA D 793 32.68 36.43 -7.37
N GLU D 794 33.74 36.78 -8.14
CA GLU D 794 33.94 38.12 -8.73
C GLU D 794 32.82 38.49 -9.71
N THR D 795 32.35 37.51 -10.52
CA THR D 795 31.28 37.69 -11.51
C THR D 795 29.95 37.98 -10.81
N LEU D 796 29.56 37.15 -9.81
CA LEU D 796 28.30 37.29 -9.06
C LEU D 796 28.23 38.59 -8.27
N ASP D 797 29.40 39.10 -7.78
CA ASP D 797 29.50 40.34 -7.01
C ASP D 797 29.12 41.57 -7.85
N ARG D 798 29.15 41.44 -9.19
CA ARG D 798 28.81 42.50 -10.15
C ARG D 798 27.28 42.61 -10.34
N TYR D 799 26.48 41.72 -9.72
CA TYR D 799 25.02 41.70 -9.76
C TYR D 799 24.49 41.87 -8.31
N PRO D 800 24.47 43.10 -7.76
CA PRO D 800 24.10 43.26 -6.34
C PRO D 800 22.62 43.12 -5.98
N ASN D 801 21.71 43.23 -6.96
CA ASN D 801 20.27 43.17 -6.69
C ASN D 801 19.64 41.79 -6.95
N VAL D 802 20.47 40.74 -7.05
CA VAL D 802 20.00 39.37 -7.27
C VAL D 802 19.33 38.84 -5.97
N LYS D 803 18.09 38.36 -6.10
CA LYS D 803 17.30 37.82 -4.99
C LYS D 803 17.18 36.28 -5.08
N GLU D 804 17.40 35.71 -6.27
CA GLU D 804 17.30 34.27 -6.49
C GLU D 804 18.28 33.78 -7.58
N LYS D 805 18.90 32.62 -7.32
CA LYS D 805 19.85 31.98 -8.22
C LYS D 805 19.40 30.57 -8.57
N PHE D 806 19.51 30.21 -9.84
CA PHE D 806 19.12 28.89 -10.34
C PHE D 806 20.17 28.26 -11.22
N TRP D 807 20.46 26.96 -10.99
CA TRP D 807 21.34 26.19 -11.86
C TRP D 807 20.44 25.55 -12.91
N VAL D 808 20.63 25.94 -14.19
CA VAL D 808 19.82 25.46 -15.31
C VAL D 808 20.64 24.47 -16.14
N GLN D 809 20.06 23.28 -16.38
CA GLN D 809 20.68 22.22 -17.17
C GLN D 809 19.63 21.42 -17.94
N GLU D 810 20.05 20.81 -19.07
CA GLU D 810 19.20 19.96 -19.90
C GLU D 810 19.09 18.57 -19.31
N GLU D 811 20.15 18.13 -18.64
CA GLU D 811 20.25 16.77 -18.11
C GLU D 811 19.26 16.49 -16.97
N PRO D 812 18.81 15.21 -16.80
CA PRO D 812 17.96 14.86 -15.65
C PRO D 812 18.61 15.29 -14.33
N ALA D 813 17.78 15.50 -13.28
CA ALA D 813 18.17 15.97 -11.94
C ALA D 813 19.31 15.14 -11.30
N ASN D 814 19.38 13.82 -11.57
CA ASN D 814 20.41 12.94 -11.02
C ASN D 814 21.64 12.87 -11.95
N GLN D 815 21.67 13.71 -13.00
CA GLN D 815 22.73 13.74 -14.00
C GLN D 815 23.18 15.18 -14.25
N GLY D 816 24.15 15.34 -15.15
CA GLY D 816 24.75 16.64 -15.44
C GLY D 816 25.58 17.15 -14.27
N ALA D 817 25.72 18.48 -14.17
CA ALA D 817 26.53 19.10 -13.12
C ALA D 817 25.81 19.24 -11.77
N TRP D 818 24.45 19.21 -11.74
CA TRP D 818 23.69 19.42 -10.49
C TRP D 818 24.07 18.47 -9.31
N PRO D 819 24.19 17.11 -9.44
CA PRO D 819 24.53 16.30 -8.25
C PRO D 819 25.79 16.76 -7.52
N SER D 820 26.83 17.25 -8.24
CA SER D 820 28.04 17.75 -7.60
C SER D 820 27.93 19.26 -7.26
N PHE D 821 27.44 20.11 -8.21
CA PHE D 821 27.33 21.56 -8.01
C PHE D 821 26.34 21.93 -6.92
N GLY D 822 25.22 21.21 -6.84
CA GLY D 822 24.19 21.43 -5.84
C GLY D 822 24.66 21.18 -4.42
N LEU D 823 25.72 20.36 -4.26
CA LEU D 823 26.32 20.01 -2.99
C LEU D 823 27.60 20.83 -2.72
N THR D 824 28.40 21.12 -3.78
CA THR D 824 29.67 21.85 -3.64
C THR D 824 29.51 23.38 -3.60
N LEU D 825 28.74 23.99 -4.53
CA LEU D 825 28.57 25.46 -4.60
C LEU D 825 28.08 26.10 -3.27
N PRO D 826 27.04 25.60 -2.54
CA PRO D 826 26.67 26.25 -1.27
C PRO D 826 27.73 26.08 -0.15
N GLU D 827 28.67 25.14 -0.33
CA GLU D 827 29.74 24.87 0.63
C GLU D 827 30.96 25.77 0.37
N ILE D 828 31.45 25.82 -0.89
CA ILE D 828 32.64 26.61 -1.26
C ILE D 828 32.32 28.11 -1.30
N LEU D 829 31.08 28.50 -1.64
CA LEU D 829 30.67 29.90 -1.68
C LEU D 829 29.31 30.09 -0.96
N PRO D 830 29.28 29.99 0.41
CA PRO D 830 28.01 30.13 1.13
C PRO D 830 27.34 31.50 1.00
N ASP D 831 28.12 32.58 0.82
CA ASP D 831 27.57 33.94 0.69
C ASP D 831 26.92 34.16 -0.68
N HIS D 832 27.21 33.28 -1.66
CA HIS D 832 26.68 33.41 -3.00
C HIS D 832 25.66 32.32 -3.36
N PHE D 833 25.87 31.06 -2.94
CA PHE D 833 25.00 29.97 -3.38
C PHE D 833 24.11 29.31 -2.30
N THR D 834 23.93 29.95 -1.13
CA THR D 834 22.99 29.41 -0.13
C THR D 834 21.59 29.71 -0.68
N GLY D 835 20.78 28.67 -0.83
CA GLY D 835 19.44 28.78 -1.38
C GLY D 835 19.36 28.54 -2.87
N LEU D 836 20.49 28.09 -3.50
CA LEU D 836 20.56 27.80 -4.93
C LEU D 836 19.57 26.68 -5.27
N LYS D 837 18.76 26.91 -6.30
CA LYS D 837 17.73 25.95 -6.74
C LYS D 837 18.06 25.39 -8.13
N ARG D 838 17.50 24.21 -8.43
CA ARG D 838 17.74 23.49 -9.67
C ARG D 838 16.55 23.61 -10.65
N ILE D 839 16.89 23.84 -11.94
CA ILE D 839 15.97 23.81 -13.08
C ILE D 839 16.57 22.82 -14.06
N SER D 840 15.91 21.67 -14.23
CA SER D 840 16.38 20.59 -15.09
C SER D 840 15.27 19.64 -15.46
N ARG D 841 15.60 18.59 -16.23
CA ARG D 841 14.70 17.50 -16.52
C ARG D 841 14.56 16.68 -15.23
N ARG D 842 13.46 15.93 -15.09
CA ARG D 842 13.23 15.08 -13.92
C ARG D 842 14.33 13.99 -13.83
N ALA D 843 14.61 13.46 -12.63
CA ALA D 843 15.58 12.37 -12.45
C ALA D 843 15.14 11.17 -13.31
N MET D 844 16.08 10.55 -14.04
CA MET D 844 15.78 9.42 -14.94
C MET D 844 16.80 8.29 -14.81
N SER D 845 16.37 7.05 -15.14
CA SER D 845 17.22 5.86 -15.10
C SER D 845 18.11 5.76 -16.35
N ALA D 846 17.81 6.60 -17.36
CA ALA D 846 18.53 6.69 -18.63
C ALA D 846 18.93 8.18 -18.87
N PRO D 847 19.88 8.50 -19.79
CA PRO D 847 20.28 9.91 -19.98
C PRO D 847 19.18 10.83 -20.54
N SER D 848 18.16 10.26 -21.19
CA SER D 848 17.05 10.99 -21.79
C SER D 848 15.88 10.06 -22.10
N SER D 849 14.77 10.64 -22.58
CA SER D 849 13.64 9.90 -23.08
C SER D 849 14.01 9.35 -24.46
N GLY D 850 13.34 8.28 -24.89
CA GLY D 850 13.55 7.69 -26.21
C GLY D 850 12.80 8.44 -27.30
N SER D 851 11.87 9.34 -26.91
CA SER D 851 11.03 10.11 -27.84
C SER D 851 11.55 11.54 -28.04
N SER D 852 11.68 11.95 -29.32
CA SER D 852 12.06 13.30 -29.71
C SER D 852 10.93 14.31 -29.37
N LYS D 853 9.67 13.82 -29.33
CA LYS D 853 8.48 14.61 -28.99
C LYS D 853 8.49 14.96 -27.50
N VAL D 854 8.81 13.96 -26.63
CA VAL D 854 8.92 14.14 -25.18
C VAL D 854 10.07 15.11 -24.90
N HIS D 855 11.21 14.97 -25.63
CA HIS D 855 12.39 15.84 -25.52
C HIS D 855 12.01 17.32 -25.72
N ALA D 856 11.29 17.62 -26.82
CA ALA D 856 10.86 18.97 -27.21
C ALA D 856 9.97 19.63 -26.14
N VAL D 857 9.04 18.85 -25.55
CA VAL D 857 8.13 19.30 -24.48
C VAL D 857 8.96 19.65 -23.23
N GLU D 858 9.91 18.75 -22.85
CA GLU D 858 10.79 18.93 -21.69
C GLU D 858 11.74 20.13 -21.85
N GLN D 859 12.28 20.33 -23.08
CA GLN D 859 13.19 21.44 -23.37
C GLN D 859 12.48 22.78 -23.18
N GLN D 860 11.24 22.89 -23.69
CA GLN D 860 10.40 24.08 -23.58
C GLN D 860 10.00 24.30 -22.11
N GLU D 861 9.71 23.22 -21.37
CA GLU D 861 9.37 23.26 -19.94
C GLU D 861 10.49 23.89 -19.10
N ILE D 862 11.77 23.58 -19.43
CA ILE D 862 12.97 24.11 -18.77
C ILE D 862 13.05 25.64 -18.98
N LEU D 863 12.89 26.09 -20.24
CA LEU D 863 12.96 27.52 -20.60
C LEU D 863 11.84 28.32 -19.94
N ASP D 864 10.60 27.75 -19.90
CA ASP D 864 9.43 28.38 -19.28
C ASP D 864 9.59 28.50 -17.76
N THR D 865 10.23 27.50 -17.12
CA THR D 865 10.46 27.52 -15.67
C THR D 865 11.51 28.59 -15.32
N ALA D 866 12.57 28.70 -16.15
CA ALA D 866 13.67 29.67 -15.96
C ALA D 866 13.18 31.13 -16.08
N PHE D 867 12.13 31.38 -16.88
CA PHE D 867 11.58 32.73 -17.08
C PHE D 867 10.15 32.89 -16.50
N GLY D 868 9.75 31.95 -15.64
CA GLY D 868 8.44 31.96 -14.98
C GLY D 868 8.46 32.60 -13.62
#